data_6OIV
#
_entry.id   6OIV
#
_cell.length_a   192.589
_cell.length_b   192.589
_cell.length_c   291.254
_cell.angle_alpha   90.00
_cell.angle_beta   90.00
_cell.angle_gamma   90.00
#
_symmetry.space_group_name_H-M   'P 43 21 2'
#
loop_
_entity.id
_entity.type
_entity.pdbx_description
1 polymer 'Deoxyguanosinetriphosphate triphosphohydrolase'
2 non-polymer 'MANGANESE (II) ION'
3 non-polymer 'SULFATE ION'
4 water water
#
_entity_poly.entity_id   1
_entity_poly.type   'polypeptide(L)'
_entity_poly.pdbx_seq_one_letter_code
;(MSE)AQIDFRKKINWHRRYRSPQGVKTEHEILRIFESDRGRIINSPAIRRLQQKTQVFPLERNAAVRTRLTHS(MSE)E
VQQVGRYIAKEILSRLKELKLLEAYGLDELTGPFESIVE(MSE)SCL(MSE)HDIGNPPFGHFGEAAINDWFRQRLHPED
AESQPLTDDRCSVAALRLRDGEEPLNELRRKIRQDLCHFEGNAQGIRLVHTL(MSE)R(MSE)NLTWAQVGGILKYTRPA
WWRGETPETHHYL(MSE)KKPGYYLSEEAYIARLRKELNLALYSRFPLTWI(MSE)EAADDISYCVADLEDAVEKRIFTV
EQLYHHLHEAWGQHEKGSLFSLVVENAWEKSRSNSLSRSTEDQFF(MSE)YLRVNTLNKLVPYAAQRFIDNLPAIFAGTF
NHALLEDASECSDLLKLYKNVAVKHVFSHPDVERLELQGYRVISGLLEIYRPLLSLSLSDFTELVEKERVKRFPIESRLF
HKLSTRHRLAYVEAVSKLPSDSPEFPLWEYYYRCRLLQDYISG(MSE)TDLYAWDEYRRL(MSE)AVEQ
;
_entity_poly.pdbx_strand_id   A,B,C,D,E,F
#
loop_
_chem_comp.id
_chem_comp.type
_chem_comp.name
_chem_comp.formula
MN non-polymer 'MANGANESE (II) ION' 'Mn 2'
SO4 non-polymer 'SULFATE ION' 'O4 S -2'
#
# COMPACT_ATOMS: atom_id res chain seq x y z
N ALA A 2 64.07 -4.92 -19.14
CA ALA A 2 64.23 -3.75 -18.26
C ALA A 2 64.58 -4.14 -16.78
N GLN A 3 63.89 -3.51 -15.74
CA GLN A 3 64.12 -3.77 -14.31
C GLN A 3 62.89 -3.56 -13.35
N ILE A 4 62.62 -4.61 -12.52
CA ILE A 4 61.49 -4.67 -11.58
C ILE A 4 61.85 -4.12 -10.20
N ASP A 5 61.30 -2.93 -9.91
CA ASP A 5 61.40 -2.23 -8.63
C ASP A 5 60.04 -1.63 -8.20
N PHE A 6 59.43 -2.25 -7.19
CA PHE A 6 58.15 -1.85 -6.67
C PHE A 6 58.15 -0.60 -5.88
N ARG A 7 59.33 -0.14 -5.44
CA ARG A 7 59.49 1.16 -4.77
C ARG A 7 58.86 2.23 -5.72
N LYS A 8 59.18 2.10 -7.04
CA LYS A 8 58.77 2.95 -8.17
C LYS A 8 57.29 2.82 -8.55
N LYS A 9 56.63 1.69 -8.17
CA LYS A 9 55.23 1.45 -8.46
C LYS A 9 54.31 1.77 -7.28
N ILE A 10 54.79 1.50 -6.05
CA ILE A 10 54.03 1.76 -4.81
C ILE A 10 54.23 3.24 -4.36
N ASN A 11 53.62 4.16 -5.14
CA ASN A 11 53.65 5.60 -4.93
C ASN A 11 52.72 6.03 -3.79
N TRP A 12 53.32 6.36 -2.65
CA TRP A 12 52.62 6.78 -1.44
C TRP A 12 52.27 8.29 -1.42
N HIS A 13 52.64 9.04 -2.48
CA HIS A 13 52.32 10.47 -2.60
C HIS A 13 50.85 10.63 -3.01
N ARG A 14 50.31 11.85 -2.84
CA ARG A 14 48.92 12.14 -3.19
C ARG A 14 48.80 13.22 -4.29
N ARG A 15 47.59 13.54 -4.74
CA ARG A 15 47.44 14.55 -5.79
C ARG A 15 47.55 15.96 -5.18
N TYR A 16 46.67 16.22 -4.24
CA TYR A 16 46.56 17.47 -3.51
C TYR A 16 47.12 17.20 -2.11
N ARG A 17 47.62 18.26 -1.42
CA ARG A 17 48.24 18.25 -0.08
C ARG A 17 49.19 17.03 0.13
N SER A 18 49.83 16.58 -0.99
CA SER A 18 50.73 15.42 -1.06
C SER A 18 51.88 15.39 -0.06
N PRO A 19 52.19 14.22 0.57
CA PRO A 19 53.34 14.16 1.48
C PRO A 19 54.61 13.99 0.66
N GLN A 20 55.77 14.43 1.17
CA GLN A 20 57.04 14.29 0.47
C GLN A 20 58.20 14.21 1.45
N GLY A 21 59.25 13.50 1.03
CA GLY A 21 60.50 13.39 1.75
C GLY A 21 60.65 12.23 2.68
N VAL A 22 61.50 11.29 2.27
CA VAL A 22 61.96 10.11 3.02
C VAL A 22 60.79 9.16 3.45
N LYS A 23 60.34 9.25 4.72
CA LYS A 23 59.31 8.41 5.37
C LYS A 23 59.81 6.93 5.61
N THR A 24 59.61 6.44 6.86
CA THR A 24 59.96 5.07 7.24
C THR A 24 58.92 4.06 6.74
N GLU A 25 59.33 2.79 6.75
CA GLU A 25 58.51 1.63 6.42
C GLU A 25 57.13 1.83 7.09
N HIS A 26 57.16 2.18 8.41
CA HIS A 26 56.01 2.47 9.26
C HIS A 26 55.20 3.65 8.76
N GLU A 27 55.88 4.78 8.48
CA GLU A 27 55.27 6.02 8.01
C GLU A 27 54.47 5.73 6.74
N ILE A 28 55.08 4.93 5.84
CA ILE A 28 54.53 4.52 4.55
C ILE A 28 53.27 3.63 4.73
N LEU A 29 53.38 2.62 5.64
CA LEU A 29 52.30 1.71 6.02
C LEU A 29 51.09 2.53 6.49
N ARG A 30 51.36 3.57 7.30
CA ARG A 30 50.39 4.47 7.86
C ARG A 30 49.62 5.25 6.79
N ILE A 31 50.31 5.67 5.70
CA ILE A 31 49.68 6.40 4.58
C ILE A 31 48.72 5.45 3.89
N PHE A 32 49.16 4.19 3.67
CA PHE A 32 48.34 3.18 3.02
C PHE A 32 47.17 2.73 3.92
N GLU A 33 47.42 2.75 5.25
CA GLU A 33 46.41 2.44 6.26
C GLU A 33 45.40 3.60 6.35
N SER A 34 45.86 4.83 6.05
CA SER A 34 45.05 6.04 6.04
C SER A 34 43.99 5.91 4.95
N ASP A 35 44.44 5.43 3.79
CA ASP A 35 43.64 5.21 2.60
C ASP A 35 42.50 4.26 2.92
N ARG A 36 42.79 3.17 3.68
CA ARG A 36 41.81 2.16 4.09
C ARG A 36 40.64 2.84 4.81
N GLY A 37 40.98 3.60 5.86
CA GLY A 37 40.05 4.37 6.66
C GLY A 37 39.16 5.29 5.84
N ARG A 38 39.80 5.98 4.85
CA ARG A 38 39.16 6.87 3.88
C ARG A 38 38.03 6.10 3.15
N ILE A 39 38.41 4.98 2.50
CA ILE A 39 37.57 4.06 1.72
C ILE A 39 36.40 3.50 2.60
N ILE A 40 36.75 2.83 3.70
CA ILE A 40 35.83 2.16 4.62
C ILE A 40 34.78 3.14 5.22
N ASN A 41 35.15 4.42 5.42
CA ASN A 41 34.20 5.39 5.99
C ASN A 41 33.38 6.13 4.92
N SER A 42 33.76 5.93 3.65
CA SER A 42 33.06 6.56 2.55
C SER A 42 31.58 6.13 2.45
N PRO A 43 30.67 7.10 2.17
CA PRO A 43 29.26 6.76 1.96
C PRO A 43 29.14 5.98 0.64
N ALA A 44 30.04 6.15 -0.31
CA ALA A 44 29.99 5.38 -1.57
C ALA A 44 29.99 3.86 -1.34
N ILE A 45 30.80 3.41 -0.40
CA ILE A 45 30.92 1.99 0.02
C ILE A 45 29.58 1.51 0.62
N ARG A 46 28.91 2.36 1.39
CA ARG A 46 27.56 2.10 1.95
C ARG A 46 26.55 2.05 0.81
N ARG A 47 26.75 2.85 -0.22
CA ARG A 47 25.81 2.78 -1.37
C ARG A 47 25.92 1.39 -2.00
N LEU A 48 27.15 0.81 -2.05
CA LEU A 48 27.26 -0.58 -2.56
C LEU A 48 26.42 -1.48 -1.67
N GLN A 49 26.40 -1.28 -0.36
CA GLN A 49 25.48 -2.12 0.46
C GLN A 49 24.01 -1.98 0.02
N GLN A 50 23.54 -0.82 -0.42
CA GLN A 50 22.12 -0.84 -0.89
C GLN A 50 21.94 -1.14 -2.38
N LYS A 51 22.99 -1.51 -3.14
CA LYS A 51 22.79 -1.87 -4.59
C LYS A 51 22.61 -3.38 -4.83
N THR A 52 21.87 -3.82 -5.88
CA THR A 52 21.57 -5.22 -6.14
C THR A 52 22.72 -5.94 -6.84
N GLN A 53 22.93 -7.19 -6.42
CA GLN A 53 23.90 -8.12 -6.95
C GLN A 53 23.09 -9.37 -7.32
N VAL A 54 22.80 -9.49 -8.62
CA VAL A 54 22.05 -10.62 -9.24
C VAL A 54 20.58 -10.66 -8.78
N PHE A 55 20.32 -10.96 -7.51
CA PHE A 55 18.91 -11.11 -7.03
C PHE A 55 18.35 -9.81 -6.48
N PRO A 56 17.02 -9.72 -6.31
CA PRO A 56 16.36 -8.55 -5.74
C PRO A 56 16.58 -8.49 -4.22
N LEU A 57 16.77 -7.27 -3.72
CA LEU A 57 17.00 -6.97 -2.31
C LEU A 57 15.80 -7.40 -1.48
N GLU A 58 15.79 -8.69 -1.15
CA GLU A 58 14.74 -9.35 -0.38
C GLU A 58 14.74 -8.92 1.09
N ARG A 59 13.58 -9.09 1.78
CA ARG A 59 13.37 -8.70 3.18
C ARG A 59 14.19 -9.53 4.21
N ASN A 60 15.03 -10.47 3.73
CA ASN A 60 16.02 -11.21 4.52
C ASN A 60 17.36 -11.19 3.79
N ALA A 61 18.41 -10.64 4.45
CA ALA A 61 19.76 -10.44 3.92
C ALA A 61 20.55 -11.73 3.60
N ALA A 62 19.82 -12.89 3.46
CA ALA A 62 20.36 -14.21 3.12
C ALA A 62 21.13 -14.17 1.79
N VAL A 63 20.69 -13.26 0.91
CA VAL A 63 21.24 -12.99 -0.42
C VAL A 63 22.35 -11.91 -0.37
N ARG A 64 23.32 -12.04 -1.29
CA ARG A 64 24.44 -11.11 -1.39
C ARG A 64 24.01 -9.84 -2.09
N THR A 65 24.51 -8.71 -1.57
CA THR A 65 24.38 -7.37 -2.14
C THR A 65 25.75 -7.06 -2.77
N ARG A 66 25.85 -5.93 -3.46
CA ARG A 66 27.11 -5.56 -4.13
C ARG A 66 28.20 -5.31 -3.09
N LEU A 67 27.85 -5.18 -1.83
CA LEU A 67 28.88 -4.92 -0.77
C LEU A 67 29.36 -6.24 -0.24
N THR A 68 28.43 -7.08 0.16
CA THR A 68 28.79 -8.39 0.70
C THR A 68 29.62 -9.20 -0.28
N HIS A 69 29.36 -9.00 -1.57
CA HIS A 69 30.12 -9.63 -2.64
C HIS A 69 31.53 -9.04 -2.69
N SER A 70 31.65 -7.70 -2.64
CA SER A 70 32.94 -7.02 -2.73
C SER A 70 33.89 -7.35 -1.54
N MSE A 71 33.30 -7.68 -0.35
CA MSE A 71 34.05 -8.09 0.84
C MSE A 71 34.63 -9.46 0.58
O MSE A 71 35.78 -9.75 0.99
CB MSE A 71 33.12 -8.19 2.03
CG MSE A 71 32.66 -6.87 2.55
SE MSE A 71 31.42 -7.09 4.07
CE MSE A 71 30.75 -8.91 3.84
N GLU A 72 33.81 -10.31 -0.08
CA GLU A 72 34.18 -11.66 -0.44
C GLU A 72 35.36 -11.58 -1.44
N VAL A 73 35.22 -10.71 -2.48
CA VAL A 73 36.24 -10.48 -3.51
C VAL A 73 37.57 -10.10 -2.84
N GLN A 74 37.50 -9.11 -1.92
CA GLN A 74 38.62 -8.57 -1.14
C GLN A 74 39.41 -9.66 -0.36
N GLN A 75 38.70 -10.63 0.27
CA GLN A 75 39.39 -11.72 0.98
C GLN A 75 40.13 -12.67 0.01
N VAL A 76 39.57 -12.83 -1.21
CA VAL A 76 40.17 -13.64 -2.29
C VAL A 76 41.45 -12.90 -2.71
N GLY A 77 41.31 -11.61 -3.01
CA GLY A 77 42.41 -10.72 -3.40
C GLY A 77 43.55 -10.78 -2.40
N ARG A 78 43.20 -10.75 -1.08
CA ARG A 78 44.11 -10.84 0.07
C ARG A 78 44.96 -12.11 -0.11
N TYR A 79 44.28 -13.27 -0.26
CA TYR A 79 44.90 -14.58 -0.46
C TYR A 79 45.87 -14.58 -1.65
N ILE A 80 45.43 -14.11 -2.83
CA ILE A 80 46.30 -14.06 -4.01
C ILE A 80 47.55 -13.23 -3.75
N ALA A 81 47.36 -11.96 -3.32
CA ALA A 81 48.46 -11.04 -2.98
C ALA A 81 49.45 -11.75 -2.01
N LYS A 82 48.92 -12.24 -0.85
CA LYS A 82 49.65 -12.97 0.19
C LYS A 82 50.44 -14.15 -0.38
N GLU A 83 49.83 -14.85 -1.35
CA GLU A 83 50.42 -16.01 -2.04
C GLU A 83 51.62 -15.57 -2.91
N ILE A 84 51.43 -14.52 -3.75
CA ILE A 84 52.49 -13.94 -4.59
C ILE A 84 53.73 -13.61 -3.69
N LEU A 85 53.47 -12.89 -2.56
CA LEU A 85 54.46 -12.48 -1.59
C LEU A 85 55.26 -13.66 -0.99
N SER A 86 54.55 -14.67 -0.41
CA SER A 86 55.13 -15.87 0.23
C SER A 86 56.05 -16.66 -0.70
N ARG A 87 55.58 -16.85 -1.95
CA ARG A 87 56.25 -17.53 -3.06
C ARG A 87 57.55 -16.80 -3.37
N LEU A 88 57.47 -15.46 -3.46
CA LEU A 88 58.58 -14.56 -3.74
C LEU A 88 59.61 -14.52 -2.65
N LYS A 89 59.18 -14.67 -1.40
CA LYS A 89 60.08 -14.72 -0.23
C LYS A 89 60.84 -16.06 -0.29
N GLU A 90 60.18 -17.11 -0.79
CA GLU A 90 60.76 -18.43 -0.99
C GLU A 90 61.72 -18.41 -2.20
N LEU A 91 61.50 -17.46 -3.11
CA LEU A 91 62.38 -17.24 -4.26
C LEU A 91 63.49 -16.22 -3.90
N LYS A 92 63.31 -15.54 -2.75
CA LYS A 92 64.18 -14.53 -2.12
C LYS A 92 64.22 -13.16 -2.89
N LEU A 93 63.46 -13.11 -4.00
CA LEU A 93 63.28 -11.99 -4.92
C LEU A 93 62.55 -10.78 -4.36
N LEU A 94 62.05 -10.90 -3.12
CA LEU A 94 61.31 -9.86 -2.40
C LEU A 94 62.11 -8.53 -2.25
N GLU A 95 63.34 -8.62 -1.71
CA GLU A 95 64.22 -7.46 -1.57
C GLU A 95 64.63 -6.98 -2.96
N ALA A 96 64.89 -7.94 -3.85
CA ALA A 96 65.28 -7.76 -5.24
C ALA A 96 64.26 -6.98 -6.08
N TYR A 97 62.98 -7.11 -5.77
CA TYR A 97 61.95 -6.39 -6.51
C TYR A 97 61.46 -5.15 -5.77
N GLY A 98 62.20 -4.73 -4.74
CA GLY A 98 61.89 -3.56 -3.90
C GLY A 98 60.59 -3.69 -3.13
N LEU A 99 60.37 -4.88 -2.52
CA LEU A 99 59.14 -5.22 -1.80
C LEU A 99 59.29 -5.51 -0.32
N ASP A 100 60.48 -5.96 0.10
CA ASP A 100 60.86 -6.28 1.49
C ASP A 100 60.29 -5.30 2.56
N GLU A 101 60.07 -4.04 2.16
CA GLU A 101 59.57 -2.98 3.02
C GLU A 101 58.12 -2.50 2.67
N LEU A 102 57.59 -2.91 1.51
CA LEU A 102 56.24 -2.53 1.09
C LEU A 102 55.24 -3.70 1.10
N THR A 103 55.53 -4.74 1.92
CA THR A 103 54.78 -5.99 2.07
C THR A 103 53.32 -5.75 2.37
N GLY A 104 53.06 -5.18 3.54
CA GLY A 104 51.73 -4.77 3.99
C GLY A 104 51.03 -3.89 2.97
N PRO A 105 51.64 -2.72 2.56
CA PRO A 105 50.99 -1.84 1.57
C PRO A 105 50.44 -2.57 0.36
N PHE A 106 51.31 -3.35 -0.32
CA PHE A 106 50.99 -4.18 -1.48
C PHE A 106 49.62 -4.86 -1.27
N GLU A 107 49.55 -5.66 -0.22
CA GLU A 107 48.40 -6.43 0.22
C GLU A 107 47.14 -5.54 0.44
N SER A 108 47.25 -4.47 1.26
CA SER A 108 46.19 -3.48 1.56
C SER A 108 45.59 -2.89 0.27
N ILE A 109 46.48 -2.46 -0.68
CA ILE A 109 46.12 -1.89 -1.98
C ILE A 109 45.20 -2.85 -2.70
N VAL A 110 45.58 -4.15 -2.76
CA VAL A 110 44.78 -5.21 -3.39
C VAL A 110 43.37 -5.22 -2.78
N GLU A 111 43.27 -5.51 -1.45
CA GLU A 111 42.05 -5.52 -0.63
C GLU A 111 41.16 -4.27 -0.90
N MSE A 112 41.80 -3.09 -0.88
CA MSE A 112 41.11 -1.82 -1.06
C MSE A 112 40.60 -1.58 -2.44
O MSE A 112 39.56 -0.89 -2.61
CB MSE A 112 41.96 -0.64 -0.57
CG MSE A 112 42.04 -0.55 0.95
SE MSE A 112 40.30 -0.73 1.95
CE MSE A 112 40.25 -2.67 2.22
N SER A 113 41.31 -2.15 -3.46
CA SER A 113 40.94 -2.05 -4.87
C SER A 113 39.82 -3.04 -5.14
N CYS A 114 39.92 -4.20 -4.47
CA CYS A 114 38.94 -5.29 -4.49
C CYS A 114 37.61 -4.72 -4.02
N LEU A 115 37.65 -4.07 -2.84
CA LEU A 115 36.52 -3.42 -2.21
C LEU A 115 35.87 -2.41 -3.17
N MSE A 116 36.71 -1.56 -3.75
CA MSE A 116 36.27 -0.53 -4.65
C MSE A 116 35.95 -0.94 -6.09
O MSE A 116 35.57 -0.07 -6.89
CB MSE A 116 37.28 0.56 -4.64
CG MSE A 116 37.28 1.30 -3.32
SE MSE A 116 38.24 2.90 -3.60
CE MSE A 116 40.16 2.10 -3.97
N HIS A 117 36.02 -2.25 -6.42
CA HIS A 117 35.54 -2.67 -7.74
C HIS A 117 33.98 -2.53 -7.64
N ASP A 118 33.30 -2.18 -8.74
CA ASP A 118 31.85 -1.91 -8.76
C ASP A 118 31.45 -0.59 -8.03
N ILE A 119 32.40 0.08 -7.31
CA ILE A 119 32.07 1.31 -6.56
C ILE A 119 31.47 2.40 -7.48
N GLY A 120 31.98 2.46 -8.74
CA GLY A 120 31.53 3.41 -9.75
C GLY A 120 30.37 2.91 -10.61
N ASN A 121 29.82 1.74 -10.25
CA ASN A 121 28.68 1.16 -10.98
C ASN A 121 27.36 1.90 -10.70
N PRO A 122 26.46 1.99 -11.73
CA PRO A 122 25.21 2.73 -11.55
C PRO A 122 24.19 1.97 -10.71
N PRO A 123 22.95 2.49 -10.45
CA PRO A 123 22.00 1.73 -9.64
C PRO A 123 21.75 0.33 -10.17
N PHE A 124 21.17 0.21 -11.37
CA PHE A 124 20.86 -1.13 -11.91
C PHE A 124 22.07 -1.72 -12.63
N GLY A 125 23.26 -1.39 -12.13
CA GLY A 125 24.53 -1.91 -12.64
C GLY A 125 24.68 -1.84 -14.15
N HIS A 126 24.71 -3.00 -14.79
CA HIS A 126 24.96 -3.12 -16.25
C HIS A 126 23.71 -2.84 -17.07
N PHE A 127 22.53 -2.80 -16.44
CA PHE A 127 21.26 -2.49 -17.15
C PHE A 127 21.01 -1.00 -16.96
N GLY A 128 21.79 -0.41 -16.07
CA GLY A 128 21.85 1.02 -15.83
C GLY A 128 22.69 1.65 -16.91
N GLU A 129 23.89 1.09 -17.13
CA GLU A 129 24.84 1.50 -18.18
C GLU A 129 24.12 1.63 -19.51
N ALA A 130 23.37 0.58 -19.89
CA ALA A 130 22.55 0.48 -21.10
C ALA A 130 21.62 1.64 -21.19
N ALA A 131 20.65 1.75 -20.23
CA ALA A 131 19.66 2.81 -20.15
C ALA A 131 20.24 4.22 -20.23
N ILE A 132 21.50 4.42 -19.74
CA ILE A 132 22.22 5.70 -19.77
C ILE A 132 22.71 5.97 -21.17
N ASN A 133 23.55 5.06 -21.66
CA ASN A 133 24.17 5.09 -22.97
C ASN A 133 23.17 5.20 -24.09
N ASP A 134 22.04 4.49 -23.94
CA ASP A 134 20.97 4.46 -24.91
C ASP A 134 20.26 5.79 -24.95
N TRP A 135 19.95 6.33 -23.78
CA TRP A 135 19.29 7.63 -23.64
C TRP A 135 20.14 8.74 -24.26
N PHE A 136 21.46 8.65 -24.07
CA PHE A 136 22.39 9.62 -24.63
C PHE A 136 22.53 9.44 -26.13
N ARG A 137 22.58 8.18 -26.60
CA ARG A 137 22.69 7.85 -28.02
C ARG A 137 21.57 8.42 -28.86
N GLN A 138 20.30 8.31 -28.40
CA GLN A 138 19.13 8.85 -29.13
C GLN A 138 19.13 10.40 -29.21
N ARG A 139 19.91 11.01 -28.31
CA ARG A 139 20.07 12.46 -28.17
C ARG A 139 21.37 13.00 -28.78
N LEU A 140 22.37 12.13 -29.03
CA LEU A 140 23.65 12.57 -29.58
C LEU A 140 24.05 11.91 -30.89
N HIS A 141 23.80 10.59 -31.02
CA HIS A 141 24.13 9.78 -32.19
C HIS A 141 25.62 9.95 -32.52
N PRO A 142 26.52 9.34 -31.69
CA PRO A 142 27.96 9.52 -31.93
C PRO A 142 28.48 8.88 -33.22
N GLU A 143 27.70 7.95 -33.81
CA GLU A 143 28.01 7.29 -35.07
C GLU A 143 28.04 8.32 -36.23
N ASP A 144 27.19 9.38 -36.11
CA ASP A 144 27.07 10.49 -37.06
C ASP A 144 28.28 11.45 -37.02
N ALA A 145 29.25 11.20 -36.12
CA ALA A 145 30.44 12.00 -35.96
C ALA A 145 31.72 11.35 -36.50
N GLU A 146 31.73 9.99 -36.58
CA GLU A 146 32.83 9.12 -37.02
C GLU A 146 33.69 9.67 -38.17
N SER A 147 33.04 10.08 -39.30
CA SER A 147 33.74 10.61 -40.49
C SER A 147 33.62 12.16 -40.66
N GLN A 148 33.25 12.61 -41.87
CA GLN A 148 33.11 14.02 -42.26
C GLN A 148 31.75 14.62 -41.82
N PRO A 149 31.62 15.97 -41.72
CA PRO A 149 30.32 16.54 -41.28
C PRO A 149 29.14 16.17 -42.16
N LEU A 150 28.20 15.39 -41.59
CA LEU A 150 26.97 14.94 -42.23
C LEU A 150 26.01 16.12 -42.38
N THR A 151 25.43 16.29 -43.57
CA THR A 151 24.47 17.36 -43.87
C THR A 151 23.18 17.22 -43.02
N ASP A 152 22.91 15.98 -42.57
CA ASP A 152 21.78 15.63 -41.72
C ASP A 152 22.31 14.91 -40.48
N ASP A 153 22.95 15.68 -39.58
CA ASP A 153 23.50 15.18 -38.31
C ASP A 153 22.36 14.96 -37.33
N ARG A 154 22.18 13.70 -36.87
CA ARG A 154 21.11 13.30 -35.96
C ARG A 154 21.25 13.85 -34.51
N CYS A 155 22.37 14.55 -34.19
CA CYS A 155 22.64 15.15 -32.87
C CYS A 155 21.59 16.22 -32.55
N SER A 156 20.98 16.12 -31.36
CA SER A 156 19.96 17.04 -30.86
C SER A 156 20.58 18.35 -30.35
N VAL A 157 21.91 18.38 -30.13
CA VAL A 157 22.62 19.55 -29.61
C VAL A 157 23.28 20.36 -30.71
N ALA A 158 22.95 21.67 -30.76
CA ALA A 158 23.45 22.60 -31.76
C ALA A 158 24.98 22.68 -31.78
N ALA A 159 25.59 22.86 -30.60
CA ALA A 159 27.03 22.97 -30.44
C ALA A 159 27.81 21.70 -30.77
N LEU A 160 27.22 20.53 -30.50
CA LEU A 160 27.89 19.26 -30.73
C LEU A 160 27.71 18.75 -32.14
N ARG A 161 26.73 19.30 -32.89
CA ARG A 161 26.52 19.00 -34.30
C ARG A 161 27.77 19.47 -35.05
N LEU A 162 28.36 18.57 -35.88
CA LEU A 162 29.58 18.87 -36.66
C LEU A 162 29.34 20.05 -37.62
N ARG A 163 29.93 21.22 -37.31
CA ARG A 163 29.78 22.38 -38.18
C ARG A 163 30.60 22.18 -39.45
N ASP A 164 29.87 22.41 -40.57
CA ASP A 164 30.03 22.36 -42.02
C ASP A 164 31.31 21.69 -42.49
N GLY A 165 32.46 22.14 -42.02
CA GLY A 165 33.73 21.51 -42.39
C GLY A 165 34.82 22.53 -42.63
N GLU A 166 35.35 23.06 -41.54
CA GLU A 166 36.36 24.13 -41.51
C GLU A 166 37.02 24.21 -40.11
N GLU A 167 36.78 23.18 -39.27
CA GLU A 167 37.16 23.20 -37.85
C GLU A 167 37.85 21.94 -37.26
N PRO A 168 38.87 22.14 -36.39
CA PRO A 168 39.42 21.00 -35.64
C PRO A 168 38.53 20.75 -34.40
N LEU A 169 37.58 21.69 -34.16
CA LEU A 169 36.54 21.68 -33.13
C LEU A 169 35.65 20.48 -33.36
N ASN A 170 35.59 20.04 -34.63
CA ASN A 170 34.87 18.87 -35.08
C ASN A 170 35.41 17.61 -34.38
N GLU A 171 36.73 17.60 -34.06
CA GLU A 171 37.36 16.49 -33.33
C GLU A 171 36.91 16.52 -31.85
N LEU A 172 36.75 17.74 -31.28
CA LEU A 172 36.29 17.91 -29.90
C LEU A 172 34.86 17.40 -29.73
N ARG A 173 34.00 17.69 -30.73
CA ARG A 173 32.59 17.25 -30.78
C ARG A 173 32.53 15.71 -30.81
N ARG A 174 33.43 15.08 -31.62
CA ARG A 174 33.55 13.64 -31.82
C ARG A 174 33.85 12.94 -30.48
N LYS A 175 34.86 13.46 -29.78
CA LYS A 175 35.31 12.95 -28.51
C LYS A 175 34.23 13.07 -27.43
N ILE A 176 33.54 14.23 -27.36
CA ILE A 176 32.47 14.49 -26.37
C ILE A 176 31.32 13.51 -26.57
N ARG A 177 30.84 13.36 -27.81
CA ARG A 177 29.77 12.44 -28.18
C ARG A 177 30.07 10.98 -27.82
N GLN A 178 31.31 10.52 -28.08
CA GLN A 178 31.70 9.15 -27.76
C GLN A 178 31.86 8.93 -26.24
N ASP A 179 32.47 9.91 -25.54
CA ASP A 179 32.69 9.87 -24.08
C ASP A 179 31.38 9.78 -23.28
N LEU A 180 30.42 10.65 -23.60
CA LEU A 180 29.13 10.70 -22.92
C LEU A 180 28.27 9.49 -23.22
N CYS A 181 28.34 8.95 -24.47
CA CYS A 181 27.58 7.78 -24.90
C CYS A 181 28.21 6.44 -24.53
N HIS A 182 29.44 6.48 -23.98
CA HIS A 182 30.15 5.27 -23.55
C HIS A 182 30.49 5.31 -22.05
N PHE A 183 29.44 5.45 -21.22
CA PHE A 183 29.51 5.40 -19.75
C PHE A 183 29.84 3.94 -19.34
N GLU A 184 30.83 3.78 -18.45
CA GLU A 184 31.27 2.50 -17.89
C GLU A 184 31.57 2.71 -16.40
N GLY A 185 31.08 1.77 -15.58
CA GLY A 185 31.23 1.79 -14.13
C GLY A 185 32.64 2.00 -13.63
N ASN A 186 33.63 1.31 -14.28
CA ASN A 186 35.06 1.41 -13.94
C ASN A 186 35.55 2.83 -14.13
N ALA A 187 35.20 3.42 -15.29
CA ALA A 187 35.53 4.79 -15.69
C ALA A 187 34.93 5.81 -14.72
N GLN A 188 33.66 5.52 -14.31
CA GLN A 188 32.88 6.30 -13.35
C GLN A 188 33.50 6.17 -11.95
N GLY A 189 34.06 5.00 -11.66
CA GLY A 189 34.74 4.71 -10.41
C GLY A 189 35.94 5.63 -10.20
N ILE A 190 36.74 5.83 -11.29
CA ILE A 190 37.91 6.71 -11.26
C ILE A 190 37.44 8.13 -11.01
N ARG A 191 36.42 8.55 -11.81
CA ARG A 191 35.75 9.85 -11.73
C ARG A 191 35.28 10.14 -10.28
N LEU A 192 34.66 9.11 -9.67
CA LEU A 192 34.11 9.12 -8.34
C LEU A 192 35.13 9.39 -7.24
N VAL A 193 36.14 8.52 -7.08
CA VAL A 193 37.15 8.66 -6.01
C VAL A 193 37.91 9.99 -6.02
N HIS A 194 38.09 10.56 -7.23
CA HIS A 194 38.82 11.79 -7.37
C HIS A 194 37.91 12.99 -7.40
N THR A 195 37.29 13.27 -8.56
CA THR A 195 36.48 14.46 -8.80
C THR A 195 35.19 14.52 -7.97
N LEU A 196 34.58 13.39 -7.64
CA LEU A 196 33.31 13.41 -6.94
C LEU A 196 33.40 13.28 -5.42
N MSE A 197 33.96 12.15 -4.96
CA MSE A 197 34.13 11.84 -3.55
C MSE A 197 35.24 12.62 -2.91
O MSE A 197 35.24 12.76 -1.68
CB MSE A 197 34.31 10.33 -3.33
CG MSE A 197 33.01 9.54 -3.45
SE MSE A 197 31.45 10.27 -2.46
CE MSE A 197 32.28 10.26 -0.56
N ARG A 198 36.17 13.15 -3.73
CA ARG A 198 37.30 14.00 -3.31
C ARG A 198 38.02 13.39 -2.08
N MSE A 199 38.39 12.11 -2.25
CA MSE A 199 39.04 11.27 -1.25
C MSE A 199 40.49 11.62 -1.08
O MSE A 199 40.95 11.61 0.05
CB MSE A 199 38.91 9.81 -1.65
CG MSE A 199 37.47 9.31 -1.74
SE MSE A 199 37.41 7.39 -1.66
CE MSE A 199 35.56 7.17 -2.27
N ASN A 200 41.21 11.92 -2.19
CA ASN A 200 42.66 12.22 -2.22
C ASN A 200 43.41 10.99 -1.73
N LEU A 201 43.41 9.98 -2.58
CA LEU A 201 44.05 8.71 -2.26
C LEU A 201 45.46 8.66 -2.82
N THR A 202 46.29 7.76 -2.27
CA THR A 202 47.63 7.53 -2.76
C THR A 202 47.53 7.11 -4.24
N TRP A 203 48.44 7.64 -5.09
CA TRP A 203 48.48 7.32 -6.53
C TRP A 203 48.30 5.82 -6.74
N ALA A 204 49.13 5.02 -6.04
CA ALA A 204 49.15 3.57 -6.04
C ALA A 204 47.72 2.94 -5.93
N GLN A 205 46.89 3.46 -4.98
CA GLN A 205 45.51 2.97 -4.77
C GLN A 205 44.60 3.17 -5.99
N VAL A 206 44.66 4.38 -6.54
CA VAL A 206 43.91 4.82 -7.72
C VAL A 206 44.35 4.03 -8.95
N GLY A 207 45.62 3.57 -8.93
CA GLY A 207 46.19 2.72 -9.96
C GLY A 207 45.48 1.38 -9.99
N GLY A 208 45.33 0.83 -8.80
CA GLY A 208 44.67 -0.46 -8.57
C GLY A 208 43.21 -0.54 -8.97
N ILE A 209 42.55 0.62 -9.07
CA ILE A 209 41.16 0.62 -9.49
C ILE A 209 41.02 1.00 -11.00
N LEU A 210 42.17 1.33 -11.65
CA LEU A 210 42.18 1.60 -13.08
C LEU A 210 42.28 0.25 -13.83
N LYS A 211 41.10 -0.35 -14.12
CA LYS A 211 40.94 -1.66 -14.76
C LYS A 211 41.23 -1.67 -16.24
N TYR A 212 40.80 -0.64 -16.97
CA TYR A 212 41.02 -0.59 -18.43
C TYR A 212 41.77 0.65 -18.85
N THR A 213 42.48 0.54 -19.97
CA THR A 213 43.35 1.61 -20.46
C THR A 213 42.72 2.37 -21.62
N ARG A 214 41.52 1.91 -22.05
CA ARG A 214 40.79 2.55 -23.14
C ARG A 214 40.12 3.86 -22.69
N PRO A 215 40.33 4.95 -23.44
CA PRO A 215 39.61 6.19 -23.13
C PRO A 215 38.15 6.03 -23.58
N ALA A 216 37.19 6.62 -22.83
CA ALA A 216 35.76 6.51 -23.18
C ALA A 216 35.42 7.05 -24.58
N TRP A 217 36.17 8.08 -25.00
CA TRP A 217 36.03 8.75 -26.29
C TRP A 217 36.56 7.98 -27.49
N TRP A 218 37.27 6.87 -27.26
CA TRP A 218 37.84 6.02 -28.30
C TRP A 218 36.78 5.57 -29.28
N ARG A 219 37.08 5.64 -30.62
CA ARG A 219 36.13 5.28 -31.69
C ARG A 219 36.53 4.10 -32.62
N GLY A 220 37.82 3.95 -32.93
CA GLY A 220 38.29 2.86 -33.80
C GLY A 220 38.41 1.49 -33.13
N GLU A 221 38.97 0.48 -33.79
CA GLU A 221 39.18 -0.84 -33.14
C GLU A 221 40.66 -1.06 -33.32
N THR A 222 41.48 -0.18 -32.70
CA THR A 222 42.87 -0.07 -33.07
C THR A 222 43.91 -1.03 -32.42
N PRO A 223 44.32 -1.10 -31.11
CA PRO A 223 45.55 -1.86 -30.89
C PRO A 223 45.43 -3.37 -30.66
N GLU A 224 45.98 -4.12 -31.62
CA GLU A 224 46.06 -5.59 -31.65
C GLU A 224 46.88 -6.11 -30.46
N THR A 225 47.94 -5.36 -30.14
CA THR A 225 48.92 -5.58 -29.06
C THR A 225 48.36 -5.20 -27.70
N HIS A 226 47.33 -4.33 -27.65
CA HIS A 226 46.69 -3.86 -26.42
C HIS A 226 45.17 -4.13 -26.42
N HIS A 227 44.74 -5.14 -27.20
CA HIS A 227 43.34 -5.52 -27.35
C HIS A 227 42.62 -5.74 -26.01
N TYR A 228 43.15 -6.68 -25.19
CA TYR A 228 42.64 -7.08 -23.88
C TYR A 228 42.57 -5.95 -22.88
N LEU A 229 43.64 -5.15 -22.79
CA LEU A 229 43.73 -4.04 -21.84
C LEU A 229 42.74 -2.91 -22.15
N MSE A 230 42.30 -2.83 -23.40
CA MSE A 230 41.36 -1.83 -23.83
C MSE A 230 39.99 -2.45 -24.19
O MSE A 230 39.22 -1.85 -24.95
CB MSE A 230 41.96 -1.02 -24.99
CG MSE A 230 43.14 -0.18 -24.55
SE MSE A 230 44.33 0.40 -25.94
CE MSE A 230 43.29 1.93 -26.58
N LYS A 231 39.68 -3.64 -23.58
CA LYS A 231 38.45 -4.43 -23.77
C LYS A 231 37.18 -3.56 -23.59
N LYS A 232 37.17 -2.74 -22.51
CA LYS A 232 36.10 -1.82 -22.10
C LYS A 232 36.78 -0.43 -21.86
N PRO A 233 36.03 0.69 -21.69
CA PRO A 233 36.72 1.96 -21.39
C PRO A 233 37.10 2.03 -19.91
N GLY A 234 38.24 2.66 -19.62
CA GLY A 234 38.76 2.75 -18.27
C GLY A 234 38.67 4.10 -17.60
N TYR A 235 38.51 5.17 -18.39
CA TYR A 235 38.44 6.56 -17.91
C TYR A 235 37.74 7.52 -18.88
N TYR A 236 37.20 8.64 -18.34
CA TYR A 236 36.53 9.66 -19.15
C TYR A 236 37.46 10.80 -19.52
N LEU A 237 37.02 11.60 -20.50
CA LEU A 237 37.64 12.80 -21.03
C LEU A 237 37.88 13.83 -19.92
N SER A 238 36.96 13.83 -18.91
CA SER A 238 36.97 14.66 -17.70
C SER A 238 38.13 14.28 -16.78
N GLU A 239 38.67 13.07 -16.96
CA GLU A 239 39.73 12.54 -16.12
C GLU A 239 41.09 12.47 -16.83
N GLU A 240 41.10 12.51 -18.19
CA GLU A 240 42.25 12.47 -19.10
C GLU A 240 43.49 13.18 -18.54
N ALA A 241 43.27 14.39 -17.97
CA ALA A 241 44.28 15.26 -17.36
C ALA A 241 44.93 14.57 -16.17
N TYR A 242 44.09 14.18 -15.20
CA TYR A 242 44.42 13.50 -13.96
C TYR A 242 45.03 12.10 -14.23
N ILE A 243 44.52 11.43 -15.25
CA ILE A 243 44.94 10.12 -15.69
C ILE A 243 46.37 10.15 -16.21
N ALA A 244 46.70 11.23 -16.94
CA ALA A 244 48.06 11.49 -17.42
C ALA A 244 48.99 11.63 -16.18
N ARG A 245 48.53 12.45 -15.18
CA ARG A 245 49.17 12.69 -13.89
C ARG A 245 49.46 11.33 -13.20
N LEU A 246 48.49 10.41 -13.28
CA LEU A 246 48.56 9.07 -12.68
C LEU A 246 49.61 8.18 -13.33
N ARG A 247 49.64 8.17 -14.68
CA ARG A 247 50.59 7.40 -15.49
C ARG A 247 52.01 7.79 -15.11
N LYS A 248 52.31 9.10 -15.13
CA LYS A 248 53.61 9.64 -14.79
C LYS A 248 54.05 9.28 -13.36
N GLU A 249 53.11 9.35 -12.43
CA GLU A 249 53.41 9.04 -11.03
C GLU A 249 53.65 7.56 -10.82
N LEU A 250 52.94 6.70 -11.56
CA LEU A 250 53.06 5.27 -11.38
C LEU A 250 53.94 4.59 -12.41
N ASN A 251 54.60 5.39 -13.28
CA ASN A 251 55.50 4.93 -14.34
C ASN A 251 54.80 3.97 -15.28
N LEU A 252 53.82 4.53 -15.99
CA LEU A 252 53.01 3.82 -16.95
C LEU A 252 53.04 4.49 -18.27
N ALA A 253 53.17 3.68 -19.32
CA ALA A 253 53.15 4.15 -20.69
C ALA A 253 51.70 4.36 -21.05
N LEU A 254 51.42 5.12 -22.14
CA LEU A 254 50.04 5.29 -22.59
C LEU A 254 49.47 3.90 -22.87
N TYR A 255 48.31 3.64 -22.23
CA TYR A 255 47.60 2.37 -22.26
C TYR A 255 48.34 1.28 -21.51
N SER A 256 49.04 1.63 -20.42
CA SER A 256 49.70 0.61 -19.60
C SER A 256 48.99 0.49 -18.26
N ARG A 257 48.77 -0.74 -17.79
CA ARG A 257 48.06 -1.03 -16.53
C ARG A 257 48.97 -1.12 -15.29
N PHE A 258 48.40 -0.75 -14.14
CA PHE A 258 49.05 -0.83 -12.84
C PHE A 258 49.22 -2.32 -12.49
N PRO A 259 50.48 -2.74 -12.18
CA PRO A 259 50.77 -4.17 -11.91
C PRO A 259 49.89 -4.91 -10.91
N LEU A 260 49.30 -4.21 -9.96
CA LEU A 260 48.50 -4.91 -8.98
C LEU A 260 47.06 -5.17 -9.44
N THR A 261 46.52 -4.32 -10.34
CA THR A 261 45.15 -4.38 -10.86
C THR A 261 44.75 -5.78 -11.29
N TRP A 262 45.70 -6.51 -11.88
CA TRP A 262 45.64 -7.90 -12.36
C TRP A 262 45.25 -8.88 -11.26
N ILE A 263 45.77 -8.65 -10.02
CA ILE A 263 45.50 -9.47 -8.83
C ILE A 263 44.04 -9.28 -8.42
N MSE A 264 43.61 -8.01 -8.30
CA MSE A 264 42.25 -7.62 -7.91
C MSE A 264 41.25 -8.21 -8.90
O MSE A 264 40.25 -8.81 -8.49
CB MSE A 264 42.15 -6.07 -7.79
CG MSE A 264 40.73 -5.53 -7.65
SE MSE A 264 40.01 -4.85 -9.34
CE MSE A 264 38.48 -6.16 -9.64
N GLU A 265 41.55 -8.04 -10.20
CA GLU A 265 40.77 -8.54 -11.33
C GLU A 265 40.48 -10.02 -11.15
N ALA A 266 41.55 -10.80 -10.97
CA ALA A 266 41.54 -12.23 -10.77
C ALA A 266 40.56 -12.68 -9.66
N ALA A 267 40.62 -12.00 -8.48
CA ALA A 267 39.77 -12.26 -7.32
C ALA A 267 38.29 -12.12 -7.70
N ASP A 268 37.99 -11.13 -8.53
CA ASP A 268 36.59 -10.88 -8.98
C ASP A 268 36.16 -11.98 -9.96
N ASP A 269 37.04 -12.39 -10.86
CA ASP A 269 36.74 -13.45 -11.83
C ASP A 269 36.39 -14.74 -11.10
N ILE A 270 37.03 -14.98 -9.96
CA ILE A 270 36.80 -16.16 -9.16
C ILE A 270 35.48 -16.06 -8.37
N SER A 271 35.40 -15.11 -7.41
CA SER A 271 34.21 -14.87 -6.56
C SER A 271 32.91 -14.74 -7.37
N TYR A 272 33.06 -14.11 -8.55
CA TYR A 272 32.06 -13.81 -9.55
C TYR A 272 30.82 -14.68 -9.52
N CYS A 273 30.95 -16.01 -9.73
CA CYS A 273 29.76 -16.84 -9.87
C CYS A 273 29.35 -17.63 -8.65
N VAL A 274 30.23 -18.50 -8.17
CA VAL A 274 30.01 -19.41 -7.04
C VAL A 274 29.03 -18.87 -5.96
N ALA A 275 29.17 -17.58 -5.60
CA ALA A 275 28.34 -16.90 -4.60
C ALA A 275 26.86 -16.83 -5.02
N ASP A 276 26.61 -16.45 -6.28
CA ASP A 276 25.26 -16.35 -6.86
C ASP A 276 24.67 -17.75 -6.98
N LEU A 277 25.52 -18.74 -7.28
CA LEU A 277 25.11 -20.14 -7.38
C LEU A 277 24.64 -20.67 -6.02
N GLU A 278 25.31 -20.19 -4.92
CA GLU A 278 24.96 -20.51 -3.53
C GLU A 278 23.60 -19.94 -3.21
N ASP A 279 23.42 -18.68 -3.62
CA ASP A 279 22.19 -17.92 -3.46
C ASP A 279 21.05 -18.51 -4.29
N ALA A 280 21.36 -19.12 -5.45
CA ALA A 280 20.39 -19.74 -6.35
C ALA A 280 19.64 -20.89 -5.65
N VAL A 281 20.40 -21.76 -4.97
CA VAL A 281 19.88 -22.89 -4.21
C VAL A 281 19.14 -22.34 -2.97
N GLU A 282 19.61 -21.18 -2.45
CA GLU A 282 19.01 -20.49 -1.32
C GLU A 282 17.62 -19.92 -1.69
N LYS A 283 17.49 -19.40 -2.91
CA LYS A 283 16.22 -18.88 -3.42
C LYS A 283 15.33 -20.04 -3.94
N ARG A 284 15.79 -21.29 -3.73
CA ARG A 284 15.14 -22.56 -4.08
C ARG A 284 14.99 -22.83 -5.59
N ILE A 285 15.71 -22.07 -6.47
CA ILE A 285 15.65 -22.24 -7.94
C ILE A 285 15.83 -23.72 -8.35
N PHE A 286 16.64 -24.46 -7.58
CA PHE A 286 16.92 -25.89 -7.73
C PHE A 286 17.61 -26.37 -6.47
N THR A 287 17.73 -27.69 -6.30
CA THR A 287 18.44 -28.25 -5.15
C THR A 287 19.93 -28.21 -5.42
N VAL A 288 20.70 -28.45 -4.37
CA VAL A 288 22.15 -28.55 -4.39
C VAL A 288 22.49 -29.78 -5.24
N GLU A 289 21.65 -30.84 -5.12
CA GLU A 289 21.76 -32.07 -5.90
C GLU A 289 21.52 -31.76 -7.37
N GLN A 290 20.41 -31.04 -7.69
CA GLN A 290 20.03 -30.62 -9.04
C GLN A 290 21.16 -29.85 -9.71
N LEU A 291 21.79 -28.93 -8.95
CA LEU A 291 22.92 -28.12 -9.38
C LEU A 291 24.12 -28.97 -9.74
N TYR A 292 24.47 -29.96 -8.88
CA TYR A 292 25.59 -30.87 -9.11
C TYR A 292 25.45 -31.58 -10.46
N HIS A 293 24.22 -32.02 -10.74
CA HIS A 293 23.87 -32.67 -11.99
C HIS A 293 23.96 -31.70 -13.16
N HIS A 294 23.60 -30.41 -12.97
CA HIS A 294 23.75 -29.40 -14.02
C HIS A 294 25.21 -29.16 -14.32
N LEU A 295 26.07 -29.26 -13.28
CA LEU A 295 27.52 -29.08 -13.41
C LEU A 295 28.17 -30.27 -14.11
N HIS A 296 27.69 -31.50 -13.80
CA HIS A 296 28.17 -32.74 -14.44
C HIS A 296 27.86 -32.66 -15.94
N GLU A 297 26.60 -32.27 -16.28
CA GLU A 297 26.08 -32.07 -17.64
C GLU A 297 26.96 -31.07 -18.41
N ALA A 298 27.32 -29.96 -17.74
CA ALA A 298 28.10 -28.87 -18.29
C ALA A 298 29.57 -29.19 -18.58
N TRP A 299 30.19 -30.05 -17.76
CA TRP A 299 31.60 -30.41 -17.94
C TRP A 299 31.84 -31.17 -19.25
N GLY A 300 31.00 -32.17 -19.54
CA GLY A 300 31.04 -32.96 -20.77
C GLY A 300 32.26 -33.82 -20.98
N GLN A 301 33.40 -33.17 -21.30
CA GLN A 301 34.72 -33.80 -21.51
C GLN A 301 35.25 -34.29 -20.14
N HIS A 302 34.62 -35.36 -19.58
CA HIS A 302 34.98 -35.95 -18.29
C HIS A 302 36.11 -36.96 -18.42
N GLU A 303 37.22 -36.70 -17.74
CA GLU A 303 38.34 -37.63 -17.74
C GLU A 303 39.22 -37.14 -16.67
N LYS A 304 40.34 -37.85 -16.52
CA LYS A 304 41.48 -37.49 -15.70
C LYS A 304 41.08 -37.40 -14.23
N GLY A 305 42.06 -36.96 -13.47
CA GLY A 305 41.93 -36.43 -12.14
C GLY A 305 41.85 -34.96 -12.50
N SER A 306 40.81 -34.58 -13.31
CA SER A 306 40.54 -33.21 -13.76
C SER A 306 40.20 -32.32 -12.57
N LEU A 307 40.22 -31.00 -12.78
CA LEU A 307 39.91 -30.05 -11.73
C LEU A 307 38.45 -30.17 -11.28
N PHE A 308 37.55 -30.73 -12.14
CA PHE A 308 36.15 -30.96 -11.82
C PHE A 308 36.08 -31.94 -10.66
N SER A 309 36.80 -33.05 -10.80
CA SER A 309 36.88 -34.12 -9.80
C SER A 309 37.49 -33.59 -8.51
N LEU A 310 38.59 -32.84 -8.66
CA LEU A 310 39.37 -32.25 -7.58
C LEU A 310 38.62 -31.17 -6.81
N VAL A 311 37.67 -30.48 -7.47
CA VAL A 311 36.92 -29.37 -6.87
C VAL A 311 35.46 -29.74 -6.64
N VAL A 312 34.67 -29.82 -7.73
CA VAL A 312 33.24 -30.05 -7.66
C VAL A 312 32.90 -31.47 -7.17
N GLU A 313 33.44 -32.52 -7.81
CA GLU A 313 33.18 -33.92 -7.40
C GLU A 313 33.58 -34.10 -5.93
N ASN A 314 34.75 -33.54 -5.56
CA ASN A 314 35.33 -33.53 -4.21
C ASN A 314 34.37 -32.92 -3.19
N ALA A 315 33.88 -31.69 -3.47
CA ALA A 315 32.95 -30.95 -2.62
C ALA A 315 31.59 -31.63 -2.49
N TRP A 316 31.18 -32.36 -3.54
CA TRP A 316 29.92 -33.10 -3.55
C TRP A 316 29.97 -34.26 -2.56
N GLU A 317 31.11 -34.96 -2.50
CA GLU A 317 31.32 -36.09 -1.60
C GLU A 317 31.40 -35.62 -0.15
N LYS A 318 32.05 -34.47 0.10
CA LYS A 318 32.19 -33.88 1.44
C LYS A 318 30.82 -33.56 2.04
N SER A 319 29.89 -33.01 1.20
CA SER A 319 28.51 -32.64 1.57
C SER A 319 27.67 -33.84 2.03
N ARG A 320 27.82 -35.02 1.38
CA ARG A 320 27.13 -36.24 1.78
C ARG A 320 27.89 -36.84 2.97
N SER A 321 27.24 -36.78 4.18
CA SER A 321 27.71 -37.15 5.53
C SER A 321 28.88 -36.26 6.00
N SER A 327 24.96 -28.21 7.74
CA SER A 327 23.97 -28.36 6.66
C SER A 327 24.65 -28.81 5.38
N THR A 328 23.94 -29.63 4.58
CA THR A 328 24.42 -30.20 3.32
C THR A 328 24.89 -29.11 2.36
N GLU A 329 24.01 -28.12 2.14
CA GLU A 329 24.22 -26.97 1.26
C GLU A 329 25.40 -26.13 1.71
N ASP A 330 25.42 -25.80 3.00
CA ASP A 330 26.48 -25.02 3.65
C ASP A 330 27.80 -25.70 3.36
N GLN A 331 27.96 -26.97 3.82
CA GLN A 331 29.14 -27.80 3.64
C GLN A 331 29.55 -27.87 2.17
N PHE A 332 28.57 -28.09 1.28
CA PHE A 332 28.83 -28.15 -0.14
C PHE A 332 29.52 -26.88 -0.63
N PHE A 333 28.86 -25.71 -0.50
CA PHE A 333 29.38 -24.44 -0.97
C PHE A 333 30.66 -24.05 -0.27
N MSE A 334 30.72 -24.28 1.05
CA MSE A 334 31.86 -24.02 1.93
C MSE A 334 33.09 -24.67 1.35
O MSE A 334 34.06 -23.97 1.06
CB MSE A 334 31.58 -24.54 3.36
CG MSE A 334 32.41 -23.88 4.45
SE MSE A 334 33.28 -25.17 5.65
CE MSE A 334 31.78 -25.64 6.99
N TYR A 335 33.01 -25.99 1.08
CA TYR A 335 34.16 -26.71 0.54
C TYR A 335 34.36 -26.50 -0.95
N LEU A 336 33.29 -26.26 -1.70
CA LEU A 336 33.41 -25.94 -3.13
C LEU A 336 34.26 -24.67 -3.30
N ARG A 337 33.99 -23.63 -2.47
CA ARG A 337 34.70 -22.35 -2.41
C ARG A 337 36.17 -22.62 -2.12
N VAL A 338 36.42 -23.33 -0.99
CA VAL A 338 37.73 -23.77 -0.52
C VAL A 338 38.48 -24.40 -1.70
N ASN A 339 37.96 -25.55 -2.19
CA ASN A 339 38.46 -26.34 -3.32
C ASN A 339 38.94 -25.47 -4.47
N THR A 340 38.07 -24.50 -4.87
CA THR A 340 38.33 -23.58 -5.96
C THR A 340 39.58 -22.72 -5.66
N LEU A 341 39.52 -21.94 -4.58
CA LEU A 341 40.62 -21.06 -4.14
C LEU A 341 41.94 -21.81 -4.00
N ASN A 342 41.87 -22.99 -3.36
CA ASN A 342 42.98 -23.89 -3.10
C ASN A 342 43.72 -24.34 -4.36
N LYS A 343 43.08 -24.19 -5.53
CA LYS A 343 43.71 -24.57 -6.78
C LYS A 343 43.94 -23.37 -7.69
N LEU A 344 42.96 -22.47 -7.71
CA LEU A 344 43.01 -21.28 -8.56
C LEU A 344 43.96 -20.18 -8.07
N VAL A 345 43.93 -19.87 -6.76
CA VAL A 345 44.80 -18.83 -6.16
C VAL A 345 46.28 -19.14 -6.47
N PRO A 346 46.79 -20.37 -6.16
CA PRO A 346 48.19 -20.67 -6.47
C PRO A 346 48.54 -20.40 -7.93
N TYR A 347 47.63 -20.83 -8.85
CA TYR A 347 47.80 -20.65 -10.29
C TYR A 347 48.05 -19.19 -10.65
N ALA A 348 47.09 -18.32 -10.30
CA ALA A 348 47.17 -16.88 -10.57
C ALA A 348 48.36 -16.26 -9.87
N ALA A 349 48.66 -16.70 -8.62
CA ALA A 349 49.83 -16.22 -7.87
C ALA A 349 51.09 -16.50 -8.68
N GLN A 350 51.19 -17.74 -9.26
CA GLN A 350 52.29 -18.16 -10.11
C GLN A 350 52.34 -17.37 -11.38
N ARG A 351 51.22 -17.38 -12.12
CA ARG A 351 51.04 -16.65 -13.37
C ARG A 351 51.58 -15.24 -13.29
N PHE A 352 51.25 -14.53 -12.19
CA PHE A 352 51.68 -13.16 -11.88
C PHE A 352 53.18 -13.08 -11.87
N ILE A 353 53.82 -13.91 -11.03
CA ILE A 353 55.28 -14.02 -10.86
C ILE A 353 55.97 -14.41 -12.19
N ASP A 354 55.43 -15.42 -12.86
CA ASP A 354 55.88 -15.95 -14.16
C ASP A 354 55.94 -14.88 -15.23
N ASN A 355 54.94 -14.01 -15.27
CA ASN A 355 54.79 -12.99 -16.29
C ASN A 355 54.97 -11.60 -15.72
N LEU A 356 55.64 -11.53 -14.56
CA LEU A 356 55.91 -10.29 -13.82
C LEU A 356 56.53 -9.16 -14.64
N PRO A 357 57.53 -9.36 -15.55
CA PRO A 357 58.08 -8.21 -16.31
C PRO A 357 57.01 -7.47 -17.11
N ALA A 358 56.17 -8.22 -17.85
CA ALA A 358 55.09 -7.69 -18.67
C ALA A 358 53.96 -7.08 -17.82
N ILE A 359 53.80 -7.62 -16.61
CA ILE A 359 52.80 -7.19 -15.65
C ILE A 359 53.28 -5.88 -14.98
N PHE A 360 54.59 -5.80 -14.70
CA PHE A 360 55.28 -4.65 -14.10
C PHE A 360 55.21 -3.52 -15.09
N ALA A 361 55.40 -3.86 -16.39
CA ALA A 361 55.27 -2.96 -17.52
C ALA A 361 53.78 -2.55 -17.67
N GLY A 362 52.89 -3.48 -17.35
CA GLY A 362 51.46 -3.30 -17.46
C GLY A 362 51.05 -3.34 -18.91
N THR A 363 51.80 -4.14 -19.69
CA THR A 363 51.64 -4.31 -21.13
C THR A 363 51.07 -5.68 -21.45
N PHE A 364 51.24 -6.66 -20.52
CA PHE A 364 50.77 -8.05 -20.61
C PHE A 364 49.32 -8.14 -21.12
N ASN A 365 49.13 -8.51 -22.40
CA ASN A 365 47.79 -8.51 -23.02
C ASN A 365 46.88 -9.69 -22.60
N HIS A 366 47.05 -10.24 -21.37
CA HIS A 366 46.24 -11.37 -20.88
C HIS A 366 45.84 -11.26 -19.39
N ALA A 367 44.94 -12.16 -18.97
CA ALA A 367 44.39 -12.33 -17.62
C ALA A 367 45.23 -13.36 -16.89
N LEU A 368 45.23 -13.33 -15.55
CA LEU A 368 45.98 -14.29 -14.75
C LEU A 368 45.43 -15.71 -14.99
N LEU A 369 44.08 -15.82 -15.04
CA LEU A 369 43.38 -17.05 -15.35
C LEU A 369 42.96 -16.87 -16.80
N GLU A 370 43.83 -17.26 -17.77
CA GLU A 370 43.55 -17.12 -19.20
C GLU A 370 43.00 -18.38 -19.81
N ASP A 371 42.03 -18.16 -20.69
CA ASP A 371 41.17 -19.04 -21.49
C ASP A 371 41.55 -20.51 -21.55
N ALA A 372 42.80 -20.83 -21.94
CA ALA A 372 43.26 -22.21 -22.07
C ALA A 372 43.41 -22.98 -20.76
N SER A 373 43.72 -22.27 -19.64
CA SER A 373 43.93 -22.88 -18.31
C SER A 373 42.72 -23.64 -17.81
N GLU A 374 42.96 -24.83 -17.25
CA GLU A 374 41.94 -25.67 -16.64
C GLU A 374 41.13 -24.86 -15.62
N CYS A 375 41.80 -23.86 -15.02
CA CYS A 375 41.27 -22.90 -14.06
C CYS A 375 40.17 -22.05 -14.70
N SER A 376 40.49 -21.42 -15.85
CA SER A 376 39.59 -20.58 -16.64
C SER A 376 38.33 -21.38 -17.04
N ASP A 377 38.55 -22.67 -17.36
CA ASP A 377 37.54 -23.64 -17.75
C ASP A 377 36.53 -23.86 -16.63
N LEU A 378 37.05 -24.09 -15.39
CA LEU A 378 36.26 -24.30 -14.17
C LEU A 378 35.31 -23.12 -13.90
N LEU A 379 35.87 -21.92 -14.05
CA LEU A 379 35.15 -20.67 -13.85
C LEU A 379 34.05 -20.57 -14.86
N LYS A 380 34.40 -20.74 -16.15
CA LYS A 380 33.48 -20.73 -17.28
C LYS A 380 32.31 -21.70 -17.03
N LEU A 381 32.62 -22.88 -16.46
CA LEU A 381 31.64 -23.89 -16.09
C LEU A 381 30.59 -23.29 -15.14
N TYR A 382 31.04 -22.64 -14.08
CA TYR A 382 30.17 -21.99 -13.11
C TYR A 382 29.28 -20.97 -13.82
N LYS A 383 29.91 -20.15 -14.66
CA LYS A 383 29.30 -19.08 -15.45
C LYS A 383 28.18 -19.59 -16.33
N ASN A 384 28.46 -20.66 -17.10
CA ASN A 384 27.50 -21.28 -18.01
C ASN A 384 26.25 -21.75 -17.27
N VAL A 385 26.45 -22.44 -16.13
CA VAL A 385 25.38 -22.96 -15.29
C VAL A 385 24.53 -21.79 -14.78
N ALA A 386 25.22 -20.72 -14.30
CA ALA A 386 24.60 -19.50 -13.80
C ALA A 386 23.79 -18.81 -14.90
N VAL A 387 24.35 -18.71 -16.10
CA VAL A 387 23.69 -18.10 -17.25
C VAL A 387 22.40 -18.87 -17.57
N LYS A 388 22.57 -20.16 -17.91
CA LYS A 388 21.50 -21.07 -18.29
C LYS A 388 20.44 -21.32 -17.23
N HIS A 389 20.71 -21.06 -15.94
CA HIS A 389 19.72 -21.38 -14.92
C HIS A 389 19.38 -20.29 -13.96
N VAL A 390 20.38 -19.51 -13.56
CA VAL A 390 20.18 -18.46 -12.57
C VAL A 390 19.85 -17.10 -13.23
N PHE A 391 20.76 -16.55 -14.05
CA PHE A 391 20.59 -15.28 -14.76
C PHE A 391 19.35 -15.23 -15.67
N SER A 392 18.84 -16.41 -16.02
CA SER A 392 17.68 -16.62 -16.88
C SER A 392 16.35 -16.64 -16.10
N HIS A 393 16.40 -16.72 -14.74
CA HIS A 393 15.18 -16.75 -13.95
C HIS A 393 14.31 -15.49 -14.11
N PRO A 394 12.97 -15.65 -14.23
CA PRO A 394 12.08 -14.50 -14.43
C PRO A 394 12.15 -13.36 -13.44
N ASP A 395 12.27 -13.65 -12.12
CA ASP A 395 12.34 -12.61 -11.08
C ASP A 395 13.56 -11.69 -11.25
N VAL A 396 14.67 -12.28 -11.76
CA VAL A 396 15.93 -11.62 -12.10
C VAL A 396 15.60 -10.69 -13.26
N GLU A 397 15.29 -11.29 -14.41
CA GLU A 397 14.94 -10.65 -15.67
C GLU A 397 13.91 -9.53 -15.53
N ARG A 398 12.90 -9.71 -14.63
CA ARG A 398 11.81 -8.77 -14.34
C ARG A 398 12.44 -7.51 -13.86
N LEU A 399 13.27 -7.64 -12.82
CA LEU A 399 14.01 -6.58 -12.15
C LEU A 399 14.99 -5.87 -13.11
N GLU A 400 15.66 -6.65 -13.97
CA GLU A 400 16.60 -6.17 -14.97
C GLU A 400 15.89 -5.18 -15.92
N LEU A 401 14.69 -5.60 -16.42
CA LEU A 401 13.83 -4.81 -17.30
C LEU A 401 13.28 -3.60 -16.58
N GLN A 402 12.88 -3.81 -15.31
CA GLN A 402 12.34 -2.77 -14.44
C GLN A 402 13.35 -1.64 -14.31
N GLY A 403 14.59 -2.03 -13.97
CA GLY A 403 15.72 -1.14 -13.81
C GLY A 403 15.93 -0.21 -14.99
N TYR A 404 15.91 -0.82 -16.19
CA TYR A 404 16.05 -0.14 -17.46
C TYR A 404 15.10 1.04 -17.57
N ARG A 405 13.79 0.79 -17.37
CA ARG A 405 12.72 1.80 -17.43
C ARG A 405 12.91 2.92 -16.39
N VAL A 406 13.25 2.53 -15.16
CA VAL A 406 13.48 3.44 -14.03
C VAL A 406 14.50 4.51 -14.41
N ILE A 407 15.63 4.07 -14.97
CA ILE A 407 16.75 4.93 -15.35
C ILE A 407 16.40 5.77 -16.57
N SER A 408 15.85 5.12 -17.60
CA SER A 408 15.43 5.75 -18.84
C SER A 408 14.44 6.90 -18.53
N GLY A 409 13.42 6.57 -17.71
CA GLY A 409 12.37 7.49 -17.29
C GLY A 409 12.91 8.66 -16.50
N LEU A 410 13.84 8.34 -15.59
CA LEU A 410 14.54 9.31 -14.73
C LEU A 410 15.35 10.29 -15.58
N LEU A 411 16.05 9.75 -16.59
CA LEU A 411 16.85 10.49 -17.54
C LEU A 411 15.97 11.43 -18.31
N GLU A 412 14.76 10.96 -18.67
CA GLU A 412 13.78 11.78 -19.38
C GLU A 412 13.24 12.90 -18.49
N ILE A 413 13.01 12.60 -17.18
CA ILE A 413 12.57 13.60 -16.19
C ILE A 413 13.56 14.80 -16.11
N TYR A 414 14.86 14.50 -16.35
CA TYR A 414 15.93 15.47 -16.29
C TYR A 414 16.33 16.05 -17.64
N ARG A 415 15.70 15.54 -18.76
CA ARG A 415 15.90 16.04 -20.13
C ARG A 415 15.75 17.59 -20.20
N PRO A 416 14.75 18.23 -19.50
CA PRO A 416 14.59 19.69 -19.57
C PRO A 416 15.81 20.52 -19.24
N LEU A 417 16.68 20.02 -18.35
CA LEU A 417 17.90 20.71 -17.93
C LEU A 417 18.91 20.72 -19.07
N LEU A 418 18.93 19.62 -19.81
CA LEU A 418 19.80 19.46 -20.96
C LEU A 418 19.24 20.20 -22.16
N SER A 419 17.90 20.11 -22.36
CA SER A 419 17.17 20.77 -23.45
C SER A 419 17.07 22.23 -23.02
N LEU A 420 18.21 22.96 -23.14
CA LEU A 420 18.40 24.35 -22.71
C LEU A 420 19.63 25.02 -23.38
N SER A 421 19.67 26.36 -23.35
CA SER A 421 20.79 27.13 -23.87
C SER A 421 21.78 27.34 -22.74
N LEU A 422 23.07 27.56 -23.10
CA LEU A 422 24.14 27.82 -22.13
C LEU A 422 23.74 29.05 -21.30
N SER A 423 23.48 30.17 -21.99
CA SER A 423 23.07 31.47 -21.44
C SER A 423 21.98 31.34 -20.37
N ASP A 424 20.99 30.45 -20.64
CA ASP A 424 19.89 30.12 -19.73
C ASP A 424 20.39 29.25 -18.58
N PHE A 425 21.09 28.14 -18.91
CA PHE A 425 21.58 27.18 -17.91
C PHE A 425 22.48 27.84 -16.86
N THR A 426 23.44 28.65 -17.34
CA THR A 426 24.39 29.39 -16.53
C THR A 426 23.61 30.29 -15.61
N GLU A 427 22.61 31.01 -16.15
CA GLU A 427 21.73 31.88 -15.39
C GLU A 427 21.18 31.15 -14.13
N LEU A 428 20.73 29.88 -14.32
CA LEU A 428 20.21 29.00 -13.27
C LEU A 428 21.25 28.62 -12.23
N VAL A 429 22.50 28.55 -12.67
CA VAL A 429 23.59 28.22 -11.78
C VAL A 429 23.85 29.40 -10.82
N GLU A 430 23.83 30.66 -11.31
CA GLU A 430 24.06 31.85 -10.47
C GLU A 430 22.85 32.12 -9.57
N LYS A 431 21.72 32.53 -10.16
CA LYS A 431 20.50 32.78 -9.39
C LYS A 431 19.87 31.41 -9.15
N GLU A 432 19.58 31.08 -7.89
CA GLU A 432 18.94 29.80 -7.56
C GLU A 432 17.47 29.78 -7.98
N ARG A 433 16.85 30.96 -7.93
CA ARG A 433 15.47 31.21 -8.33
C ARG A 433 15.42 31.94 -9.67
N VAL A 434 14.96 31.21 -10.70
CA VAL A 434 14.79 31.77 -12.03
C VAL A 434 13.31 31.74 -12.41
N LYS A 435 12.83 32.94 -12.75
CA LYS A 435 11.50 33.34 -13.17
C LYS A 435 10.84 32.32 -14.12
N ARG A 436 11.23 32.39 -15.40
CA ARG A 436 10.75 31.65 -16.57
C ARG A 436 10.98 30.14 -16.55
N PHE A 437 12.01 29.66 -15.81
CA PHE A 437 12.31 28.22 -15.75
C PHE A 437 12.12 27.71 -14.33
N PRO A 438 10.87 27.43 -13.91
CA PRO A 438 10.65 27.02 -12.51
C PRO A 438 10.80 25.51 -12.29
N ILE A 439 10.45 24.72 -13.30
CA ILE A 439 10.53 23.29 -13.27
C ILE A 439 11.98 22.93 -13.23
N GLU A 440 12.75 23.56 -14.13
CA GLU A 440 14.19 23.40 -14.32
C GLU A 440 14.93 23.77 -13.04
N SER A 441 14.46 24.85 -12.37
CA SER A 441 14.96 25.33 -11.09
C SER A 441 14.91 24.20 -10.08
N ARG A 442 13.69 23.78 -9.75
CA ARG A 442 13.37 22.72 -8.81
C ARG A 442 14.09 21.40 -9.13
N LEU A 443 14.20 21.08 -10.44
CA LEU A 443 14.90 19.90 -10.96
C LEU A 443 16.42 19.97 -10.72
N PHE A 444 16.97 21.18 -10.84
CA PHE A 444 18.37 21.43 -10.60
C PHE A 444 18.68 21.36 -9.11
N HIS A 445 17.69 21.70 -8.28
CA HIS A 445 17.83 21.63 -6.82
C HIS A 445 17.90 20.17 -6.35
N LYS A 446 17.19 19.29 -7.08
CA LYS A 446 17.13 17.86 -6.84
C LYS A 446 18.49 17.19 -6.93
N LEU A 447 19.39 17.79 -7.72
CA LEU A 447 20.76 17.31 -7.96
C LEU A 447 21.61 17.43 -6.75
N SER A 448 22.46 16.42 -6.50
CA SER A 448 23.27 16.39 -5.28
C SER A 448 24.44 17.35 -5.34
N THR A 449 24.49 18.16 -4.28
CA THR A 449 25.41 19.22 -3.92
C THR A 449 26.89 18.93 -4.30
N ARG A 450 27.31 17.65 -4.27
CA ARG A 450 28.68 17.27 -4.64
C ARG A 450 28.91 17.30 -6.14
N HIS A 451 28.01 16.66 -6.93
CA HIS A 451 28.09 16.61 -8.40
C HIS A 451 27.84 18.01 -8.96
N ARG A 452 27.02 18.80 -8.23
CA ARG A 452 26.70 20.17 -8.58
C ARG A 452 27.97 21.00 -8.47
N LEU A 453 28.63 20.93 -7.31
CA LEU A 453 29.89 21.58 -6.98
C LEU A 453 30.94 21.27 -8.06
N ALA A 454 31.12 19.95 -8.36
CA ALA A 454 32.08 19.42 -9.33
C ALA A 454 31.92 20.03 -10.70
N TYR A 455 30.65 20.21 -11.14
CA TYR A 455 30.30 20.79 -12.43
C TYR A 455 30.87 22.21 -12.52
N VAL A 456 30.50 23.04 -11.55
CA VAL A 456 30.90 24.46 -11.43
C VAL A 456 32.41 24.60 -11.48
N GLU A 457 33.11 23.76 -10.71
CA GLU A 457 34.56 23.72 -10.62
C GLU A 457 35.23 23.45 -11.98
N ALA A 458 34.73 22.44 -12.69
CA ALA A 458 35.27 22.06 -13.99
C ALA A 458 35.04 23.19 -14.99
N VAL A 459 33.90 23.89 -14.84
CA VAL A 459 33.45 24.99 -15.68
C VAL A 459 34.29 26.25 -15.43
N SER A 460 34.52 26.58 -14.15
CA SER A 460 35.31 27.75 -13.73
C SER A 460 36.80 27.64 -14.15
N LYS A 461 37.29 26.40 -14.40
CA LYS A 461 38.65 26.11 -14.84
C LYS A 461 38.86 26.34 -16.34
N LEU A 462 37.75 26.46 -17.10
CA LEU A 462 37.77 26.66 -18.54
C LEU A 462 37.95 28.14 -18.91
N PRO A 463 38.55 28.47 -20.08
CA PRO A 463 38.66 29.89 -20.47
C PRO A 463 37.38 30.36 -21.16
N SER A 464 36.74 31.42 -20.58
CA SER A 464 35.47 32.05 -21.03
C SER A 464 35.45 32.36 -22.56
N ASP A 465 36.57 32.92 -23.03
CA ASP A 465 36.90 33.32 -24.39
C ASP A 465 36.92 32.16 -25.40
N SER A 466 37.37 30.95 -24.98
CA SER A 466 37.53 29.75 -25.79
C SER A 466 36.32 29.35 -26.64
N PRO A 467 36.55 28.94 -27.91
CA PRO A 467 35.41 28.53 -28.76
C PRO A 467 34.88 27.17 -28.36
N GLU A 468 35.72 26.39 -27.67
CA GLU A 468 35.41 25.06 -27.18
C GLU A 468 34.63 25.13 -25.90
N PHE A 469 34.73 26.25 -25.18
CA PHE A 469 34.03 26.51 -23.92
C PHE A 469 32.56 26.05 -23.92
N PRO A 470 31.69 26.44 -24.88
CA PRO A 470 30.29 25.95 -24.84
C PRO A 470 30.11 24.44 -24.93
N LEU A 471 31.00 23.78 -25.69
CA LEU A 471 31.03 22.32 -25.90
C LEU A 471 31.38 21.62 -24.59
N TRP A 472 32.39 22.16 -23.91
CA TRP A 472 32.84 21.69 -22.63
C TRP A 472 31.72 21.76 -21.60
N GLU A 473 31.04 22.93 -21.52
CA GLU A 473 29.92 23.19 -20.63
C GLU A 473 28.93 22.06 -20.78
N TYR A 474 28.54 21.75 -22.04
CA TYR A 474 27.58 20.69 -22.28
C TYR A 474 28.12 19.34 -21.85
N TYR A 475 29.36 18.99 -22.26
CA TYR A 475 30.00 17.74 -21.84
C TYR A 475 29.84 17.57 -20.33
N TYR A 476 30.23 18.62 -19.56
CA TYR A 476 30.15 18.68 -18.11
C TYR A 476 28.75 18.60 -17.58
N ARG A 477 27.80 19.29 -18.26
CA ARG A 477 26.37 19.33 -17.92
C ARG A 477 25.82 17.89 -17.87
N CYS A 478 26.17 17.11 -18.93
CA CYS A 478 25.75 15.73 -19.08
C CYS A 478 26.41 14.88 -18.05
N ARG A 479 27.72 15.11 -17.84
CA ARG A 479 28.51 14.41 -16.83
C ARG A 479 27.80 14.58 -15.50
N LEU A 480 27.50 15.83 -15.12
CA LEU A 480 26.80 16.21 -13.89
C LEU A 480 25.54 15.36 -13.68
N LEU A 481 24.66 15.29 -14.72
CA LEU A 481 23.43 14.48 -14.71
C LEU A 481 23.74 12.99 -14.49
N GLN A 482 24.71 12.49 -15.27
CA GLN A 482 25.19 11.11 -15.23
C GLN A 482 25.65 10.73 -13.82
N ASP A 483 26.39 11.66 -13.16
CA ASP A 483 26.93 11.49 -11.82
C ASP A 483 25.82 11.29 -10.83
N TYR A 484 24.76 12.12 -10.92
CA TYR A 484 23.60 12.08 -10.03
C TYR A 484 22.98 10.70 -10.01
N ILE A 485 22.56 10.25 -11.19
CA ILE A 485 21.95 8.98 -11.49
C ILE A 485 22.84 7.79 -11.02
N SER A 486 24.08 7.69 -11.58
CA SER A 486 25.04 6.61 -11.28
C SER A 486 25.32 6.49 -9.79
N GLY A 487 25.29 7.64 -9.13
CA GLY A 487 25.51 7.77 -7.70
C GLY A 487 24.44 7.12 -6.85
N MSE A 488 23.16 7.07 -7.37
CA MSE A 488 22.00 6.49 -6.69
C MSE A 488 22.10 4.98 -6.46
O MSE A 488 22.80 4.27 -7.19
CB MSE A 488 20.73 6.75 -7.47
CG MSE A 488 20.32 8.20 -7.55
SE MSE A 488 19.00 8.43 -8.99
CE MSE A 488 17.79 9.52 -8.05
N THR A 489 21.36 4.51 -5.45
CA THR A 489 21.21 3.09 -5.12
C THR A 489 20.01 2.63 -5.95
N ASP A 490 19.82 1.31 -6.12
CA ASP A 490 18.69 0.71 -6.84
C ASP A 490 17.38 1.24 -6.27
N LEU A 491 17.32 1.30 -4.93
CA LEU A 491 16.19 1.77 -4.17
C LEU A 491 15.90 3.25 -4.35
N TYR A 492 16.90 4.11 -4.14
CA TYR A 492 16.73 5.56 -4.29
C TYR A 492 16.27 5.97 -5.70
N ALA A 493 16.88 5.38 -6.73
CA ALA A 493 16.55 5.60 -8.13
C ALA A 493 15.10 5.19 -8.42
N TRP A 494 14.65 4.05 -7.86
CA TRP A 494 13.28 3.55 -8.03
C TRP A 494 12.31 4.42 -7.27
N ASP A 495 12.65 4.76 -6.04
CA ASP A 495 11.84 5.61 -5.17
C ASP A 495 11.60 6.95 -5.83
N GLU A 496 12.67 7.58 -6.33
CA GLU A 496 12.65 8.86 -7.02
C GLU A 496 11.83 8.80 -8.27
N TYR A 497 11.96 7.71 -9.04
CA TYR A 497 11.21 7.49 -10.28
C TYR A 497 9.72 7.60 -10.02
N ARG A 498 9.23 6.86 -8.99
CA ARG A 498 7.84 6.86 -8.55
C ARG A 498 7.42 8.25 -8.04
N ARG A 499 8.25 8.86 -7.17
CA ARG A 499 8.02 10.18 -6.58
C ARG A 499 7.85 11.23 -7.67
N LEU A 500 8.73 11.22 -8.68
CA LEU A 500 8.73 12.16 -9.80
C LEU A 500 7.72 11.79 -10.88
N MSE A 501 7.16 10.57 -10.80
CA MSE A 501 6.11 10.16 -11.71
C MSE A 501 4.77 10.40 -11.05
O MSE A 501 3.75 10.33 -11.71
CB MSE A 501 6.29 8.70 -12.14
CG MSE A 501 7.30 8.52 -13.28
SE MSE A 501 7.27 9.92 -14.70
CE MSE A 501 8.52 9.03 -15.98
N ALA A 502 4.81 10.77 -9.74
CA ALA A 502 3.72 11.10 -8.82
C ALA A 502 2.78 9.91 -8.55
N VAL A 503 3.28 8.94 -7.74
CA VAL A 503 2.55 7.72 -7.34
C VAL A 503 2.75 7.43 -5.81
N GLU A 504 3.28 8.42 -5.04
CA GLU A 504 3.53 8.32 -3.60
C GLU A 504 2.80 9.44 -2.81
N GLN B 3 -31.99 -33.71 -46.87
CA GLN B 3 -32.50 -34.66 -45.87
C GLN B 3 -31.82 -34.50 -44.50
N ILE B 4 -32.62 -34.49 -43.39
CA ILE B 4 -32.15 -34.30 -42.01
C ILE B 4 -31.74 -35.63 -41.31
N ASP B 5 -30.41 -35.82 -41.14
CA ASP B 5 -29.79 -36.94 -40.44
C ASP B 5 -28.63 -36.44 -39.57
N PHE B 6 -28.86 -36.47 -38.25
CA PHE B 6 -27.90 -36.02 -37.26
C PHE B 6 -26.73 -36.93 -37.06
N ARG B 7 -26.81 -38.18 -37.54
CA ARG B 7 -25.69 -39.11 -37.51
C ARG B 7 -24.51 -38.42 -38.25
N LYS B 8 -24.84 -37.77 -39.39
CA LYS B 8 -23.95 -37.02 -40.29
C LYS B 8 -23.42 -35.68 -39.70
N LYS B 9 -24.12 -35.12 -38.71
CA LYS B 9 -23.72 -33.87 -38.07
C LYS B 9 -22.97 -34.08 -36.75
N ILE B 10 -23.34 -35.11 -35.98
CA ILE B 10 -22.72 -35.44 -34.69
C ILE B 10 -21.46 -36.30 -34.94
N ASN B 11 -20.40 -35.65 -35.45
CA ASN B 11 -19.12 -36.25 -35.76
C ASN B 11 -18.28 -36.47 -34.50
N TRP B 12 -18.18 -37.74 -34.09
CA TRP B 12 -17.43 -38.18 -32.91
C TRP B 12 -15.93 -38.40 -33.18
N HIS B 13 -15.48 -38.19 -34.43
CA HIS B 13 -14.06 -38.32 -34.81
C HIS B 13 -13.29 -37.09 -34.36
N ARG B 14 -11.95 -37.19 -34.31
CA ARG B 14 -11.08 -36.08 -33.90
C ARG B 14 -10.12 -35.63 -35.03
N ARG B 15 -9.29 -34.59 -34.81
CA ARG B 15 -8.37 -34.15 -35.85
C ARG B 15 -7.13 -35.05 -35.87
N TYR B 16 -6.45 -35.12 -34.72
CA TYR B 16 -5.27 -35.92 -34.53
C TYR B 16 -5.69 -37.12 -33.67
N ARG B 17 -4.93 -38.26 -33.73
CA ARG B 17 -5.16 -39.54 -33.02
C ARG B 17 -6.67 -39.96 -33.00
N SER B 18 -7.41 -39.54 -34.05
CA SER B 18 -8.84 -39.76 -34.25
C SER B 18 -9.32 -41.20 -34.14
N PRO B 19 -10.47 -41.45 -33.48
CA PRO B 19 -10.99 -42.84 -33.45
C PRO B 19 -11.76 -43.13 -34.74
N GLN B 20 -11.84 -44.40 -35.16
CA GLN B 20 -12.57 -44.79 -36.36
C GLN B 20 -13.11 -46.22 -36.25
N GLY B 21 -14.22 -46.46 -36.95
CA GLY B 21 -14.84 -47.77 -37.07
C GLY B 21 -15.95 -48.09 -36.10
N VAL B 22 -17.20 -48.04 -36.61
CA VAL B 22 -18.48 -48.41 -35.99
C VAL B 22 -18.75 -47.62 -34.66
N LYS B 23 -18.43 -48.23 -33.46
CA LYS B 23 -18.66 -47.72 -32.09
C LYS B 23 -20.17 -47.71 -31.68
N THR B 24 -20.48 -48.27 -30.50
CA THR B 24 -21.84 -48.33 -29.96
C THR B 24 -22.29 -47.01 -29.41
N GLU B 25 -23.61 -46.88 -29.18
CA GLU B 25 -24.29 -45.75 -28.57
C GLU B 25 -23.45 -45.32 -27.37
N HIS B 26 -23.09 -46.31 -26.50
CA HIS B 26 -22.28 -46.16 -25.30
C HIS B 26 -20.87 -45.65 -25.62
N GLU B 27 -20.18 -46.29 -26.58
CA GLU B 27 -18.83 -45.92 -27.00
C GLU B 27 -18.78 -44.45 -27.42
N ILE B 28 -19.81 -44.04 -28.19
CA ILE B 28 -20.00 -42.69 -28.73
C ILE B 28 -20.23 -41.68 -27.58
N LEU B 29 -21.12 -42.03 -26.64
CA LEU B 29 -21.43 -41.25 -25.43
C LEU B 29 -20.13 -40.96 -24.68
N ARG B 30 -19.27 -41.99 -24.55
CA ARG B 30 -17.99 -41.95 -23.86
C ARG B 30 -17.03 -40.96 -24.49
N ILE B 31 -17.02 -40.87 -25.84
CA ILE B 31 -16.17 -39.92 -26.58
C ILE B 31 -16.63 -38.49 -26.26
N PHE B 32 -17.96 -38.28 -26.26
CA PHE B 32 -18.55 -36.99 -25.95
C PHE B 32 -18.38 -36.62 -24.49
N GLU B 33 -18.39 -37.64 -23.61
CA GLU B 33 -18.16 -37.49 -22.18
C GLU B 33 -16.70 -37.20 -21.92
N SER B 34 -15.80 -37.72 -22.79
CA SER B 34 -14.36 -37.50 -22.73
C SER B 34 -14.08 -36.01 -22.94
N ASP B 35 -14.73 -35.44 -23.96
CA ASP B 35 -14.68 -34.04 -24.34
C ASP B 35 -15.02 -33.13 -23.15
N ARG B 36 -16.08 -33.50 -22.39
CA ARG B 36 -16.53 -32.75 -21.20
C ARG B 36 -15.37 -32.60 -20.21
N GLY B 37 -14.77 -33.73 -19.83
CA GLY B 37 -13.62 -33.82 -18.92
C GLY B 37 -12.46 -32.97 -19.36
N ARG B 38 -12.18 -32.98 -20.69
CA ARG B 38 -11.14 -32.19 -21.35
C ARG B 38 -11.38 -30.68 -21.08
N ILE B 39 -12.59 -30.20 -21.42
CA ILE B 39 -13.08 -28.82 -21.25
C ILE B 39 -13.03 -28.39 -19.76
N ILE B 40 -13.74 -29.13 -18.89
CA ILE B 40 -13.87 -28.86 -17.45
C ILE B 40 -12.49 -28.81 -16.72
N ASN B 41 -11.50 -29.60 -17.16
CA ASN B 41 -10.19 -29.59 -16.52
C ASN B 41 -9.23 -28.58 -17.14
N SER B 42 -9.64 -27.94 -18.23
CA SER B 42 -8.83 -26.95 -18.92
C SER B 42 -8.55 -25.72 -18.06
N PRO B 43 -7.28 -25.22 -18.07
CA PRO B 43 -6.97 -23.97 -17.33
C PRO B 43 -7.69 -22.79 -17.98
N ALA B 44 -7.85 -22.82 -19.33
CA ALA B 44 -8.55 -21.81 -20.13
C ALA B 44 -10.00 -21.60 -19.62
N ILE B 45 -10.59 -22.66 -19.05
CA ILE B 45 -11.92 -22.62 -18.45
C ILE B 45 -11.84 -22.05 -17.01
N ARG B 46 -10.71 -22.28 -16.30
CA ARG B 46 -10.49 -21.79 -14.94
C ARG B 46 -10.27 -20.28 -14.92
N ARG B 47 -9.55 -19.76 -15.95
CA ARG B 47 -9.22 -18.35 -16.17
C ARG B 47 -10.42 -17.40 -16.06
N LEU B 48 -11.60 -17.92 -16.42
CA LEU B 48 -12.88 -17.24 -16.46
C LEU B 48 -13.39 -16.76 -15.08
N GLN B 49 -12.93 -17.40 -13.98
CA GLN B 49 -13.30 -16.94 -12.64
C GLN B 49 -12.55 -15.64 -12.29
N GLN B 50 -11.55 -15.27 -13.11
CA GLN B 50 -10.76 -14.05 -12.95
C GLN B 50 -10.90 -13.07 -14.13
N LYS B 51 -11.88 -13.34 -15.02
CA LYS B 51 -12.23 -12.44 -16.12
C LYS B 51 -13.55 -11.77 -15.76
N THR B 52 -13.57 -10.43 -15.77
CA THR B 52 -14.69 -9.58 -15.36
C THR B 52 -15.90 -9.74 -16.32
N GLN B 53 -17.08 -9.76 -15.71
CA GLN B 53 -18.38 -9.82 -16.36
C GLN B 53 -19.14 -8.63 -15.81
N VAL B 54 -19.21 -7.56 -16.63
CA VAL B 54 -19.88 -6.26 -16.36
C VAL B 54 -19.21 -5.48 -15.20
N PHE B 55 -19.37 -5.97 -13.96
CA PHE B 55 -18.89 -5.36 -12.72
C PHE B 55 -17.45 -5.71 -12.35
N PRO B 56 -16.71 -4.79 -11.66
CA PRO B 56 -15.33 -5.11 -11.23
C PRO B 56 -15.31 -6.20 -10.16
N LEU B 57 -14.24 -7.02 -10.15
CA LEU B 57 -14.00 -8.20 -9.30
C LEU B 57 -14.68 -8.20 -7.88
N GLU B 58 -14.61 -7.07 -7.13
CA GLU B 58 -15.09 -6.82 -5.76
C GLU B 58 -14.63 -7.87 -4.74
N ARG B 59 -14.34 -7.41 -3.52
CA ARG B 59 -13.87 -8.19 -2.35
C ARG B 59 -14.86 -9.33 -1.89
N ASN B 60 -16.08 -9.36 -2.48
CA ASN B 60 -17.07 -10.40 -2.23
C ASN B 60 -17.62 -10.89 -3.58
N ALA B 61 -17.48 -12.21 -3.83
CA ALA B 61 -17.90 -12.92 -5.05
C ALA B 61 -19.42 -12.94 -5.31
N ALA B 62 -20.18 -12.03 -4.65
CA ALA B 62 -21.63 -11.86 -4.78
C ALA B 62 -22.01 -11.57 -6.23
N VAL B 63 -21.07 -10.94 -6.96
CA VAL B 63 -21.16 -10.58 -8.37
C VAL B 63 -20.70 -11.75 -9.27
N ARG B 64 -21.31 -11.85 -10.46
CA ARG B 64 -20.97 -12.88 -11.43
C ARG B 64 -19.68 -12.54 -12.15
N THR B 65 -18.88 -13.57 -12.40
CA THR B 65 -17.65 -13.52 -13.19
C THR B 65 -18.01 -14.17 -14.53
N ARG B 66 -17.08 -14.13 -15.48
CA ARG B 66 -17.29 -14.75 -16.78
C ARG B 66 -17.64 -16.24 -16.64
N LEU B 67 -17.01 -16.94 -15.66
CA LEU B 67 -17.27 -18.35 -15.37
C LEU B 67 -18.68 -18.63 -14.86
N THR B 68 -19.03 -17.97 -13.76
CA THR B 68 -20.34 -18.13 -13.08
C THR B 68 -21.48 -17.79 -14.03
N HIS B 69 -21.21 -16.96 -15.04
CA HIS B 69 -22.23 -16.57 -16.05
C HIS B 69 -22.35 -17.70 -17.06
N SER B 70 -21.20 -18.20 -17.51
CA SER B 70 -21.15 -19.28 -18.51
C SER B 70 -21.81 -20.59 -18.02
N MSE B 71 -21.79 -20.84 -16.69
CA MSE B 71 -22.43 -21.98 -16.04
C MSE B 71 -23.92 -21.80 -16.12
O MSE B 71 -24.66 -22.77 -16.34
CB MSE B 71 -22.02 -22.05 -14.58
CG MSE B 71 -20.60 -22.50 -14.38
SE MSE B 71 -20.04 -22.49 -12.53
CE MSE B 71 -21.49 -23.54 -11.78
N GLU B 72 -24.36 -20.54 -15.90
CA GLU B 72 -25.75 -20.14 -15.99
C GLU B 72 -26.23 -20.34 -17.43
N VAL B 73 -25.45 -19.84 -18.41
CA VAL B 73 -25.74 -19.98 -19.85
C VAL B 73 -25.96 -21.48 -20.20
N GLN B 74 -25.00 -22.34 -19.76
CA GLN B 74 -24.97 -23.78 -19.97
C GLN B 74 -26.25 -24.48 -19.48
N GLN B 75 -26.79 -24.09 -18.31
CA GLN B 75 -28.03 -24.68 -17.79
C GLN B 75 -29.23 -24.28 -18.64
N VAL B 76 -29.19 -23.06 -19.22
CA VAL B 76 -30.23 -22.55 -20.12
C VAL B 76 -30.18 -23.41 -21.39
N GLY B 77 -28.98 -23.53 -21.96
CA GLY B 77 -28.68 -24.33 -23.15
C GLY B 77 -29.18 -25.76 -23.01
N ARG B 78 -28.92 -26.36 -21.80
CA ARG B 78 -29.34 -27.71 -21.40
C ARG B 78 -30.86 -27.81 -21.60
N TYR B 79 -31.62 -26.88 -20.97
CA TYR B 79 -33.07 -26.80 -21.04
C TYR B 79 -33.57 -26.72 -22.49
N ILE B 80 -33.02 -25.79 -23.31
CA ILE B 80 -33.42 -25.67 -24.71
C ILE B 80 -33.21 -26.97 -25.47
N ALA B 81 -31.98 -27.52 -25.42
CA ALA B 81 -31.64 -28.78 -26.08
C ALA B 81 -32.64 -29.87 -25.65
N LYS B 82 -32.78 -30.10 -24.31
CA LYS B 82 -33.70 -31.06 -23.69
C LYS B 82 -35.15 -30.88 -24.18
N GLU B 83 -35.57 -29.60 -24.36
CA GLU B 83 -36.88 -29.22 -24.86
C GLU B 83 -37.07 -29.63 -26.33
N ILE B 84 -36.10 -29.28 -27.21
CA ILE B 84 -36.09 -29.67 -28.63
C ILE B 84 -36.30 -31.20 -28.73
N LEU B 85 -35.50 -31.98 -27.96
CA LEU B 85 -35.53 -33.44 -27.88
C LEU B 85 -36.90 -34.01 -27.49
N SER B 86 -37.46 -33.58 -26.33
CA SER B 86 -38.76 -34.01 -25.78
C SER B 86 -39.94 -33.79 -26.75
N ARG B 87 -39.96 -32.60 -27.38
CA ARG B 87 -40.93 -32.14 -28.39
C ARG B 87 -40.87 -33.10 -29.59
N LEU B 88 -39.64 -33.41 -30.05
CA LEU B 88 -39.33 -34.28 -31.17
C LEU B 88 -39.67 -35.72 -30.94
N LYS B 89 -39.55 -36.19 -29.67
CA LYS B 89 -39.91 -37.55 -29.26
C LYS B 89 -41.44 -37.66 -29.29
N GLU B 90 -42.13 -36.55 -28.96
CA GLU B 90 -43.58 -36.43 -29.01
C GLU B 90 -44.05 -36.36 -30.49
N LEU B 91 -43.17 -35.89 -31.38
CA LEU B 91 -43.44 -35.84 -32.81
C LEU B 91 -42.97 -37.12 -33.49
N LYS B 92 -42.23 -37.97 -32.73
CA LYS B 92 -41.65 -39.29 -33.05
C LYS B 92 -40.50 -39.22 -34.09
N LEU B 93 -40.18 -37.99 -34.55
CA LEU B 93 -39.16 -37.62 -35.54
C LEU B 93 -37.72 -37.83 -35.09
N LEU B 94 -37.53 -38.24 -33.82
CA LEU B 94 -36.24 -38.49 -33.20
C LEU B 94 -35.41 -39.56 -33.95
N GLU B 95 -36.00 -40.74 -34.18
CA GLU B 95 -35.37 -41.83 -34.91
C GLU B 95 -35.19 -41.40 -36.37
N ALA B 96 -36.21 -40.71 -36.91
CA ALA B 96 -36.30 -40.17 -38.27
C ALA B 96 -35.19 -39.16 -38.60
N TYR B 97 -34.71 -38.39 -37.61
CA TYR B 97 -33.65 -37.43 -37.82
C TYR B 97 -32.28 -37.93 -37.36
N GLY B 98 -32.17 -39.24 -37.12
CA GLY B 98 -30.95 -39.91 -36.67
C GLY B 98 -30.45 -39.45 -35.32
N LEU B 99 -31.38 -39.31 -34.35
CA LEU B 99 -31.11 -38.80 -33.00
C LEU B 99 -31.36 -39.77 -31.86
N ASP B 100 -32.25 -40.74 -32.06
CA ASP B 100 -32.63 -41.79 -31.11
C ASP B 100 -31.46 -42.36 -30.28
N GLU B 101 -30.25 -42.35 -30.86
CA GLU B 101 -29.03 -42.86 -30.24
C GLU B 101 -27.99 -41.78 -29.88
N LEU B 102 -28.20 -40.54 -30.35
CA LEU B 102 -27.29 -39.42 -30.07
C LEU B 102 -27.90 -38.37 -29.12
N THR B 103 -28.89 -38.79 -28.32
CA THR B 103 -29.66 -37.98 -27.38
C THR B 103 -28.77 -37.22 -26.40
N GLY B 104 -28.08 -37.98 -25.54
CA GLY B 104 -27.12 -37.47 -24.58
C GLY B 104 -26.07 -36.61 -25.25
N PRO B 105 -25.32 -37.14 -26.27
CA PRO B 105 -24.29 -36.32 -26.97
C PRO B 105 -24.77 -34.92 -27.34
N PHE B 106 -25.87 -34.83 -28.11
CA PHE B 106 -26.54 -33.62 -28.55
C PHE B 106 -26.52 -32.58 -27.42
N GLU B 107 -27.15 -32.95 -26.29
CA GLU B 107 -27.30 -32.20 -25.07
C GLU B 107 -25.94 -31.73 -24.48
N SER B 108 -24.99 -32.68 -24.26
CA SER B 108 -23.62 -32.43 -23.76
C SER B 108 -22.90 -31.37 -24.60
N ILE B 109 -22.95 -31.52 -25.96
CA ILE B 109 -22.34 -30.60 -26.94
C ILE B 109 -22.84 -29.19 -26.67
N VAL B 110 -24.16 -29.01 -26.50
CA VAL B 110 -24.80 -27.72 -26.21
C VAL B 110 -24.14 -27.12 -24.96
N GLU B 111 -24.29 -27.81 -23.78
CA GLU B 111 -23.72 -27.48 -22.47
C GLU B 111 -22.23 -27.07 -22.57
N MSE B 112 -21.44 -27.89 -23.29
CA MSE B 112 -20.00 -27.70 -23.45
C MSE B 112 -19.63 -26.53 -24.32
O MSE B 112 -18.59 -25.91 -24.07
CB MSE B 112 -19.32 -28.97 -23.93
CG MSE B 112 -19.22 -30.04 -22.84
SE MSE B 112 -18.53 -29.43 -21.09
CE MSE B 112 -20.23 -28.96 -20.20
N SER B 113 -20.48 -26.20 -25.30
CA SER B 113 -20.31 -25.06 -26.19
C SER B 113 -20.72 -23.80 -25.45
N CYS B 114 -21.79 -23.92 -24.63
CA CYS B 114 -22.32 -22.89 -23.76
C CYS B 114 -21.22 -22.45 -22.83
N LEU B 115 -20.60 -23.43 -22.17
CA LEU B 115 -19.48 -23.25 -21.26
C LEU B 115 -18.34 -22.49 -21.95
N MSE B 116 -17.97 -22.95 -23.14
CA MSE B 116 -16.88 -22.40 -23.92
C MSE B 116 -17.21 -21.12 -24.69
O MSE B 116 -16.32 -20.62 -25.38
CB MSE B 116 -16.34 -23.46 -24.83
CG MSE B 116 -15.63 -24.53 -24.08
SE MSE B 116 -14.70 -25.61 -25.32
CE MSE B 116 -13.19 -25.83 -24.29
N HIS B 117 -18.41 -20.54 -24.56
CA HIS B 117 -18.64 -19.23 -25.17
C HIS B 117 -17.82 -18.26 -24.28
N ASP B 118 -17.27 -17.16 -24.86
CA ASP B 118 -16.38 -16.20 -24.14
C ASP B 118 -15.01 -16.82 -23.78
N ILE B 119 -14.78 -18.14 -24.01
CA ILE B 119 -13.50 -18.79 -23.66
C ILE B 119 -12.30 -18.10 -24.35
N GLY B 120 -12.52 -17.66 -25.59
CA GLY B 120 -11.51 -16.98 -26.39
C GLY B 120 -11.49 -15.47 -26.23
N ASN B 121 -12.29 -14.93 -25.29
CA ASN B 121 -12.36 -13.50 -25.03
C ASN B 121 -11.09 -12.96 -24.34
N PRO B 122 -10.65 -11.70 -24.65
CA PRO B 122 -9.42 -11.18 -24.05
C PRO B 122 -9.62 -10.74 -22.59
N PRO B 123 -8.59 -10.22 -21.88
CA PRO B 123 -8.82 -9.82 -20.49
C PRO B 123 -10.00 -8.86 -20.31
N PHE B 124 -9.93 -7.67 -20.93
CA PHE B 124 -10.97 -6.68 -20.72
C PHE B 124 -12.09 -6.70 -21.76
N GLY B 125 -12.42 -7.91 -22.24
CA GLY B 125 -13.50 -8.20 -23.18
C GLY B 125 -14.33 -7.02 -23.67
N HIS B 126 -14.44 -6.95 -24.96
CA HIS B 126 -14.90 -5.97 -25.94
C HIS B 126 -13.94 -4.78 -25.96
N PHE B 127 -13.54 -4.27 -24.78
CA PHE B 127 -12.57 -3.17 -24.65
C PHE B 127 -11.17 -3.61 -24.95
N GLY B 128 -10.89 -4.87 -24.63
CA GLY B 128 -9.61 -5.51 -24.91
C GLY B 128 -9.46 -5.60 -26.41
N GLU B 129 -10.51 -6.13 -27.09
CA GLU B 129 -10.62 -6.27 -28.54
C GLU B 129 -10.24 -4.95 -29.19
N ALA B 130 -10.88 -3.84 -28.74
CA ALA B 130 -10.65 -2.48 -29.18
C ALA B 130 -9.17 -2.12 -29.08
N ALA B 131 -8.61 -2.09 -27.85
CA ALA B 131 -7.22 -1.76 -27.57
C ALA B 131 -6.22 -2.57 -28.41
N ILE B 132 -6.58 -3.83 -28.77
CA ILE B 132 -5.75 -4.72 -29.59
C ILE B 132 -5.80 -4.26 -31.03
N ASN B 133 -7.02 -4.25 -31.59
CA ASN B 133 -7.34 -3.88 -32.97
C ASN B 133 -6.85 -2.49 -33.30
N ASP B 134 -6.97 -1.56 -32.34
CA ASP B 134 -6.56 -0.17 -32.47
C ASP B 134 -5.07 -0.06 -32.53
N TRP B 135 -4.37 -0.76 -31.60
CA TRP B 135 -2.91 -0.79 -31.54
C TRP B 135 -2.32 -1.36 -32.83
N PHE B 136 -2.98 -2.37 -33.40
CA PHE B 136 -2.55 -2.95 -34.65
C PHE B 136 -2.85 -2.06 -35.83
N ARG B 137 -4.04 -1.42 -35.82
CA ARG B 137 -4.46 -0.50 -36.88
C ARG B 137 -3.51 0.67 -37.08
N GLN B 138 -3.03 1.31 -35.98
CA GLN B 138 -2.07 2.44 -36.07
C GLN B 138 -0.71 2.00 -36.62
N ARG B 139 -0.43 0.69 -36.56
CA ARG B 139 0.81 0.05 -36.99
C ARG B 139 0.68 -0.63 -38.36
N LEU B 140 -0.56 -0.90 -38.84
CA LEU B 140 -0.76 -1.60 -40.12
C LEU B 140 -1.60 -0.84 -41.13
N HIS B 141 -2.69 -0.19 -40.67
CA HIS B 141 -3.64 0.57 -41.49
C HIS B 141 -4.16 -0.32 -42.64
N PRO B 142 -5.03 -1.31 -42.31
CA PRO B 142 -5.50 -2.23 -43.37
C PRO B 142 -6.38 -1.59 -44.44
N GLU B 143 -6.91 -0.38 -44.17
CA GLU B 143 -7.72 0.40 -45.10
C GLU B 143 -6.90 0.79 -46.34
N ASP B 144 -5.58 1.03 -46.12
CA ASP B 144 -4.58 1.39 -47.11
C ASP B 144 -4.22 0.22 -48.06
N ALA B 145 -4.80 -0.96 -47.84
CA ALA B 145 -4.57 -2.17 -48.64
C ALA B 145 -5.72 -2.55 -49.58
N GLU B 146 -6.95 -2.10 -49.23
CA GLU B 146 -8.21 -2.34 -49.93
C GLU B 146 -8.12 -2.36 -51.48
N SER B 147 -7.56 -1.30 -52.11
CA SER B 147 -7.44 -1.21 -53.58
C SER B 147 -6.00 -1.47 -54.10
N GLN B 148 -5.48 -0.54 -54.93
CA GLN B 148 -4.16 -0.57 -55.57
C GLN B 148 -3.05 -0.13 -54.60
N PRO B 149 -1.75 -0.53 -54.80
CA PRO B 149 -0.69 -0.08 -53.88
C PRO B 149 -0.56 1.44 -53.83
N LEU B 150 -0.91 2.01 -52.66
CA LEU B 150 -0.91 3.44 -52.38
C LEU B 150 0.49 3.98 -52.37
N THR B 151 0.69 5.11 -53.04
CA THR B 151 1.97 5.85 -53.13
C THR B 151 2.49 6.25 -51.72
N ASP B 152 1.55 6.39 -50.77
CA ASP B 152 1.77 6.78 -49.38
C ASP B 152 1.10 5.75 -48.47
N ASP B 153 1.62 4.51 -48.42
CA ASP B 153 1.08 3.44 -47.57
C ASP B 153 1.45 3.65 -46.09
N ARG B 154 0.43 3.81 -45.23
CA ARG B 154 0.61 4.10 -43.80
C ARG B 154 1.14 2.90 -42.95
N CYS B 155 1.30 1.70 -43.56
CA CYS B 155 1.82 0.50 -42.89
C CYS B 155 3.26 0.69 -42.40
N SER B 156 3.50 0.37 -41.11
CA SER B 156 4.81 0.47 -40.45
C SER B 156 5.76 -0.70 -40.83
N VAL B 157 5.19 -1.78 -41.42
CA VAL B 157 5.95 -2.97 -41.80
C VAL B 157 6.32 -2.95 -43.28
N ALA B 158 7.63 -3.08 -43.56
CA ALA B 158 8.19 -3.09 -44.90
C ALA B 158 7.58 -4.17 -45.79
N ALA B 159 7.55 -5.43 -45.28
CA ALA B 159 7.03 -6.60 -45.99
C ALA B 159 5.54 -6.54 -46.29
N LEU B 160 4.76 -5.93 -45.40
CA LEU B 160 3.32 -5.87 -45.56
C LEU B 160 2.84 -4.67 -46.37
N LEU B 169 1.12 -11.46 -54.27
CA LEU B 169 1.65 -11.30 -52.91
C LEU B 169 0.93 -10.15 -52.23
N ASN B 170 0.48 -9.19 -53.05
CA ASN B 170 -0.28 -8.01 -52.64
C ASN B 170 -1.60 -8.45 -51.99
N GLU B 171 -2.17 -9.58 -52.45
CA GLU B 171 -3.39 -10.15 -51.88
C GLU B 171 -3.10 -10.78 -50.51
N LEU B 172 -1.89 -11.40 -50.34
CA LEU B 172 -1.47 -12.01 -49.06
C LEU B 172 -1.29 -10.93 -48.00
N ARG B 173 -0.71 -9.77 -48.38
CA ARG B 173 -0.52 -8.60 -47.52
C ARG B 173 -1.87 -8.08 -47.01
N ARG B 174 -2.86 -7.99 -47.93
CA ARG B 174 -4.23 -7.52 -47.70
C ARG B 174 -4.91 -8.36 -46.61
N LYS B 175 -4.86 -9.68 -46.79
CA LYS B 175 -5.44 -10.66 -45.90
C LYS B 175 -4.81 -10.62 -44.50
N ILE B 176 -3.47 -10.54 -44.42
CA ILE B 176 -2.73 -10.49 -43.15
C ILE B 176 -3.13 -9.24 -42.36
N ARG B 177 -3.10 -8.07 -43.01
CA ARG B 177 -3.47 -6.79 -42.42
C ARG B 177 -4.89 -6.79 -41.84
N GLN B 178 -5.87 -7.35 -42.58
CA GLN B 178 -7.26 -7.41 -42.12
C GLN B 178 -7.44 -8.41 -40.98
N ASP B 179 -6.81 -9.60 -41.08
CA ASP B 179 -6.88 -10.67 -40.07
C ASP B 179 -6.34 -10.23 -38.70
N LEU B 180 -5.15 -9.61 -38.68
CA LEU B 180 -4.51 -9.16 -37.45
C LEU B 180 -5.23 -7.98 -36.80
N CYS B 181 -5.79 -7.07 -37.63
CA CYS B 181 -6.52 -5.89 -37.16
C CYS B 181 -7.98 -6.17 -36.81
N HIS B 182 -8.46 -7.40 -37.09
CA HIS B 182 -9.84 -7.78 -36.77
C HIS B 182 -9.89 -8.97 -35.82
N PHE B 183 -9.29 -8.81 -34.64
CA PHE B 183 -9.29 -9.77 -33.55
C PHE B 183 -10.73 -9.83 -32.96
N GLU B 184 -11.25 -11.05 -32.77
CA GLU B 184 -12.57 -11.32 -32.19
C GLU B 184 -12.44 -12.55 -31.29
N GLY B 185 -13.05 -12.44 -30.09
CA GLY B 185 -13.05 -13.47 -29.06
C GLY B 185 -13.46 -14.85 -29.54
N ASN B 186 -14.52 -14.92 -30.34
CA ASN B 186 -15.05 -16.18 -30.90
C ASN B 186 -13.98 -16.85 -31.79
N ALA B 187 -13.36 -16.04 -32.69
CA ALA B 187 -12.30 -16.45 -33.62
C ALA B 187 -11.07 -16.95 -32.84
N GLN B 188 -10.75 -16.25 -31.73
CA GLN B 188 -9.66 -16.55 -30.81
C GLN B 188 -9.99 -17.83 -30.05
N GLY B 189 -11.28 -18.05 -29.76
CA GLY B 189 -11.77 -19.24 -29.11
C GLY B 189 -11.45 -20.50 -29.90
N ILE B 190 -11.67 -20.44 -31.23
CA ILE B 190 -11.39 -21.54 -32.15
C ILE B 190 -9.88 -21.80 -32.17
N ARG B 191 -9.11 -20.71 -32.32
CA ARG B 191 -7.64 -20.70 -32.32
C ARG B 191 -7.10 -21.38 -31.05
N LEU B 192 -7.72 -21.03 -29.91
CA LEU B 192 -7.42 -21.50 -28.57
C LEU B 192 -7.58 -23.00 -28.39
N VAL B 193 -8.80 -23.55 -28.57
CA VAL B 193 -9.08 -24.98 -28.37
C VAL B 193 -8.22 -25.91 -29.23
N HIS B 194 -7.84 -25.44 -30.43
CA HIS B 194 -7.05 -26.26 -31.33
C HIS B 194 -5.55 -25.96 -31.23
N THR B 195 -5.09 -24.86 -31.84
CA THR B 195 -3.67 -24.52 -31.94
C THR B 195 -3.01 -24.16 -30.59
N LEU B 196 -3.75 -23.60 -29.63
CA LEU B 196 -3.15 -23.16 -28.38
C LEU B 196 -3.26 -24.15 -27.25
N MSE B 197 -4.49 -24.50 -26.87
CA MSE B 197 -4.79 -25.43 -25.79
C MSE B 197 -4.53 -26.87 -26.18
O MSE B 197 -4.36 -27.70 -25.29
CB MSE B 197 -6.21 -25.23 -25.27
CG MSE B 197 -6.36 -24.01 -24.35
SE MSE B 197 -5.04 -23.84 -22.93
CE MSE B 197 -5.30 -25.53 -22.03
N ARG B 198 -4.49 -27.16 -27.50
CA ARG B 198 -4.20 -28.49 -28.06
C ARG B 198 -5.03 -29.58 -27.35
N MSE B 199 -6.35 -29.32 -27.31
CA MSE B 199 -7.35 -30.15 -26.65
C MSE B 199 -7.68 -31.41 -27.41
O MSE B 199 -7.85 -32.46 -26.78
CB MSE B 199 -8.64 -29.34 -26.42
CG MSE B 199 -8.47 -28.14 -25.52
SE MSE B 199 -10.17 -27.56 -24.80
CE MSE B 199 -9.60 -25.82 -24.16
N ASN B 200 -7.78 -31.31 -28.76
CA ASN B 200 -8.16 -32.39 -29.69
C ASN B 200 -9.58 -32.84 -29.32
N LEU B 201 -10.55 -31.99 -29.64
CA LEU B 201 -11.95 -32.25 -29.35
C LEU B 201 -12.63 -32.83 -30.57
N THR B 202 -13.80 -33.47 -30.34
CA THR B 202 -14.62 -34.03 -31.40
C THR B 202 -15.02 -32.88 -32.31
N TRP B 203 -15.00 -33.13 -33.64
CA TRP B 203 -15.36 -32.14 -34.67
C TRP B 203 -16.66 -31.40 -34.27
N ALA B 204 -17.69 -32.19 -33.92
CA ALA B 204 -19.02 -31.74 -33.48
C ALA B 204 -18.95 -30.64 -32.41
N GLN B 205 -18.07 -30.79 -31.39
CA GLN B 205 -17.89 -29.84 -30.29
C GLN B 205 -17.38 -28.49 -30.80
N VAL B 206 -16.32 -28.56 -31.62
CA VAL B 206 -15.65 -27.42 -32.23
C VAL B 206 -16.62 -26.67 -33.17
N GLY B 207 -17.56 -27.42 -33.74
CA GLY B 207 -18.63 -26.90 -34.58
C GLY B 207 -19.54 -25.98 -33.79
N GLY B 208 -19.92 -26.46 -32.60
CA GLY B 208 -20.78 -25.76 -31.63
C GLY B 208 -20.22 -24.45 -31.10
N ILE B 209 -18.90 -24.27 -31.16
CA ILE B 209 -18.30 -23.02 -30.69
C ILE B 209 -17.96 -22.09 -31.88
N LEU B 210 -18.20 -22.56 -33.13
CA LEU B 210 -18.01 -21.73 -34.32
C LEU B 210 -19.29 -20.92 -34.54
N LYS B 211 -19.34 -19.74 -33.90
CA LYS B 211 -20.48 -18.81 -33.89
C LYS B 211 -20.67 -18.05 -35.19
N TYR B 212 -19.59 -17.63 -35.85
CA TYR B 212 -19.69 -16.87 -37.09
C TYR B 212 -18.93 -17.51 -38.22
N THR B 213 -19.40 -17.28 -39.44
CA THR B 213 -18.84 -17.89 -40.64
C THR B 213 -17.91 -16.94 -41.42
N ARG B 214 -17.81 -15.67 -40.94
CA ARG B 214 -16.97 -14.66 -41.57
C ARG B 214 -15.49 -14.89 -41.28
N PRO B 215 -14.64 -14.90 -42.32
CA PRO B 215 -13.20 -14.98 -42.08
C PRO B 215 -12.71 -13.61 -41.55
N ALA B 216 -11.72 -13.60 -40.63
CA ALA B 216 -11.21 -12.34 -40.05
C ALA B 216 -10.64 -11.37 -41.11
N TRP B 217 -10.07 -11.96 -42.18
CA TRP B 217 -9.46 -11.25 -43.30
C TRP B 217 -10.45 -10.61 -44.27
N TRP B 218 -11.75 -10.91 -44.12
CA TRP B 218 -12.83 -10.38 -44.97
C TRP B 218 -12.80 -8.85 -45.00
N ARG B 219 -12.91 -8.26 -46.22
CA ARG B 219 -12.89 -6.83 -46.55
C ARG B 219 -13.88 -6.63 -47.69
N GLY B 220 -15.11 -6.42 -47.36
CA GLY B 220 -16.11 -6.18 -48.40
C GLY B 220 -17.46 -6.35 -47.81
N GLU B 221 -17.87 -5.33 -47.03
CA GLU B 221 -19.06 -5.18 -46.21
C GLU B 221 -20.29 -5.94 -46.70
N THR B 222 -20.88 -6.69 -45.77
CA THR B 222 -22.13 -7.43 -45.79
C THR B 222 -22.37 -8.46 -46.96
N PRO B 223 -22.61 -9.69 -46.52
CA PRO B 223 -22.95 -10.81 -47.45
C PRO B 223 -24.38 -10.96 -47.99
N GLU B 224 -25.32 -9.99 -47.82
CA GLU B 224 -26.74 -9.96 -48.26
C GLU B 224 -27.50 -11.24 -47.78
N THR B 225 -27.24 -12.36 -48.43
CA THR B 225 -27.83 -13.68 -48.20
C THR B 225 -27.31 -14.35 -46.91
N HIS B 226 -26.08 -14.02 -46.53
CA HIS B 226 -25.43 -14.60 -45.36
C HIS B 226 -25.01 -13.48 -44.38
N HIS B 227 -25.73 -12.32 -44.41
CA HIS B 227 -25.48 -11.14 -43.58
C HIS B 227 -25.33 -11.48 -42.12
N TYR B 228 -26.38 -12.09 -41.53
CA TYR B 228 -26.47 -12.47 -40.12
C TYR B 228 -25.38 -13.42 -39.67
N LEU B 229 -25.12 -14.47 -40.45
CA LEU B 229 -24.13 -15.50 -40.12
C LEU B 229 -22.69 -14.97 -40.15
N MSE B 230 -22.47 -13.87 -40.88
CA MSE B 230 -21.17 -13.25 -40.99
C MSE B 230 -21.14 -11.87 -40.31
O MSE B 230 -20.31 -11.02 -40.67
CB MSE B 230 -20.76 -13.19 -42.47
CG MSE B 230 -20.52 -14.57 -43.07
SE MSE B 230 -20.56 -14.67 -45.00
CE MSE B 230 -18.82 -14.00 -45.38
N LYS B 231 -22.02 -11.67 -39.30
CA LYS B 231 -22.19 -10.43 -38.52
C LYS B 231 -20.86 -9.93 -37.93
N LYS B 232 -20.08 -10.87 -37.37
CA LYS B 232 -18.76 -10.68 -36.75
C LYS B 232 -17.80 -11.73 -37.38
N PRO B 233 -16.46 -11.67 -37.20
CA PRO B 233 -15.61 -12.75 -37.75
C PRO B 233 -15.66 -14.00 -36.85
N GLY B 234 -15.59 -15.17 -37.47
CA GLY B 234 -15.67 -16.44 -36.76
C GLY B 234 -14.39 -17.21 -36.62
N TYR B 235 -13.38 -16.92 -37.49
CA TYR B 235 -12.08 -17.61 -37.51
C TYR B 235 -10.96 -16.79 -38.15
N TYR B 236 -9.69 -17.11 -37.80
CA TYR B 236 -8.51 -16.45 -38.36
C TYR B 236 -7.92 -17.21 -39.52
N LEU B 237 -7.05 -16.53 -40.28
CA LEU B 237 -6.27 -16.99 -41.41
C LEU B 237 -5.40 -18.19 -41.01
N SER B 238 -4.96 -18.18 -39.73
CA SER B 238 -4.15 -19.21 -39.09
C SER B 238 -4.94 -20.51 -38.91
N GLU B 239 -6.27 -20.40 -38.96
CA GLU B 239 -7.16 -21.55 -38.75
C GLU B 239 -7.86 -22.03 -40.03
N GLU B 240 -7.91 -21.17 -41.09
CA GLU B 240 -8.50 -21.38 -42.42
C GLU B 240 -8.39 -22.85 -42.91
N ALA B 241 -7.18 -23.44 -42.75
CA ALA B 241 -6.82 -24.81 -43.11
C ALA B 241 -7.68 -25.81 -42.34
N TYR B 242 -7.61 -25.74 -41.02
CA TYR B 242 -8.32 -26.55 -40.04
C TYR B 242 -9.85 -26.35 -40.14
N ILE B 243 -10.26 -25.11 -40.45
CA ILE B 243 -11.64 -24.70 -40.61
C ILE B 243 -12.28 -25.39 -41.81
N ALA B 244 -11.50 -25.52 -42.89
CA ALA B 244 -11.89 -26.22 -44.11
C ALA B 244 -12.13 -27.70 -43.73
N ARG B 245 -11.17 -28.28 -42.96
CA ARG B 245 -11.20 -29.64 -42.41
C ARG B 245 -12.49 -29.84 -41.60
N LEU B 246 -12.88 -28.81 -40.82
CA LEU B 246 -14.08 -28.83 -39.98
C LEU B 246 -15.39 -28.85 -40.79
N ARG B 247 -15.46 -28.01 -41.85
CA ARG B 247 -16.61 -27.91 -42.74
C ARG B 247 -16.90 -29.28 -43.36
N LYS B 248 -15.86 -29.89 -43.96
CA LYS B 248 -15.93 -31.21 -44.61
C LYS B 248 -16.37 -32.30 -43.64
N GLU B 249 -15.86 -32.27 -42.42
CA GLU B 249 -16.21 -33.25 -41.41
C GLU B 249 -17.63 -33.10 -40.91
N LEU B 250 -18.11 -31.86 -40.82
CA LEU B 250 -19.44 -31.60 -40.29
C LEU B 250 -20.49 -31.36 -41.35
N ASN B 251 -20.11 -31.53 -42.63
CA ASN B 251 -20.95 -31.37 -43.82
C ASN B 251 -21.54 -29.97 -43.86
N LEU B 252 -20.65 -29.00 -44.02
CA LEU B 252 -20.99 -27.59 -44.09
C LEU B 252 -20.43 -26.96 -45.35
N ALA B 253 -21.26 -26.14 -45.98
CA ALA B 253 -20.89 -25.39 -47.17
C ALA B 253 -20.09 -24.19 -46.70
N LEU B 254 -19.36 -23.53 -47.63
CA LEU B 254 -18.63 -22.33 -47.26
C LEU B 254 -19.63 -21.32 -46.68
N TYR B 255 -19.32 -20.84 -45.47
CA TYR B 255 -20.13 -19.93 -44.66
C TYR B 255 -21.41 -20.58 -44.15
N SER B 256 -21.36 -21.89 -43.85
CA SER B 256 -22.52 -22.57 -43.27
C SER B 256 -22.24 -22.91 -41.80
N ARG B 257 -23.24 -22.66 -40.93
CA ARG B 257 -23.14 -22.87 -39.47
C ARG B 257 -23.57 -24.26 -39.01
N PHE B 258 -22.93 -24.72 -37.92
CA PHE B 258 -23.23 -25.98 -37.26
C PHE B 258 -24.63 -25.87 -36.63
N PRO B 259 -25.54 -26.82 -36.96
CA PRO B 259 -26.95 -26.74 -36.47
C PRO B 259 -27.17 -26.56 -34.96
N LEU B 260 -26.24 -26.97 -34.12
CA LEU B 260 -26.45 -26.84 -32.70
C LEU B 260 -26.07 -25.46 -32.15
N THR B 261 -25.12 -24.75 -32.81
CA THR B 261 -24.59 -23.43 -32.44
C THR B 261 -25.70 -22.44 -32.09
N TRP B 262 -26.80 -22.50 -32.84
CA TRP B 262 -28.03 -21.74 -32.73
C TRP B 262 -28.67 -21.88 -31.35
N ILE B 263 -28.64 -23.10 -30.77
CA ILE B 263 -29.17 -23.43 -29.42
C ILE B 263 -28.34 -22.72 -28.35
N MSE B 264 -27.00 -22.90 -28.42
CA MSE B 264 -26.04 -22.31 -27.48
C MSE B 264 -26.15 -20.78 -27.50
O MSE B 264 -26.23 -20.15 -26.44
CB MSE B 264 -24.61 -22.79 -27.82
CG MSE B 264 -23.49 -22.04 -27.09
SE MSE B 264 -22.62 -20.64 -28.16
CE MSE B 264 -23.14 -19.01 -27.17
N GLU B 265 -26.20 -20.20 -28.72
CA GLU B 265 -26.35 -18.79 -29.00
C GLU B 265 -27.54 -18.24 -28.23
N ALA B 266 -28.71 -18.86 -28.43
CA ALA B 266 -29.99 -18.53 -27.82
C ALA B 266 -29.90 -18.39 -26.29
N ALA B 267 -29.28 -19.40 -25.63
CA ALA B 267 -29.07 -19.45 -24.19
C ALA B 267 -28.29 -18.22 -23.71
N ASP B 268 -27.29 -17.83 -24.49
CA ASP B 268 -26.44 -16.67 -24.23
C ASP B 268 -27.25 -15.36 -24.34
N ASP B 269 -28.10 -15.23 -25.39
CA ASP B 269 -28.96 -14.07 -25.63
C ASP B 269 -29.93 -13.87 -24.47
N ILE B 270 -30.37 -14.98 -23.86
CA ILE B 270 -31.29 -14.94 -22.75
C ILE B 270 -30.58 -14.54 -21.45
N SER B 271 -29.65 -15.39 -20.95
CA SER B 271 -28.88 -15.19 -19.71
C SER B 271 -28.22 -13.81 -19.67
N TYR B 272 -27.77 -13.35 -20.86
CA TYR B 272 -27.11 -12.09 -21.16
C TYR B 272 -27.34 -10.97 -20.17
N CYS B 273 -28.60 -10.52 -19.96
CA CYS B 273 -28.83 -9.34 -19.14
C CYS B 273 -29.31 -9.61 -17.73
N VAL B 274 -30.45 -10.29 -17.57
CA VAL B 274 -31.11 -10.59 -16.29
C VAL B 274 -30.15 -10.77 -15.10
N ALA B 275 -29.02 -11.48 -15.31
CA ALA B 275 -28.01 -11.75 -14.30
C ALA B 275 -27.31 -10.47 -13.81
N ASP B 276 -26.92 -9.60 -14.77
CA ASP B 276 -26.28 -8.31 -14.48
C ASP B 276 -27.29 -7.39 -13.79
N LEU B 277 -28.57 -7.51 -14.17
CA LEU B 277 -29.66 -6.73 -13.56
C LEU B 277 -29.85 -7.12 -12.10
N GLU B 278 -29.67 -8.43 -11.78
CA GLU B 278 -29.72 -8.98 -10.42
C GLU B 278 -28.57 -8.39 -9.60
N ASP B 279 -27.39 -8.39 -10.22
CA ASP B 279 -26.16 -7.86 -9.66
C ASP B 279 -26.24 -6.35 -9.48
N ALA B 280 -26.98 -5.64 -10.35
CA ALA B 280 -27.14 -4.20 -10.30
C ALA B 280 -27.80 -3.76 -8.99
N VAL B 281 -28.87 -4.48 -8.59
CA VAL B 281 -29.61 -4.25 -7.34
C VAL B 281 -28.73 -4.65 -6.17
N GLU B 282 -27.88 -5.67 -6.39
CA GLU B 282 -26.92 -6.17 -5.41
C GLU B 282 -25.82 -5.13 -5.13
N LYS B 283 -25.37 -4.43 -6.18
CA LYS B 283 -24.36 -3.36 -6.06
C LYS B 283 -25.03 -2.04 -5.62
N ARG B 284 -26.34 -2.11 -5.28
CA ARG B 284 -27.22 -1.06 -4.77
C ARG B 284 -27.49 0.08 -5.77
N ILE B 285 -27.17 -0.09 -7.08
CA ILE B 285 -27.38 0.93 -8.13
C ILE B 285 -28.81 1.52 -8.07
N PHE B 286 -29.77 0.68 -7.66
CA PHE B 286 -31.20 0.99 -7.46
C PHE B 286 -31.85 -0.16 -6.71
N THR B 287 -33.08 0.06 -6.20
CA THR B 287 -33.80 -1.02 -5.52
C THR B 287 -34.45 -1.90 -6.57
N VAL B 288 -34.93 -3.06 -6.11
CA VAL B 288 -35.67 -4.03 -6.90
C VAL B 288 -36.98 -3.34 -7.35
N GLU B 289 -37.55 -2.51 -6.44
CA GLU B 289 -38.74 -1.72 -6.69
C GLU B 289 -38.44 -0.69 -7.79
N GLN B 290 -37.32 0.06 -7.66
CA GLN B 290 -36.85 1.07 -8.63
C GLN B 290 -36.71 0.48 -10.03
N LEU B 291 -36.14 -0.73 -10.09
CA LEU B 291 -35.92 -1.49 -11.31
C LEU B 291 -37.25 -1.82 -11.98
N TYR B 292 -38.22 -2.34 -11.19
CA TYR B 292 -39.55 -2.70 -11.69
C TYR B 292 -40.20 -1.51 -12.41
N HIS B 293 -40.06 -0.33 -11.80
CA HIS B 293 -40.58 0.92 -12.33
C HIS B 293 -39.82 1.32 -13.60
N HIS B 294 -38.51 1.05 -13.67
CA HIS B 294 -37.73 1.29 -14.90
C HIS B 294 -38.18 0.38 -16.03
N LEU B 295 -38.60 -0.84 -15.68
CA LEU B 295 -39.09 -1.83 -16.65
C LEU B 295 -40.50 -1.46 -17.14
N HIS B 296 -41.35 -0.94 -16.23
CA HIS B 296 -42.71 -0.48 -16.54
C HIS B 296 -42.61 0.68 -17.56
N GLU B 297 -41.71 1.65 -17.26
CA GLU B 297 -41.38 2.83 -18.08
C GLU B 297 -40.94 2.39 -19.49
N ALA B 298 -40.07 1.35 -19.56
CA ALA B 298 -39.50 0.80 -20.78
C ALA B 298 -40.47 0.07 -21.67
N TRP B 299 -41.49 -0.62 -21.11
CA TRP B 299 -42.47 -1.38 -21.90
C TRP B 299 -43.38 -0.48 -22.74
N GLY B 300 -43.95 0.56 -22.11
CA GLY B 300 -44.83 1.55 -22.74
C GLY B 300 -46.17 1.05 -23.25
N GLN B 301 -46.15 0.28 -24.36
CA GLN B 301 -47.32 -0.31 -25.01
C GLN B 301 -47.85 -1.48 -24.13
N HIS B 302 -48.49 -1.12 -23.00
CA HIS B 302 -49.01 -2.05 -22.00
C HIS B 302 -50.38 -2.63 -22.30
N GLU B 303 -50.46 -3.97 -22.23
CA GLU B 303 -51.65 -4.81 -22.38
C GLU B 303 -51.64 -5.76 -21.16
N LYS B 304 -52.83 -6.15 -20.63
CA LYS B 304 -52.93 -6.99 -19.41
C LYS B 304 -52.71 -8.51 -19.62
N GLY B 305 -52.36 -8.93 -20.84
CA GLY B 305 -52.09 -10.32 -21.19
C GLY B 305 -50.76 -10.55 -21.89
N SER B 306 -49.95 -9.48 -22.04
CA SER B 306 -48.63 -9.49 -22.69
C SER B 306 -47.62 -10.29 -21.89
N LEU B 307 -46.45 -10.58 -22.49
CA LEU B 307 -45.39 -11.32 -21.83
C LEU B 307 -44.81 -10.54 -20.64
N PHE B 308 -44.97 -9.20 -20.63
CA PHE B 308 -44.52 -8.34 -19.52
C PHE B 308 -45.30 -8.74 -18.27
N SER B 309 -46.63 -8.80 -18.40
CA SER B 309 -47.55 -9.17 -17.33
C SER B 309 -47.28 -10.60 -16.86
N LEU B 310 -47.11 -11.51 -17.84
CA LEU B 310 -46.84 -12.93 -17.65
C LEU B 310 -45.49 -13.22 -17.00
N VAL B 311 -44.50 -12.34 -17.20
CA VAL B 311 -43.15 -12.54 -16.68
C VAL B 311 -42.82 -11.55 -15.58
N VAL B 312 -42.59 -10.27 -15.94
CA VAL B 312 -42.14 -9.23 -15.01
C VAL B 312 -43.25 -8.87 -13.99
N GLU B 313 -44.46 -8.52 -14.45
CA GLU B 313 -45.57 -8.18 -13.55
C GLU B 313 -45.82 -9.34 -12.58
N ASN B 314 -45.83 -10.57 -13.13
CA ASN B 314 -46.01 -11.85 -12.43
C ASN B 314 -44.98 -12.01 -11.30
N ALA B 315 -43.68 -11.89 -11.63
CA ALA B 315 -42.56 -12.03 -10.71
C ALA B 315 -42.57 -10.94 -9.63
N TRP B 316 -43.09 -9.75 -9.98
CA TRP B 316 -43.19 -8.62 -9.05
C TRP B 316 -44.21 -8.91 -7.94
N GLU B 317 -45.34 -9.52 -8.32
CA GLU B 317 -46.40 -9.88 -7.39
C GLU B 317 -45.95 -11.00 -6.47
N LYS B 318 -45.19 -11.99 -7.01
CA LYS B 318 -44.66 -13.13 -6.24
C LYS B 318 -43.74 -12.64 -5.10
N SER B 319 -42.87 -11.65 -5.40
CA SER B 319 -41.91 -11.03 -4.47
C SER B 319 -42.60 -10.37 -3.26
N ARG B 320 -43.72 -9.66 -3.49
CA ARG B 320 -44.49 -9.01 -2.43
C ARG B 320 -45.39 -10.07 -1.77
N SER B 327 -36.09 -13.74 0.83
CA SER B 327 -35.84 -12.32 0.58
C SER B 327 -36.61 -11.87 -0.65
N THR B 328 -37.05 -10.60 -0.63
CA THR B 328 -37.83 -9.96 -1.70
C THR B 328 -37.10 -10.05 -3.04
N GLU B 329 -35.82 -9.60 -3.05
CA GLU B 329 -34.91 -9.56 -4.20
C GLU B 329 -34.67 -10.94 -4.75
N ASP B 330 -34.32 -11.89 -3.86
CA ASP B 330 -34.08 -13.29 -4.19
C ASP B 330 -35.28 -13.84 -4.95
N GLN B 331 -36.46 -13.84 -4.29
CA GLN B 331 -37.74 -14.30 -4.82
C GLN B 331 -38.05 -13.65 -6.16
N PHE B 332 -37.86 -12.31 -6.23
CA PHE B 332 -38.09 -11.56 -7.44
C PHE B 332 -37.29 -12.14 -8.61
N PHE B 333 -35.95 -12.12 -8.52
CA PHE B 333 -35.05 -12.59 -9.57
C PHE B 333 -35.24 -14.06 -9.87
N MSE B 334 -35.41 -14.87 -8.80
CA MSE B 334 -35.64 -16.32 -8.85
C MSE B 334 -36.81 -16.62 -9.77
O MSE B 334 -36.65 -17.34 -10.75
CB MSE B 334 -35.92 -16.86 -7.43
CG MSE B 334 -35.64 -18.36 -7.26
SE MSE B 334 -37.12 -19.35 -6.39
CE MSE B 334 -36.79 -19.01 -4.45
N TYR B 335 -37.97 -15.98 -9.51
CA TYR B 335 -39.15 -16.22 -10.32
C TYR B 335 -39.11 -15.47 -11.65
N LEU B 336 -38.47 -14.30 -11.71
CA LEU B 336 -38.31 -13.56 -12.98
C LEU B 336 -37.57 -14.45 -13.99
N ARG B 337 -36.46 -15.11 -13.54
CA ARG B 337 -35.62 -16.05 -14.29
C ARG B 337 -36.51 -17.18 -14.81
N VAL B 338 -37.21 -17.85 -13.87
CA VAL B 338 -38.17 -18.94 -14.09
C VAL B 338 -39.12 -18.52 -15.22
N ASN B 339 -39.94 -17.48 -14.95
CA ASN B 339 -40.93 -16.86 -15.82
C ASN B 339 -40.42 -16.71 -17.25
N THR B 340 -39.20 -16.15 -17.40
CA THR B 340 -38.54 -15.91 -18.67
C THR B 340 -38.30 -17.23 -19.41
N LEU B 341 -37.52 -18.15 -18.80
CA LEU B 341 -37.19 -19.46 -19.36
C LEU B 341 -38.43 -20.26 -19.76
N ASN B 342 -39.42 -20.26 -18.85
CA ASN B 342 -40.70 -20.95 -18.99
C ASN B 342 -41.50 -20.52 -20.22
N LYS B 343 -41.14 -19.37 -20.80
CA LYS B 343 -41.83 -18.88 -21.99
C LYS B 343 -40.88 -18.83 -23.20
N LEU B 344 -39.64 -18.39 -22.97
CA LEU B 344 -38.64 -18.25 -24.01
C LEU B 344 -38.07 -19.55 -24.51
N VAL B 345 -37.70 -20.48 -23.60
CA VAL B 345 -37.13 -21.78 -23.97
C VAL B 345 -38.07 -22.53 -24.93
N PRO B 346 -39.38 -22.70 -24.59
CA PRO B 346 -40.29 -23.37 -25.53
C PRO B 346 -40.29 -22.74 -26.92
N TYR B 347 -40.31 -21.39 -26.98
CA TYR B 347 -40.29 -20.63 -28.23
C TYR B 347 -39.11 -21.01 -29.11
N ALA B 348 -37.89 -20.85 -28.58
CA ALA B 348 -36.64 -21.17 -29.28
C ALA B 348 -36.57 -22.66 -29.63
N ALA B 349 -37.05 -23.54 -28.72
CA ALA B 349 -37.11 -24.98 -28.95
C ALA B 349 -37.96 -25.26 -30.19
N GLN B 350 -39.12 -24.57 -30.29
CA GLN B 350 -40.05 -24.65 -31.41
C GLN B 350 -39.42 -24.10 -32.65
N ARG B 351 -38.97 -22.83 -32.61
CA ARG B 351 -38.30 -22.13 -33.69
C ARG B 351 -37.26 -23.01 -34.39
N PHE B 352 -36.42 -23.69 -33.58
CA PHE B 352 -35.39 -24.63 -34.02
C PHE B 352 -36.00 -25.71 -34.91
N ILE B 353 -36.98 -26.45 -34.35
CA ILE B 353 -37.72 -27.54 -35.01
C ILE B 353 -38.43 -27.04 -36.27
N ASP B 354 -39.13 -25.89 -36.15
CA ASP B 354 -39.86 -25.22 -37.22
C ASP B 354 -38.98 -24.89 -38.43
N ASN B 355 -37.75 -24.41 -38.17
CA ASN B 355 -36.82 -23.99 -39.21
C ASN B 355 -35.63 -24.92 -39.34
N LEU B 356 -35.81 -26.15 -38.84
CA LEU B 356 -34.81 -27.22 -38.83
C LEU B 356 -34.11 -27.48 -40.18
N PRO B 357 -34.78 -27.52 -41.37
CA PRO B 357 -34.04 -27.78 -42.61
C PRO B 357 -32.92 -26.77 -42.88
N ALA B 358 -33.25 -25.46 -42.76
CA ALA B 358 -32.32 -24.34 -42.97
C ALA B 358 -31.25 -24.28 -41.88
N ILE B 359 -31.60 -24.75 -40.68
CA ILE B 359 -30.72 -24.82 -39.51
C ILE B 359 -29.74 -25.98 -39.69
N PHE B 360 -30.25 -27.13 -40.21
CA PHE B 360 -29.49 -28.35 -40.51
C PHE B 360 -28.47 -28.03 -41.60
N ALA B 361 -28.91 -27.21 -42.58
CA ALA B 361 -28.10 -26.69 -43.66
C ALA B 361 -27.08 -25.68 -43.08
N GLY B 362 -27.50 -24.96 -42.04
CA GLY B 362 -26.72 -23.94 -41.38
C GLY B 362 -26.65 -22.70 -42.25
N THR B 363 -27.72 -22.48 -43.00
CA THR B 363 -27.88 -21.40 -43.96
C THR B 363 -28.87 -20.35 -43.46
N PHE B 364 -29.78 -20.76 -42.54
CA PHE B 364 -30.82 -19.94 -41.92
C PHE B 364 -30.28 -18.56 -41.47
N ASN B 365 -30.56 -17.49 -42.24
CA ASN B 365 -30.00 -16.16 -41.96
C ASN B 365 -30.66 -15.43 -40.75
N HIS B 366 -31.16 -16.17 -39.72
CA HIS B 366 -31.80 -15.56 -38.54
C HIS B 366 -31.45 -16.26 -37.18
N ALA B 367 -31.87 -15.62 -36.05
CA ALA B 367 -31.70 -16.07 -34.66
C ALA B 367 -32.95 -16.81 -34.22
N LEU B 368 -32.84 -17.69 -33.19
CA LEU B 368 -34.00 -18.43 -32.67
C LEU B 368 -35.03 -17.44 -32.08
N LEU B 369 -34.55 -16.45 -31.32
CA LEU B 369 -35.38 -15.38 -30.77
C LEU B 369 -35.10 -14.20 -31.68
N GLU B 370 -35.81 -14.02 -32.79
CA GLU B 370 -35.24 -12.85 -33.42
C GLU B 370 -36.22 -11.85 -33.91
N ASP B 371 -37.04 -12.24 -34.88
CA ASP B 371 -38.01 -11.42 -35.56
C ASP B 371 -38.88 -10.58 -34.57
N ALA B 372 -40.08 -10.16 -35.00
CA ALA B 372 -41.00 -9.39 -34.18
C ALA B 372 -41.53 -10.20 -32.98
N SER B 373 -40.81 -11.30 -32.55
CA SER B 373 -41.19 -12.15 -31.43
C SER B 373 -41.27 -11.40 -30.15
N GLU B 374 -42.38 -11.59 -29.42
CA GLU B 374 -42.64 -11.00 -28.12
C GLU B 374 -41.46 -11.31 -27.19
N CYS B 375 -40.81 -12.46 -27.43
CA CYS B 375 -39.64 -12.96 -26.73
C CYS B 375 -38.45 -12.02 -26.91
N SER B 376 -38.12 -11.68 -28.19
CA SER B 376 -37.05 -10.77 -28.61
C SER B 376 -37.25 -9.40 -27.95
N ASP B 377 -38.51 -8.97 -27.88
CA ASP B 377 -38.97 -7.71 -27.28
C ASP B 377 -38.65 -7.65 -25.78
N LEU B 378 -38.98 -8.74 -25.04
CA LEU B 378 -38.73 -8.89 -23.61
C LEU B 378 -37.26 -8.77 -23.28
N LEU B 379 -36.43 -9.42 -24.11
CA LEU B 379 -34.98 -9.42 -23.98
C LEU B 379 -34.47 -8.03 -24.17
N LYS B 380 -34.87 -7.40 -25.30
CA LYS B 380 -34.52 -6.03 -25.66
C LYS B 380 -34.82 -5.08 -24.49
N LEU B 381 -35.99 -5.30 -23.83
CA LEU B 381 -36.43 -4.54 -22.66
C LEU B 381 -35.38 -4.61 -21.55
N TYR B 382 -34.91 -5.83 -21.21
CA TYR B 382 -33.88 -6.03 -20.20
C TYR B 382 -32.61 -5.30 -20.57
N LYS B 383 -32.21 -5.44 -21.85
CA LYS B 383 -31.02 -4.85 -22.44
C LYS B 383 -31.03 -3.33 -22.33
N ASN B 384 -32.17 -2.70 -22.71
CA ASN B 384 -32.36 -1.25 -22.67
C ASN B 384 -32.16 -0.70 -21.28
N VAL B 385 -32.80 -1.36 -20.29
CA VAL B 385 -32.74 -1.00 -18.86
C VAL B 385 -31.27 -1.11 -18.38
N ALA B 386 -30.58 -2.21 -18.77
CA ALA B 386 -29.19 -2.46 -18.45
C ALA B 386 -28.29 -1.40 -19.06
N VAL B 387 -28.53 -1.04 -20.33
CA VAL B 387 -27.78 -0.03 -21.05
C VAL B 387 -27.94 1.32 -20.33
N LYS B 388 -29.19 1.81 -20.23
CA LYS B 388 -29.57 3.09 -19.63
C LYS B 388 -29.24 3.24 -18.15
N HIS B 389 -29.03 2.14 -17.41
CA HIS B 389 -28.80 2.28 -15.96
C HIS B 389 -27.60 1.59 -15.42
N VAL B 390 -27.30 0.40 -15.93
CA VAL B 390 -26.22 -0.40 -15.41
C VAL B 390 -24.92 -0.15 -16.19
N PHE B 391 -24.88 -0.44 -17.51
CA PHE B 391 -23.71 -0.25 -18.38
C PHE B 391 -23.17 1.18 -18.44
N SER B 392 -24.03 2.13 -18.04
CA SER B 392 -23.78 3.56 -17.99
C SER B 392 -23.15 4.02 -16.67
N HIS B 393 -23.16 3.15 -15.63
CA HIS B 393 -22.59 3.50 -14.33
C HIS B 393 -21.09 3.84 -14.40
N PRO B 394 -20.67 4.93 -13.71
CA PRO B 394 -19.27 5.37 -13.75
C PRO B 394 -18.21 4.34 -13.38
N ASP B 395 -18.44 3.52 -12.34
CA ASP B 395 -17.45 2.51 -11.90
C ASP B 395 -17.18 1.46 -12.97
N VAL B 396 -18.22 1.17 -13.79
CA VAL B 396 -18.19 0.27 -14.95
C VAL B 396 -17.28 0.95 -15.96
N GLU B 397 -17.75 2.10 -16.50
CA GLU B 397 -17.08 2.96 -17.49
C GLU B 397 -15.62 3.27 -17.17
N ARG B 398 -15.32 3.48 -15.86
CA ARG B 398 -13.99 3.79 -15.33
C ARG B 398 -13.09 2.63 -15.66
N LEU B 399 -13.52 1.41 -15.25
CA LEU B 399 -12.87 0.13 -15.45
C LEU B 399 -12.68 -0.18 -16.92
N GLU B 400 -13.71 0.12 -17.74
CA GLU B 400 -13.72 -0.06 -19.21
C GLU B 400 -12.54 0.73 -19.82
N LEU B 401 -12.42 2.02 -19.42
CA LEU B 401 -11.37 2.93 -19.87
C LEU B 401 -10.01 2.47 -19.35
N GLN B 402 -9.97 2.04 -18.06
CA GLN B 402 -8.78 1.55 -17.39
C GLN B 402 -8.20 0.40 -18.19
N GLY B 403 -9.06 -0.59 -18.49
CA GLY B 403 -8.74 -1.79 -19.25
C GLY B 403 -8.06 -1.48 -20.57
N TYR B 404 -8.64 -0.53 -21.32
CA TYR B 404 -8.15 -0.04 -22.59
C TYR B 404 -6.67 0.35 -22.50
N ARG B 405 -6.31 1.24 -21.54
CA ARG B 405 -4.95 1.71 -21.30
C ARG B 405 -3.99 0.57 -20.95
N VAL B 406 -4.43 -0.34 -20.07
CA VAL B 406 -3.66 -1.49 -19.61
C VAL B 406 -3.17 -2.31 -20.81
N ILE B 407 -4.09 -2.62 -21.72
CA ILE B 407 -3.83 -3.43 -22.89
C ILE B 407 -2.98 -2.66 -23.90
N SER B 408 -3.36 -1.41 -24.19
CA SER B 408 -2.64 -0.51 -25.10
C SER B 408 -1.16 -0.36 -24.66
N GLY B 409 -0.98 -0.07 -23.37
CA GLY B 409 0.31 0.09 -22.73
C GLY B 409 1.14 -1.17 -22.79
N LEU B 410 0.49 -2.32 -22.50
CA LEU B 410 1.08 -3.65 -22.53
C LEU B 410 1.59 -4.00 -23.93
N LEU B 411 0.74 -3.67 -24.95
CA LEU B 411 1.03 -3.86 -26.37
C LEU B 411 2.22 -3.03 -26.77
N GLU B 412 2.32 -1.81 -26.21
CA GLU B 412 3.46 -0.93 -26.45
C GLU B 412 4.75 -1.50 -25.80
N ILE B 413 4.63 -2.08 -24.59
CA ILE B 413 5.75 -2.70 -23.89
C ILE B 413 6.37 -3.84 -24.74
N TYR B 414 5.53 -4.49 -25.56
CA TYR B 414 5.94 -5.59 -26.40
C TYR B 414 6.23 -5.20 -27.85
N ARG B 415 6.02 -3.89 -28.20
CA ARG B 415 6.32 -3.28 -29.53
C ARG B 415 7.77 -3.63 -29.99
N PRO B 416 8.80 -3.54 -29.09
CA PRO B 416 10.18 -3.87 -29.50
C PRO B 416 10.37 -5.23 -30.19
N LEU B 417 9.56 -6.24 -29.84
CA LEU B 417 9.64 -7.58 -30.40
C LEU B 417 9.14 -7.58 -31.83
N LEU B 418 8.13 -6.77 -32.09
CA LEU B 418 7.55 -6.60 -33.42
C LEU B 418 8.40 -5.68 -34.27
N SER B 419 8.91 -4.57 -33.65
CA SER B 419 9.78 -3.60 -34.31
C SER B 419 11.16 -4.26 -34.35
N LEU B 420 11.30 -5.25 -35.27
CA LEU B 420 12.48 -6.10 -35.45
C LEU B 420 12.52 -6.75 -36.83
N SER B 421 13.72 -7.21 -37.25
CA SER B 421 13.88 -7.90 -38.53
C SER B 421 13.68 -9.38 -38.26
N LEU B 422 13.28 -10.13 -39.31
CA LEU B 422 13.09 -11.58 -39.23
C LEU B 422 14.40 -12.24 -38.77
N SER B 423 15.50 -11.96 -39.49
CA SER B 423 16.86 -12.43 -39.25
C SER B 423 17.26 -12.31 -37.77
N ASP B 424 16.89 -11.17 -37.16
CA ASP B 424 17.12 -10.86 -35.74
C ASP B 424 16.17 -11.68 -34.85
N PHE B 425 14.85 -11.61 -35.14
CA PHE B 425 13.81 -12.28 -34.36
C PHE B 425 14.05 -13.77 -34.27
N THR B 426 14.32 -14.40 -35.42
CA THR B 426 14.59 -15.83 -35.57
C THR B 426 15.78 -16.17 -34.72
N GLU B 427 16.85 -15.34 -34.80
CA GLU B 427 18.07 -15.50 -34.01
C GLU B 427 17.71 -15.71 -32.53
N LEU B 428 16.77 -14.88 -32.01
CA LEU B 428 16.27 -14.90 -30.62
C LEU B 428 15.49 -16.16 -30.32
N VAL B 429 14.85 -16.73 -31.33
CA VAL B 429 14.09 -17.95 -31.16
C VAL B 429 15.05 -19.14 -30.94
N GLU B 430 16.18 -19.24 -31.71
CA GLU B 430 17.16 -20.31 -31.55
C GLU B 430 17.98 -20.14 -30.28
N LYS B 431 18.86 -19.12 -30.24
CA LYS B 431 19.65 -18.81 -29.04
C LYS B 431 18.72 -18.08 -28.08
N GLU B 432 18.60 -18.56 -26.84
CA GLU B 432 17.73 -17.89 -25.86
C GLU B 432 18.38 -16.62 -25.35
N ARG B 433 19.72 -16.60 -25.36
CA ARG B 433 20.55 -15.49 -24.91
C ARG B 433 21.17 -14.80 -26.13
N VAL B 434 20.71 -13.58 -26.43
CA VAL B 434 21.23 -12.78 -27.54
C VAL B 434 21.84 -11.50 -27.02
N LYS B 435 23.10 -11.32 -27.45
CA LYS B 435 24.04 -10.24 -27.17
C LYS B 435 23.41 -8.84 -27.16
N ARG B 436 23.25 -8.31 -28.36
CA ARG B 436 22.76 -6.98 -28.72
C ARG B 436 21.30 -6.68 -28.33
N PHE B 437 20.45 -7.72 -28.20
CA PHE B 437 19.03 -7.51 -27.87
C PHE B 437 18.70 -8.13 -26.53
N PRO B 438 19.04 -7.45 -25.41
CA PRO B 438 18.82 -8.06 -24.09
C PRO B 438 17.41 -7.83 -23.53
N ILE B 439 16.83 -6.68 -23.86
CA ILE B 439 15.51 -6.29 -23.43
C ILE B 439 14.53 -7.21 -24.12
N GLU B 440 14.71 -7.37 -25.42
CA GLU B 440 13.92 -8.20 -26.31
C GLU B 440 13.98 -9.65 -25.86
N SER B 441 15.17 -10.10 -25.42
CA SER B 441 15.43 -11.44 -24.89
C SER B 441 14.48 -11.68 -23.73
N ARG B 442 14.66 -10.91 -22.65
CA ARG B 442 13.89 -10.94 -21.42
C ARG B 442 12.38 -10.82 -21.66
N LEU B 443 11.97 -9.94 -22.62
CA LEU B 443 10.58 -9.71 -23.03
C LEU B 443 9.99 -10.94 -23.71
N PHE B 444 10.80 -11.64 -24.51
CA PHE B 444 10.42 -12.85 -25.20
C PHE B 444 10.28 -13.99 -24.20
N HIS B 445 11.06 -13.96 -23.11
CA HIS B 445 10.99 -14.97 -22.05
C HIS B 445 9.70 -14.84 -21.27
N LYS B 446 9.19 -13.60 -21.14
CA LYS B 446 7.94 -13.26 -20.47
C LYS B 446 6.73 -13.93 -21.12
N LEU B 447 6.83 -14.22 -22.42
CA LEU B 447 5.70 -14.84 -23.15
C LEU B 447 5.49 -16.24 -22.63
N SER B 448 4.26 -16.74 -22.64
CA SER B 448 4.00 -18.13 -22.18
C SER B 448 4.54 -19.12 -23.20
N THR B 449 5.03 -20.25 -22.69
CA THR B 449 5.67 -21.33 -23.48
C THR B 449 4.71 -21.92 -24.51
N ARG B 450 3.42 -21.98 -24.20
CA ARG B 450 2.46 -22.58 -25.13
C ARG B 450 2.30 -21.78 -26.43
N HIS B 451 2.08 -20.44 -26.33
CA HIS B 451 1.93 -19.55 -27.48
C HIS B 451 3.25 -19.46 -28.21
N ARG B 452 4.37 -19.58 -27.45
CA ARG B 452 5.72 -19.54 -27.97
C ARG B 452 5.92 -20.75 -28.85
N LEU B 453 5.63 -21.94 -28.30
CA LEU B 453 5.68 -23.25 -28.95
C LEU B 453 4.88 -23.22 -30.27
N ALA B 454 3.62 -22.76 -30.19
CA ALA B 454 2.67 -22.66 -31.30
C ALA B 454 3.20 -21.86 -32.46
N TYR B 455 3.87 -20.72 -32.16
CA TYR B 455 4.46 -19.83 -33.15
C TYR B 455 5.48 -20.60 -33.99
N VAL B 456 6.47 -21.21 -33.31
CA VAL B 456 7.56 -21.99 -33.89
C VAL B 456 7.02 -23.08 -34.83
N GLU B 457 6.00 -23.82 -34.36
CA GLU B 457 5.35 -24.91 -35.07
C GLU B 457 4.72 -24.45 -36.38
N ALA B 458 3.97 -23.33 -36.35
CA ALA B 458 3.33 -22.73 -37.53
C ALA B 458 4.40 -22.29 -38.54
N VAL B 459 5.52 -21.76 -38.01
CA VAL B 459 6.68 -21.26 -38.75
C VAL B 459 7.46 -22.40 -39.44
N SER B 460 7.73 -23.50 -38.68
CA SER B 460 8.44 -24.68 -39.16
C SER B 460 7.68 -25.42 -40.29
N LYS B 461 6.35 -25.22 -40.35
CA LYS B 461 5.49 -25.83 -41.38
C LYS B 461 5.52 -25.05 -42.71
N LEU B 462 6.08 -23.82 -42.72
CA LEU B 462 6.19 -22.97 -43.90
C LEU B 462 7.44 -23.32 -44.76
N PRO B 463 7.42 -23.07 -46.10
CA PRO B 463 8.62 -23.36 -46.89
C PRO B 463 9.62 -22.20 -46.83
N SER B 464 10.85 -22.47 -46.36
CA SER B 464 11.96 -21.51 -46.17
C SER B 464 12.21 -20.62 -47.40
N ASP B 465 12.20 -21.27 -48.57
CA ASP B 465 12.40 -20.72 -49.91
C ASP B 465 11.35 -19.68 -50.33
N SER B 466 10.07 -19.88 -49.92
CA SER B 466 8.89 -19.09 -50.29
C SER B 466 9.05 -17.58 -50.12
N PRO B 467 8.53 -16.79 -51.10
CA PRO B 467 8.62 -15.32 -50.98
C PRO B 467 7.60 -14.78 -49.96
N GLU B 468 6.56 -15.59 -49.68
CA GLU B 468 5.50 -15.26 -48.72
C GLU B 468 5.94 -15.56 -47.30
N PHE B 469 6.96 -16.44 -47.15
CA PHE B 469 7.53 -16.85 -45.87
C PHE B 469 7.75 -15.66 -44.89
N PRO B 470 8.43 -14.54 -45.25
CA PRO B 470 8.59 -13.43 -44.29
C PRO B 470 7.29 -12.77 -43.80
N LEU B 471 6.29 -12.70 -44.68
CA LEU B 471 4.97 -12.14 -44.42
C LEU B 471 4.24 -13.01 -43.39
N TRP B 472 4.32 -14.32 -43.61
CA TRP B 472 3.75 -15.34 -42.74
C TRP B 472 4.33 -15.24 -41.34
N GLU B 473 5.69 -15.18 -41.25
CA GLU B 473 6.44 -15.05 -40.00
C GLU B 473 5.85 -13.90 -39.21
N TYR B 474 5.70 -12.73 -39.86
CA TYR B 474 5.15 -11.56 -39.18
C TYR B 474 3.73 -11.80 -38.74
N TYR B 475 2.85 -12.30 -39.64
CA TYR B 475 1.47 -12.64 -39.30
C TYR B 475 1.45 -13.44 -38.00
N TYR B 476 2.25 -14.53 -37.96
CA TYR B 476 2.39 -15.43 -36.80
C TYR B 476 2.97 -14.75 -35.58
N ARG B 477 3.98 -13.87 -35.78
CA ARG B 477 4.65 -13.10 -34.72
C ARG B 477 3.61 -12.29 -33.95
N CYS B 478 2.75 -11.59 -34.69
CA CYS B 478 1.67 -10.77 -34.16
C CYS B 478 0.67 -11.63 -33.47
N ARG B 479 0.30 -12.75 -34.12
CA ARG B 479 -0.62 -13.72 -33.57
C ARG B 479 -0.11 -14.17 -32.18
N LEU B 480 1.17 -14.59 -32.12
CA LEU B 480 1.87 -15.00 -30.90
C LEU B 480 1.65 -13.98 -29.77
N LEU B 481 1.91 -12.68 -30.04
CA LEU B 481 1.76 -11.57 -29.10
C LEU B 481 0.32 -11.47 -28.64
N GLN B 482 -0.60 -11.51 -29.63
CA GLN B 482 -2.05 -11.43 -29.43
C GLN B 482 -2.52 -12.56 -28.51
N ASP B 483 -1.99 -13.78 -28.70
CA ASP B 483 -2.31 -14.97 -27.91
C ASP B 483 -1.92 -14.76 -26.46
N TYR B 484 -0.72 -14.20 -26.20
CA TYR B 484 -0.22 -13.94 -24.84
C TYR B 484 -1.19 -13.08 -24.06
N ILE B 485 -1.46 -11.89 -24.61
CA ILE B 485 -2.35 -10.87 -24.09
C ILE B 485 -3.79 -11.42 -23.87
N SER B 486 -4.46 -11.89 -24.96
CA SER B 486 -5.83 -12.43 -24.92
C SER B 486 -5.98 -13.56 -23.90
N GLY B 487 -4.89 -14.29 -23.72
CA GLY B 487 -4.78 -15.41 -22.78
C GLY B 487 -4.86 -14.99 -21.33
N MSE B 488 -4.44 -13.74 -21.03
CA MSE B 488 -4.43 -13.17 -19.68
C MSE B 488 -5.80 -12.92 -19.10
O MSE B 488 -6.77 -12.75 -19.85
CB MSE B 488 -3.65 -11.85 -19.64
CG MSE B 488 -2.19 -11.99 -19.89
SE MSE B 488 -1.51 -10.26 -20.29
CE MSE B 488 0.11 -10.28 -19.28
N THR B 489 -5.86 -12.90 -17.76
CA THR B 489 -7.06 -12.56 -16.99
C THR B 489 -6.98 -11.04 -16.80
N ASP B 490 -8.11 -10.40 -16.43
CA ASP B 490 -8.16 -8.96 -16.18
C ASP B 490 -7.09 -8.57 -15.17
N LEU B 491 -6.96 -9.39 -14.11
CA LEU B 491 -6.01 -9.23 -13.02
C LEU B 491 -4.58 -9.34 -13.46
N TYR B 492 -4.21 -10.46 -14.14
CA TYR B 492 -2.85 -10.68 -14.58
C TYR B 492 -2.34 -9.60 -15.53
N ALA B 493 -3.19 -9.18 -16.48
CA ALA B 493 -2.88 -8.12 -17.45
C ALA B 493 -2.63 -6.78 -16.74
N TRP B 494 -3.44 -6.47 -15.72
CA TRP B 494 -3.31 -5.24 -14.94
C TRP B 494 -2.08 -5.30 -14.08
N ASP B 495 -1.88 -6.45 -13.40
CA ASP B 495 -0.74 -6.68 -12.54
C ASP B 495 0.56 -6.52 -13.31
N GLU B 496 0.63 -7.15 -14.49
CA GLU B 496 1.76 -7.09 -15.40
C GLU B 496 2.03 -5.69 -15.88
N TYR B 497 0.97 -4.96 -16.23
CA TYR B 497 1.08 -3.57 -16.68
C TYR B 497 1.83 -2.72 -15.65
N ARG B 498 1.41 -2.82 -14.37
CA ARG B 498 2.01 -2.12 -13.24
C ARG B 498 3.44 -2.59 -13.00
N ARG B 499 3.65 -3.93 -12.99
CA ARG B 499 4.96 -4.56 -12.81
C ARG B 499 5.98 -4.08 -13.87
N LEU B 500 5.57 -4.04 -15.14
CA LEU B 500 6.40 -3.61 -16.26
C LEU B 500 6.46 -2.10 -16.39
N MSE B 501 5.60 -1.38 -15.65
CA MSE B 501 5.64 0.07 -15.62
C MSE B 501 6.47 0.52 -14.41
O MSE B 501 6.83 1.71 -14.31
CB MSE B 501 4.23 0.66 -15.63
CG MSE B 501 3.60 0.75 -17.02
SE MSE B 501 4.90 1.26 -18.42
CE MSE B 501 5.51 3.10 -17.78
N ALA B 502 6.79 -0.47 -13.53
CA ALA B 502 7.57 -0.39 -12.29
C ALA B 502 6.90 0.45 -11.19
N VAL B 503 5.81 -0.10 -10.59
CA VAL B 503 5.04 0.55 -9.52
C VAL B 503 4.67 -0.46 -8.36
N GLU B 504 5.36 -1.64 -8.33
CA GLU B 504 5.15 -2.70 -7.34
C GLU B 504 6.42 -3.01 -6.55
N GLN C 3 -17.66 63.16 -8.14
CA GLN C 3 -18.10 63.14 -6.76
C GLN C 3 -18.23 61.68 -6.24
N ILE C 4 -17.79 61.44 -4.98
CA ILE C 4 -17.81 60.13 -4.30
C ILE C 4 -19.17 59.81 -3.63
N ASP C 5 -19.91 58.86 -4.22
CA ASP C 5 -21.17 58.33 -3.72
C ASP C 5 -21.20 56.79 -3.86
N PHE C 6 -21.11 56.13 -2.70
CA PHE C 6 -21.07 54.69 -2.60
C PHE C 6 -22.38 54.01 -2.87
N ARG C 7 -23.48 54.77 -2.85
CA ARG C 7 -24.80 54.25 -3.19
C ARG C 7 -24.68 53.66 -4.61
N LYS C 8 -23.94 54.41 -5.50
CA LYS C 8 -23.66 54.12 -6.92
C LYS C 8 -22.67 52.94 -7.15
N LYS C 9 -21.85 52.63 -6.13
CA LYS C 9 -20.87 51.55 -6.21
C LYS C 9 -21.37 50.26 -5.55
N ILE C 10 -22.13 50.36 -4.45
CA ILE C 10 -22.70 49.21 -3.74
C ILE C 10 -24.05 48.76 -4.41
N ASN C 11 -23.90 48.15 -5.61
CA ASN C 11 -25.00 47.65 -6.42
C ASN C 11 -25.53 46.33 -5.86
N TRP C 12 -26.73 46.41 -5.24
CA TRP C 12 -27.43 45.27 -4.65
C TRP C 12 -28.28 44.47 -5.66
N HIS C 13 -28.30 44.89 -6.94
CA HIS C 13 -29.02 44.20 -8.02
C HIS C 13 -28.22 42.97 -8.47
N ARG C 14 -28.89 42.04 -9.16
CA ARG C 14 -28.24 40.81 -9.65
C ARG C 14 -28.26 40.71 -11.20
N ARG C 15 -27.65 39.66 -11.77
CA ARG C 15 -27.65 39.52 -13.23
C ARG C 15 -29.00 38.97 -13.70
N TYR C 16 -29.34 37.79 -13.18
CA TYR C 16 -30.57 37.09 -13.48
C TYR C 16 -31.47 37.22 -12.25
N ARG C 17 -32.81 37.11 -12.44
CA ARG C 17 -33.88 37.23 -11.41
C ARG C 17 -33.62 38.40 -10.43
N SER C 18 -32.95 39.47 -10.94
CA SER C 18 -32.52 40.66 -10.19
C SER C 18 -33.63 41.38 -9.43
N PRO C 19 -33.36 41.83 -8.18
CA PRO C 19 -34.38 42.59 -7.46
C PRO C 19 -34.34 44.05 -7.92
N GLN C 20 -35.48 44.76 -7.83
CA GLN C 20 -35.54 46.16 -8.21
C GLN C 20 -36.60 46.93 -7.41
N GLY C 21 -36.34 48.23 -7.22
CA GLY C 21 -37.26 49.15 -6.59
C GLY C 21 -37.11 49.35 -5.11
N VAL C 22 -36.61 50.55 -4.76
CA VAL C 22 -36.46 51.10 -3.41
C VAL C 22 -35.55 50.21 -2.49
N LYS C 23 -36.16 49.38 -1.60
CA LYS C 23 -35.54 48.53 -0.59
C LYS C 23 -34.89 49.35 0.58
N THR C 24 -35.24 48.98 1.83
CA THR C 24 -34.73 49.64 3.03
C THR C 24 -33.31 49.22 3.33
N GLU C 25 -32.64 50.00 4.20
CA GLU C 25 -31.29 49.75 4.72
C GLU C 25 -31.21 48.25 5.06
N HIS C 26 -32.21 47.76 5.82
CA HIS C 26 -32.39 46.37 6.26
C HIS C 26 -32.54 45.41 5.08
N GLU C 27 -33.43 45.73 4.12
CA GLU C 27 -33.69 44.89 2.94
C GLU C 27 -32.40 44.70 2.16
N ILE C 28 -31.62 45.79 2.03
CA ILE C 28 -30.35 45.85 1.33
C ILE C 28 -29.29 44.97 2.05
N LEU C 29 -29.20 45.11 3.39
CA LEU C 29 -28.33 44.33 4.27
C LEU C 29 -28.61 42.84 4.04
N ARG C 30 -29.91 42.46 3.97
CA ARG C 30 -30.41 41.11 3.76
C ARG C 30 -29.95 40.52 2.44
N ILE C 31 -29.89 41.34 1.37
CA ILE C 31 -29.40 40.95 0.03
C ILE C 31 -27.92 40.59 0.14
N PHE C 32 -27.15 41.46 0.84
CA PHE C 32 -25.73 41.25 1.01
C PHE C 32 -25.45 40.08 1.94
N GLU C 33 -26.35 39.88 2.90
CA GLU C 33 -26.28 38.77 3.86
C GLU C 33 -26.66 37.47 3.15
N SER C 34 -27.54 37.58 2.11
CA SER C 34 -27.97 36.47 1.26
C SER C 34 -26.76 35.90 0.52
N ASP C 35 -25.96 36.81 -0.06
CA ASP C 35 -24.74 36.56 -0.79
C ASP C 35 -23.76 35.77 0.07
N ARG C 36 -23.61 36.16 1.36
CA ARG C 36 -22.73 35.48 2.32
C ARG C 36 -23.08 33.99 2.41
N GLY C 37 -24.37 33.69 2.71
CA GLY C 37 -24.94 32.36 2.79
C GLY C 37 -24.68 31.54 1.54
N ARG C 38 -24.83 32.19 0.36
CA ARG C 38 -24.58 31.62 -0.98
C ARG C 38 -23.12 31.12 -1.07
N ILE C 39 -22.16 32.02 -0.78
CA ILE C 39 -20.71 31.79 -0.77
C ILE C 39 -20.32 30.66 0.25
N ILE C 40 -20.67 30.85 1.51
CA ILE C 40 -20.35 29.96 2.62
C ILE C 40 -20.91 28.52 2.39
N ASN C 41 -22.06 28.38 1.70
CA ASN C 41 -22.62 27.04 1.44
C ASN C 41 -22.14 26.42 0.11
N SER C 42 -21.37 27.21 -0.69
CA SER C 42 -20.85 26.76 -1.94
C SER C 42 -19.84 25.62 -1.78
N PRO C 43 -19.92 24.57 -2.66
CA PRO C 43 -18.93 23.50 -2.61
C PRO C 43 -17.57 24.05 -3.04
N ALA C 44 -17.58 25.03 -3.99
CA ALA C 44 -16.35 25.68 -4.49
C ALA C 44 -15.52 26.31 -3.34
N ILE C 45 -16.21 26.70 -2.26
CA ILE C 45 -15.60 27.24 -1.06
C ILE C 45 -15.10 26.08 -0.14
N ARG C 46 -15.80 24.91 -0.18
CA ARG C 46 -15.42 23.74 0.63
C ARG C 46 -14.15 23.12 0.09
N ARG C 47 -14.02 23.11 -1.24
CA ARG C 47 -12.90 22.56 -1.99
C ARG C 47 -11.51 23.01 -1.48
N LEU C 48 -11.48 24.23 -0.94
CA LEU C 48 -10.29 24.92 -0.45
C LEU C 48 -9.61 24.24 0.76
N GLN C 49 -10.38 23.45 1.55
CA GLN C 49 -9.80 22.69 2.66
C GLN C 49 -8.92 21.53 2.14
N GLN C 50 -9.04 21.23 0.82
CA GLN C 50 -8.30 20.17 0.15
C GLN C 50 -7.37 20.69 -0.95
N LYS C 51 -7.20 22.02 -1.00
CA LYS C 51 -6.27 22.67 -1.92
C LYS C 51 -5.09 23.16 -1.08
N THR C 52 -3.88 22.73 -1.46
CA THR C 52 -2.62 23.02 -0.75
C THR C 52 -2.26 24.51 -0.78
N GLN C 53 -1.77 24.99 0.37
CA GLN C 53 -1.26 26.34 0.60
C GLN C 53 0.17 26.15 1.13
N VAL C 54 1.17 26.37 0.24
CA VAL C 54 2.61 26.25 0.49
C VAL C 54 3.03 24.80 0.80
N PHE C 55 2.70 24.30 2.00
CA PHE C 55 3.05 22.96 2.50
C PHE C 55 2.09 21.85 2.05
N PRO C 56 2.59 20.57 1.93
CA PRO C 56 1.70 19.44 1.56
C PRO C 56 0.71 19.13 2.66
N LEU C 57 -0.47 18.65 2.27
CA LEU C 57 -1.63 18.51 3.14
C LEU C 57 -1.36 17.85 4.55
N GLU C 58 -0.36 16.92 4.73
CA GLU C 58 0.08 16.27 5.99
C GLU C 58 -1.06 15.67 6.82
N ARG C 59 -0.80 14.51 7.44
CA ARG C 59 -1.76 13.76 8.26
C ARG C 59 -2.25 14.48 9.55
N ASN C 60 -1.71 15.70 9.83
CA ASN C 60 -2.16 16.57 10.93
C ASN C 60 -2.38 17.99 10.36
N ALA C 61 -3.62 18.51 10.50
CA ALA C 61 -4.10 19.81 10.02
C ALA C 61 -3.42 21.05 10.68
N ALA C 62 -2.24 20.84 11.31
CA ALA C 62 -1.41 21.85 11.99
C ALA C 62 -1.03 22.97 11.01
N VAL C 63 -0.91 22.59 9.73
CA VAL C 63 -0.57 23.45 8.61
C VAL C 63 -1.85 24.08 7.99
N ARG C 64 -1.69 25.29 7.44
CA ARG C 64 -2.78 26.01 6.78
C ARG C 64 -3.02 25.45 5.39
N THR C 65 -4.32 25.37 5.03
CA THR C 65 -4.80 25.00 3.71
C THR C 65 -5.25 26.31 3.07
N ARG C 66 -5.67 26.22 1.80
CA ARG C 66 -6.17 27.42 1.06
C ARG C 66 -7.31 28.04 1.86
N LEU C 67 -8.20 27.23 2.40
CA LEU C 67 -9.37 27.68 3.17
C LEU C 67 -9.00 28.42 4.45
N THR C 68 -8.23 27.77 5.30
CA THR C 68 -7.83 28.35 6.58
C THR C 68 -7.07 29.67 6.39
N HIS C 69 -6.29 29.77 5.31
CA HIS C 69 -5.58 30.98 4.95
C HIS C 69 -6.57 32.09 4.52
N SER C 70 -7.55 31.73 3.67
CA SER C 70 -8.54 32.68 3.18
C SER C 70 -9.47 33.27 4.30
N MSE C 71 -9.70 32.48 5.37
CA MSE C 71 -10.44 32.90 6.56
C MSE C 71 -9.62 33.93 7.31
O MSE C 71 -10.17 34.92 7.84
CB MSE C 71 -10.66 31.71 7.48
CG MSE C 71 -11.68 30.74 6.93
SE MSE C 71 -11.96 29.14 7.99
CE MSE C 71 -10.40 29.19 9.20
N GLU C 72 -8.29 33.69 7.35
CA GLU C 72 -7.34 34.59 7.98
C GLU C 72 -7.31 35.90 7.21
N VAL C 73 -7.21 35.82 5.87
CA VAL C 73 -7.23 37.00 4.96
C VAL C 73 -8.49 37.86 5.24
N GLN C 74 -9.68 37.20 5.27
CA GLN C 74 -10.99 37.77 5.52
C GLN C 74 -11.05 38.58 6.83
N GLN C 75 -10.45 38.06 7.91
CA GLN C 75 -10.45 38.77 9.18
C GLN C 75 -9.58 40.05 9.11
N VAL C 76 -8.52 40.00 8.29
CA VAL C 76 -7.62 41.15 8.06
C VAL C 76 -8.42 42.19 7.31
N GLY C 77 -9.06 41.75 6.22
CA GLY C 77 -9.92 42.56 5.35
C GLY C 77 -11.00 43.27 6.14
N ARG C 78 -11.64 42.52 7.09
CA ARG C 78 -12.67 42.98 8.04
C ARG C 78 -12.11 44.22 8.79
N TYR C 79 -10.92 44.04 9.43
CA TYR C 79 -10.22 45.07 10.17
C TYR C 79 -9.99 46.32 9.33
N ILE C 80 -9.39 46.16 8.13
CA ILE C 80 -9.14 47.30 7.22
C ILE C 80 -10.42 48.04 6.89
N ALA C 81 -11.44 47.32 6.39
CA ALA C 81 -12.73 47.89 6.04
C ALA C 81 -13.30 48.69 7.26
N LYS C 82 -13.40 48.00 8.43
CA LYS C 82 -13.86 48.55 9.70
C LYS C 82 -13.11 49.84 10.09
N GLU C 83 -11.78 49.84 9.84
CA GLU C 83 -10.89 50.95 10.09
C GLU C 83 -11.22 52.15 9.19
N ILE C 84 -11.31 51.92 7.85
CA ILE C 84 -11.72 52.93 6.86
C ILE C 84 -13.02 53.66 7.34
N LEU C 85 -14.05 52.85 7.67
CA LEU C 85 -15.35 53.28 8.16
C LEU C 85 -15.28 54.18 9.44
N SER C 86 -14.62 53.70 10.52
CA SER C 86 -14.45 54.40 11.82
C SER C 86 -13.79 55.77 11.68
N ARG C 87 -12.73 55.80 10.87
CA ARG C 87 -11.95 57.00 10.53
C ARG C 87 -12.88 58.03 9.85
N LEU C 88 -13.67 57.55 8.88
CA LEU C 88 -14.60 58.32 8.10
C LEU C 88 -15.77 58.89 8.89
N LYS C 89 -16.22 58.14 9.91
CA LYS C 89 -17.29 58.55 10.83
C LYS C 89 -16.74 59.69 11.70
N GLU C 90 -15.43 59.60 12.06
CA GLU C 90 -14.73 60.62 12.81
C GLU C 90 -14.51 61.87 11.91
N LEU C 91 -14.45 61.67 10.58
CA LEU C 91 -14.31 62.75 9.62
C LEU C 91 -15.68 63.29 9.22
N LYS C 92 -16.74 62.54 9.60
CA LYS C 92 -18.18 62.78 9.37
C LYS C 92 -18.62 62.62 7.89
N LEU C 93 -17.64 62.29 7.02
CA LEU C 93 -17.76 62.07 5.57
C LEU C 93 -18.55 60.83 5.15
N LEU C 94 -18.97 60.04 6.14
CA LEU C 94 -19.74 58.81 5.96
C LEU C 94 -21.06 59.05 5.21
N GLU C 95 -21.89 60.01 5.71
CA GLU C 95 -23.15 60.37 5.04
C GLU C 95 -22.83 61.02 3.69
N ALA C 96 -21.79 61.87 3.68
CA ALA C 96 -21.28 62.59 2.53
C ALA C 96 -20.82 61.69 1.36
N TYR C 97 -20.34 60.47 1.66
CA TYR C 97 -19.91 59.54 0.63
C TYR C 97 -20.94 58.45 0.34
N GLY C 98 -22.17 58.65 0.82
CA GLY C 98 -23.28 57.72 0.66
C GLY C 98 -23.06 56.37 1.30
N LEU C 99 -22.53 56.37 2.54
CA LEU C 99 -22.16 55.17 3.28
C LEU C 99 -22.92 54.94 4.55
N ASP C 100 -23.42 56.02 5.19
CA ASP C 100 -24.20 56.02 6.44
C ASP C 100 -25.20 54.85 6.56
N GLU C 101 -25.70 54.36 5.42
CA GLU C 101 -26.68 53.29 5.36
C GLU C 101 -26.14 51.96 4.74
N LEU C 102 -24.94 52.00 4.16
CA LEU C 102 -24.32 50.82 3.53
C LEU C 102 -23.08 50.29 4.31
N THR C 103 -23.02 50.62 5.61
CA THR C 103 -21.92 50.31 6.54
C THR C 103 -21.61 48.80 6.58
N GLY C 104 -22.58 48.02 7.05
CA GLY C 104 -22.52 46.57 7.09
C GLY C 104 -22.20 45.98 5.73
N PRO C 105 -23.02 46.27 4.66
CA PRO C 105 -22.72 45.73 3.30
C PRO C 105 -21.26 45.85 2.89
N PHE C 106 -20.73 47.08 2.90
CA PHE C 106 -19.34 47.45 2.62
C PHE C 106 -18.40 46.39 3.18
N GLU C 107 -18.46 46.23 4.52
CA GLU C 107 -17.69 45.31 5.34
C GLU C 107 -17.83 43.83 4.88
N SER C 108 -19.08 43.32 4.79
CA SER C 108 -19.43 41.98 4.32
C SER C 108 -18.79 41.67 2.95
N ILE C 109 -18.93 42.61 1.97
CA ILE C 109 -18.38 42.52 0.61
C ILE C 109 -16.90 42.24 0.70
N VAL C 110 -16.19 43.01 1.54
CA VAL C 110 -14.74 42.85 1.75
C VAL C 110 -14.45 41.40 2.17
N GLU C 111 -14.97 40.98 3.36
CA GLU C 111 -14.90 39.65 3.95
C GLU C 111 -15.18 38.53 2.91
N MSE C 112 -16.27 38.70 2.14
CA MSE C 112 -16.70 37.72 1.16
C MSE C 112 -15.83 37.60 -0.04
O MSE C 112 -15.72 36.50 -0.59
CB MSE C 112 -18.17 37.96 0.73
CG MSE C 112 -19.17 37.56 1.83
SE MSE C 112 -18.89 35.81 2.64
CE MSE C 112 -17.70 36.25 4.14
N SER C 113 -15.18 38.73 -0.44
CA SER C 113 -14.25 38.80 -1.56
C SER C 113 -12.92 38.23 -1.11
N CYS C 114 -12.57 38.51 0.15
CA CYS C 114 -11.40 37.99 0.85
C CYS C 114 -11.45 36.47 0.82
N LEU C 115 -12.60 35.94 1.27
CA LEU C 115 -12.90 34.52 1.29
C LEU C 115 -12.72 33.89 -0.11
N MSE C 116 -13.33 34.53 -1.11
CA MSE C 116 -13.30 34.08 -2.48
C MSE C 116 -12.04 34.39 -3.26
O MSE C 116 -11.99 34.03 -4.44
CB MSE C 116 -14.49 34.63 -3.19
CG MSE C 116 -15.76 33.99 -2.71
SE MSE C 116 -17.15 34.40 -3.92
CE MSE C 116 -17.19 36.49 -3.69
N HIS C 117 -11.05 35.03 -2.65
CA HIS C 117 -9.71 35.05 -3.30
C HIS C 117 -9.24 33.59 -3.31
N ASP C 118 -8.63 33.13 -4.41
CA ASP C 118 -8.10 31.75 -4.66
C ASP C 118 -9.21 30.75 -4.98
N ILE C 119 -10.44 31.19 -5.04
CA ILE C 119 -11.60 30.30 -5.29
C ILE C 119 -11.46 29.77 -6.71
N GLY C 120 -11.00 30.61 -7.63
CA GLY C 120 -10.82 30.23 -9.02
C GLY C 120 -9.48 29.61 -9.35
N ASN C 121 -8.64 29.38 -8.30
CA ASN C 121 -7.32 28.79 -8.49
C ASN C 121 -7.39 27.28 -8.80
N PRO C 122 -6.45 26.76 -9.65
CA PRO C 122 -6.51 25.35 -10.04
C PRO C 122 -6.03 24.42 -8.92
N PRO C 123 -5.99 23.07 -9.09
CA PRO C 123 -5.52 22.22 -8.00
C PRO C 123 -4.15 22.62 -7.48
N PHE C 124 -3.13 22.57 -8.34
CA PHE C 124 -1.78 22.85 -7.85
C PHE C 124 -1.34 24.32 -8.02
N GLY C 125 -2.31 25.22 -7.89
CA GLY C 125 -2.10 26.66 -7.92
C GLY C 125 -1.33 27.15 -9.12
N HIS C 126 -0.36 28.03 -8.85
CA HIS C 126 0.54 28.68 -9.81
C HIS C 126 1.24 27.66 -10.71
N PHE C 127 1.51 26.45 -10.19
CA PHE C 127 2.09 25.32 -10.93
C PHE C 127 1.08 24.68 -11.84
N GLY C 128 -0.18 24.69 -11.41
CA GLY C 128 -1.31 24.19 -12.18
C GLY C 128 -1.47 25.08 -13.39
N GLU C 129 -1.51 26.42 -13.15
CA GLU C 129 -1.59 27.47 -14.17
C GLU C 129 -0.57 27.16 -15.28
N ALA C 130 0.71 26.94 -14.86
CA ALA C 130 1.84 26.63 -15.73
C ALA C 130 1.50 25.44 -16.59
N ALA C 131 1.30 24.26 -15.99
CA ALA C 131 1.00 22.99 -16.66
C ALA C 131 -0.17 23.09 -17.63
N ILE C 132 -1.16 24.00 -17.37
CA ILE C 132 -2.33 24.21 -18.22
C ILE C 132 -1.92 25.01 -19.43
N ASN C 133 -1.38 26.22 -19.17
CA ASN C 133 -0.90 27.18 -20.16
C ASN C 133 0.13 26.58 -21.07
N ASP C 134 1.03 25.77 -20.52
CA ASP C 134 2.11 25.11 -21.24
C ASP C 134 1.55 24.08 -22.17
N TRP C 135 0.61 23.24 -21.66
CA TRP C 135 -0.04 22.18 -22.43
C TRP C 135 -0.80 22.76 -23.61
N PHE C 136 -1.43 23.92 -23.39
CA PHE C 136 -2.14 24.62 -24.45
C PHE C 136 -1.21 25.28 -25.43
N ARG C 137 -0.11 25.86 -24.94
CA ARG C 137 0.91 26.52 -25.76
C ARG C 137 1.54 25.59 -26.78
N GLN C 138 1.92 24.35 -26.39
CA GLN C 138 2.50 23.36 -27.30
C GLN C 138 1.51 22.88 -28.38
N ARG C 139 0.20 23.10 -28.12
CA ARG C 139 -0.92 22.73 -29.00
C ARG C 139 -1.48 23.91 -29.80
N LEU C 140 -1.17 25.17 -29.39
CA LEU C 140 -1.72 26.36 -30.06
C LEU C 140 -0.66 27.33 -30.57
N HIS C 141 0.42 27.56 -29.78
CA HIS C 141 1.52 28.48 -30.10
C HIS C 141 0.95 29.86 -30.42
N PRO C 142 0.45 30.61 -29.40
CA PRO C 142 -0.17 31.91 -29.67
C PRO C 142 0.79 32.99 -30.16
N GLU C 143 2.13 32.75 -29.98
CA GLU C 143 3.19 33.63 -30.46
C GLU C 143 3.19 33.70 -32.00
N ASP C 144 2.82 32.58 -32.65
CA ASP C 144 2.69 32.42 -34.10
C ASP C 144 1.49 33.18 -34.71
N ALA C 145 0.68 33.84 -33.84
CA ALA C 145 -0.49 34.60 -34.26
C ALA C 145 -0.31 36.11 -34.20
N GLU C 146 0.63 36.58 -33.34
CA GLU C 146 0.98 37.98 -33.05
C GLU C 146 0.94 38.92 -34.27
N SER C 147 1.64 38.56 -35.37
CA SER C 147 1.75 39.37 -36.59
C SER C 147 0.88 38.85 -37.76
N GLN C 148 1.51 38.70 -38.95
CA GLN C 148 0.92 38.27 -40.22
C GLN C 148 0.80 36.73 -40.30
N PRO C 149 -0.13 36.16 -41.13
CA PRO C 149 -0.24 34.69 -41.23
C PRO C 149 1.08 34.03 -41.65
N LEU C 150 1.64 33.21 -40.76
CA LEU C 150 2.98 32.62 -40.88
C LEU C 150 3.38 31.64 -42.04
N THR C 151 2.51 30.93 -42.77
CA THR C 151 2.77 29.90 -43.81
C THR C 151 3.13 28.60 -43.13
N ASP C 152 3.91 28.66 -42.03
CA ASP C 152 4.32 27.53 -41.19
C ASP C 152 3.89 27.81 -39.74
N ASP C 153 2.57 27.87 -39.53
CA ASP C 153 1.92 28.12 -38.24
C ASP C 153 1.97 26.84 -37.40
N ARG C 154 2.61 26.94 -36.21
CA ARG C 154 2.79 25.81 -35.30
C ARG C 154 1.48 25.29 -34.61
N CYS C 155 0.32 25.99 -34.82
CA CYS C 155 -0.98 25.63 -34.25
C CYS C 155 -1.45 24.26 -34.75
N SER C 156 -1.82 23.37 -33.82
CA SER C 156 -2.30 22.00 -34.09
C SER C 156 -3.77 21.99 -34.58
N VAL C 157 -4.50 23.11 -34.41
CA VAL C 157 -5.89 23.23 -34.80
C VAL C 157 -6.04 23.91 -36.16
N ALA C 158 -6.72 23.23 -37.09
CA ALA C 158 -6.98 23.71 -38.46
C ALA C 158 -7.68 25.06 -38.48
N ALA C 159 -8.79 25.18 -37.73
CA ALA C 159 -9.61 26.38 -37.64
C ALA C 159 -8.91 27.57 -37.02
N LEU C 160 -8.02 27.33 -36.05
CA LEU C 160 -7.32 28.40 -35.35
C LEU C 160 -6.05 28.85 -36.07
N ARG C 161 -5.55 28.03 -37.02
CA ARG C 161 -4.38 28.38 -37.84
C ARG C 161 -4.80 29.58 -38.69
N LEU C 162 -3.98 30.65 -38.70
CA LEU C 162 -4.25 31.90 -39.44
C LEU C 162 -4.34 31.64 -40.94
N ARG C 163 -5.54 31.72 -41.52
CA ARG C 163 -5.70 31.50 -42.96
C ARG C 163 -5.16 32.73 -43.71
N ASP C 164 -4.29 32.47 -44.71
CA ASP C 164 -3.58 33.41 -45.59
C ASP C 164 -4.48 34.52 -46.20
N GLY C 165 -5.67 34.10 -46.63
CA GLY C 165 -6.70 34.93 -47.26
C GLY C 165 -7.18 36.03 -46.36
N GLU C 166 -7.49 37.19 -46.98
CA GLU C 166 -7.95 38.42 -46.33
C GLU C 166 -9.11 38.18 -45.39
N GLU C 167 -8.81 37.94 -44.08
CA GLU C 167 -9.84 37.70 -43.06
C GLU C 167 -9.69 38.50 -41.76
N PRO C 168 -10.82 39.03 -41.24
CA PRO C 168 -10.79 39.65 -39.90
C PRO C 168 -10.92 38.52 -38.86
N LEU C 169 -11.25 37.28 -39.34
CA LEU C 169 -11.37 36.02 -38.61
C LEU C 169 -10.03 35.71 -37.98
N ASN C 170 -8.95 36.21 -38.63
CA ASN C 170 -7.57 36.10 -38.19
C ASN C 170 -7.40 36.77 -36.81
N GLU C 171 -8.16 37.85 -36.54
CA GLU C 171 -8.14 38.53 -35.24
C GLU C 171 -8.85 37.68 -34.19
N LEU C 172 -9.93 36.95 -34.58
CA LEU C 172 -10.68 36.07 -33.67
C LEU C 172 -9.80 34.90 -33.22
N ARG C 173 -9.01 34.34 -34.17
CA ARG C 173 -8.05 33.26 -33.93
C ARG C 173 -6.98 33.70 -32.92
N ARG C 174 -6.46 34.93 -33.09
CA ARG C 174 -5.43 35.57 -32.25
C ARG C 174 -5.91 35.65 -30.80
N LYS C 175 -7.11 36.20 -30.60
CA LYS C 175 -7.75 36.37 -29.31
C LYS C 175 -7.99 35.02 -28.61
N ILE C 176 -8.51 34.00 -29.34
CA ILE C 176 -8.79 32.68 -28.80
C ILE C 176 -7.50 32.02 -28.30
N ARG C 177 -6.46 32.01 -29.14
CA ARG C 177 -5.15 31.46 -28.81
C ARG C 177 -4.52 32.08 -27.56
N GLN C 178 -4.60 33.42 -27.42
CA GLN C 178 -4.07 34.13 -26.25
C GLN C 178 -4.90 33.86 -24.97
N ASP C 179 -6.25 33.89 -25.10
CA ASP C 179 -7.17 33.64 -23.99
C ASP C 179 -7.01 32.25 -23.37
N LEU C 180 -6.95 31.20 -24.20
CA LEU C 180 -6.83 29.81 -23.74
C LEU C 180 -5.47 29.51 -23.16
N CYS C 181 -4.41 30.13 -23.72
CA CYS C 181 -3.03 29.96 -23.28
C CYS C 181 -2.65 30.86 -22.10
N HIS C 182 -3.54 31.79 -21.69
CA HIS C 182 -3.30 32.66 -20.56
C HIS C 182 -4.36 32.49 -19.47
N PHE C 183 -4.47 31.26 -18.94
CA PHE C 183 -5.34 30.88 -17.83
C PHE C 183 -4.76 31.53 -16.55
N GLU C 184 -5.63 32.18 -15.77
CA GLU C 184 -5.31 32.82 -14.49
C GLU C 184 -6.45 32.54 -13.50
N GLY C 185 -6.10 32.15 -12.28
CA GLY C 185 -7.02 31.85 -11.19
C GLY C 185 -8.09 32.90 -10.94
N ASN C 186 -7.69 34.17 -10.93
CA ASN C 186 -8.60 35.31 -10.71
C ASN C 186 -9.66 35.35 -11.81
N ALA C 187 -9.20 35.22 -13.09
CA ALA C 187 -10.03 35.21 -14.30
C ALA C 187 -11.02 34.03 -14.28
N GLN C 188 -10.52 32.86 -13.78
CA GLN C 188 -11.24 31.62 -13.62
C GLN C 188 -12.26 31.77 -12.50
N GLY C 189 -11.89 32.54 -11.48
CA GLY C 189 -12.76 32.85 -10.34
C GLY C 189 -14.03 33.55 -10.79
N ILE C 190 -13.90 34.53 -11.72
CA ILE C 190 -15.03 35.29 -12.25
C ILE C 190 -15.92 34.34 -13.02
N ARG C 191 -15.28 33.54 -13.93
CA ARG C 191 -15.88 32.51 -14.76
C ARG C 191 -16.71 31.54 -13.88
N LEU C 192 -16.11 31.10 -12.76
CA LEU C 192 -16.64 30.20 -11.76
C LEU C 192 -17.93 30.70 -11.09
N VAL C 193 -17.90 31.83 -10.36
CA VAL C 193 -19.07 32.35 -9.63
C VAL C 193 -20.29 32.59 -10.50
N HIS C 194 -20.06 32.95 -11.78
CA HIS C 194 -21.14 33.25 -12.69
C HIS C 194 -21.52 32.04 -13.55
N THR C 195 -20.73 31.76 -14.60
CA THR C 195 -21.02 30.73 -15.60
C THR C 195 -20.98 29.30 -15.04
N LEU C 196 -20.13 29.03 -14.03
CA LEU C 196 -19.98 27.68 -13.55
C LEU C 196 -20.81 27.34 -12.32
N MSE C 197 -20.59 28.07 -11.24
CA MSE C 197 -21.27 27.86 -9.97
C MSE C 197 -22.68 28.38 -9.98
O MSE C 197 -23.48 27.94 -9.15
CB MSE C 197 -20.47 28.45 -8.80
CG MSE C 197 -19.28 27.56 -8.38
SE MSE C 197 -19.62 25.59 -8.14
CE MSE C 197 -21.12 25.78 -6.76
N ARG C 198 -22.99 29.29 -10.95
CA ARG C 198 -24.32 29.88 -11.16
C ARG C 198 -24.94 30.32 -9.81
N MSE C 199 -24.14 31.14 -9.09
CA MSE C 199 -24.44 31.67 -7.77
C MSE C 199 -25.45 32.80 -7.83
O MSE C 199 -26.32 32.87 -6.96
CB MSE C 199 -23.16 32.17 -7.09
CG MSE C 199 -22.14 31.10 -6.85
SE MSE C 199 -20.81 31.64 -5.50
CE MSE C 199 -19.51 30.26 -5.87
N ASN C 200 -25.34 33.67 -8.86
CA ASN C 200 -26.15 34.88 -9.07
C ASN C 200 -25.95 35.79 -7.88
N LEU C 201 -24.76 36.38 -7.83
CA LEU C 201 -24.37 37.27 -6.74
C LEU C 201 -24.62 38.71 -7.12
N THR C 202 -24.69 39.58 -6.10
CA THR C 202 -24.86 41.01 -6.29
C THR C 202 -23.65 41.50 -7.11
N TRP C 203 -23.91 42.41 -8.06
CA TRP C 203 -22.86 43.00 -8.91
C TRP C 203 -21.65 43.41 -8.06
N ALA C 204 -21.92 44.18 -6.98
CA ALA C 204 -20.96 44.68 -6.02
C ALA C 204 -19.96 43.60 -5.55
N GLN C 205 -20.48 42.36 -5.23
CA GLN C 205 -19.68 41.23 -4.75
C GLN C 205 -18.66 40.76 -5.79
N VAL C 206 -19.17 40.57 -7.01
CA VAL C 206 -18.43 40.15 -8.20
C VAL C 206 -17.37 41.18 -8.55
N GLY C 207 -17.68 42.46 -8.25
CA GLY C 207 -16.76 43.59 -8.41
C GLY C 207 -15.51 43.40 -7.56
N GLY C 208 -15.77 43.07 -6.29
CA GLY C 208 -14.74 42.83 -5.28
C GLY C 208 -13.78 41.68 -5.56
N ILE C 209 -14.19 40.75 -6.45
CA ILE C 209 -13.33 39.62 -6.76
C ILE C 209 -12.66 39.86 -8.13
N LEU C 210 -13.03 40.98 -8.81
CA LEU C 210 -12.37 41.32 -10.05
C LEU C 210 -11.08 42.12 -9.73
N LYS C 211 -9.98 41.36 -9.59
CA LYS C 211 -8.65 41.83 -9.19
C LYS C 211 -7.92 42.60 -10.26
N TYR C 212 -8.00 42.14 -11.51
CA TYR C 212 -7.27 42.76 -12.62
C TYR C 212 -8.17 43.15 -13.73
N THR C 213 -7.74 44.17 -14.50
CA THR C 213 -8.57 44.73 -15.57
C THR C 213 -8.11 44.27 -16.95
N ARG C 214 -7.00 43.50 -16.99
CA ARG C 214 -6.45 42.96 -18.25
C ARG C 214 -7.28 41.81 -18.79
N PRO C 215 -7.65 41.87 -20.09
CA PRO C 215 -8.34 40.73 -20.71
C PRO C 215 -7.31 39.62 -20.95
N ALA C 216 -7.72 38.34 -20.81
CA ALA C 216 -6.82 37.20 -21.02
C ALA C 216 -6.19 37.16 -22.43
N TRP C 217 -6.96 37.63 -23.42
CA TRP C 217 -6.58 37.68 -24.82
C TRP C 217 -5.58 38.78 -25.18
N TRP C 218 -5.30 39.69 -24.24
CA TRP C 218 -4.36 40.80 -24.45
C TRP C 218 -2.98 40.28 -24.86
N ARG C 219 -2.38 40.92 -25.90
CA ARG C 219 -1.07 40.53 -26.46
C ARG C 219 0.00 41.63 -26.46
N GLY C 220 -0.43 42.88 -26.67
CA GLY C 220 0.39 44.07 -26.81
C GLY C 220 1.23 44.60 -25.66
N GLU C 221 0.79 44.57 -24.39
CA GLU C 221 1.48 45.13 -23.19
C GLU C 221 1.51 46.66 -23.29
N THR C 222 0.33 47.25 -23.47
CA THR C 222 0.19 48.66 -23.78
C THR C 222 0.06 49.71 -22.63
N PRO C 223 -0.92 49.78 -21.66
CA PRO C 223 -1.07 51.04 -20.96
C PRO C 223 -0.13 51.34 -19.79
N GLU C 224 0.73 52.35 -20.00
CA GLU C 224 1.69 52.88 -19.01
C GLU C 224 0.95 53.45 -17.79
N THR C 225 -0.21 54.07 -18.06
CA THR C 225 -1.14 54.70 -17.13
C THR C 225 -1.96 53.68 -16.35
N HIS C 226 -2.13 52.46 -16.91
CA HIS C 226 -2.89 51.37 -16.30
C HIS C 226 -2.05 50.09 -16.12
N HIS C 227 -0.71 50.26 -16.03
CA HIS C 227 0.29 49.19 -15.88
C HIS C 227 -0.05 48.21 -14.75
N TYR C 228 -0.16 48.75 -13.53
CA TYR C 228 -0.44 48.04 -12.29
C TYR C 228 -1.77 47.30 -12.30
N LEU C 229 -2.83 47.95 -12.77
CA LEU C 229 -4.17 47.37 -12.79
C LEU C 229 -4.29 46.19 -13.78
N MSE C 230 -3.40 46.15 -14.77
CA MSE C 230 -3.39 45.11 -15.78
C MSE C 230 -2.17 44.20 -15.66
O MSE C 230 -1.76 43.57 -16.63
CB MSE C 230 -3.51 45.75 -17.18
CG MSE C 230 -4.87 46.39 -17.40
SE MSE C 230 -4.96 47.67 -18.85
CE MSE C 230 -5.09 46.45 -20.32
N LYS C 231 -1.59 44.12 -14.42
CA LYS C 231 -0.40 43.34 -14.04
C LYS C 231 -0.49 41.86 -14.51
N LYS C 232 -1.68 41.24 -14.25
CA LYS C 232 -2.06 39.86 -14.59
C LYS C 232 -3.42 39.93 -15.35
N PRO C 233 -3.93 38.84 -16.00
CA PRO C 233 -5.28 38.94 -16.59
C PRO C 233 -6.39 38.83 -15.54
N GLY C 234 -7.47 39.56 -15.73
CA GLY C 234 -8.58 39.57 -14.78
C GLY C 234 -9.83 38.84 -15.20
N TYR C 235 -9.99 38.59 -16.52
CA TYR C 235 -11.16 37.92 -17.10
C TYR C 235 -10.91 37.28 -18.46
N TYR C 236 -11.75 36.28 -18.83
CA TYR C 236 -11.67 35.59 -20.12
C TYR C 236 -12.62 36.17 -21.15
N LEU C 237 -12.37 35.84 -22.41
CA LEU C 237 -13.14 36.17 -23.61
C LEU C 237 -14.58 35.70 -23.46
N SER C 238 -14.76 34.58 -22.73
CA SER C 238 -16.03 33.94 -22.40
C SER C 238 -16.85 34.78 -21.44
N GLU C 239 -16.19 35.70 -20.75
CA GLU C 239 -16.82 36.55 -19.76
C GLU C 239 -16.97 38.01 -20.21
N GLU C 240 -16.19 38.44 -21.25
CA GLU C 240 -16.15 39.79 -21.89
C GLU C 240 -17.52 40.48 -21.89
N ALA C 241 -18.57 39.72 -22.28
CA ALA C 241 -19.96 40.13 -22.37
C ALA C 241 -20.49 40.56 -21.01
N TYR C 242 -20.44 39.63 -20.05
CA TYR C 242 -20.85 39.75 -18.65
C TYR C 242 -20.01 40.81 -17.89
N ILE C 243 -18.72 40.90 -18.26
CA ILE C 243 -17.76 41.83 -17.70
C ILE C 243 -18.14 43.27 -18.06
N ALA C 244 -18.60 43.44 -19.33
CA ALA C 244 -19.08 44.72 -19.82
C ALA C 244 -20.31 45.12 -18.95
N ARG C 245 -21.26 44.13 -18.76
CA ARG C 245 -22.45 44.23 -17.93
C ARG C 245 -22.07 44.68 -16.51
N LEU C 246 -20.95 44.14 -16.00
CA LEU C 246 -20.44 44.46 -14.67
C LEU C 246 -19.94 45.89 -14.53
N ARG C 247 -19.18 46.34 -15.54
CA ARG C 247 -18.62 47.69 -15.60
C ARG C 247 -19.75 48.73 -15.53
N LYS C 248 -20.77 48.55 -16.41
CA LYS C 248 -21.97 49.41 -16.52
C LYS C 248 -22.72 49.47 -15.21
N GLU C 249 -22.87 48.33 -14.55
CA GLU C 249 -23.60 48.26 -13.30
C GLU C 249 -22.86 48.92 -12.15
N LEU C 250 -21.54 48.79 -12.15
CA LEU C 250 -20.73 49.30 -11.07
C LEU C 250 -20.09 50.63 -11.36
N ASN C 251 -20.41 51.22 -12.54
CA ASN C 251 -19.92 52.51 -13.00
C ASN C 251 -18.42 52.51 -13.08
N LEU C 252 -17.92 51.68 -14.00
CA LEU C 252 -16.50 51.51 -14.25
C LEU C 252 -16.16 51.71 -15.70
N ALA C 253 -15.07 52.44 -15.95
CA ALA C 253 -14.56 52.69 -17.28
C ALA C 253 -13.82 51.42 -17.71
N LEU C 254 -13.56 51.29 -19.02
CA LEU C 254 -12.77 50.15 -19.50
C LEU C 254 -11.42 50.20 -18.78
N TYR C 255 -11.09 49.05 -18.16
CA TYR C 255 -9.91 48.83 -17.33
C TYR C 255 -9.96 49.63 -16.01
N SER C 256 -11.16 49.81 -15.45
CA SER C 256 -11.28 50.46 -14.15
C SER C 256 -11.68 49.41 -13.08
N ARG C 257 -11.05 49.49 -11.90
CA ARG C 257 -11.28 48.57 -10.80
C ARG C 257 -12.35 49.03 -9.80
N PHE C 258 -13.01 48.03 -9.20
CA PHE C 258 -14.01 48.22 -8.16
C PHE C 258 -13.30 48.77 -6.90
N PRO C 259 -13.77 49.92 -6.36
CA PRO C 259 -13.10 50.56 -5.22
C PRO C 259 -12.80 49.69 -3.98
N LEU C 260 -13.57 48.66 -3.74
CA LEU C 260 -13.31 47.87 -2.56
C LEU C 260 -12.20 46.83 -2.75
N THR C 261 -12.00 46.34 -4.00
CA THR C 261 -11.04 45.30 -4.37
C THR C 261 -9.66 45.54 -3.76
N TRP C 262 -9.24 46.80 -3.72
CA TRP C 262 -8.00 47.36 -3.15
C TRP C 262 -7.83 46.98 -1.68
N ILE C 263 -8.96 46.99 -0.88
CA ILE C 263 -9.01 46.61 0.53
C ILE C 263 -8.71 45.13 0.66
N MSE C 264 -9.44 44.28 -0.09
CA MSE C 264 -9.31 42.82 -0.07
C MSE C 264 -7.89 42.41 -0.45
O MSE C 264 -7.28 41.58 0.25
CB MSE C 264 -10.38 42.17 -0.99
CG MSE C 264 -10.18 40.66 -1.23
SE MSE C 264 -9.30 40.26 -2.93
CE MSE C 264 -7.58 39.50 -2.38
N GLU C 265 -7.38 43.02 -1.55
CA GLU C 265 -6.04 42.83 -2.08
C GLU C 265 -5.01 43.03 -0.96
N ALA C 266 -5.05 44.20 -0.29
CA ALA C 266 -4.21 44.59 0.82
C ALA C 266 -4.10 43.51 1.90
N ALA C 267 -5.27 43.00 2.37
CA ALA C 267 -5.40 41.95 3.37
C ALA C 267 -4.60 40.70 2.97
N ASP C 268 -4.67 40.36 1.68
CA ASP C 268 -3.98 39.23 1.09
C ASP C 268 -2.48 39.45 1.10
N ASP C 269 -2.01 40.68 0.74
CA ASP C 269 -0.58 41.06 0.71
C ASP C 269 0.03 40.95 2.11
N ILE C 270 -0.78 41.23 3.14
CA ILE C 270 -0.35 41.17 4.53
C ILE C 270 -0.28 39.71 5.01
N SER C 271 -1.44 39.02 5.10
CA SER C 271 -1.57 37.62 5.55
C SER C 271 -0.60 36.70 4.83
N TYR C 272 -0.40 36.97 3.54
CA TYR C 272 0.45 36.31 2.59
C TYR C 272 1.58 35.46 3.17
N CYS C 273 2.51 36.06 3.91
CA CYS C 273 3.68 35.32 4.35
C CYS C 273 3.68 34.83 5.76
N VAL C 274 3.58 35.75 6.73
CA VAL C 274 3.63 35.50 8.17
C VAL C 274 3.07 34.12 8.59
N ALA C 275 1.94 33.71 7.98
CA ALA C 275 1.26 32.44 8.25
C ALA C 275 2.14 31.23 7.88
N ASP C 276 2.76 31.28 6.70
CA ASP C 276 3.63 30.22 6.18
C ASP C 276 4.88 30.19 7.00
N LEU C 277 5.34 31.37 7.45
CA LEU C 277 6.52 31.51 8.33
C LEU C 277 6.28 30.83 9.68
N GLU C 278 5.02 30.94 10.21
CA GLU C 278 4.56 30.29 11.44
C GLU C 278 4.61 28.79 11.24
N ASP C 279 4.07 28.34 10.10
CA ASP C 279 4.02 26.95 9.68
C ASP C 279 5.42 26.38 9.45
N ALA C 280 6.37 27.22 8.98
CA ALA C 280 7.75 26.82 8.73
C ALA C 280 8.43 26.32 10.01
N VAL C 281 8.27 27.07 11.11
CA VAL C 281 8.81 26.74 12.43
C VAL C 281 8.04 25.53 12.98
N GLU C 282 6.75 25.41 12.59
CA GLU C 282 5.88 24.29 12.97
C GLU C 282 6.37 22.98 12.28
N LYS C 283 6.83 23.08 11.03
CA LYS C 283 7.34 21.94 10.28
C LYS C 283 8.81 21.69 10.65
N ARG C 284 9.30 22.44 11.66
CA ARG C 284 10.63 22.43 12.29
C ARG C 284 11.79 22.84 11.34
N ILE C 285 11.47 23.48 10.18
CA ILE C 285 12.47 23.94 9.18
C ILE C 285 13.62 24.69 9.85
N PHE C 286 13.30 25.43 10.93
CA PHE C 286 14.22 26.20 11.78
C PHE C 286 13.48 26.58 13.06
N THR C 287 14.21 27.04 14.09
CA THR C 287 13.58 27.48 15.33
C THR C 287 13.05 28.88 15.11
N VAL C 288 12.24 29.32 16.07
CA VAL C 288 11.68 30.66 16.15
C VAL C 288 12.87 31.62 16.36
N GLU C 289 13.88 31.18 17.14
CA GLU C 289 15.12 31.92 17.37
C GLU C 289 15.89 32.05 16.06
N GLN C 290 16.08 30.92 15.32
CA GLN C 290 16.76 30.86 14.03
C GLN C 290 16.14 31.85 13.03
N LEU C 291 14.79 31.90 13.00
CA LEU C 291 14.00 32.76 12.15
C LEU C 291 14.26 34.21 12.46
N TYR C 292 14.25 34.57 13.76
CA TYR C 292 14.51 35.94 14.22
C TYR C 292 15.86 36.44 13.68
N HIS C 293 16.87 35.57 13.74
CA HIS C 293 18.20 35.86 13.26
C HIS C 293 18.19 36.00 11.74
N HIS C 294 17.37 35.20 11.01
CA HIS C 294 17.25 35.35 9.55
C HIS C 294 16.61 36.67 9.19
N LEU C 295 15.69 37.15 10.04
CA LEU C 295 15.01 38.44 9.85
C LEU C 295 15.94 39.61 10.16
N HIS C 296 16.79 39.48 11.20
CA HIS C 296 17.78 40.49 11.58
C HIS C 296 18.76 40.66 10.42
N GLU C 297 19.26 39.51 9.87
CA GLU C 297 20.17 39.41 8.72
C GLU C 297 19.57 40.14 7.51
N ALA C 298 18.27 39.92 7.26
CA ALA C 298 17.51 40.47 6.14
C ALA C 298 17.25 41.98 6.19
N TRP C 299 17.07 42.54 7.40
CA TRP C 299 16.81 43.98 7.54
C TRP C 299 18.00 44.86 7.15
N GLY C 300 19.19 44.54 7.68
CA GLY C 300 20.45 45.23 7.39
C GLY C 300 20.56 46.65 7.88
N GLN C 301 19.84 47.60 7.22
CA GLN C 301 19.79 49.02 7.57
C GLN C 301 18.98 49.22 8.88
N HIS C 302 19.61 48.83 10.01
CA HIS C 302 19.04 48.84 11.36
C HIS C 302 19.13 50.16 12.07
N GLU C 303 17.96 50.63 12.53
CA GLU C 303 17.72 51.82 13.33
C GLU C 303 16.85 51.37 14.52
N LYS C 304 17.02 52.01 15.69
CA LYS C 304 16.36 51.65 16.95
C LYS C 304 14.86 52.06 17.07
N GLY C 305 14.34 52.74 16.03
CA GLY C 305 12.95 53.21 16.00
C GLY C 305 12.17 52.79 14.78
N SER C 306 12.79 51.97 13.90
CA SER C 306 12.21 51.46 12.65
C SER C 306 11.03 50.50 12.93
N LEU C 307 10.25 50.17 11.88
CA LEU C 307 9.12 49.26 12.02
C LEU C 307 9.58 47.84 12.40
N PHE C 308 10.85 47.49 12.11
CA PHE C 308 11.43 46.21 12.47
C PHE C 308 11.43 46.09 13.98
N SER C 309 11.96 47.13 14.65
CA SER C 309 12.04 47.23 16.11
C SER C 309 10.63 47.22 16.74
N LEU C 310 9.73 48.00 16.14
CA LEU C 310 8.35 48.17 16.55
C LEU C 310 7.50 46.92 16.38
N VAL C 311 7.86 46.05 15.42
CA VAL C 311 7.09 44.86 15.10
C VAL C 311 7.86 43.60 15.49
N VAL C 312 8.90 43.26 14.72
CA VAL C 312 9.64 42.01 14.90
C VAL C 312 10.46 42.02 16.20
N GLU C 313 11.31 43.04 16.43
CA GLU C 313 12.11 43.11 17.66
C GLU C 313 11.17 43.08 18.88
N ASN C 314 10.05 43.83 18.81
CA ASN C 314 8.99 43.94 19.81
C ASN C 314 8.42 42.56 20.15
N ALA C 315 7.97 41.82 19.13
CA ALA C 315 7.39 40.48 19.26
C ALA C 315 8.39 39.46 19.80
N TRP C 316 9.68 39.65 19.50
CA TRP C 316 10.76 38.77 19.96
C TRP C 316 10.94 38.89 21.48
N GLU C 317 10.86 40.13 21.99
CA GLU C 317 11.00 40.41 23.40
C GLU C 317 9.81 39.87 24.18
N LYS C 318 8.59 39.98 23.60
CA LYS C 318 7.33 39.49 24.22
C LYS C 318 7.38 37.97 24.44
N SER C 319 7.92 37.23 23.44
CA SER C 319 8.09 35.77 23.45
C SER C 319 9.01 35.28 24.60
N ARG C 320 10.12 36.00 24.87
CA ARG C 320 11.04 35.67 25.97
C ARG C 320 10.44 36.25 27.28
N SER C 321 10.06 35.37 28.24
CA SER C 321 9.35 35.65 29.50
C SER C 321 7.91 36.13 29.24
N SER C 327 3.19 29.28 25.04
CA SER C 327 4.36 28.77 24.34
C SER C 327 5.08 29.90 23.71
N THR C 328 6.43 29.80 23.63
CA THR C 328 7.33 30.82 23.07
C THR C 328 6.94 31.18 21.62
N GLU C 329 6.82 30.13 20.78
CA GLU C 329 6.47 30.20 19.36
C GLU C 329 5.10 30.84 19.15
N ASP C 330 4.10 30.32 19.89
CA ASP C 330 2.72 30.80 19.87
C ASP C 330 2.71 32.30 20.12
N GLN C 331 3.23 32.72 21.31
CA GLN C 331 3.35 34.11 21.74
C GLN C 331 4.06 34.96 20.69
N PHE C 332 5.18 34.44 20.17
CA PHE C 332 5.94 35.14 19.15
C PHE C 332 5.07 35.49 17.94
N PHE C 333 4.50 34.46 17.28
CA PHE C 333 3.67 34.65 16.09
C PHE C 333 2.44 35.45 16.35
N MSE C 334 1.78 35.16 17.48
CA MSE C 334 0.58 35.83 17.97
C MSE C 334 0.81 37.34 18.00
O MSE C 334 0.06 38.08 17.36
CB MSE C 334 0.20 35.31 19.38
CG MSE C 334 -1.27 35.54 19.76
SE MSE C 334 -1.53 36.49 21.47
CE MSE C 334 -1.26 34.79 22.86
N TYR C 335 1.89 37.79 18.69
CA TYR C 335 2.17 39.20 18.79
C TYR C 335 2.80 39.78 17.55
N LEU C 336 3.58 38.98 16.80
CA LEU C 336 4.15 39.43 15.53
C LEU C 336 3.02 39.85 14.57
N ARG C 337 1.96 38.98 14.46
CA ARG C 337 0.74 39.18 13.65
C ARG C 337 0.07 40.49 14.10
N VAL C 338 -0.23 40.58 15.40
CA VAL C 338 -0.78 41.75 16.09
C VAL C 338 -0.01 43.02 15.66
N ASN C 339 1.29 43.08 16.06
CA ASN C 339 2.26 44.13 15.75
C ASN C 339 2.16 44.64 14.33
N THR C 340 2.13 43.70 13.37
CA THR C 340 2.01 43.97 11.94
C THR C 340 0.69 44.70 11.61
N LEU C 341 -0.43 44.05 11.90
CA LEU C 341 -1.78 44.60 11.66
C LEU C 341 -1.98 45.97 12.31
N ASN C 342 -1.52 46.08 13.57
CA ASN C 342 -1.56 47.30 14.40
C ASN C 342 -0.84 48.48 13.80
N LYS C 343 0.01 48.27 12.80
CA LYS C 343 0.70 49.35 12.14
C LYS C 343 0.29 49.44 10.67
N LEU C 344 0.16 48.29 10.02
CA LEU C 344 -0.17 48.20 8.60
C LEU C 344 -1.62 48.53 8.27
N VAL C 345 -2.60 47.97 9.04
CA VAL C 345 -4.03 48.22 8.81
C VAL C 345 -4.34 49.72 8.83
N PRO C 346 -3.91 50.48 9.89
CA PRO C 346 -4.15 51.94 9.87
C PRO C 346 -3.61 52.61 8.62
N TYR C 347 -2.39 52.24 8.21
CA TYR C 347 -1.76 52.78 7.01
C TYR C 347 -2.62 52.64 5.77
N ALA C 348 -2.98 51.40 5.44
CA ALA C 348 -3.81 51.07 4.28
C ALA C 348 -5.21 51.70 4.39
N ALA C 349 -5.77 51.73 5.62
CA ALA C 349 -7.05 52.38 5.90
C ALA C 349 -6.98 53.85 5.49
N GLN C 350 -5.85 54.51 5.88
CA GLN C 350 -5.58 55.92 5.59
C GLN C 350 -5.37 56.10 4.10
N ARG C 351 -4.40 55.37 3.54
CA ARG C 351 -4.07 55.39 2.13
C ARG C 351 -5.32 55.39 1.25
N PHE C 352 -6.28 54.48 1.58
CA PHE C 352 -7.56 54.31 0.91
C PHE C 352 -8.32 55.65 0.88
N ILE C 353 -8.58 56.21 2.08
CA ILE C 353 -9.28 57.46 2.31
C ILE C 353 -8.57 58.65 1.61
N ASP C 354 -7.23 58.72 1.77
CA ASP C 354 -6.35 59.73 1.18
C ASP C 354 -6.46 59.76 -0.34
N ASN C 355 -6.53 58.59 -0.97
CA ASN C 355 -6.53 58.45 -2.42
C ASN C 355 -7.87 57.97 -2.94
N LEU C 356 -8.91 58.15 -2.10
CA LEU C 356 -10.28 57.75 -2.37
C LEU C 356 -10.84 58.20 -3.74
N PRO C 357 -10.62 59.46 -4.26
CA PRO C 357 -11.19 59.81 -5.58
C PRO C 357 -10.74 58.87 -6.70
N ALA C 358 -9.42 58.60 -6.78
CA ALA C 358 -8.80 57.74 -7.77
C ALA C 358 -9.17 56.25 -7.58
N ILE C 359 -9.43 55.89 -6.32
CA ILE C 359 -9.83 54.57 -5.91
C ILE C 359 -11.31 54.35 -6.29
N PHE C 360 -12.13 55.41 -6.08
CA PHE C 360 -13.58 55.46 -6.40
C PHE C 360 -13.74 55.36 -7.90
N ALA C 361 -12.83 56.00 -8.63
CA ALA C 361 -12.70 55.95 -10.08
C ALA C 361 -12.21 54.53 -10.50
N GLY C 362 -11.36 53.94 -9.66
CA GLY C 362 -10.75 52.65 -9.88
C GLY C 362 -9.67 52.76 -10.93
N THR C 363 -9.04 53.94 -10.95
CA THR C 363 -8.00 54.32 -11.91
C THR C 363 -6.62 54.38 -11.27
N PHE C 364 -6.59 54.57 -9.93
CA PHE C 364 -5.40 54.66 -9.09
C PHE C 364 -4.36 53.54 -9.45
N ASN C 365 -3.27 53.89 -10.14
CA ASN C 365 -2.30 52.89 -10.62
C ASN C 365 -1.35 52.35 -9.54
N HIS C 366 -1.79 52.31 -8.26
CA HIS C 366 -0.97 51.82 -7.13
C HIS C 366 -1.72 50.94 -6.11
N ALA C 367 -0.94 50.31 -5.21
CA ALA C 367 -1.37 49.45 -4.11
C ALA C 367 -1.51 50.29 -2.86
N LEU C 368 -2.34 49.85 -1.89
CA LEU C 368 -2.51 50.55 -0.61
C LEU C 368 -1.18 50.58 0.14
N LEU C 369 -0.46 49.43 0.15
CA LEU C 369 0.88 49.29 0.74
C LEU C 369 1.82 49.34 -0.46
N GLU C 370 2.23 50.54 -0.88
CA GLU C 370 3.11 50.71 -2.03
C GLU C 370 4.58 50.77 -1.65
N ASP C 371 5.37 50.18 -2.50
CA ASP C 371 6.81 49.96 -2.56
C ASP C 371 7.68 50.81 -1.60
N ALA C 372 7.54 52.13 -1.64
CA ALA C 372 8.32 53.04 -0.80
C ALA C 372 7.99 53.01 0.71
N SER C 373 6.74 52.65 1.07
CA SER C 373 6.28 52.62 2.46
C SER C 373 7.04 51.64 3.32
N GLU C 374 7.39 52.08 4.54
CA GLU C 374 8.06 51.25 5.53
C GLU C 374 7.30 49.94 5.72
N CYS C 375 5.96 50.01 5.51
CA CYS C 375 5.00 48.91 5.56
C CYS C 375 5.32 47.85 4.50
N SER C 376 5.44 48.29 3.23
CA SER C 376 5.78 47.48 2.06
C SER C 376 7.11 46.76 2.25
N ASP C 377 8.05 47.48 2.91
CA ASP C 377 9.39 47.01 3.26
C ASP C 377 9.34 45.82 4.21
N LEU C 378 8.55 45.95 5.28
CA LEU C 378 8.33 44.92 6.31
C LEU C 378 7.79 43.62 5.69
N LEU C 379 6.84 43.77 4.76
CA LEU C 379 6.21 42.67 4.06
C LEU C 379 7.22 41.96 3.24
N LYS C 380 7.95 42.74 2.41
CA LYS C 380 9.02 42.27 1.54
C LYS C 380 10.01 41.45 2.33
N LEU C 381 10.35 41.93 3.56
CA LEU C 381 11.26 41.26 4.49
C LEU C 381 10.77 39.84 4.80
N TYR C 382 9.47 39.70 5.14
CA TYR C 382 8.87 38.39 5.41
C TYR C 382 9.00 37.49 4.21
N LYS C 383 8.65 38.04 3.04
CA LYS C 383 8.67 37.39 1.74
C LYS C 383 10.04 36.82 1.41
N ASN C 384 11.09 37.66 1.56
CA ASN C 384 12.49 37.30 1.27
C ASN C 384 12.92 36.09 2.09
N VAL C 385 12.62 36.13 3.40
CA VAL C 385 12.94 35.08 4.36
C VAL C 385 12.22 33.78 3.94
N ALA C 386 10.92 33.90 3.60
CA ALA C 386 10.08 32.80 3.12
C ALA C 386 10.63 32.21 1.84
N VAL C 387 11.04 33.06 0.90
CA VAL C 387 11.62 32.64 -0.37
C VAL C 387 12.88 31.85 -0.12
N LYS C 388 13.89 32.51 0.49
CA LYS C 388 15.21 31.96 0.80
C LYS C 388 15.23 30.73 1.72
N HIS C 389 14.15 30.48 2.51
CA HIS C 389 14.21 29.36 3.45
C HIS C 389 13.06 28.42 3.41
N VAL C 390 11.86 28.93 3.20
CA VAL C 390 10.66 28.11 3.23
C VAL C 390 10.28 27.61 1.81
N PHE C 391 9.96 28.53 0.89
CA PHE C 391 9.55 28.15 -0.48
C PHE C 391 10.69 27.42 -1.21
N SER C 392 11.87 27.35 -0.60
CA SER C 392 13.03 26.68 -1.26
C SER C 392 13.24 25.28 -0.68
N HIS C 393 12.43 24.91 0.31
CA HIS C 393 12.51 23.59 0.91
C HIS C 393 12.15 22.47 -0.08
N PRO C 394 12.96 21.38 -0.07
CA PRO C 394 12.73 20.27 -1.02
C PRO C 394 11.34 19.67 -1.07
N ASP C 395 10.71 19.42 0.10
CA ASP C 395 9.36 18.82 0.16
C ASP C 395 8.31 19.66 -0.55
N VAL C 396 8.49 21.01 -0.51
CA VAL C 396 7.67 22.01 -1.17
C VAL C 396 7.88 21.78 -2.67
N GLU C 397 9.11 22.06 -3.13
CA GLU C 397 9.57 21.94 -4.50
C GLU C 397 9.22 20.60 -5.18
N ARG C 398 9.29 19.48 -4.40
CA ARG C 398 8.99 18.13 -4.84
C ARG C 398 7.55 18.09 -5.28
N LEU C 399 6.66 18.56 -4.39
CA LEU C 399 5.21 18.65 -4.55
C LEU C 399 4.83 19.58 -5.71
N GLU C 400 5.56 20.70 -5.85
CA GLU C 400 5.40 21.69 -6.92
C GLU C 400 5.60 20.99 -8.29
N LEU C 401 6.70 20.22 -8.41
CA LEU C 401 7.06 19.46 -9.60
C LEU C 401 6.05 18.34 -9.84
N GLN C 402 5.63 17.66 -8.73
CA GLN C 402 4.67 16.58 -8.75
C GLN C 402 3.38 17.08 -9.39
N GLY C 403 2.89 18.20 -8.88
CA GLY C 403 1.66 18.85 -9.33
C GLY C 403 1.63 19.08 -10.82
N TYR C 404 2.75 19.64 -11.32
CA TYR C 404 2.97 19.93 -12.73
C TYR C 404 2.68 18.71 -13.61
N ARG C 405 3.35 17.56 -13.32
CA ARG C 405 3.17 16.30 -14.04
C ARG C 405 1.70 15.77 -14.01
N VAL C 406 1.08 15.84 -12.81
CA VAL C 406 -0.28 15.40 -12.58
C VAL C 406 -1.24 16.07 -13.57
N ILE C 407 -1.11 17.38 -13.67
CA ILE C 407 -1.97 18.22 -14.50
C ILE C 407 -1.65 18.02 -15.97
N SER C 408 -0.36 18.04 -16.32
CA SER C 408 0.13 17.82 -17.68
C SER C 408 -0.40 16.48 -18.23
N GLY C 409 -0.19 15.43 -17.44
CA GLY C 409 -0.63 14.07 -17.73
C GLY C 409 -2.13 13.96 -17.89
N LEU C 410 -2.87 14.62 -16.97
CA LEU C 410 -4.34 14.67 -16.96
C LEU C 410 -4.88 15.33 -18.23
N LEU C 411 -4.23 16.45 -18.62
CA LEU C 411 -4.53 17.21 -19.82
C LEU C 411 -4.32 16.35 -21.06
N GLU C 412 -3.25 15.52 -21.02
CA GLU C 412 -2.96 14.59 -22.11
C GLU C 412 -4.02 13.50 -22.19
N ILE C 413 -4.49 13.00 -21.02
CA ILE C 413 -5.54 11.98 -20.94
C ILE C 413 -6.82 12.46 -21.65
N TYR C 414 -7.05 13.76 -21.64
CA TYR C 414 -8.23 14.38 -22.22
C TYR C 414 -8.01 14.95 -23.61
N ARG C 415 -6.74 14.88 -24.12
CA ARG C 415 -6.35 15.31 -25.48
C ARG C 415 -7.28 14.69 -26.57
N PRO C 416 -7.68 13.38 -26.49
CA PRO C 416 -8.59 12.79 -27.50
C PRO C 416 -9.88 13.54 -27.79
N LEU C 417 -10.43 14.21 -26.78
CA LEU C 417 -11.68 14.97 -26.89
C LEU C 417 -11.45 16.22 -27.71
N LEU C 418 -10.27 16.81 -27.55
CA LEU C 418 -9.86 18.00 -28.28
C LEU C 418 -9.40 17.63 -29.69
N SER C 419 -8.63 16.53 -29.80
CA SER C 419 -8.12 15.99 -31.07
C SER C 419 -9.34 15.30 -31.71
N LEU C 420 -10.26 16.12 -32.26
CA LEU C 420 -11.55 15.71 -32.85
C LEU C 420 -12.15 16.79 -33.75
N SER C 421 -13.11 16.38 -34.61
CA SER C 421 -13.80 17.31 -35.49
C SER C 421 -15.03 17.80 -34.76
N LEU C 422 -15.53 19.01 -35.12
CA LEU C 422 -16.73 19.60 -34.53
C LEU C 422 -17.91 18.65 -34.73
N SER C 423 -18.17 18.26 -35.99
CA SER C 423 -19.20 17.32 -36.47
C SER C 423 -19.27 16.05 -35.59
N ASP C 424 -18.10 15.50 -35.22
CA ASP C 424 -17.93 14.35 -34.35
C ASP C 424 -18.22 14.74 -32.91
N PHE C 425 -17.56 15.79 -32.39
CA PHE C 425 -17.70 16.25 -31.01
C PHE C 425 -19.14 16.57 -30.64
N THR C 426 -19.83 17.33 -31.51
CA THR C 426 -21.23 17.73 -31.39
C THR C 426 -22.07 16.47 -31.32
N GLU C 427 -21.80 15.48 -32.22
CA GLU C 427 -22.46 14.18 -32.24
C GLU C 427 -22.49 13.56 -30.82
N LEU C 428 -21.33 13.61 -30.13
CA LEU C 428 -21.13 13.10 -28.76
C LEU C 428 -21.91 13.88 -27.73
N VAL C 429 -22.14 15.16 -27.99
CA VAL C 429 -22.89 16.00 -27.09
C VAL C 429 -24.39 15.60 -27.13
N GLU C 430 -24.97 15.33 -28.34
CA GLU C 430 -26.38 14.92 -28.50
C GLU C 430 -26.59 13.50 -27.99
N LYS C 431 -26.06 12.51 -28.73
CA LYS C 431 -26.15 11.11 -28.33
C LYS C 431 -25.09 10.90 -27.25
N GLU C 432 -25.47 10.38 -26.07
CA GLU C 432 -24.49 10.13 -25.01
C GLU C 432 -23.63 8.92 -25.34
N ARG C 433 -24.22 7.97 -26.08
CA ARG C 433 -23.56 6.74 -26.52
C ARG C 433 -23.27 6.83 -28.03
N VAL C 434 -21.97 6.93 -28.36
CA VAL C 434 -21.51 7.00 -29.75
C VAL C 434 -20.66 5.78 -30.06
N LYS C 435 -21.07 5.13 -31.14
CA LYS C 435 -20.54 3.93 -31.77
C LYS C 435 -19.01 3.88 -31.81
N ARG C 436 -18.45 4.59 -32.80
CA ARG C 436 -17.04 4.68 -33.18
C ARG C 436 -16.11 5.33 -32.14
N PHE C 437 -16.66 6.20 -31.28
CA PHE C 437 -15.83 6.89 -30.29
C PHE C 437 -16.23 6.48 -28.88
N PRO C 438 -15.79 5.30 -28.39
CA PRO C 438 -16.25 4.84 -27.08
C PRO C 438 -15.40 5.36 -25.92
N ILE C 439 -14.10 5.57 -26.18
CA ILE C 439 -13.14 6.05 -25.21
C ILE C 439 -13.53 7.50 -24.93
N GLU C 440 -13.75 8.26 -26.00
CA GLU C 440 -14.11 9.67 -26.01
C GLU C 440 -15.42 9.87 -25.27
N SER C 441 -16.37 8.92 -25.46
CA SER C 441 -17.68 8.87 -24.80
C SER C 441 -17.47 8.86 -23.32
N ARG C 442 -16.86 7.79 -22.82
CA ARG C 442 -16.54 7.54 -21.42
C ARG C 442 -15.75 8.67 -20.78
N LEU C 443 -14.78 9.25 -21.53
CA LEU C 443 -13.96 10.39 -21.13
C LEU C 443 -14.80 11.67 -20.95
N PHE C 444 -15.77 11.85 -21.83
CA PHE C 444 -16.71 12.96 -21.79
C PHE C 444 -17.67 12.80 -20.63
N HIS C 445 -17.97 11.54 -20.24
CA HIS C 445 -18.84 11.26 -19.09
C HIS C 445 -18.15 11.60 -17.78
N LYS C 446 -16.81 11.44 -17.76
CA LYS C 446 -15.95 11.75 -16.62
C LYS C 446 -16.03 13.23 -16.23
N LEU C 447 -16.34 14.10 -17.21
CA LEU C 447 -16.47 15.54 -17.04
C LEU C 447 -17.65 15.87 -16.16
N SER C 448 -17.49 16.90 -15.31
CA SER C 448 -18.56 17.27 -14.40
C SER C 448 -19.68 18.03 -15.08
N THR C 449 -20.88 17.49 -14.83
CA THR C 449 -22.22 17.88 -15.26
C THR C 449 -22.43 19.40 -15.36
N ARG C 450 -21.79 20.19 -14.49
CA ARG C 450 -21.91 21.64 -14.47
C ARG C 450 -21.12 22.29 -15.61
N HIS C 451 -19.84 21.93 -15.77
CA HIS C 451 -18.98 22.48 -16.84
C HIS C 451 -19.46 22.00 -18.21
N ARG C 452 -20.05 20.79 -18.22
CA ARG C 452 -20.61 20.15 -19.40
C ARG C 452 -21.80 20.98 -19.87
N LEU C 453 -22.73 21.24 -18.95
CA LEU C 453 -23.92 22.07 -19.12
C LEU C 453 -23.54 23.45 -19.67
N ALA C 454 -22.58 24.11 -19.00
CA ALA C 454 -22.07 25.44 -19.34
C ALA C 454 -21.58 25.55 -20.75
N TYR C 455 -20.86 24.51 -21.23
CA TYR C 455 -20.33 24.43 -22.59
C TYR C 455 -21.47 24.54 -23.60
N VAL C 456 -22.45 23.64 -23.46
CA VAL C 456 -23.63 23.52 -24.31
C VAL C 456 -24.37 24.86 -24.42
N GLU C 457 -24.58 25.52 -23.25
CA GLU C 457 -25.26 26.80 -23.11
C GLU C 457 -24.57 27.93 -23.88
N ALA C 458 -23.23 28.03 -23.75
CA ALA C 458 -22.40 29.02 -24.46
C ALA C 458 -22.49 28.79 -25.97
N VAL C 459 -22.51 27.50 -26.35
CA VAL C 459 -22.58 27.01 -27.74
C VAL C 459 -23.95 27.32 -28.37
N SER C 460 -25.05 27.03 -27.65
CA SER C 460 -26.42 27.25 -28.09
C SER C 460 -26.74 28.75 -28.30
N LYS C 461 -25.96 29.64 -27.66
CA LYS C 461 -26.12 31.09 -27.78
C LYS C 461 -25.46 31.66 -29.05
N LEU C 462 -24.61 30.86 -29.72
CA LEU C 462 -23.90 31.25 -30.95
C LEU C 462 -24.76 31.05 -32.21
N PRO C 463 -24.55 31.81 -33.32
CA PRO C 463 -25.33 31.54 -34.55
C PRO C 463 -24.72 30.40 -35.36
N SER C 464 -25.49 29.33 -35.60
CA SER C 464 -25.10 28.10 -36.33
C SER C 464 -24.42 28.37 -37.68
N ASP C 465 -24.99 29.31 -38.42
CA ASP C 465 -24.62 29.80 -39.73
C ASP C 465 -23.21 30.46 -39.76
N SER C 466 -22.86 31.22 -38.68
CA SER C 466 -21.63 32.01 -38.54
C SER C 466 -20.33 31.30 -38.92
N PRO C 467 -19.40 32.02 -39.61
CA PRO C 467 -18.11 31.39 -39.97
C PRO C 467 -17.18 31.29 -38.75
N GLU C 468 -17.45 32.13 -37.72
CA GLU C 468 -16.70 32.16 -36.48
C GLU C 468 -17.16 31.04 -35.54
N PHE C 469 -18.40 30.55 -35.75
CA PHE C 469 -19.00 29.47 -34.97
C PHE C 469 -18.03 28.30 -34.66
N PRO C 470 -17.31 27.67 -35.65
CA PRO C 470 -16.41 26.56 -35.30
C PRO C 470 -15.25 26.92 -34.36
N LEU C 471 -14.74 28.16 -34.50
CA LEU C 471 -13.65 28.73 -33.70
C LEU C 471 -14.11 28.87 -32.25
N TRP C 472 -15.34 29.40 -32.09
CA TRP C 472 -16.00 29.57 -30.81
C TRP C 472 -16.16 28.24 -30.10
N GLU C 473 -16.69 27.21 -30.83
CA GLU C 473 -16.90 25.85 -30.35
C GLU C 473 -15.62 25.37 -29.73
N TYR C 474 -14.49 25.47 -30.47
CA TYR C 474 -13.22 25.03 -29.96
C TYR C 474 -12.80 25.81 -28.74
N TYR C 475 -12.86 27.17 -28.78
CA TYR C 475 -12.54 28.02 -27.64
C TYR C 475 -13.26 27.46 -26.40
N TYR C 476 -14.60 27.24 -26.53
CA TYR C 476 -15.46 26.72 -25.48
C TYR C 476 -15.11 25.30 -25.05
N ARG C 477 -14.74 24.44 -26.02
CA ARG C 477 -14.36 23.04 -25.81
C ARG C 477 -13.18 23.00 -24.85
N CYS C 478 -12.19 23.84 -25.12
CA CYS C 478 -10.97 23.97 -24.32
C CYS C 478 -11.30 24.51 -22.96
N ARG C 479 -12.16 25.54 -22.95
CA ARG C 479 -12.64 26.17 -21.72
C ARG C 479 -13.26 25.08 -20.84
N LEU C 480 -14.18 24.28 -21.41
CA LEU C 480 -14.85 23.16 -20.76
C LEU C 480 -13.85 22.23 -20.04
N LEU C 481 -12.78 21.80 -20.78
CA LEU C 481 -11.74 20.94 -20.24
C LEU C 481 -11.01 21.63 -19.08
N GLN C 482 -10.65 22.91 -19.32
CA GLN C 482 -9.97 23.76 -18.35
C GLN C 482 -10.75 23.87 -17.03
N ASP C 483 -12.08 24.04 -17.16
CA ASP C 483 -13.01 24.14 -16.04
C ASP C 483 -12.98 22.90 -15.18
N TYR C 484 -13.02 21.71 -15.82
CA TYR C 484 -12.99 20.43 -15.13
C TYR C 484 -11.78 20.31 -14.22
N ILE C 485 -10.59 20.45 -14.82
CA ILE C 485 -9.27 20.40 -14.20
C ILE C 485 -9.16 21.44 -13.05
N SER C 486 -9.30 22.74 -13.37
CA SER C 486 -9.20 23.85 -12.40
C SER C 486 -10.13 23.66 -11.21
N GLY C 487 -11.28 23.04 -11.49
CA GLY C 487 -12.31 22.74 -10.50
C GLY C 487 -11.88 21.73 -9.46
N MSE C 488 -10.95 20.82 -9.82
CA MSE C 488 -10.44 19.76 -8.93
C MSE C 488 -9.60 20.27 -7.76
O MSE C 488 -9.03 21.36 -7.83
CB MSE C 488 -9.58 18.77 -9.72
CG MSE C 488 -10.34 17.96 -10.74
SE MSE C 488 -9.05 17.16 -11.93
CE MSE C 488 -9.84 15.44 -12.04
N THR C 489 -9.53 19.45 -6.69
CA THR C 489 -8.70 19.70 -5.50
C THR C 489 -7.38 19.02 -5.83
N ASP C 490 -6.32 19.35 -5.09
CA ASP C 490 -4.98 18.74 -5.28
C ASP C 490 -5.10 17.22 -5.23
N LEU C 491 -5.91 16.73 -4.27
CA LEU C 491 -6.16 15.30 -4.01
C LEU C 491 -6.91 14.63 -5.14
N TYR C 492 -8.05 15.19 -5.54
CA TYR C 492 -8.87 14.60 -6.60
C TYR C 492 -8.12 14.49 -7.93
N ALA C 493 -7.38 15.55 -8.30
CA ALA C 493 -6.57 15.60 -9.52
C ALA C 493 -5.49 14.54 -9.49
N TRP C 494 -4.84 14.33 -8.33
CA TRP C 494 -3.79 13.34 -8.15
C TRP C 494 -4.40 11.95 -8.19
N ASP C 495 -5.50 11.75 -7.48
CA ASP C 495 -6.21 10.49 -7.40
C ASP C 495 -6.63 10.05 -8.79
N GLU C 496 -7.24 10.97 -9.56
CA GLU C 496 -7.68 10.75 -10.93
C GLU C 496 -6.54 10.42 -11.85
N TYR C 497 -5.40 11.13 -11.70
CA TYR C 497 -4.20 10.89 -12.48
C TYR C 497 -3.74 9.44 -12.38
N ARG C 498 -3.65 8.92 -11.14
CA ARG C 498 -3.30 7.54 -10.83
C ARG C 498 -4.35 6.57 -11.36
N ARG C 499 -5.65 6.86 -11.10
CA ARG C 499 -6.78 6.06 -11.55
C ARG C 499 -6.77 5.87 -13.09
N LEU C 500 -6.55 6.99 -13.82
CA LEU C 500 -6.51 7.02 -15.28
C LEU C 500 -5.17 6.58 -15.84
N MSE C 501 -4.16 6.43 -14.97
CA MSE C 501 -2.87 5.90 -15.38
C MSE C 501 -2.85 4.40 -15.08
O MSE C 501 -1.95 3.69 -15.52
CB MSE C 501 -1.71 6.65 -14.72
CG MSE C 501 -1.37 7.98 -15.40
SE MSE C 501 -1.60 7.99 -17.37
CE MSE C 501 -0.73 9.73 -17.78
N ALA C 502 -3.90 3.93 -14.37
CA ALA C 502 -4.18 2.55 -13.95
C ALA C 502 -3.15 1.99 -12.94
N VAL C 503 -3.24 2.48 -11.69
CA VAL C 503 -2.41 2.08 -10.55
C VAL C 503 -3.27 1.89 -9.23
N GLU C 504 -4.62 1.83 -9.37
CA GLU C 504 -5.60 1.65 -8.27
C GLU C 504 -6.62 0.55 -8.63
N GLN D 3 -36.32 -54.76 0.39
CA GLN D 3 -36.45 -54.74 -1.08
C GLN D 3 -36.02 -53.38 -1.66
N ILE D 4 -35.25 -53.41 -2.77
CA ILE D 4 -34.69 -52.22 -3.46
C ILE D 4 -35.65 -51.61 -4.51
N ASP D 5 -36.22 -50.44 -4.15
CA ASP D 5 -37.08 -49.62 -5.00
C ASP D 5 -36.73 -48.12 -4.87
N PHE D 6 -36.13 -47.59 -5.93
CA PHE D 6 -35.68 -46.22 -5.98
C PHE D 6 -36.77 -45.21 -6.13
N ARG D 7 -37.99 -45.65 -6.50
CA ARG D 7 -39.16 -44.78 -6.56
C ARG D 7 -39.33 -44.15 -5.15
N LYS D 8 -39.13 -45.00 -4.11
CA LYS D 8 -39.22 -44.70 -2.67
C LYS D 8 -38.05 -43.83 -2.13
N LYS D 9 -36.91 -43.82 -2.84
CA LYS D 9 -35.74 -43.04 -2.44
C LYS D 9 -35.63 -41.69 -3.18
N ILE D 10 -36.03 -41.66 -4.46
CA ILE D 10 -36.00 -40.46 -5.29
C ILE D 10 -37.29 -39.62 -5.06
N ASN D 11 -37.34 -38.97 -3.88
CA ASN D 11 -38.45 -38.14 -3.43
C ASN D 11 -38.42 -36.78 -4.10
N TRP D 12 -39.35 -36.57 -5.05
CA TRP D 12 -39.49 -35.33 -5.81
C TRP D 12 -40.35 -34.26 -5.10
N HIS D 13 -40.85 -34.55 -3.89
CA HIS D 13 -41.64 -33.60 -3.09
C HIS D 13 -40.71 -32.61 -2.40
N ARG D 14 -41.26 -31.49 -1.91
CA ARG D 14 -40.48 -30.46 -1.22
C ARG D 14 -40.95 -30.26 0.23
N ARG D 15 -40.29 -29.38 1.00
CA ARG D 15 -40.69 -29.16 2.39
C ARG D 15 -41.90 -28.22 2.44
N TYR D 16 -41.71 -27.02 1.88
CA TYR D 16 -42.72 -25.99 1.79
C TYR D 16 -43.20 -25.95 0.34
N ARG D 17 -44.43 -25.42 0.09
CA ARG D 17 -45.10 -25.31 -1.22
C ARG D 17 -44.89 -26.58 -2.13
N SER D 18 -44.74 -27.76 -1.47
CA SER D 18 -44.48 -29.07 -2.07
C SER D 18 -45.45 -29.50 -3.16
N PRO D 19 -44.97 -30.09 -4.28
CA PRO D 19 -45.91 -30.60 -5.29
C PRO D 19 -46.42 -31.97 -4.85
N GLN D 20 -47.63 -32.36 -5.28
CA GLN D 20 -48.21 -33.68 -4.92
C GLN D 20 -49.17 -34.17 -5.99
N GLY D 21 -49.28 -35.50 -6.07
CA GLY D 21 -50.21 -36.18 -6.97
C GLY D 21 -49.68 -36.57 -8.34
N VAL D 22 -49.46 -37.87 -8.52
CA VAL D 22 -49.07 -38.57 -9.75
C VAL D 22 -47.72 -38.04 -10.36
N LYS D 23 -47.79 -37.16 -11.40
CA LYS D 23 -46.67 -36.58 -12.19
C LYS D 23 -45.96 -37.62 -13.10
N THR D 24 -45.80 -37.27 -14.39
CA THR D 24 -45.14 -38.13 -15.39
C THR D 24 -43.63 -38.11 -15.24
N GLU D 25 -42.97 -39.09 -15.91
CA GLU D 25 -41.52 -39.23 -16.02
C GLU D 25 -40.93 -37.84 -16.29
N HIS D 26 -41.50 -37.14 -17.31
CA HIS D 26 -41.15 -35.80 -17.73
C HIS D 26 -41.37 -34.76 -16.64
N GLU D 27 -42.57 -34.77 -16.01
CA GLU D 27 -42.92 -33.83 -14.92
C GLU D 27 -41.89 -33.92 -13.80
N ILE D 28 -41.51 -35.15 -13.46
CA ILE D 28 -40.56 -35.50 -12.40
C ILE D 28 -39.15 -34.98 -12.76
N LEU D 29 -38.71 -35.22 -14.02
CA LEU D 29 -37.45 -34.75 -14.57
C LEU D 29 -37.34 -33.23 -14.40
N ARG D 30 -38.45 -32.54 -14.71
CA ARG D 30 -38.59 -31.09 -14.63
C ARG D 30 -38.39 -30.55 -13.22
N ILE D 31 -38.88 -31.28 -12.19
CA ILE D 31 -38.71 -30.92 -10.78
C ILE D 31 -37.22 -31.00 -10.42
N PHE D 32 -36.56 -32.08 -10.86
CA PHE D 32 -35.14 -32.29 -10.61
C PHE D 32 -34.29 -31.31 -11.40
N GLU D 33 -34.77 -30.91 -12.59
CA GLU D 33 -34.12 -29.93 -13.43
C GLU D 33 -34.29 -28.55 -12.83
N SER D 34 -35.42 -28.33 -12.12
CA SER D 34 -35.74 -27.08 -11.42
C SER D 34 -34.70 -26.83 -10.35
N ASP D 35 -34.40 -27.90 -9.57
CA ASP D 35 -33.41 -27.94 -8.49
C ASP D 35 -32.04 -27.49 -9.00
N ARG D 36 -31.64 -27.97 -10.20
CA ARG D 36 -30.37 -27.63 -10.83
C ARG D 36 -30.24 -26.11 -10.96
N GLY D 37 -31.24 -25.50 -11.62
CA GLY D 37 -31.35 -24.05 -11.82
C GLY D 37 -31.25 -23.25 -10.53
N ARG D 38 -31.93 -23.76 -9.47
CA ARG D 38 -31.94 -23.21 -8.12
C ARG D 38 -30.48 -23.13 -7.60
N ILE D 39 -29.78 -24.29 -7.59
CA ILE D 39 -28.39 -24.48 -7.16
C ILE D 39 -27.41 -23.56 -7.97
N ILE D 40 -27.41 -23.73 -9.31
CA ILE D 40 -26.53 -23.02 -10.25
C ILE D 40 -26.68 -21.46 -10.15
N ASN D 41 -27.88 -20.95 -9.84
CA ASN D 41 -28.07 -19.50 -9.73
C ASN D 41 -27.84 -18.97 -8.31
N SER D 42 -27.61 -19.88 -7.35
CA SER D 42 -27.38 -19.52 -5.95
C SER D 42 -26.10 -18.71 -5.76
N PRO D 43 -26.15 -17.65 -4.92
CA PRO D 43 -24.93 -16.87 -4.64
C PRO D 43 -23.96 -17.73 -3.82
N ALA D 44 -24.51 -18.60 -2.94
CA ALA D 44 -23.75 -19.54 -2.11
C ALA D 44 -22.82 -20.44 -2.96
N ILE D 45 -23.24 -20.69 -4.22
CA ILE D 45 -22.47 -21.47 -5.20
C ILE D 45 -21.41 -20.55 -5.89
N ARG D 46 -21.70 -19.23 -6.01
CA ARG D 46 -20.80 -18.25 -6.62
C ARG D 46 -19.62 -17.94 -5.70
N ARG D 47 -19.91 -17.90 -4.39
CA ARG D 47 -18.96 -17.63 -3.30
C ARG D 47 -17.66 -18.49 -3.37
N LEU D 48 -17.82 -19.71 -3.93
CA LEU D 48 -16.80 -20.74 -4.06
C LEU D 48 -15.63 -20.35 -4.98
N GLN D 49 -15.85 -19.39 -5.92
CA GLN D 49 -14.76 -18.91 -6.78
C GLN D 49 -13.78 -18.02 -5.97
N GLN D 50 -14.20 -17.64 -4.74
CA GLN D 50 -13.42 -16.81 -3.82
C GLN D 50 -13.07 -17.52 -2.52
N LYS D 51 -13.33 -18.82 -2.47
CA LYS D 51 -12.94 -19.66 -1.34
C LYS D 51 -11.75 -20.52 -1.80
N THR D 52 -10.64 -20.46 -1.03
CA THR D 52 -9.36 -21.10 -1.37
C THR D 52 -9.46 -22.63 -1.30
N GLN D 53 -8.81 -23.27 -2.27
CA GLN D 53 -8.65 -24.71 -2.42
C GLN D 53 -7.14 -24.96 -2.51
N VAL D 54 -6.56 -25.41 -1.37
CA VAL D 54 -5.13 -25.71 -1.18
C VAL D 54 -4.25 -24.44 -1.29
N PHE D 55 -4.07 -23.93 -2.53
CA PHE D 55 -3.24 -22.78 -2.86
C PHE D 55 -3.91 -21.42 -2.69
N PRO D 56 -3.11 -20.35 -2.36
CA PRO D 56 -3.71 -19.01 -2.21
C PRO D 56 -4.21 -18.45 -3.54
N LEU D 57 -5.26 -17.62 -3.46
CA LEU D 57 -5.91 -16.99 -4.60
C LEU D 57 -4.96 -15.99 -5.27
N GLU D 58 -4.14 -16.53 -6.15
CA GLU D 58 -3.11 -15.84 -6.93
C GLU D 58 -3.72 -14.94 -8.01
N ARG D 59 -2.96 -13.93 -8.50
CA ARG D 59 -3.41 -12.97 -9.53
C ARG D 59 -3.59 -13.59 -10.95
N ASN D 60 -3.37 -14.92 -11.09
CA ASN D 60 -3.65 -15.70 -12.31
C ASN D 60 -4.42 -16.97 -11.90
N ALA D 61 -5.67 -17.11 -12.43
CA ALA D 61 -6.62 -18.18 -12.15
C ALA D 61 -6.18 -19.59 -12.60
N ALA D 62 -4.86 -19.78 -12.87
CA ALA D 62 -4.22 -21.03 -13.27
C ALA D 62 -4.48 -22.14 -12.26
N VAL D 63 -4.62 -21.72 -10.98
CA VAL D 63 -4.89 -22.56 -9.82
C VAL D 63 -6.42 -22.77 -9.62
N ARG D 64 -6.76 -23.95 -9.08
CA ARG D 64 -8.14 -24.30 -8.79
C ARG D 64 -8.60 -23.63 -7.50
N THR D 65 -9.87 -23.16 -7.53
CA THR D 65 -10.59 -22.60 -6.39
C THR D 65 -11.57 -23.69 -5.96
N ARG D 66 -12.30 -23.45 -4.85
CA ARG D 66 -13.28 -24.41 -4.36
C ARG D 66 -14.31 -24.71 -5.45
N LEU D 67 -14.72 -23.70 -6.25
CA LEU D 67 -15.68 -23.84 -7.35
C LEU D 67 -15.18 -24.73 -8.48
N THR D 68 -14.03 -24.38 -9.05
CA THR D 68 -13.44 -25.11 -10.18
C THR D 68 -13.18 -26.58 -9.83
N HIS D 69 -12.84 -26.83 -8.55
CA HIS D 69 -12.64 -28.18 -8.04
C HIS D 69 -13.98 -28.93 -7.98
N SER D 70 -15.03 -28.28 -7.45
CA SER D 70 -16.37 -28.87 -7.31
C SER D 70 -17.02 -29.23 -8.65
N MSE D 71 -16.67 -28.47 -9.73
CA MSE D 71 -17.15 -28.73 -11.09
C MSE D 71 -16.48 -30.01 -11.59
O MSE D 71 -17.12 -30.83 -12.27
CB MSE D 71 -16.73 -27.59 -12.01
CG MSE D 71 -17.51 -26.32 -11.78
SE MSE D 71 -16.88 -24.80 -12.89
CE MSE D 71 -15.12 -25.44 -13.53
N GLU D 72 -15.19 -30.15 -11.24
CA GLU D 72 -14.38 -31.32 -11.58
C GLU D 72 -14.97 -32.53 -10.87
N VAL D 73 -15.26 -32.41 -9.55
CA VAL D 73 -15.87 -33.46 -8.72
C VAL D 73 -17.18 -33.95 -9.37
N GLN D 74 -18.06 -32.99 -9.75
CA GLN D 74 -19.36 -33.19 -10.38
C GLN D 74 -19.28 -34.03 -11.68
N GLN D 75 -18.27 -33.77 -12.53
CA GLN D 75 -18.10 -34.54 -13.77
C GLN D 75 -17.68 -35.99 -13.47
N VAL D 76 -16.91 -36.18 -12.37
CA VAL D 76 -16.48 -37.51 -11.89
C VAL D 76 -17.73 -38.24 -11.44
N GLY D 77 -18.51 -37.58 -10.57
CA GLY D 77 -19.78 -38.08 -10.03
C GLY D 77 -20.73 -38.52 -11.13
N ARG D 78 -20.82 -37.69 -12.21
CA ARG D 78 -21.63 -37.92 -13.43
C ARG D 78 -21.24 -39.29 -14.00
N TYR D 79 -19.92 -39.49 -14.27
CA TYR D 79 -19.32 -40.72 -14.78
C TYR D 79 -19.69 -41.93 -13.92
N ILE D 80 -19.46 -41.86 -12.60
CA ILE D 80 -19.80 -42.97 -11.69
C ILE D 80 -21.28 -43.32 -11.76
N ALA D 81 -22.16 -42.32 -11.56
CA ALA D 81 -23.61 -42.51 -11.63
C ALA D 81 -23.98 -43.19 -12.97
N LYS D 82 -23.55 -42.58 -14.11
CA LYS D 82 -23.74 -43.07 -15.48
C LYS D 82 -23.28 -44.53 -15.65
N GLU D 83 -22.14 -44.87 -14.99
CA GLU D 83 -21.55 -46.21 -15.00
C GLU D 83 -22.44 -47.21 -14.26
N ILE D 84 -22.86 -46.87 -13.01
CA ILE D 84 -23.79 -47.68 -12.21
C ILE D 84 -25.03 -48.05 -13.07
N LEU D 85 -25.64 -47.01 -13.69
CA LEU D 85 -26.82 -47.10 -14.55
C LEU D 85 -26.63 -48.08 -15.75
N SER D 86 -25.59 -47.85 -16.58
CA SER D 86 -25.25 -48.65 -17.79
C SER D 86 -25.07 -50.14 -17.49
N ARG D 87 -24.32 -50.42 -16.40
CA ARG D 87 -24.01 -51.74 -15.86
C ARG D 87 -25.32 -52.45 -15.49
N LEU D 88 -26.20 -51.71 -14.78
CA LEU D 88 -27.50 -52.17 -14.30
C LEU D 88 -28.51 -52.43 -15.41
N LYS D 89 -28.42 -51.65 -16.52
CA LYS D 89 -29.28 -51.84 -17.70
C LYS D 89 -28.84 -53.13 -18.40
N GLU D 90 -27.53 -53.42 -18.35
CA GLU D 90 -26.94 -54.63 -18.89
C GLU D 90 -27.30 -55.84 -17.99
N LEU D 91 -27.58 -55.57 -16.71
CA LEU D 91 -28.01 -56.58 -15.74
C LEU D 91 -29.54 -56.68 -15.72
N LYS D 92 -30.21 -55.74 -16.43
CA LYS D 92 -31.65 -55.52 -16.66
C LYS D 92 -32.43 -55.16 -15.37
N LEU D 93 -31.71 -55.04 -14.23
CA LEU D 93 -32.18 -54.72 -12.89
C LEU D 93 -32.70 -53.29 -12.72
N LEU D 94 -32.58 -52.48 -13.77
CA LEU D 94 -33.00 -51.08 -13.79
C LEU D 94 -34.49 -50.91 -13.48
N GLU D 95 -35.37 -51.62 -14.22
CA GLU D 95 -36.82 -51.60 -14.02
C GLU D 95 -37.13 -52.22 -12.64
N ALA D 96 -36.39 -53.30 -12.31
CA ALA D 96 -36.46 -54.07 -11.07
C ALA D 96 -36.19 -53.25 -9.82
N TYR D 97 -35.31 -52.24 -9.93
CA TYR D 97 -34.97 -51.40 -8.79
C TYR D 97 -35.71 -50.06 -8.82
N GLY D 98 -36.74 -49.95 -9.65
CA GLY D 98 -37.55 -48.75 -9.83
C GLY D 98 -36.78 -47.55 -10.34
N LEU D 99 -35.93 -47.77 -11.36
CA LEU D 99 -35.05 -46.76 -11.93
C LEU D 99 -35.28 -46.41 -13.38
N ASP D 100 -35.85 -47.35 -14.16
CA ASP D 100 -36.18 -47.23 -15.59
C ASP D 100 -36.75 -45.85 -15.99
N GLU D 101 -37.42 -45.16 -15.04
CA GLU D 101 -38.04 -43.86 -15.24
C GLU D 101 -37.37 -42.70 -14.48
N LEU D 102 -36.44 -43.01 -13.55
CA LEU D 102 -35.72 -42.02 -12.75
C LEU D 102 -34.24 -41.91 -13.10
N THR D 103 -33.88 -42.33 -14.33
CA THR D 103 -32.52 -42.38 -14.89
C THR D 103 -31.82 -41.03 -14.80
N GLY D 104 -32.35 -40.05 -15.52
CA GLY D 104 -31.88 -38.67 -15.53
C GLY D 104 -31.83 -38.09 -14.12
N PRO D 105 -32.97 -38.09 -13.36
CA PRO D 105 -32.95 -37.55 -11.99
C PRO D 105 -31.78 -38.04 -11.15
N PHE D 106 -31.62 -39.37 -11.02
CA PHE D 106 -30.54 -40.06 -10.32
C PHE D 106 -29.21 -39.32 -10.56
N GLU D 107 -28.82 -39.25 -11.83
CA GLU D 107 -27.62 -38.63 -12.37
C GLU D 107 -27.49 -37.14 -11.94
N SER D 108 -28.53 -36.32 -12.22
CA SER D 108 -28.61 -34.89 -11.86
C SER D 108 -28.34 -34.67 -10.36
N ILE D 109 -29.01 -35.48 -9.49
CA ILE D 109 -28.89 -35.45 -8.03
C ILE D 109 -27.42 -35.60 -7.66
N VAL D 110 -26.73 -36.59 -8.26
CA VAL D 110 -25.30 -36.84 -8.02
C VAL D 110 -24.51 -35.54 -8.30
N GLU D 111 -24.54 -35.07 -9.58
CA GLU D 111 -23.92 -33.84 -10.09
C GLU D 111 -24.17 -32.64 -9.16
N MSE D 112 -25.42 -32.45 -8.76
CA MSE D 112 -25.85 -31.34 -7.92
C MSE D 112 -25.37 -31.42 -6.50
O MSE D 112 -25.13 -30.37 -5.89
CB MSE D 112 -27.36 -31.15 -7.99
CG MSE D 112 -27.83 -30.54 -9.32
SE MSE D 112 -26.82 -28.94 -9.97
CE MSE D 112 -25.46 -29.80 -11.05
N SER D 113 -25.20 -32.65 -5.97
CA SER D 113 -24.70 -32.92 -4.62
C SER D 113 -23.20 -32.75 -4.63
N CYS D 114 -22.58 -33.17 -5.74
CA CYS D 114 -21.15 -33.03 -6.04
C CYS D 114 -20.79 -31.57 -5.98
N LEU D 115 -21.56 -30.77 -6.73
CA LEU D 115 -21.44 -29.33 -6.80
C LEU D 115 -21.51 -28.71 -5.40
N MSE D 116 -22.54 -29.09 -4.65
CA MSE D 116 -22.80 -28.58 -3.32
C MSE D 116 -21.95 -29.17 -2.20
O MSE D 116 -22.15 -28.77 -1.05
CB MSE D 116 -24.25 -28.74 -3.02
CG MSE D 116 -25.08 -27.83 -3.83
SE MSE D 116 -26.81 -27.88 -3.12
CE MSE D 116 -27.15 -26.05 -3.33
N HIS D 117 -20.98 -30.05 -2.51
CA HIS D 117 -20.06 -30.48 -1.44
C HIS D 117 -19.18 -29.23 -1.19
N ASP D 118 -18.81 -28.95 0.06
CA ASP D 118 -17.97 -27.75 0.24
C ASP D 118 -18.87 -26.52 0.19
N ILE D 119 -20.17 -26.70 0.03
CA ILE D 119 -21.08 -25.51 -0.05
C ILE D 119 -21.19 -24.79 1.29
N GLY D 120 -21.23 -25.51 2.41
CA GLY D 120 -21.37 -24.92 3.75
C GLY D 120 -20.05 -24.68 4.46
N ASN D 121 -18.94 -24.99 3.79
CA ASN D 121 -17.62 -24.78 4.39
C ASN D 121 -17.36 -23.31 4.73
N PRO D 122 -16.61 -23.02 5.84
CA PRO D 122 -16.37 -21.64 6.24
C PRO D 122 -15.31 -20.96 5.35
N PRO D 123 -14.92 -19.67 5.59
CA PRO D 123 -13.92 -19.06 4.70
C PRO D 123 -12.64 -19.88 4.61
N PHE D 124 -11.95 -20.09 5.72
CA PHE D 124 -10.67 -20.77 5.67
C PHE D 124 -10.75 -22.28 5.91
N GLY D 125 -11.85 -22.88 5.45
CA GLY D 125 -12.11 -24.31 5.49
C GLY D 125 -11.92 -24.94 6.85
N HIS D 126 -11.21 -26.09 6.88
CA HIS D 126 -10.89 -26.87 8.07
C HIS D 126 -10.23 -26.02 9.18
N PHE D 127 -9.44 -24.99 8.78
CA PHE D 127 -8.80 -24.04 9.69
C PHE D 127 -9.81 -23.07 10.27
N GLY D 128 -10.83 -22.74 9.48
CA GLY D 128 -11.94 -21.90 9.88
C GLY D 128 -12.69 -22.61 10.97
N GLU D 129 -13.05 -23.89 10.69
CA GLU D 129 -13.74 -24.80 11.62
C GLU D 129 -13.06 -24.74 12.97
N ALA D 130 -11.73 -24.93 12.99
CA ALA D 130 -10.85 -24.91 14.16
C ALA D 130 -11.01 -23.63 14.93
N ALA D 131 -10.68 -22.48 14.30
CA ALA D 131 -10.79 -21.15 14.89
C ALA D 131 -12.17 -20.83 15.47
N ILE D 132 -13.25 -21.40 14.88
CA ILE D 132 -14.64 -21.24 15.35
C ILE D 132 -14.85 -22.04 16.62
N ASN D 133 -14.63 -23.38 16.51
CA ASN D 133 -14.76 -24.37 17.55
C ASN D 133 -13.91 -24.04 18.77
N ASP D 134 -12.69 -23.55 18.52
CA ASP D 134 -11.74 -23.18 19.54
C ASP D 134 -12.21 -21.96 20.30
N TRP D 135 -12.65 -20.93 19.56
CA TRP D 135 -13.18 -19.69 20.13
C TRP D 135 -14.40 -19.97 21.02
N PHE D 136 -15.25 -20.90 20.59
CA PHE D 136 -16.42 -21.28 21.36
C PHE D 136 -16.04 -22.12 22.56
N ARG D 137 -15.05 -23.04 22.39
CA ARG D 137 -14.57 -23.91 23.47
C ARG D 137 -14.03 -23.14 24.67
N GLN D 138 -13.20 -22.09 24.45
CA GLN D 138 -12.65 -21.26 25.53
C GLN D 138 -13.73 -20.46 26.28
N ARG D 139 -14.91 -20.30 25.63
CA ARG D 139 -16.07 -19.57 26.13
C ARG D 139 -17.17 -20.48 26.68
N LEU D 140 -17.14 -21.79 26.34
CA LEU D 140 -18.20 -22.72 26.77
C LEU D 140 -17.69 -23.92 27.56
N HIS D 141 -16.55 -24.51 27.12
CA HIS D 141 -15.93 -25.69 27.73
C HIS D 141 -16.96 -26.82 27.83
N PRO D 142 -17.32 -27.45 26.67
CA PRO D 142 -18.36 -28.49 26.70
C PRO D 142 -17.94 -29.77 27.46
N GLU D 143 -16.63 -29.95 27.70
CA GLU D 143 -16.08 -31.08 28.45
C GLU D 143 -16.57 -31.04 29.92
N ASP D 144 -16.77 -29.82 30.45
CA ASP D 144 -17.27 -29.53 31.80
C ASP D 144 -18.76 -29.87 31.98
N ALA D 145 -19.43 -30.32 30.90
CA ALA D 145 -20.85 -30.68 30.91
C ALA D 145 -21.10 -32.18 30.87
N GLU D 146 -20.15 -32.96 30.33
CA GLU D 146 -20.15 -34.42 30.13
C GLU D 146 -20.83 -35.22 31.27
N SER D 147 -20.41 -35.01 32.55
CA SER D 147 -20.92 -35.74 33.72
C SER D 147 -21.92 -34.92 34.58
N GLN D 148 -21.73 -34.93 35.91
CA GLN D 148 -22.57 -34.26 36.90
C GLN D 148 -22.24 -32.75 37.02
N PRO D 149 -23.16 -31.88 37.55
CA PRO D 149 -22.82 -30.44 37.67
C PRO D 149 -21.55 -30.16 38.47
N LEU D 150 -20.51 -29.67 37.76
CA LEU D 150 -19.23 -29.31 38.33
C LEU D 150 -19.38 -28.05 39.17
N THR D 151 -18.86 -28.10 40.40
CA THR D 151 -18.88 -26.99 41.35
C THR D 151 -18.14 -25.75 40.81
N ASP D 152 -17.20 -25.98 39.87
CA ASP D 152 -16.35 -25.00 39.20
C ASP D 152 -16.47 -25.18 37.69
N ASP D 153 -17.65 -24.83 37.13
CA ASP D 153 -17.92 -24.94 35.68
C ASP D 153 -17.22 -23.79 34.92
N ARG D 154 -16.34 -24.14 33.97
CA ARG D 154 -15.55 -23.20 33.17
C ARG D 154 -16.37 -22.38 32.12
N CYS D 155 -17.67 -22.68 31.95
CA CYS D 155 -18.57 -21.98 31.02
C CYS D 155 -18.73 -20.50 31.40
N SER D 156 -18.53 -19.60 30.41
CA SER D 156 -18.64 -18.14 30.55
C SER D 156 -20.12 -17.66 30.58
N VAL D 157 -21.06 -18.53 30.16
CA VAL D 157 -22.48 -18.21 30.11
C VAL D 157 -23.22 -18.72 31.34
N ALA D 158 -23.91 -17.80 32.03
CA ALA D 158 -24.68 -18.09 33.23
C ALA D 158 -25.74 -19.18 33.01
N ALA D 159 -26.56 -19.02 31.96
CA ALA D 159 -27.65 -19.93 31.59
C ALA D 159 -27.18 -21.32 31.17
N LEU D 160 -26.01 -21.40 30.52
CA LEU D 160 -25.49 -22.68 30.04
C LEU D 160 -24.68 -23.43 31.10
N ARG D 161 -24.26 -22.74 32.18
CA ARG D 161 -23.56 -23.34 33.33
C ARG D 161 -24.55 -24.31 33.98
N LEU D 162 -24.12 -25.58 34.20
CA LEU D 162 -24.96 -26.64 34.81
C LEU D 162 -25.41 -26.26 36.21
N ARG D 163 -26.71 -25.91 36.40
CA ARG D 163 -27.20 -25.57 37.73
C ARG D 163 -27.32 -26.82 38.59
N ASP D 164 -26.74 -26.74 39.81
CA ASP D 164 -26.63 -27.78 40.84
C ASP D 164 -27.97 -28.49 41.15
N GLY D 165 -29.07 -27.71 41.20
CA GLY D 165 -30.44 -28.14 41.45
C GLY D 165 -30.92 -29.15 40.43
N GLU D 166 -31.69 -30.16 40.89
CA GLU D 166 -32.20 -31.25 40.05
C GLU D 166 -32.98 -30.75 38.83
N GLU D 167 -32.29 -30.70 37.68
CA GLU D 167 -32.86 -30.25 36.41
C GLU D 167 -32.57 -31.15 35.20
N PRO D 168 -33.59 -31.37 34.34
CA PRO D 168 -33.33 -32.07 33.07
C PRO D 168 -32.81 -31.04 32.06
N LEU D 169 -32.88 -29.73 32.45
CA LEU D 169 -32.39 -28.55 31.73
C LEU D 169 -30.89 -28.68 31.56
N ASN D 170 -30.27 -29.43 32.48
CA ASN D 170 -28.86 -29.76 32.47
C ASN D 170 -28.49 -30.53 31.20
N GLU D 171 -29.43 -31.35 30.68
CA GLU D 171 -29.24 -32.10 29.44
C GLU D 171 -29.31 -31.13 28.23
N LEU D 172 -30.18 -30.10 28.30
CA LEU D 172 -30.32 -29.09 27.24
C LEU D 172 -29.04 -28.27 27.11
N ARG D 173 -28.44 -27.90 28.26
CA ARG D 173 -27.17 -27.17 28.35
C ARG D 173 -26.04 -27.97 27.68
N ARG D 174 -25.99 -29.29 27.96
CA ARG D 174 -25.02 -30.27 27.47
C ARG D 174 -25.03 -30.30 25.94
N LYS D 175 -26.24 -30.46 25.38
CA LYS D 175 -26.47 -30.53 23.94
C LYS D 175 -26.08 -29.22 23.23
N ILE D 176 -26.47 -28.06 23.80
CA ILE D 176 -26.17 -26.74 23.22
C ILE D 176 -24.65 -26.52 23.16
N ARG D 177 -23.94 -26.77 24.28
CA ARG D 177 -22.49 -26.65 24.40
C ARG D 177 -21.74 -27.50 23.37
N GLN D 178 -22.16 -28.76 23.18
CA GLN D 178 -21.53 -29.66 22.21
C GLN D 178 -21.84 -29.26 20.76
N ASP D 179 -23.11 -28.88 20.45
CA ASP D 179 -23.54 -28.46 19.11
C ASP D 179 -22.80 -27.22 18.60
N LEU D 180 -22.70 -26.17 19.45
CA LEU D 180 -22.04 -24.92 19.08
C LEU D 180 -20.53 -25.07 18.95
N CYS D 181 -19.91 -25.92 19.80
CA CYS D 181 -18.47 -26.18 19.81
C CYS D 181 -18.04 -27.21 18.77
N HIS D 182 -18.99 -27.85 18.08
CA HIS D 182 -18.70 -28.84 17.06
C HIS D 182 -19.28 -28.45 15.69
N PHE D 183 -18.86 -27.27 15.18
CA PHE D 183 -19.21 -26.76 13.86
C PHE D 183 -18.48 -27.63 12.80
N GLU D 184 -19.22 -28.04 11.76
CA GLU D 184 -18.74 -28.81 10.61
C GLU D 184 -19.42 -28.29 9.33
N GLY D 185 -18.61 -28.10 8.28
CA GLY D 185 -19.04 -27.61 6.98
C GLY D 185 -20.23 -28.33 6.37
N ASN D 186 -20.23 -29.67 6.44
CA ASN D 186 -21.32 -30.50 5.94
C ASN D 186 -22.63 -30.18 6.67
N ALA D 187 -22.56 -30.11 8.02
CA ALA D 187 -23.68 -29.78 8.92
C ALA D 187 -24.21 -28.38 8.62
N GLN D 188 -23.28 -27.44 8.35
CA GLN D 188 -23.55 -26.05 8.00
C GLN D 188 -24.16 -25.99 6.60
N GLY D 189 -23.75 -26.90 5.73
CA GLY D 189 -24.28 -27.03 4.38
C GLY D 189 -25.77 -27.30 4.38
N ILE D 190 -26.20 -28.24 5.27
CA ILE D 190 -27.61 -28.62 5.43
C ILE D 190 -28.39 -27.39 5.95
N ARG D 191 -27.85 -26.76 7.01
CA ARG D 191 -28.35 -25.54 7.65
C ARG D 191 -28.57 -24.44 6.59
N LEU D 192 -27.57 -24.29 5.71
CA LEU D 192 -27.50 -23.32 4.63
C LEU D 192 -28.62 -23.48 3.59
N VAL D 193 -28.69 -24.62 2.88
CA VAL D 193 -29.68 -24.84 1.82
C VAL D 193 -31.14 -24.69 2.29
N HIS D 194 -31.39 -25.01 3.56
CA HIS D 194 -32.74 -24.94 4.09
C HIS D 194 -33.01 -23.64 4.83
N THR D 195 -32.53 -23.51 6.07
CA THR D 195 -32.80 -22.39 6.95
C THR D 195 -32.19 -21.06 6.49
N LEU D 196 -31.04 -21.10 5.79
CA LEU D 196 -30.37 -19.85 5.42
C LEU D 196 -30.68 -19.39 3.99
N MSE D 197 -30.33 -20.20 3.00
CA MSE D 197 -30.54 -19.90 1.59
C MSE D 197 -31.98 -20.02 1.17
O MSE D 197 -32.37 -19.44 0.15
CB MSE D 197 -29.62 -20.76 0.71
CG MSE D 197 -28.17 -20.27 0.65
SE MSE D 197 -27.90 -18.35 0.27
CE MSE D 197 -28.84 -18.24 -1.42
N ARG D 198 -32.81 -20.74 1.97
CA ARG D 198 -34.24 -20.94 1.75
C ARG D 198 -34.53 -21.30 0.27
N MSE D 199 -33.82 -22.33 -0.20
CA MSE D 199 -33.87 -22.83 -1.57
C MSE D 199 -35.12 -23.62 -1.88
O MSE D 199 -35.65 -23.50 -2.98
CB MSE D 199 -32.64 -23.69 -1.85
CG MSE D 199 -31.33 -22.97 -1.70
SE MSE D 199 -29.94 -23.85 -2.64
CE MSE D 199 -28.42 -22.96 -1.86
N ASN D 200 -35.56 -24.45 -0.90
CA ASN D 200 -36.70 -25.38 -0.99
C ASN D 200 -36.40 -26.39 -2.10
N LEU D 201 -35.48 -27.29 -1.81
CA LEU D 201 -35.07 -28.32 -2.75
C LEU D 201 -35.81 -29.61 -2.48
N THR D 202 -35.82 -30.50 -3.49
CA THR D 202 -36.43 -31.82 -3.39
C THR D 202 -35.71 -32.56 -2.27
N TRP D 203 -36.48 -33.31 -1.45
CA TRP D 203 -35.95 -34.09 -0.33
C TRP D 203 -34.70 -34.87 -0.76
N ALA D 204 -34.83 -35.61 -1.89
CA ALA D 204 -33.79 -36.42 -2.55
C ALA D 204 -32.43 -35.66 -2.68
N GLN D 205 -32.46 -34.38 -3.12
CA GLN D 205 -31.27 -33.54 -3.28
C GLN D 205 -30.54 -33.26 -1.97
N VAL D 206 -31.33 -32.87 -0.96
CA VAL D 206 -30.87 -32.56 0.39
C VAL D 206 -30.29 -33.83 1.05
N GLY D 207 -30.82 -35.00 0.64
CA GLY D 207 -30.35 -36.30 1.08
C GLY D 207 -28.93 -36.53 0.62
N GLY D 208 -28.69 -36.23 -0.66
CA GLY D 208 -27.40 -36.36 -1.32
C GLY D 208 -26.28 -35.50 -0.73
N ILE D 209 -26.65 -34.43 0.00
CA ILE D 209 -25.62 -33.58 0.60
C ILE D 209 -25.49 -33.89 2.11
N LEU D 210 -26.32 -34.83 2.62
CA LEU D 210 -26.20 -35.27 4.02
C LEU D 210 -25.15 -36.39 4.08
N LYS D 211 -23.89 -35.98 4.27
CA LYS D 211 -22.70 -36.83 4.29
C LYS D 211 -22.55 -37.65 5.54
N TYR D 212 -22.88 -37.09 6.72
CA TYR D 212 -22.73 -37.82 7.99
C TYR D 212 -24.02 -37.89 8.76
N THR D 213 -24.16 -38.94 9.57
CA THR D 213 -25.39 -39.18 10.33
C THR D 213 -25.26 -38.79 11.80
N ARG D 214 -24.04 -38.35 12.21
CA ARG D 214 -23.78 -37.93 13.59
C ARG D 214 -24.39 -36.57 13.91
N PRO D 215 -25.15 -36.45 15.01
CA PRO D 215 -25.65 -35.12 15.42
C PRO D 215 -24.48 -34.33 16.01
N ALA D 216 -24.44 -33.00 15.79
CA ALA D 216 -23.34 -32.14 16.29
C ALA D 216 -23.20 -32.19 17.82
N TRP D 217 -24.33 -32.36 18.52
CA TRP D 217 -24.42 -32.42 19.96
C TRP D 217 -23.94 -33.74 20.59
N TRP D 218 -23.65 -34.77 19.75
CA TRP D 218 -23.17 -36.08 20.19
C TRP D 218 -21.90 -35.94 21.04
N ARG D 219 -21.85 -36.65 22.20
CA ARG D 219 -20.74 -36.59 23.16
C ARG D 219 -20.00 -37.92 23.42
N GLY D 220 -20.74 -39.03 23.45
CA GLY D 220 -20.18 -40.33 23.75
C GLY D 220 -19.39 -41.00 22.65
N GLU D 221 -19.09 -42.26 22.89
CA GLU D 221 -18.38 -43.16 22.01
C GLU D 221 -19.32 -43.44 20.83
N THR D 222 -18.79 -43.55 19.61
CA THR D 222 -19.57 -43.78 18.39
C THR D 222 -20.00 -45.27 18.25
N PRO D 223 -21.28 -45.54 17.87
CA PRO D 223 -21.72 -46.94 17.63
C PRO D 223 -20.72 -47.67 16.75
N GLU D 224 -20.24 -48.85 17.19
CA GLU D 224 -19.25 -49.69 16.48
C GLU D 224 -19.72 -50.08 15.09
N THR D 225 -21.04 -50.25 14.96
CA THR D 225 -21.70 -50.59 13.67
C THR D 225 -22.23 -49.32 13.00
N HIS D 226 -21.72 -48.14 13.35
CA HIS D 226 -22.18 -46.88 12.72
C HIS D 226 -21.03 -45.87 12.65
N HIS D 227 -19.91 -46.20 13.29
CA HIS D 227 -18.72 -45.30 13.37
C HIS D 227 -18.38 -44.66 12.02
N TYR D 228 -18.27 -45.44 10.95
CA TYR D 228 -17.89 -44.88 9.62
C TYR D 228 -18.84 -43.76 9.20
N LEU D 229 -20.14 -44.00 9.35
CA LEU D 229 -21.21 -43.07 8.98
C LEU D 229 -21.32 -41.87 9.91
N MSE D 230 -20.81 -42.02 11.14
CA MSE D 230 -20.82 -40.96 12.13
C MSE D 230 -19.41 -40.44 12.42
O MSE D 230 -19.16 -39.89 13.50
CB MSE D 230 -21.53 -41.46 13.40
CG MSE D 230 -23.02 -41.69 13.18
SE MSE D 230 -23.86 -42.81 14.50
CE MSE D 230 -24.13 -41.53 15.88
N LYS D 231 -18.50 -40.58 11.43
CA LYS D 231 -17.08 -40.18 11.48
C LYS D 231 -16.92 -38.72 11.93
N LYS D 232 -17.51 -37.77 11.52
CA LYS D 232 -17.57 -36.36 12.01
C LYS D 232 -19.04 -36.12 12.35
N PRO D 233 -19.67 -34.83 12.36
CA PRO D 233 -21.11 -34.52 12.50
C PRO D 233 -21.75 -34.16 11.16
N GLY D 234 -23.00 -34.54 10.98
CA GLY D 234 -23.72 -34.31 9.73
C GLY D 234 -24.79 -33.26 9.77
N TYR D 235 -25.28 -32.90 10.98
CA TYR D 235 -26.33 -31.89 11.19
C TYR D 235 -26.33 -31.25 12.59
N TYR D 236 -26.91 -30.04 12.71
CA TYR D 236 -27.02 -29.32 13.99
C TYR D 236 -28.36 -29.54 14.65
N LEU D 237 -28.42 -29.19 15.95
CA LEU D 237 -29.58 -29.22 16.85
C LEU D 237 -30.72 -28.37 16.27
N SER D 238 -30.34 -27.29 15.55
CA SER D 238 -31.21 -26.33 14.85
C SER D 238 -31.90 -26.99 13.66
N GLU D 239 -31.36 -28.11 13.19
CA GLU D 239 -31.87 -28.81 12.02
C GLU D 239 -32.56 -30.14 12.36
N GLU D 240 -32.29 -30.71 13.58
CA GLU D 240 -32.82 -31.95 14.16
C GLU D 240 -34.27 -32.23 13.74
N ALA D 241 -35.13 -31.18 13.82
CA ALA D 241 -36.54 -31.17 13.45
C ALA D 241 -36.73 -31.54 11.98
N TYR D 242 -36.11 -30.73 11.10
CA TYR D 242 -36.11 -30.85 9.64
C TYR D 242 -35.43 -32.15 9.18
N ILE D 243 -34.39 -32.57 9.90
CA ILE D 243 -33.61 -33.77 9.67
C ILE D 243 -34.46 -35.03 9.86
N ALA D 244 -35.32 -34.99 10.89
CA ALA D 244 -36.28 -36.04 11.20
C ALA D 244 -37.25 -36.13 10.00
N ARG D 245 -37.76 -34.94 9.54
CA ARG D 245 -38.64 -34.76 8.39
C ARG D 245 -37.99 -35.39 7.14
N LEU D 246 -36.67 -35.20 6.98
CA LEU D 246 -35.88 -35.73 5.87
C LEU D 246 -35.77 -37.25 5.87
N ARG D 247 -35.48 -37.83 7.05
CA ARG D 247 -35.36 -39.28 7.25
C ARG D 247 -36.65 -39.98 6.82
N LYS D 248 -37.80 -39.49 7.36
CA LYS D 248 -39.13 -40.02 7.07
C LYS D 248 -39.48 -39.94 5.60
N GLU D 249 -39.12 -38.84 4.95
CA GLU D 249 -39.39 -38.65 3.54
C GLU D 249 -38.53 -39.53 2.64
N LEU D 250 -37.29 -39.77 3.05
CA LEU D 250 -36.38 -40.55 2.23
C LEU D 250 -36.25 -42.00 2.68
N ASN D 251 -37.07 -42.40 3.68
CA ASN D 251 -37.11 -43.76 4.25
C ASN D 251 -35.76 -44.16 4.80
N LEU D 252 -35.35 -43.43 5.83
CA LEU D 252 -34.08 -43.63 6.51
C LEU D 252 -34.29 -43.81 7.99
N ALA D 253 -33.58 -44.80 8.54
CA ALA D 253 -33.58 -45.10 9.96
C ALA D 253 -32.69 -44.06 10.63
N LEU D 254 -32.79 -43.92 11.96
CA LEU D 254 -31.91 -43.01 12.69
C LEU D 254 -30.47 -43.45 12.40
N TYR D 255 -29.66 -42.49 11.93
CA TYR D 255 -28.27 -42.66 11.52
C TYR D 255 -28.14 -43.47 10.23
N SER D 256 -29.11 -43.36 9.31
CA SER D 256 -29.01 -44.03 8.02
C SER D 256 -28.77 -43.00 6.91
N ARG D 257 -27.82 -43.31 5.98
CA ARG D 257 -27.42 -42.44 4.88
C ARG D 257 -28.23 -42.65 3.59
N PHE D 258 -28.39 -41.56 2.82
CA PHE D 258 -29.05 -41.55 1.53
C PHE D 258 -28.18 -42.33 0.53
N PRO D 259 -28.77 -43.35 -0.15
CA PRO D 259 -27.99 -44.22 -1.05
C PRO D 259 -27.12 -43.56 -2.13
N LEU D 260 -27.46 -42.35 -2.56
CA LEU D 260 -26.66 -41.72 -3.59
C LEU D 260 -25.42 -41.02 -3.06
N THR D 261 -25.46 -40.54 -1.79
CA THR D 261 -24.41 -39.78 -1.11
C THR D 261 -23.03 -40.42 -1.29
N TRP D 262 -23.00 -41.75 -1.26
CA TRP D 262 -21.87 -42.65 -1.44
C TRP D 262 -21.15 -42.42 -2.78
N ILE D 263 -21.95 -42.18 -3.86
CA ILE D 263 -21.46 -41.91 -5.23
C ILE D 263 -20.73 -40.56 -5.26
N MSE D 264 -21.38 -39.51 -4.74
CA MSE D 264 -20.85 -38.15 -4.66
C MSE D 264 -19.54 -38.14 -3.87
O MSE D 264 -18.55 -37.57 -4.32
CB MSE D 264 -21.92 -37.19 -4.07
CG MSE D 264 -21.40 -35.79 -3.70
SE MSE D 264 -20.98 -35.55 -1.76
CE MSE D 264 -19.02 -35.32 -1.81
N GLU D 265 -19.56 -38.80 -2.70
CA GLU D 265 -18.44 -38.95 -1.78
C GLU D 265 -17.23 -39.48 -2.54
N ALA D 266 -17.45 -40.59 -3.27
CA ALA D 266 -16.42 -41.27 -4.09
C ALA D 266 -15.69 -40.27 -4.99
N ALA D 267 -16.44 -39.61 -5.89
CA ALA D 267 -15.86 -38.61 -6.82
C ALA D 267 -15.01 -37.60 -6.04
N ASP D 268 -15.57 -37.15 -4.96
CA ASP D 268 -14.78 -36.14 -4.20
C ASP D 268 -13.44 -36.76 -3.79
N ASP D 269 -13.47 -37.96 -3.22
CA ASP D 269 -12.28 -38.74 -2.78
C ASP D 269 -11.32 -38.93 -3.96
N ILE D 270 -11.82 -39.11 -5.18
CA ILE D 270 -10.94 -39.28 -6.37
C ILE D 270 -10.28 -37.94 -6.70
N SER D 271 -11.08 -37.00 -7.22
CA SER D 271 -10.65 -35.64 -7.63
C SER D 271 -9.67 -35.04 -6.61
N TYR D 272 -10.00 -35.23 -5.34
CA TYR D 272 -9.30 -34.80 -4.15
C TYR D 272 -7.86 -34.36 -4.34
N CYS D 273 -6.96 -35.26 -4.78
CA CYS D 273 -5.55 -34.92 -4.83
C CYS D 273 -5.00 -34.53 -6.17
N VAL D 274 -5.06 -35.44 -7.13
CA VAL D 274 -4.53 -35.28 -8.48
C VAL D 274 -4.53 -33.83 -9.02
N ALA D 275 -5.63 -33.07 -8.79
CA ALA D 275 -5.81 -31.70 -9.22
C ALA D 275 -4.81 -30.76 -8.56
N ASP D 276 -4.62 -30.90 -7.23
CA ASP D 276 -3.68 -30.10 -6.44
C ASP D 276 -2.25 -30.46 -6.86
N LEU D 277 -2.02 -31.74 -7.20
CA LEU D 277 -0.73 -32.24 -7.67
C LEU D 277 -0.37 -31.60 -9.02
N GLU D 278 -1.40 -31.38 -9.89
CA GLU D 278 -1.26 -30.70 -11.19
C GLU D 278 -0.85 -29.26 -10.94
N ASP D 279 -1.56 -28.62 -9.99
CA ASP D 279 -1.34 -27.26 -9.57
C ASP D 279 0.03 -27.08 -8.90
N ALA D 280 0.52 -28.12 -8.22
CA ALA D 280 1.81 -28.11 -7.53
C ALA D 280 2.96 -27.88 -8.52
N VAL D 281 2.94 -28.60 -9.63
CA VAL D 281 3.92 -28.50 -10.71
C VAL D 281 3.72 -27.15 -11.42
N GLU D 282 2.46 -26.66 -11.45
CA GLU D 282 2.10 -25.38 -12.04
C GLU D 282 2.67 -24.22 -11.19
N LYS D 283 2.66 -24.36 -9.86
CA LYS D 283 3.24 -23.37 -8.95
C LYS D 283 4.77 -23.54 -8.84
N ARG D 284 5.32 -24.46 -9.66
CA ARG D 284 6.74 -24.81 -9.83
C ARG D 284 7.38 -25.47 -8.58
N ILE D 285 6.57 -25.96 -7.60
CA ILE D 285 7.05 -26.63 -6.38
C ILE D 285 8.10 -27.71 -6.69
N PHE D 286 7.95 -28.38 -7.85
CA PHE D 286 8.82 -29.41 -8.39
C PHE D 286 8.42 -29.64 -9.85
N THR D 287 9.27 -30.37 -10.60
CA THR D 287 8.94 -30.70 -11.98
C THR D 287 7.99 -31.91 -12.00
N VAL D 288 7.41 -32.16 -13.17
CA VAL D 288 6.54 -33.28 -13.46
C VAL D 288 7.41 -34.55 -13.32
N GLU D 289 8.68 -34.44 -13.74
CA GLU D 289 9.68 -35.50 -13.63
C GLU D 289 9.96 -35.78 -12.15
N GLN D 290 10.22 -34.71 -11.35
CA GLN D 290 10.47 -34.77 -9.90
C GLN D 290 9.35 -35.49 -9.18
N LEU D 291 8.11 -35.16 -9.56
CA LEU D 291 6.88 -35.73 -9.02
C LEU D 291 6.80 -37.22 -9.29
N TYR D 292 7.09 -37.64 -10.55
CA TYR D 292 7.08 -39.05 -10.95
C TYR D 292 8.01 -39.88 -10.06
N HIS D 293 9.19 -39.31 -9.78
CA HIS D 293 10.18 -39.94 -8.93
C HIS D 293 9.70 -39.99 -7.50
N HIS D 294 8.95 -38.96 -7.01
CA HIS D 294 8.37 -38.99 -5.66
C HIS D 294 7.30 -40.07 -5.55
N LEU D 295 6.57 -40.31 -6.66
CA LEU D 295 5.53 -41.34 -6.73
C LEU D 295 6.14 -42.74 -6.78
N HIS D 296 7.27 -42.91 -7.51
CA HIS D 296 8.01 -44.17 -7.61
C HIS D 296 8.51 -44.55 -6.20
N GLU D 297 9.12 -43.56 -5.50
CA GLU D 297 9.63 -43.64 -4.12
C GLU D 297 8.51 -44.11 -3.17
N ALA D 298 7.31 -43.52 -3.32
CA ALA D 298 6.13 -43.76 -2.50
C ALA D 298 5.49 -45.14 -2.68
N TRP D 299 5.54 -45.71 -3.90
CA TRP D 299 4.94 -47.02 -4.17
C TRP D 299 5.67 -48.17 -3.47
N GLY D 300 7.00 -48.21 -3.60
CA GLY D 300 7.87 -49.20 -2.97
C GLY D 300 7.72 -50.63 -3.46
N GLN D 301 6.62 -51.29 -3.06
CA GLN D 301 6.27 -52.67 -3.44
C GLN D 301 5.88 -52.71 -4.93
N HIS D 302 6.87 -52.58 -5.82
CA HIS D 302 6.71 -52.52 -7.27
C HIS D 302 6.61 -53.86 -7.97
N GLU D 303 5.54 -53.98 -8.78
CA GLU D 303 5.21 -55.11 -9.65
C GLU D 303 4.93 -54.51 -11.05
N LYS D 304 5.24 -55.25 -12.13
CA LYS D 304 5.09 -54.77 -13.51
C LYS D 304 3.65 -54.83 -14.08
N GLY D 305 2.68 -55.24 -13.26
CA GLY D 305 1.26 -55.32 -13.65
C GLY D 305 0.29 -54.62 -12.72
N SER D 306 0.83 -53.93 -11.68
CA SER D 306 0.07 -53.21 -10.66
C SER D 306 -0.64 -51.98 -11.25
N LEU D 307 -1.57 -51.39 -10.48
CA LEU D 307 -2.28 -50.20 -10.91
C LEU D 307 -1.34 -49.00 -11.11
N PHE D 308 -0.15 -49.00 -10.43
CA PHE D 308 0.86 -47.95 -10.57
C PHE D 308 1.34 -47.93 -12.01
N SER D 309 1.71 -49.11 -12.52
CA SER D 309 2.19 -49.31 -13.88
C SER D 309 1.10 -48.95 -14.88
N LEU D 310 -0.12 -49.42 -14.62
CA LEU D 310 -1.32 -49.21 -15.42
C LEU D 310 -1.78 -47.76 -15.48
N VAL D 311 -1.50 -46.97 -14.42
CA VAL D 311 -1.94 -45.58 -14.33
C VAL D 311 -0.77 -44.61 -14.44
N VAL D 312 0.05 -44.52 -13.37
CA VAL D 312 1.15 -43.56 -13.29
C VAL D 312 2.28 -43.87 -14.28
N GLU D 313 2.82 -45.11 -14.28
CA GLU D 313 3.89 -45.48 -15.21
C GLU D 313 3.42 -45.26 -16.65
N ASN D 314 2.16 -45.67 -16.93
CA ASN D 314 1.46 -45.54 -18.22
C ASN D 314 1.44 -44.09 -18.68
N ALA D 315 0.93 -43.17 -17.82
CA ALA D 315 0.81 -41.73 -18.08
C ALA D 315 2.17 -41.07 -18.26
N TRP D 316 3.20 -41.59 -17.58
CA TRP D 316 4.57 -41.07 -17.67
C TRP D 316 5.16 -41.33 -19.05
N GLU D 317 4.91 -42.53 -19.60
CA GLU D 317 5.38 -42.93 -20.91
C GLU D 317 4.68 -42.14 -22.00
N LYS D 318 3.36 -41.88 -21.84
CA LYS D 318 2.55 -41.11 -22.80
C LYS D 318 3.10 -39.70 -22.96
N SER D 319 3.48 -39.05 -21.82
CA SER D 319 4.05 -37.70 -21.75
C SER D 319 5.37 -37.56 -22.56
N ARG D 320 6.26 -38.56 -22.47
CA ARG D 320 7.52 -38.58 -23.21
C ARG D 320 7.22 -39.05 -24.65
N SER D 321 7.40 -38.15 -25.64
CA SER D 321 7.12 -38.37 -27.07
C SER D 321 5.74 -38.96 -27.34
N THR D 328 4.23 -31.52 -22.29
CA THR D 328 4.62 -32.69 -21.52
C THR D 328 3.74 -32.84 -20.27
N GLU D 329 3.68 -31.76 -19.45
CA GLU D 329 2.90 -31.63 -18.22
C GLU D 329 1.42 -31.84 -18.47
N ASP D 330 0.88 -31.14 -19.50
CA ASP D 330 -0.51 -31.21 -19.93
C ASP D 330 -0.86 -32.66 -20.17
N GLN D 331 -0.16 -33.30 -21.15
CA GLN D 331 -0.31 -34.70 -21.55
C GLN D 331 -0.22 -35.63 -20.35
N PHE D 332 0.78 -35.40 -19.50
CA PHE D 332 0.97 -36.19 -18.30
C PHE D 332 -0.30 -36.22 -17.43
N PHE D 333 -0.72 -35.03 -16.94
CA PHE D 333 -1.87 -34.92 -16.06
C PHE D 333 -3.15 -35.36 -16.73
N MSE D 334 -3.31 -34.97 -18.02
CA MSE D 334 -4.45 -35.30 -18.88
C MSE D 334 -4.66 -36.81 -18.87
O MSE D 334 -5.75 -37.27 -18.50
CB MSE D 334 -4.20 -34.80 -20.32
CG MSE D 334 -5.45 -34.61 -21.16
SE MSE D 334 -5.27 -35.41 -22.98
CE MSE D 334 -4.31 -34.01 -24.03
N TYR D 335 -3.61 -37.58 -19.19
CA TYR D 335 -3.73 -39.02 -19.23
C TYR D 335 -3.69 -39.67 -17.86
N LEU D 336 -2.99 -39.07 -16.89
CA LEU D 336 -2.98 -39.57 -15.52
C LEU D 336 -4.42 -39.59 -14.96
N ARG D 337 -5.16 -38.48 -15.18
CA ARG D 337 -6.57 -38.29 -14.80
C ARG D 337 -7.41 -39.39 -15.43
N VAL D 338 -7.31 -39.50 -16.78
CA VAL D 338 -7.95 -40.51 -17.63
C VAL D 338 -7.75 -41.88 -16.99
N ASN D 339 -6.48 -42.34 -16.97
CA ASN D 339 -5.97 -43.59 -16.40
C ASN D 339 -6.64 -43.94 -15.09
N THR D 340 -6.67 -42.98 -14.16
CA THR D 340 -7.26 -43.12 -12.84
C THR D 340 -8.76 -43.44 -12.94
N LEU D 341 -9.54 -42.51 -13.53
CA LEU D 341 -10.99 -42.64 -13.70
C LEU D 341 -11.38 -43.94 -14.40
N ASN D 342 -10.64 -44.27 -15.49
CA ASN D 342 -10.81 -45.46 -16.31
C ASN D 342 -10.68 -46.77 -15.54
N LYS D 343 -10.10 -46.72 -14.33
CA LYS D 343 -9.95 -47.92 -13.51
C LYS D 343 -10.75 -47.80 -12.21
N LEU D 344 -10.73 -46.61 -11.60
CA LEU D 344 -11.41 -46.35 -10.35
C LEU D 344 -12.91 -46.24 -10.45
N VAL D 345 -13.43 -45.49 -11.46
CA VAL D 345 -14.89 -45.32 -11.66
C VAL D 345 -15.57 -46.69 -11.79
N PRO D 346 -15.10 -47.60 -12.70
CA PRO D 346 -15.73 -48.93 -12.78
C PRO D 346 -15.78 -49.64 -11.43
N TYR D 347 -14.67 -49.60 -10.65
CA TYR D 347 -14.58 -50.22 -9.34
C TYR D 347 -15.70 -49.75 -8.40
N ALA D 348 -15.78 -48.43 -8.17
CA ALA D 348 -16.78 -47.82 -7.31
C ALA D 348 -18.19 -48.07 -7.84
N ALA D 349 -18.36 -48.03 -9.19
CA ALA D 349 -19.65 -48.31 -9.84
C ALA D 349 -20.10 -49.71 -9.46
N GLN D 350 -19.14 -50.68 -9.51
CA GLN D 350 -19.37 -52.08 -9.16
C GLN D 350 -19.65 -52.21 -7.69
N ARG D 351 -18.74 -51.72 -6.85
CA ARG D 351 -18.84 -51.72 -5.39
C ARG D 351 -20.24 -51.32 -4.93
N PHE D 352 -20.77 -50.23 -5.52
CA PHE D 352 -22.11 -49.69 -5.28
C PHE D 352 -23.17 -50.76 -5.50
N ILE D 353 -23.20 -51.33 -6.72
CA ILE D 353 -24.12 -52.37 -7.18
C ILE D 353 -23.98 -53.63 -6.30
N ASP D 354 -22.73 -54.06 -6.06
CA ASP D 354 -22.35 -55.21 -5.24
C ASP D 354 -22.91 -55.12 -3.82
N ASN D 355 -22.85 -53.93 -3.21
CA ASN D 355 -23.27 -53.70 -1.83
C ASN D 355 -24.52 -52.86 -1.74
N LEU D 356 -25.27 -52.82 -2.85
CA LEU D 356 -26.51 -52.06 -3.01
C LEU D 356 -27.55 -52.25 -1.88
N PRO D 357 -27.84 -53.48 -1.35
CA PRO D 357 -28.85 -53.57 -0.28
C PRO D 357 -28.53 -52.73 0.96
N ALA D 358 -27.28 -52.83 1.45
CA ALA D 358 -26.75 -52.10 2.60
C ALA D 358 -26.64 -50.58 2.32
N ILE D 359 -26.40 -50.24 1.05
CA ILE D 359 -26.29 -48.88 0.55
C ILE D 359 -27.69 -48.26 0.46
N PHE D 360 -28.67 -49.06 0.00
CA PHE D 360 -30.09 -48.69 -0.14
C PHE D 360 -30.65 -48.44 1.25
N ALA D 361 -30.21 -49.27 2.21
CA ALA D 361 -30.54 -49.17 3.62
C ALA D 361 -29.83 -47.94 4.20
N GLY D 362 -28.64 -47.64 3.67
CA GLY D 362 -27.79 -46.54 4.11
C GLY D 362 -27.16 -46.87 5.44
N THR D 363 -26.89 -48.17 5.63
CA THR D 363 -26.34 -48.76 6.85
C THR D 363 -24.91 -49.24 6.64
N PHE D 364 -24.53 -49.49 5.35
CA PHE D 364 -23.21 -49.95 4.91
C PHE D 364 -22.06 -49.14 5.58
N ASN D 365 -21.37 -49.73 6.57
CA ASN D 365 -20.36 -49.00 7.33
C ASN D 365 -19.01 -48.79 6.61
N HIS D 366 -19.02 -48.69 5.25
CA HIS D 366 -17.79 -48.49 4.46
C HIS D 366 -17.94 -47.50 3.26
N ALA D 367 -16.77 -47.16 2.64
CA ALA D 367 -16.60 -46.28 1.48
C ALA D 367 -16.58 -47.15 0.21
N LEU D 368 -16.93 -46.56 -0.96
CA LEU D 368 -16.91 -47.30 -2.24
C LEU D 368 -15.47 -47.73 -2.56
N LEU D 369 -14.51 -46.81 -2.35
CA LEU D 369 -13.08 -47.07 -2.52
C LEU D 369 -12.59 -47.24 -1.08
N GLU D 370 -12.66 -48.46 -0.55
CA GLU D 370 -12.28 -48.92 0.78
C GLU D 370 -10.96 -48.38 1.39
N ASP D 371 -10.17 -49.31 1.86
CA ASP D 371 -8.83 -49.19 2.42
C ASP D 371 -7.97 -50.28 1.77
N ALA D 372 -8.44 -51.54 1.76
CA ALA D 372 -7.69 -52.65 1.17
C ALA D 372 -7.68 -52.68 -0.37
N GLU D 374 -6.88 -51.97 -4.27
CA GLU D 374 -5.74 -51.42 -5.01
C GLU D 374 -6.00 -49.96 -5.38
N CYS D 375 -7.30 -49.63 -5.58
CA CYS D 375 -7.82 -48.30 -5.91
C CYS D 375 -7.55 -47.33 -4.77
N SER D 376 -7.95 -47.71 -3.53
CA SER D 376 -7.74 -46.93 -2.30
C SER D 376 -6.26 -46.65 -2.09
N ASP D 377 -5.41 -47.64 -2.44
CA ASP D 377 -3.95 -47.60 -2.35
C ASP D 377 -3.38 -46.52 -3.25
N LEU D 378 -3.84 -46.48 -4.52
CA LEU D 378 -3.44 -45.51 -5.55
C LEU D 378 -3.73 -44.06 -5.09
N LEU D 379 -4.93 -43.88 -4.51
CA LEU D 379 -5.41 -42.60 -4.00
C LEU D 379 -4.52 -42.18 -2.89
N LYS D 380 -4.32 -43.08 -1.90
CA LYS D 380 -3.46 -42.90 -0.74
C LYS D 380 -2.06 -42.45 -1.18
N LEU D 381 -1.54 -43.06 -2.26
CA LEU D 381 -0.25 -42.72 -2.85
C LEU D 381 -0.21 -41.25 -3.24
N TYR D 382 -1.24 -40.76 -3.96
CA TYR D 382 -1.35 -39.36 -4.36
C TYR D 382 -1.36 -38.47 -3.13
N LYS D 383 -2.18 -38.84 -2.13
CA LYS D 383 -2.37 -38.15 -0.86
C LYS D 383 -1.06 -37.99 -0.11
N ASN D 384 -0.30 -39.07 0.04
CA ASN D 384 0.98 -39.10 0.73
C ASN D 384 1.95 -38.11 0.12
N VAL D 385 2.06 -38.14 -1.22
CA VAL D 385 2.92 -37.27 -2.02
C VAL D 385 2.51 -35.80 -1.81
N ALA D 386 1.19 -35.55 -1.86
CA ALA D 386 0.60 -34.24 -1.63
C ALA D 386 0.88 -33.73 -0.22
N VAL D 387 0.74 -34.61 0.78
CA VAL D 387 1.01 -34.29 2.18
C VAL D 387 2.47 -33.90 2.34
N LYS D 388 3.37 -34.85 2.04
CA LYS D 388 4.81 -34.72 2.16
C LYS D 388 5.44 -33.60 1.31
N HIS D 389 4.77 -33.11 0.25
CA HIS D 389 5.41 -32.10 -0.60
C HIS D 389 4.61 -30.87 -0.88
N VAL D 390 3.31 -31.02 -1.05
CA VAL D 390 2.46 -29.89 -1.41
C VAL D 390 1.84 -29.22 -0.16
N PHE D 391 1.03 -29.96 0.62
CA PHE D 391 0.39 -29.47 1.85
C PHE D 391 1.37 -28.93 2.92
N SER D 392 2.64 -29.34 2.80
CA SER D 392 3.74 -28.99 3.67
C SER D 392 4.45 -27.69 3.25
N HIS D 393 4.16 -27.17 2.02
CA HIS D 393 4.77 -25.94 1.53
C HIS D 393 4.49 -24.73 2.44
N PRO D 394 5.53 -23.92 2.72
CA PRO D 394 5.36 -22.76 3.62
C PRO D 394 4.26 -21.76 3.28
N ASP D 395 4.10 -21.40 1.98
CA ASP D 395 3.08 -20.44 1.53
C ASP D 395 1.67 -20.92 1.84
N VAL D 396 1.47 -22.24 1.79
CA VAL D 396 0.23 -22.96 2.12
C VAL D 396 0.03 -22.73 3.64
N GLU D 397 0.93 -23.32 4.44
CA GLU D 397 0.97 -23.26 5.89
C GLU D 397 0.81 -21.86 6.48
N ARG D 398 1.44 -20.85 5.81
CA ARG D 398 1.43 -19.43 6.20
C ARG D 398 -0.01 -18.97 6.20
N LEU D 399 -0.68 -19.18 5.04
CA LEU D 399 -2.08 -18.85 4.76
C LEU D 399 -3.02 -19.57 5.71
N GLU D 400 -2.74 -20.85 6.02
CA GLU D 400 -3.50 -21.70 6.94
C GLU D 400 -3.53 -21.04 8.33
N LEU D 401 -2.34 -20.63 8.81
CA LEU D 401 -2.15 -19.95 10.10
C LEU D 401 -2.80 -18.58 10.09
N GLN D 402 -2.66 -17.87 8.94
CA GLN D 402 -3.22 -16.54 8.73
C GLN D 402 -4.72 -16.60 8.95
N GLY D 403 -5.35 -17.55 8.25
CA GLY D 403 -6.78 -17.82 8.27
C GLY D 403 -7.33 -17.95 9.66
N TYR D 404 -6.62 -18.77 10.46
CA TYR D 404 -6.93 -19.05 11.84
C TYR D 404 -7.12 -17.76 12.65
N ARG D 405 -6.11 -16.85 12.62
CA ARG D 405 -6.11 -15.56 13.33
C ARG D 405 -7.27 -14.64 12.85
N VAL D 406 -7.48 -14.58 11.53
CA VAL D 406 -8.54 -13.78 10.88
C VAL D 406 -9.89 -14.09 11.50
N ILE D 407 -10.20 -15.38 11.58
CA ILE D 407 -11.46 -15.88 12.10
C ILE D 407 -11.57 -15.70 13.60
N SER D 408 -10.51 -16.07 14.32
CA SER D 408 -10.40 -15.93 15.78
C SER D 408 -10.64 -14.45 16.19
N GLY D 409 -9.92 -13.56 15.52
CA GLY D 409 -9.99 -12.12 15.73
C GLY D 409 -11.37 -11.56 15.43
N LEU D 410 -11.97 -12.02 14.30
CA LEU D 410 -13.30 -11.64 13.84
C LEU D 410 -14.35 -12.05 14.86
N LEU D 411 -14.20 -13.27 15.40
CA LEU D 411 -15.06 -13.84 16.44
C LEU D 411 -14.98 -13.01 17.70
N GLU D 412 -13.76 -12.53 18.03
CA GLU D 412 -13.55 -11.66 19.17
C GLU D 412 -14.22 -10.28 18.94
N ILE D 413 -14.16 -9.76 17.70
CA ILE D 413 -14.78 -8.48 17.35
C ILE D 413 -16.29 -8.52 17.61
N TYR D 414 -16.88 -9.71 17.48
CA TYR D 414 -18.31 -9.92 17.65
C TYR D 414 -18.67 -10.46 19.02
N ARG D 415 -17.66 -10.72 19.89
CA ARG D 415 -17.83 -11.15 21.30
C ARG D 415 -18.82 -10.21 22.07
N PRO D 416 -18.75 -8.87 21.91
CA PRO D 416 -19.70 -7.97 22.62
C PRO D 416 -21.18 -8.29 22.47
N LEU D 417 -21.58 -8.84 21.32
CA LEU D 417 -22.97 -9.18 21.03
C LEU D 417 -23.38 -10.39 21.85
N LEU D 418 -22.44 -11.33 22.04
CA LEU D 418 -22.64 -12.53 22.84
C LEU D 418 -22.52 -12.21 24.31
N SER D 419 -21.52 -11.36 24.70
CA SER D 419 -21.30 -10.91 26.07
C SER D 419 -22.36 -9.86 26.33
N LEU D 420 -23.61 -10.32 26.54
CA LEU D 420 -24.83 -9.52 26.71
C LEU D 420 -25.97 -10.32 27.35
N SER D 421 -26.96 -9.59 27.89
CA SER D 421 -28.13 -10.20 28.51
C SER D 421 -29.18 -10.36 27.43
N LEU D 422 -30.10 -11.34 27.59
CA LEU D 422 -31.22 -11.57 26.67
C LEU D 422 -32.04 -10.29 26.54
N SER D 423 -32.50 -9.75 27.69
CA SER D 423 -33.28 -8.51 27.85
C SER D 423 -32.72 -7.34 27.02
N ASP D 424 -31.37 -7.21 27.04
CA ASP D 424 -30.61 -6.21 26.27
C ASP D 424 -30.58 -6.60 24.78
N PHE D 425 -30.16 -7.85 24.47
CA PHE D 425 -30.04 -8.34 23.09
C PHE D 425 -31.34 -8.24 22.32
N THR D 426 -32.44 -8.69 22.93
CA THR D 426 -33.79 -8.66 22.38
C THR D 426 -34.15 -7.24 22.09
N GLU D 427 -33.88 -6.31 23.04
CA GLU D 427 -34.11 -4.87 22.89
C GLU D 427 -33.52 -4.38 21.54
N LEU D 428 -32.27 -4.81 21.20
CA LEU D 428 -31.54 -4.49 19.97
C LEU D 428 -32.20 -5.06 18.74
N VAL D 429 -32.86 -6.19 18.90
CA VAL D 429 -33.54 -6.84 17.80
C VAL D 429 -34.79 -6.01 17.41
N GLU D 430 -35.59 -5.50 18.40
CA GLU D 430 -36.78 -4.68 18.12
C GLU D 430 -36.40 -3.29 17.63
N LYS D 431 -35.83 -2.45 18.51
CA LYS D 431 -35.37 -1.12 18.15
C LYS D 431 -34.03 -1.29 17.45
N GLU D 432 -33.88 -0.76 16.22
CA GLU D 432 -32.61 -0.86 15.50
C GLU D 432 -31.56 0.06 16.10
N ARG D 433 -32.03 1.18 16.68
CA ARG D 433 -31.23 2.21 17.34
C ARG D 433 -31.40 2.10 18.85
N VAL D 434 -30.33 1.64 19.55
CA VAL D 434 -30.33 1.53 20.99
C VAL D 434 -29.28 2.47 21.57
N LYS D 435 -29.77 3.30 22.49
CA LYS D 435 -29.12 4.35 23.29
C LYS D 435 -27.72 3.95 23.75
N ARG D 436 -27.70 3.18 24.85
CA ARG D 436 -26.55 2.70 25.62
C ARG D 436 -25.61 1.72 24.88
N PHE D 437 -26.10 0.99 23.88
CA PHE D 437 -25.27 0.02 23.16
C PHE D 437 -25.13 0.42 21.71
N PRO D 438 -24.24 1.38 21.40
CA PRO D 438 -24.15 1.86 20.00
C PRO D 438 -23.21 1.02 19.15
N ILE D 439 -22.17 0.48 19.78
CA ILE D 439 -21.16 -0.35 19.14
C ILE D 439 -21.85 -1.63 18.72
N GLU D 440 -22.58 -2.23 19.67
CA GLU D 440 -23.34 -3.46 19.55
C GLU D 440 -24.39 -3.33 18.44
N SER D 441 -25.03 -2.13 18.37
CA SER D 441 -26.02 -1.75 17.36
C SER D 441 -25.39 -1.91 16.00
N ARG D 442 -24.37 -1.09 15.71
CA ARG D 442 -23.61 -1.06 14.48
C ARG D 442 -23.04 -2.42 14.08
N LEU D 443 -22.55 -3.19 15.07
CA LEU D 443 -22.01 -4.55 14.91
C LEU D 443 -23.11 -5.53 14.46
N PHE D 444 -24.32 -5.36 15.00
CA PHE D 444 -25.47 -6.17 14.67
C PHE D 444 -25.96 -5.83 13.27
N HIS D 445 -25.75 -4.58 12.84
CA HIS D 445 -26.13 -4.13 11.49
C HIS D 445 -25.22 -4.74 10.45
N LYS D 446 -23.94 -4.97 10.82
CA LYS D 446 -22.91 -5.58 9.98
C LYS D 446 -23.30 -6.99 9.53
N LEU D 447 -24.13 -7.67 10.35
CA LEU D 447 -24.63 -9.03 10.11
C LEU D 447 -25.53 -9.06 8.91
N SER D 448 -25.44 -10.14 8.12
CA SER D 448 -26.25 -10.26 6.91
C SER D 448 -27.70 -10.62 7.21
N THR D 449 -28.57 -9.79 6.61
CA THR D 449 -30.03 -9.75 6.62
C THR D 449 -30.71 -11.14 6.60
N ARG D 450 -30.09 -12.13 5.94
CA ARG D 450 -30.63 -13.48 5.86
C ARG D 450 -30.46 -14.26 7.18
N HIS D 451 -29.21 -14.27 7.74
CA HIS D 451 -28.89 -14.94 9.02
C HIS D 451 -29.62 -14.25 10.17
N ARG D 452 -29.79 -12.93 10.02
CA ARG D 452 -30.48 -12.09 10.98
C ARG D 452 -31.93 -12.52 11.05
N LEU D 453 -32.60 -12.55 9.87
CA LEU D 453 -33.97 -12.98 9.65
C LEU D 453 -34.21 -14.37 10.29
N ALA D 454 -33.33 -15.34 9.93
CA ALA D 454 -33.38 -16.73 10.38
C ALA D 454 -33.39 -16.86 11.89
N TYR D 455 -32.55 -16.04 12.58
CA TYR D 455 -32.44 -16.01 14.04
C TYR D 455 -33.80 -15.71 14.65
N VAL D 456 -34.38 -14.57 14.25
CA VAL D 456 -35.66 -14.04 14.71
C VAL D 456 -36.77 -15.10 14.58
N GLU D 457 -36.84 -15.74 13.39
CA GLU D 457 -37.80 -16.77 13.02
C GLU D 457 -37.74 -17.97 13.97
N ALA D 458 -36.50 -18.48 14.24
CA ALA D 458 -36.26 -19.61 15.14
C ALA D 458 -36.69 -19.25 16.57
N VAL D 459 -36.45 -17.99 16.95
CA VAL D 459 -36.76 -17.40 18.26
C VAL D 459 -38.27 -17.23 18.47
N SER D 460 -38.97 -16.68 17.46
CA SER D 460 -40.42 -16.45 17.47
C SER D 460 -41.22 -17.76 17.55
N LYS D 461 -40.60 -18.89 17.14
CA LYS D 461 -41.22 -20.22 17.18
C LYS D 461 -41.13 -20.88 18.56
N LEU D 462 -40.32 -20.31 19.47
CA LEU D 462 -40.13 -20.81 20.84
C LEU D 462 -41.21 -20.29 21.80
N PRO D 463 -41.56 -21.04 22.89
CA PRO D 463 -42.56 -20.51 23.83
C PRO D 463 -41.92 -19.57 24.86
N SER D 464 -42.41 -18.31 24.91
CA SER D 464 -41.93 -17.21 25.77
C SER D 464 -41.78 -17.62 27.25
N ASP D 465 -42.81 -18.34 27.74
CA ASP D 465 -43.00 -18.90 29.08
C ASP D 465 -41.92 -19.91 29.49
N SER D 466 -41.45 -20.74 28.53
CA SER D 466 -40.50 -21.84 28.71
C SER D 466 -39.21 -21.47 29.48
N PRO D 467 -38.76 -22.36 30.40
CA PRO D 467 -37.51 -22.09 31.13
C PRO D 467 -36.29 -22.33 30.24
N GLU D 468 -36.47 -23.11 29.16
CA GLU D 468 -35.43 -23.42 28.18
C GLU D 468 -35.26 -22.28 27.18
N PHE D 469 -36.30 -21.44 27.04
CA PHE D 469 -36.32 -20.29 26.14
C PHE D 469 -35.00 -19.47 26.16
N PRO D 470 -34.45 -19.01 27.33
CA PRO D 470 -33.20 -18.24 27.30
C PRO D 470 -31.98 -18.99 26.74
N LEU D 471 -31.92 -20.31 26.98
CA LEU D 471 -30.86 -21.21 26.53
C LEU D 471 -30.89 -21.31 25.01
N TRP D 472 -32.11 -21.47 24.47
CA TRP D 472 -32.39 -21.54 23.05
C TRP D 472 -31.95 -20.28 22.36
N GLU D 473 -32.35 -19.11 22.91
CA GLU D 473 -31.99 -17.78 22.43
C GLU D 473 -30.49 -17.73 22.23
N TYR D 474 -29.72 -18.11 23.27
CA TYR D 474 -28.27 -18.10 23.19
C TYR D 474 -27.77 -19.04 22.13
N TYR D 475 -28.23 -20.33 22.12
CA TYR D 475 -27.88 -21.30 21.08
C TYR D 475 -28.00 -20.65 19.71
N TYR D 476 -29.18 -20.04 19.43
CA TYR D 476 -29.52 -19.36 18.19
C TYR D 476 -28.64 -18.13 17.92
N ARG D 477 -28.35 -17.35 18.98
CA ARG D 477 -27.52 -16.14 18.94
C ARG D 477 -26.15 -16.49 18.37
N CYS D 478 -25.57 -17.58 18.90
CA CYS D 478 -24.27 -18.10 18.50
C CYS D 478 -24.33 -18.63 17.11
N ARG D 479 -25.43 -19.36 16.79
CA ARG D 479 -25.67 -19.91 15.45
C ARG D 479 -25.64 -18.76 14.46
N LEU D 480 -26.43 -17.71 14.74
CA LEU D 480 -26.51 -16.48 13.94
C LEU D 480 -25.11 -15.93 13.59
N LEU D 481 -24.25 -15.76 14.63
CA LEU D 481 -22.87 -15.28 14.49
C LEU D 481 -22.07 -16.21 13.58
N GLN D 482 -22.17 -17.52 13.88
CA GLN D 482 -21.50 -18.60 13.15
C GLN D 482 -21.87 -18.57 11.66
N ASP D 483 -23.16 -18.33 11.36
CA ASP D 483 -23.70 -18.24 10.02
C ASP D 483 -23.05 -17.11 9.25
N TYR D 484 -22.92 -15.93 9.88
CA TYR D 484 -22.32 -14.75 9.26
C TYR D 484 -20.91 -15.04 8.76
N ILE D 485 -20.05 -15.47 9.70
CA ILE D 485 -18.65 -15.84 9.50
C ILE D 485 -18.51 -16.94 8.42
N SER D 486 -19.13 -18.12 8.63
CA SER D 486 -19.08 -19.27 7.72
C SER D 486 -19.50 -18.91 6.30
N GLY D 487 -20.44 -17.96 6.23
CA GLY D 487 -20.99 -17.41 4.99
C GLY D 487 -19.99 -16.64 4.16
N MSE D 488 -18.98 -16.02 4.82
CA MSE D 488 -17.93 -15.21 4.18
C MSE D 488 -16.97 -16.02 3.31
O MSE D 488 -16.78 -17.22 3.54
CB MSE D 488 -17.08 -14.49 5.22
CG MSE D 488 -17.81 -13.46 6.00
SE MSE D 488 -16.78 -13.04 7.60
CE MSE D 488 -17.00 -11.10 7.46
N THR D 489 -16.35 -15.32 2.33
CA THR D 489 -15.30 -15.87 1.46
C THR D 489 -14.00 -15.60 2.19
N ASP D 490 -12.91 -16.27 1.79
CA ASP D 490 -11.58 -16.08 2.38
C ASP D 490 -11.20 -14.60 2.35
N LEU D 491 -11.48 -13.95 1.21
CA LEU D 491 -11.21 -12.55 0.94
C LEU D 491 -12.01 -11.61 1.81
N TYR D 492 -13.35 -11.76 1.82
CA TYR D 492 -14.25 -10.91 2.59
C TYR D 492 -13.94 -10.95 4.09
N ALA D 493 -13.68 -12.15 4.63
CA ALA D 493 -13.34 -12.36 6.04
C ALA D 493 -12.02 -11.66 6.40
N TRP D 494 -11.02 -11.73 5.49
CA TRP D 494 -9.72 -11.09 5.69
C TRP D 494 -9.87 -9.59 5.60
N ASP D 495 -10.58 -9.13 4.56
CA ASP D 495 -10.83 -7.72 4.32
C ASP D 495 -11.52 -7.09 5.53
N GLU D 496 -12.58 -7.74 6.03
CA GLU D 496 -13.34 -7.31 7.19
C GLU D 496 -12.51 -7.27 8.43
N TYR D 497 -11.65 -8.28 8.63
CA TYR D 497 -10.74 -8.37 9.78
C TYR D 497 -9.88 -7.11 9.87
N ARG D 498 -9.25 -6.72 8.74
CA ARG D 498 -8.42 -5.52 8.62
C ARG D 498 -9.26 -4.26 8.83
N ARG D 499 -10.43 -4.17 8.16
CA ARG D 499 -11.35 -3.05 8.24
C ARG D 499 -11.80 -2.79 9.70
N LEU D 500 -12.15 -3.87 10.43
CA LEU D 500 -12.58 -3.83 11.83
C LEU D 500 -11.42 -3.77 12.81
N MSE D 501 -10.19 -3.98 12.33
CA MSE D 501 -9.00 -3.83 13.14
C MSE D 501 -8.46 -2.41 12.94
O MSE D 501 -7.61 -1.97 13.69
CB MSE D 501 -7.95 -4.91 12.83
CG MSE D 501 -8.20 -6.24 13.54
SE MSE D 501 -8.76 -6.08 15.39
CE MSE D 501 -8.78 -7.96 15.92
N ALA D 502 -9.03 -1.71 11.95
CA ALA D 502 -8.75 -0.34 11.49
C ALA D 502 -7.34 -0.16 10.91
N VAL D 503 -7.15 -0.68 9.67
CA VAL D 503 -5.88 -0.60 8.92
C VAL D 503 -6.13 -0.26 7.40
N GLU D 504 -7.38 0.17 7.05
CA GLU D 504 -7.77 0.52 5.68
C GLU D 504 -8.41 1.92 5.63
N GLN E 3 -33.08 43.34 36.43
CA GLN E 3 -33.01 44.34 35.37
C GLN E 3 -32.02 43.96 34.24
N ILE E 4 -32.45 44.11 32.94
CA ILE E 4 -31.66 43.73 31.75
C ILE E 4 -30.71 44.84 31.27
N ASP E 5 -29.40 44.61 31.51
CA ASP E 5 -28.29 45.47 31.10
C ASP E 5 -27.13 44.62 30.60
N PHE E 6 -26.92 44.66 29.29
CA PHE E 6 -25.89 43.90 28.61
C PHE E 6 -24.51 44.41 28.83
N ARG E 7 -24.38 45.64 29.33
CA ARG E 7 -23.07 46.20 29.68
C ARG E 7 -22.43 45.23 30.70
N LYS E 8 -23.27 44.75 31.67
CA LYS E 8 -22.96 43.81 32.76
C LYS E 8 -22.70 42.34 32.31
N LYS E 9 -23.19 41.99 31.12
CA LYS E 9 -23.00 40.64 30.58
C LYS E 9 -21.85 40.55 29.54
N ILE E 10 -21.65 41.63 28.77
CA ILE E 10 -20.60 41.70 27.76
C ILE E 10 -19.26 42.17 28.43
N ASN E 11 -18.66 41.24 29.21
CA ASN E 11 -17.42 41.44 29.94
C ASN E 11 -16.23 41.37 29.00
N TRP E 12 -15.63 42.54 28.73
CA TRP E 12 -14.47 42.70 27.86
C TRP E 12 -13.12 42.49 28.59
N HIS E 13 -13.17 42.19 29.90
CA HIS E 13 -11.96 41.91 30.70
C HIS E 13 -11.48 40.50 30.42
N ARG E 14 -10.21 40.21 30.79
CA ARG E 14 -9.61 38.89 30.59
C ARG E 14 -9.21 38.23 31.94
N ARG E 15 -8.70 36.98 31.90
CA ARG E 15 -8.29 36.32 33.15
C ARG E 15 -6.92 36.83 33.59
N TYR E 16 -5.93 36.67 32.70
CA TYR E 16 -4.58 37.10 32.92
C TYR E 16 -4.37 38.33 32.04
N ARG E 17 -3.36 39.19 32.36
CA ARG E 17 -2.98 40.45 31.66
C ARG E 17 -4.24 41.29 31.22
N SER E 18 -5.34 41.15 32.01
CA SER E 18 -6.65 41.77 31.80
C SER E 18 -6.62 43.28 31.63
N PRO E 19 -7.39 43.84 30.67
CA PRO E 19 -7.45 45.31 30.59
C PRO E 19 -8.46 45.84 31.63
N GLN E 20 -8.31 47.09 32.10
CA GLN E 20 -9.23 47.68 33.07
C GLN E 20 -9.31 49.19 32.91
N GLY E 21 -10.48 49.73 33.26
CA GLY E 21 -10.73 51.16 33.30
C GLY E 21 -11.31 51.78 32.05
N VAL E 22 -12.61 52.10 32.13
CA VAL E 22 -13.42 52.83 31.14
C VAL E 22 -13.45 52.15 29.71
N LYS E 23 -12.59 52.62 28.74
CA LYS E 23 -12.50 52.15 27.33
C LYS E 23 -13.74 52.62 26.47
N THR E 24 -13.47 53.17 25.27
CA THR E 24 -14.49 53.60 24.33
C THR E 24 -15.12 52.42 23.58
N GLU E 25 -16.28 52.72 22.95
CA GLU E 25 -17.04 51.82 22.13
C GLU E 25 -16.04 51.10 21.21
N HIS E 26 -15.15 51.89 20.54
CA HIS E 26 -14.09 51.46 19.64
C HIS E 26 -13.07 50.54 20.34
N GLU E 27 -12.56 50.98 21.50
CA GLU E 27 -11.58 50.25 22.30
C GLU E 27 -12.12 48.85 22.60
N ILE E 28 -13.43 48.82 23.00
CA ILE E 28 -14.17 47.62 23.37
C ILE E 28 -14.33 46.67 22.16
N LEU E 29 -14.75 47.24 21.02
CA LEU E 29 -14.91 46.55 19.73
C LEU E 29 -13.59 45.83 19.37
N ARG E 30 -12.46 46.55 19.56
CA ARG E 30 -11.12 46.08 19.28
C ARG E 30 -10.75 44.88 20.11
N ILE E 31 -11.19 44.84 21.40
CA ILE E 31 -10.94 43.72 22.31
C ILE E 31 -11.69 42.49 21.77
N PHE E 32 -12.96 42.68 21.38
CA PHE E 32 -13.76 41.60 20.83
C PHE E 32 -13.27 41.14 19.45
N GLU E 33 -12.72 42.08 18.67
CA GLU E 33 -12.16 41.82 17.36
C GLU E 33 -10.85 41.08 17.52
N SER E 34 -10.13 41.37 18.65
CA SER E 34 -8.85 40.74 19.02
C SER E 34 -9.09 39.26 19.19
N ASP E 35 -10.16 38.93 19.95
CA ASP E 35 -10.61 37.57 20.26
C ASP E 35 -10.85 36.77 18.99
N ARG E 36 -11.47 37.39 17.96
CA ARG E 36 -11.74 36.77 16.66
C ARG E 36 -10.44 36.23 16.05
N GLY E 37 -9.45 37.15 15.90
CA GLY E 37 -8.12 36.90 15.37
C GLY E 37 -7.40 35.79 16.11
N ARG E 38 -7.52 35.78 17.45
CA ARG E 38 -7.00 34.74 18.37
C ARG E 38 -7.56 33.34 17.95
N ILE E 39 -8.93 33.24 17.87
CA ILE E 39 -9.70 32.05 17.50
C ILE E 39 -9.31 31.58 16.06
N ILE E 40 -9.46 32.46 15.07
CA ILE E 40 -9.21 32.18 13.66
C ILE E 40 -7.73 31.73 13.36
N ASN E 41 -6.76 32.22 14.13
CA ASN E 41 -5.35 31.83 13.92
C ASN E 41 -4.95 30.60 14.74
N SER E 42 -5.86 30.16 15.65
CA SER E 42 -5.62 29.00 16.48
C SER E 42 -5.48 27.72 15.64
N PRO E 43 -4.48 26.88 16.01
CA PRO E 43 -4.36 25.57 15.34
C PRO E 43 -5.54 24.68 15.69
N ALA E 44 -6.08 24.82 16.94
CA ALA E 44 -7.24 24.08 17.44
C ALA E 44 -8.46 24.26 16.52
N ILE E 45 -8.51 25.43 15.82
CA ILE E 45 -9.56 25.75 14.88
C ILE E 45 -9.23 25.14 13.49
N ARG E 46 -7.93 25.01 13.17
CA ARG E 46 -7.45 24.43 11.91
C ARG E 46 -7.70 22.92 11.87
N ARG E 47 -7.50 22.26 13.03
CA ARG E 47 -7.66 20.83 13.27
C ARG E 47 -9.01 20.26 12.73
N LEU E 48 -10.05 21.11 12.76
CA LEU E 48 -11.43 20.83 12.37
C LEU E 48 -11.62 20.46 10.90
N GLN E 49 -10.68 20.91 10.00
CA GLN E 49 -10.73 20.53 8.59
C GLN E 49 -10.29 19.06 8.40
N GLN E 50 -9.73 18.44 9.47
CA GLN E 50 -9.31 17.04 9.51
C GLN E 50 -10.05 16.19 10.54
N LYS E 51 -11.13 16.75 11.11
CA LYS E 51 -12.05 16.05 12.00
C LYS E 51 -13.36 15.78 11.22
N THR E 52 -13.76 14.52 11.18
CA THR E 52 -14.91 14.04 10.40
C THR E 52 -16.25 14.55 10.96
N GLN E 53 -17.15 14.89 10.03
CA GLN E 53 -18.51 15.34 10.26
C GLN E 53 -19.40 14.41 9.43
N VAL E 54 -20.05 13.44 10.10
CA VAL E 54 -20.97 12.43 9.54
C VAL E 54 -20.24 11.46 8.58
N PHE E 55 -19.88 11.95 7.38
CA PHE E 55 -19.24 11.20 6.31
C PHE E 55 -17.71 11.14 6.43
N PRO E 56 -17.08 10.04 5.92
CA PRO E 56 -15.61 9.94 5.99
C PRO E 56 -14.93 10.92 5.07
N LEU E 57 -13.72 11.35 5.47
CA LEU E 57 -12.88 12.33 4.78
C LEU E 57 -12.45 11.77 3.41
N GLU E 58 -13.34 11.94 2.44
CA GLU E 58 -13.22 11.48 1.07
C GLU E 58 -12.16 12.27 0.30
N ARG E 59 -11.61 11.67 -0.79
CA ARG E 59 -10.56 12.24 -1.67
C ARG E 59 -11.02 13.53 -2.44
N ASN E 60 -12.31 13.92 -2.33
CA ASN E 60 -12.90 15.16 -2.88
C ASN E 60 -13.69 15.86 -1.76
N ALA E 61 -13.29 17.12 -1.44
CA ALA E 61 -13.85 17.96 -0.35
C ALA E 61 -15.33 18.37 -0.53
N ALA E 62 -16.07 17.66 -1.41
CA ALA E 62 -17.48 17.86 -1.72
C ALA E 62 -18.34 17.75 -0.46
N VAL E 63 -17.87 16.93 0.48
CA VAL E 63 -18.49 16.68 1.77
C VAL E 63 -18.01 17.68 2.84
N ARG E 64 -18.90 17.96 3.82
CA ARG E 64 -18.59 18.85 4.92
C ARG E 64 -17.72 18.15 5.97
N THR E 65 -16.75 18.89 6.50
CA THR E 65 -15.88 18.52 7.62
C THR E 65 -16.42 19.28 8.83
N ARG E 66 -15.84 19.02 10.02
CA ARG E 66 -16.26 19.71 11.24
C ARG E 66 -16.13 21.22 11.07
N LEU E 67 -15.05 21.69 10.38
CA LEU E 67 -14.80 23.10 10.10
C LEU E 67 -15.86 23.75 9.21
N THR E 68 -16.08 23.17 8.00
CA THR E 68 -17.04 23.69 7.03
C THR E 68 -18.46 23.74 7.60
N HIS E 69 -18.81 22.79 8.46
CA HIS E 69 -20.08 22.76 9.14
C HIS E 69 -20.17 23.93 10.15
N SER E 70 -19.09 24.12 10.97
CA SER E 70 -19.03 25.18 11.99
C SER E 70 -19.11 26.61 11.40
N MSE E 71 -18.62 26.79 10.14
CA MSE E 71 -18.69 28.05 9.41
C MSE E 71 -20.13 28.30 9.05
O MSE E 71 -20.60 29.44 9.12
CB MSE E 71 -17.89 27.93 8.12
CG MSE E 71 -16.40 27.96 8.33
SE MSE E 71 -15.53 27.65 6.60
CE MSE E 71 -15.17 29.50 5.97
N GLU E 72 -20.81 27.24 8.65
CA GLU E 72 -22.22 27.25 8.28
C GLU E 72 -23.03 27.61 9.52
N VAL E 73 -22.76 26.95 10.67
CA VAL E 73 -23.42 27.21 11.96
C VAL E 73 -23.28 28.72 12.32
N GLN E 74 -22.02 29.26 12.23
CA GLN E 74 -21.63 30.64 12.51
C GLN E 74 -22.44 31.65 11.70
N GLN E 75 -22.68 31.37 10.41
CA GLN E 75 -23.45 32.27 9.55
C GLN E 75 -24.93 32.30 9.96
N VAL E 76 -25.43 31.15 10.45
CA VAL E 76 -26.80 31.01 10.98
C VAL E 76 -26.87 31.86 12.26
N GLY E 77 -25.91 31.64 13.17
CA GLY E 77 -25.78 32.37 14.42
C GLY E 77 -25.75 33.88 14.23
N ARG E 78 -25.00 34.33 13.19
CA ARG E 78 -24.85 35.71 12.74
C ARG E 78 -26.27 36.25 12.48
N TYR E 79 -27.03 35.56 11.60
CA TYR E 79 -28.41 35.87 11.24
C TYR E 79 -29.32 36.02 12.48
N ILE E 80 -29.35 35.01 13.35
CA ILE E 80 -30.16 35.08 14.57
C ILE E 80 -29.81 36.28 15.41
N ALA E 81 -28.50 36.44 15.77
CA ALA E 81 -28.04 37.58 16.56
C ALA E 81 -28.50 38.90 15.90
N LYS E 82 -28.15 39.08 14.61
CA LYS E 82 -28.54 40.23 13.78
C LYS E 82 -30.05 40.50 13.81
N GLU E 83 -30.84 39.41 13.79
CA GLU E 83 -32.31 39.45 13.85
C GLU E 83 -32.79 39.98 15.20
N ILE E 84 -32.28 39.40 16.32
CA ILE E 84 -32.58 39.85 17.69
C ILE E 84 -32.34 41.39 17.78
N LEU E 85 -31.15 41.84 17.32
CA LEU E 85 -30.72 43.23 17.30
C LEU E 85 -31.68 44.15 16.54
N SER E 86 -31.97 43.83 15.25
CA SER E 86 -32.84 44.60 14.36
C SER E 86 -34.24 44.82 14.90
N ARG E 87 -34.82 43.73 15.45
CA ARG E 87 -36.14 43.64 16.08
C ARG E 87 -36.17 44.60 17.28
N LEU E 88 -35.11 44.53 18.09
CA LEU E 88 -34.91 45.33 19.29
C LEU E 88 -34.70 46.81 19.03
N LYS E 89 -34.06 47.15 17.89
CA LYS E 89 -33.83 48.52 17.45
C LYS E 89 -35.17 49.10 17.03
N GLU E 90 -36.04 48.23 16.45
CA GLU E 90 -37.42 48.58 16.04
C GLU E 90 -38.32 48.70 17.30
N LEU E 91 -37.94 48.04 18.40
CA LEU E 91 -38.64 48.13 19.68
C LEU E 91 -38.05 49.28 20.53
N LYS E 92 -36.87 49.79 20.08
CA LYS E 92 -36.07 50.90 20.62
C LYS E 92 -35.36 50.54 21.97
N LEU E 93 -35.58 49.28 22.43
CA LEU E 93 -35.07 48.65 23.67
C LEU E 93 -33.56 48.41 23.69
N LEU E 94 -32.89 48.69 22.56
CA LEU E 94 -31.45 48.51 22.38
C LEU E 94 -30.62 49.33 23.40
N GLU E 95 -30.87 50.65 23.48
CA GLU E 95 -30.22 51.55 24.44
C GLU E 95 -30.62 51.13 25.86
N ALA E 96 -31.92 50.79 26.02
CA ALA E 96 -32.56 50.33 27.25
C ALA E 96 -31.98 49.08 27.84
N TYR E 97 -31.47 48.17 27.00
CA TYR E 97 -30.85 46.92 27.46
C TYR E 97 -29.34 46.99 27.47
N GLY E 98 -28.78 48.20 27.36
CA GLY E 98 -27.33 48.48 27.34
C GLY E 98 -26.59 47.84 26.17
N LEU E 99 -27.17 47.96 24.98
CA LEU E 99 -26.65 47.34 23.78
C LEU E 99 -26.25 48.29 22.66
N ASP E 100 -26.84 49.50 22.62
CA ASP E 100 -26.57 50.57 21.65
C ASP E 100 -25.06 50.74 21.27
N GLU E 101 -24.19 50.38 22.19
CA GLU E 101 -22.74 50.48 22.04
C GLU E 101 -22.00 49.12 21.93
N LEU E 102 -22.70 48.02 22.25
CA LEU E 102 -22.14 46.67 22.20
C LEU E 102 -22.72 45.80 21.06
N THR E 103 -23.26 46.45 20.01
CA THR E 103 -23.91 45.86 18.85
C THR E 103 -23.02 44.83 18.17
N GLY E 104 -21.91 45.32 17.61
CA GLY E 104 -20.89 44.53 16.95
C GLY E 104 -20.42 43.41 17.87
N PRO E 105 -19.89 43.74 19.09
CA PRO E 105 -19.42 42.69 20.02
C PRO E 105 -20.37 41.50 20.16
N PHE E 106 -21.63 41.77 20.57
CA PHE E 106 -22.73 40.82 20.72
C PHE E 106 -22.65 39.79 19.59
N GLU E 107 -22.77 40.29 18.35
CA GLU E 107 -22.76 39.56 17.08
C GLU E 107 -21.49 38.68 16.92
N SER E 108 -20.31 39.31 17.03
CA SER E 108 -18.99 38.66 16.94
C SER E 108 -18.89 37.45 17.91
N ILE E 109 -19.31 37.66 19.21
CA ILE E 109 -19.32 36.65 20.28
C ILE E 109 -20.10 35.43 19.79
N VAL E 110 -21.30 35.67 19.22
CA VAL E 110 -22.16 34.62 18.70
C VAL E 110 -21.36 33.78 17.69
N GLU E 111 -20.96 34.43 16.54
CA GLU E 111 -20.13 33.90 15.44
C GLU E 111 -18.92 33.06 15.96
N MSE E 112 -18.19 33.65 16.92
CA MSE E 112 -17.00 33.05 17.50
C MSE E 112 -17.26 31.86 18.36
O MSE E 112 -16.43 30.97 18.40
CB MSE E 112 -16.16 34.08 18.24
CG MSE E 112 -15.44 35.04 17.28
SE MSE E 112 -14.44 34.20 15.80
CE MSE E 112 -15.87 34.18 14.35
N SER E 113 -18.43 31.83 19.04
CA SER E 113 -18.88 30.73 19.89
C SER E 113 -19.39 29.62 19.00
N CYS E 114 -20.09 30.01 17.91
CA CYS E 114 -20.60 29.15 16.85
C CYS E 114 -19.45 28.38 16.27
N LEU E 115 -18.39 29.13 15.87
CA LEU E 115 -17.15 28.60 15.32
C LEU E 115 -16.53 27.55 16.26
N MSE E 116 -16.39 27.93 17.53
CA MSE E 116 -15.81 27.12 18.56
C MSE E 116 -16.70 26.04 19.14
O MSE E 116 -16.24 25.34 20.04
CB MSE E 116 -15.30 27.99 19.66
CG MSE E 116 -14.13 28.79 19.22
SE MSE E 116 -13.34 29.60 20.75
CE MSE E 116 -14.86 30.81 21.39
N HIS E 117 -17.94 25.84 18.64
CA HIS E 117 -18.73 24.68 19.07
C HIS E 117 -17.98 23.48 18.40
N ASP E 118 -17.93 22.32 19.05
CA ASP E 118 -17.18 21.15 18.58
C ASP E 118 -15.64 21.32 18.70
N ILE E 119 -15.13 22.54 19.08
CA ILE E 119 -13.66 22.77 19.18
C ILE E 119 -12.98 21.81 20.16
N GLY E 120 -13.69 21.50 21.26
CA GLY E 120 -13.23 20.58 22.29
C GLY E 120 -13.57 19.13 22.05
N ASN E 121 -14.15 18.82 20.86
CA ASN E 121 -14.53 17.46 20.52
C ASN E 121 -13.30 16.58 20.22
N PRO E 122 -13.35 15.27 20.56
CA PRO E 122 -12.19 14.38 20.34
C PRO E 122 -12.05 13.98 18.87
N PRO E 123 -11.05 13.15 18.47
CA PRO E 123 -10.95 12.79 17.05
C PRO E 123 -12.24 12.19 16.49
N PHE E 124 -12.71 11.07 17.03
CA PHE E 124 -13.88 10.44 16.44
C PHE E 124 -15.21 10.86 17.09
N GLY E 125 -15.26 12.10 17.51
CA GLY E 125 -16.45 12.73 18.09
C GLY E 125 -17.10 11.95 19.21
N HIS E 126 -18.44 11.84 19.14
CA HIS E 126 -19.27 11.14 20.09
C HIS E 126 -18.79 9.70 20.36
N PHE E 127 -18.21 9.05 19.34
CA PHE E 127 -17.63 7.71 19.43
C PHE E 127 -16.33 7.73 20.18
N GLY E 128 -15.60 8.84 20.03
CA GLY E 128 -14.34 9.07 20.73
C GLY E 128 -14.63 9.18 22.21
N GLU E 129 -15.64 10.03 22.56
CA GLU E 129 -16.14 10.24 23.92
C GLU E 129 -16.36 8.90 24.58
N ALA E 130 -17.13 8.01 23.89
CA ALA E 130 -17.46 6.64 24.31
C ALA E 130 -16.21 5.87 24.64
N ALA E 131 -15.34 5.65 23.65
CA ALA E 131 -14.08 4.94 23.79
C ALA E 131 -13.18 5.43 24.93
N ILE E 132 -13.24 6.73 25.25
CA ILE E 132 -12.47 7.35 26.33
C ILE E 132 -13.10 6.98 27.65
N ASN E 133 -14.38 7.34 27.81
CA ASN E 133 -15.20 7.10 29.00
C ASN E 133 -15.28 5.65 29.37
N ASP E 134 -15.38 4.78 28.37
CA ASP E 134 -15.46 3.34 28.54
C ASP E 134 -14.15 2.80 29.04
N TRP E 135 -13.04 3.24 28.42
CA TRP E 135 -11.68 2.85 28.80
C TRP E 135 -11.38 3.25 30.25
N PHE E 136 -11.86 4.42 30.66
CA PHE E 136 -11.68 4.89 32.01
C PHE E 136 -12.58 4.15 32.99
N ARG E 137 -13.83 3.87 32.58
CA ARG E 137 -14.79 3.15 33.41
C ARG E 137 -14.33 1.76 33.81
N GLN E 138 -13.74 0.97 32.88
CA GLN E 138 -13.22 -0.38 33.16
C GLN E 138 -12.02 -0.34 34.11
N ARG E 139 -11.39 0.85 34.22
CA ARG E 139 -10.21 1.10 35.06
C ARG E 139 -10.53 1.83 36.37
N LEU E 140 -11.72 2.46 36.47
CA LEU E 140 -12.09 3.22 37.67
C LEU E 140 -13.37 2.76 38.34
N HIS E 141 -14.40 2.42 37.53
CA HIS E 141 -15.72 1.98 37.97
C HIS E 141 -16.30 3.02 38.94
N PRO E 142 -16.72 4.20 38.43
CA PRO E 142 -17.22 5.25 39.33
C PRO E 142 -18.54 4.89 40.03
N GLU E 143 -19.26 3.86 39.53
CA GLU E 143 -20.50 3.36 40.13
C GLU E 143 -20.24 2.78 41.52
N ASP E 144 -19.04 2.20 41.72
CA ASP E 144 -18.54 1.61 42.97
C ASP E 144 -18.21 2.65 44.05
N ALA E 145 -18.35 3.94 43.72
CA ALA E 145 -18.07 5.07 44.61
C ALA E 145 -19.32 5.77 45.14
N GLU E 146 -20.44 5.69 44.37
CA GLU E 146 -21.77 6.28 44.62
C GLU E 146 -22.19 6.32 46.10
N SER E 147 -22.17 5.17 46.79
CA SER E 147 -22.59 5.03 48.20
C SER E 147 -21.42 4.91 49.20
N GLN E 148 -21.49 3.89 50.09
CA GLN E 148 -20.55 3.56 51.16
C GLN E 148 -19.32 2.79 50.63
N PRO E 149 -18.15 2.85 51.32
CA PRO E 149 -16.99 2.11 50.83
C PRO E 149 -17.20 0.60 50.67
N LEU E 150 -17.18 0.14 49.41
CA LEU E 150 -17.34 -1.26 49.05
C LEU E 150 -16.08 -2.04 49.45
N THR E 151 -16.26 -3.17 50.14
CA THR E 151 -15.16 -4.06 50.56
C THR E 151 -14.41 -4.66 49.34
N ASP E 152 -15.10 -4.69 48.18
CA ASP E 152 -14.62 -5.19 46.90
C ASP E 152 -14.80 -4.09 45.83
N ASP E 153 -13.99 -3.01 45.95
CA ASP E 153 -14.01 -1.87 45.04
C ASP E 153 -13.31 -2.23 43.73
N ARG E 154 -14.03 -2.15 42.59
CA ARG E 154 -13.53 -2.50 41.27
C ARG E 154 -12.46 -1.53 40.69
N CYS E 155 -12.18 -0.40 41.37
CA CYS E 155 -11.17 0.60 40.98
C CYS E 155 -9.77 0.00 40.94
N SER E 156 -9.07 0.21 39.82
CA SER E 156 -7.70 -0.29 39.58
C SER E 156 -6.62 0.56 40.30
N VAL E 157 -7.01 1.75 40.76
CA VAL E 157 -6.10 2.68 41.43
C VAL E 157 -6.23 2.60 42.94
N ALA E 158 -5.10 2.37 43.62
CA ALA E 158 -5.00 2.24 45.08
C ALA E 158 -5.53 3.47 45.81
N ALA E 159 -5.06 4.67 45.40
CA ALA E 159 -5.42 5.96 45.99
C ALA E 159 -6.89 6.33 45.80
N LEU E 160 -7.48 5.94 44.66
CA LEU E 160 -8.86 6.29 44.35
C LEU E 160 -9.88 5.31 44.92
N ARG E 161 -9.41 4.10 45.33
CA ARG E 161 -10.24 3.09 45.98
C ARG E 161 -10.70 3.68 47.32
N LEU E 162 -12.03 3.67 47.59
CA LEU E 162 -12.64 4.22 48.82
C LEU E 162 -12.10 3.52 50.05
N ARG E 163 -11.28 4.22 50.85
CA ARG E 163 -10.76 3.61 52.08
C ARG E 163 -11.86 3.56 53.15
N ASP E 164 -12.06 2.36 53.76
CA ASP E 164 -13.13 2.07 54.74
C ASP E 164 -13.17 3.01 55.97
N GLY E 165 -11.99 3.49 56.39
CA GLY E 165 -11.79 4.43 57.50
C GLY E 165 -12.48 5.74 57.25
N GLU E 166 -13.05 6.33 58.31
CA GLU E 166 -13.81 7.58 58.29
C GLU E 166 -13.02 8.73 57.61
N GLU E 167 -13.28 8.94 56.29
CA GLU E 167 -12.59 9.98 55.53
C GLU E 167 -13.50 10.84 54.66
N PRO E 168 -13.24 12.18 54.64
CA PRO E 168 -13.96 13.05 53.69
C PRO E 168 -13.27 12.96 52.32
N LEU E 169 -12.07 12.32 52.30
CA LEU E 169 -11.22 12.04 51.15
C LEU E 169 -11.99 11.14 50.21
N ASN E 170 -12.93 10.36 50.77
CA ASN E 170 -13.83 9.48 50.07
C ASN E 170 -14.71 10.28 49.07
N GLU E 171 -15.05 11.54 49.43
CA GLU E 171 -15.81 12.42 48.55
C GLU E 171 -14.92 12.91 47.39
N LEU E 172 -13.61 13.15 47.66
CA LEU E 172 -12.66 13.59 46.62
C LEU E 172 -12.45 12.49 45.57
N ARG E 173 -12.36 11.22 46.03
CA ARG E 173 -12.23 10.01 45.20
C ARG E 173 -13.45 9.89 44.26
N ARG E 174 -14.67 10.11 44.83
CA ARG E 174 -15.96 10.05 44.15
C ARG E 174 -16.01 11.01 42.97
N LYS E 175 -15.65 12.27 43.26
CA LYS E 175 -15.64 13.37 42.29
C LYS E 175 -14.63 13.11 41.16
N ILE E 176 -13.40 12.65 41.48
CA ILE E 176 -12.35 12.36 40.50
C ILE E 176 -12.79 11.27 39.55
N ARG E 177 -13.31 10.16 40.09
CA ARG E 177 -13.80 9.02 39.32
C ARG E 177 -14.92 9.41 38.35
N GLN E 178 -15.88 10.24 38.79
CA GLN E 178 -16.99 10.70 37.92
C GLN E 178 -16.52 11.70 36.85
N ASP E 179 -15.63 12.65 37.22
CA ASP E 179 -15.08 13.66 36.31
C ASP E 179 -14.29 13.05 35.15
N LEU E 180 -13.38 12.10 35.46
CA LEU E 180 -12.53 11.46 34.45
C LEU E 180 -13.32 10.53 33.54
N CYS E 181 -14.33 9.85 34.09
CA CYS E 181 -15.19 8.91 33.36
C CYS E 181 -16.32 9.60 32.59
N HIS E 182 -16.50 10.91 32.78
CA HIS E 182 -17.54 11.67 32.10
C HIS E 182 -16.94 12.81 31.25
N PHE E 183 -16.08 12.43 30.30
CA PHE E 183 -15.49 13.32 29.31
C PHE E 183 -16.61 13.76 28.32
N GLU E 184 -16.68 15.07 28.06
CA GLU E 184 -17.62 15.69 27.13
C GLU E 184 -16.88 16.80 26.37
N GLY E 185 -17.07 16.83 25.05
CA GLY E 185 -16.43 17.76 24.13
C GLY E 185 -16.57 19.21 24.54
N ASN E 186 -17.78 19.62 24.99
CA ASN E 186 -18.05 20.98 25.44
C ASN E 186 -17.16 21.35 26.64
N ALA E 187 -17.10 20.43 27.62
CA ALA E 187 -16.32 20.55 28.85
C ALA E 187 -14.81 20.64 28.52
N GLN E 188 -14.39 19.83 27.52
CA GLN E 188 -13.03 19.77 27.02
C GLN E 188 -12.71 21.06 26.27
N GLY E 189 -13.72 21.62 25.59
CA GLY E 189 -13.61 22.89 24.89
C GLY E 189 -13.21 24.03 25.81
N ILE E 190 -13.84 24.08 27.01
CA ILE E 190 -13.55 25.09 28.03
C ILE E 190 -12.11 24.91 28.49
N ARG E 191 -11.77 23.64 28.83
CA ARG E 191 -10.44 23.20 29.28
C ARG E 191 -9.37 23.66 28.28
N LEU E 192 -9.67 23.45 26.99
CA LEU E 192 -8.84 23.74 25.81
C LEU E 192 -8.51 25.22 25.67
N VAL E 193 -9.51 26.11 25.49
CA VAL E 193 -9.29 27.55 25.29
C VAL E 193 -8.50 28.23 26.41
N HIS E 194 -8.66 27.72 27.64
CA HIS E 194 -8.00 28.31 28.78
C HIS E 194 -6.68 27.62 29.13
N THR E 195 -6.76 26.47 29.79
CA THR E 195 -5.62 25.73 30.31
C THR E 195 -4.71 25.15 29.23
N LEU E 196 -5.27 24.78 28.05
CA LEU E 196 -4.45 24.12 27.03
C LEU E 196 -3.93 25.05 25.95
N MSE E 197 -4.83 25.70 25.22
CA MSE E 197 -4.50 26.61 24.14
C MSE E 197 -3.97 27.94 24.64
O MSE E 197 -3.32 28.66 23.87
CB MSE E 197 -5.69 26.82 23.20
CG MSE E 197 -5.91 25.65 22.22
SE MSE E 197 -4.32 25.01 21.20
CE MSE E 197 -3.75 26.75 20.39
N ARG E 198 -4.23 28.27 25.94
CA ARG E 198 -3.77 29.48 26.61
C ARG E 198 -3.99 30.72 25.71
N MSE E 199 -5.26 30.85 25.27
CA MSE E 199 -5.72 31.91 24.39
C MSE E 199 -5.91 33.23 25.12
O MSE E 199 -5.58 34.26 24.54
CB MSE E 199 -7.05 31.51 23.74
CG MSE E 199 -6.98 30.28 22.87
SE MSE E 199 -8.51 30.13 21.64
CE MSE E 199 -8.28 28.29 21.17
N ASN E 200 -6.42 33.18 26.38
CA ASN E 200 -6.74 34.35 27.22
C ASN E 200 -7.79 35.17 26.48
N LEU E 201 -9.01 34.66 26.47
CA LEU E 201 -10.12 35.31 25.77
C LEU E 201 -10.94 36.12 26.77
N THR E 202 -11.75 37.05 26.24
CA THR E 202 -12.66 37.86 27.04
C THR E 202 -13.63 36.92 27.71
N TRP E 203 -13.96 37.20 29.00
CA TRP E 203 -14.89 36.39 29.79
C TRP E 203 -16.16 36.03 28.99
N ALA E 204 -16.78 37.08 28.40
CA ALA E 204 -17.96 37.03 27.54
C ALA E 204 -17.90 35.91 26.48
N GLN E 205 -16.74 35.77 25.80
CA GLN E 205 -16.52 34.77 24.76
C GLN E 205 -16.60 33.33 25.31
N VAL E 206 -15.87 33.13 26.40
CA VAL E 206 -15.77 31.87 27.13
C VAL E 206 -17.16 31.48 27.69
N GLY E 207 -17.98 32.50 28.01
CA GLY E 207 -19.35 32.33 28.47
C GLY E 207 -20.19 31.68 27.39
N GLY E 208 -20.05 32.20 26.16
CA GLY E 208 -20.75 31.74 24.97
C GLY E 208 -20.44 30.31 24.57
N ILE E 209 -19.29 29.76 25.03
CA ILE E 209 -18.97 28.38 24.67
C ILE E 209 -19.28 27.44 25.84
N LEU E 210 -19.76 27.99 26.95
CA LEU E 210 -20.19 27.19 28.09
C LEU E 210 -21.68 26.81 27.87
N LYS E 211 -21.87 25.67 27.18
CA LYS E 211 -23.17 25.13 26.77
C LYS E 211 -23.98 24.54 27.91
N TYR E 212 -23.32 23.84 28.86
CA TYR E 212 -24.02 23.22 29.96
C TYR E 212 -23.49 23.66 31.31
N THR E 213 -24.36 23.61 32.32
CA THR E 213 -24.04 24.07 33.67
C THR E 213 -23.73 22.90 34.62
N ARG E 214 -23.87 21.65 34.12
CA ARG E 214 -23.57 20.47 34.91
C ARG E 214 -22.04 20.24 35.08
N PRO E 215 -21.58 20.03 36.33
CA PRO E 215 -20.18 19.68 36.53
C PRO E 215 -19.98 18.23 36.11
N ALA E 216 -18.80 17.90 35.53
CA ALA E 216 -18.53 16.52 35.05
C ALA E 216 -18.62 15.46 36.17
N TRP E 217 -18.29 15.88 37.39
CA TRP E 217 -18.28 15.05 38.60
C TRP E 217 -19.65 14.76 39.17
N TRP E 218 -20.71 15.41 38.66
CA TRP E 218 -22.08 15.23 39.11
C TRP E 218 -22.50 13.76 39.00
N ARG E 219 -23.16 13.22 40.06
CA ARG E 219 -23.58 11.81 40.14
C ARG E 219 -25.08 11.57 40.31
N GLY E 220 -25.74 12.42 41.10
CA GLY E 220 -27.16 12.31 41.43
C GLY E 220 -28.13 12.68 40.32
N GLU E 221 -29.42 12.74 40.70
CA GLU E 221 -30.49 13.13 39.80
C GLU E 221 -30.35 14.65 39.60
N THR E 222 -30.69 15.14 38.40
CA THR E 222 -30.58 16.54 38.01
C THR E 222 -31.71 17.39 38.59
N PRO E 223 -31.39 18.60 39.11
CA PRO E 223 -32.44 19.53 39.59
C PRO E 223 -33.57 19.62 38.57
N GLU E 224 -34.82 19.40 39.01
CA GLU E 224 -36.04 19.42 38.18
C GLU E 224 -36.22 20.76 37.47
N THR E 225 -35.86 21.84 38.17
CA THR E 225 -35.91 23.25 37.78
C THR E 225 -34.76 23.62 36.82
N HIS E 226 -33.65 22.86 36.85
CA HIS E 226 -32.47 23.09 36.00
C HIS E 226 -32.10 21.84 35.18
N HIS E 227 -33.11 20.98 34.91
CA HIS E 227 -32.99 19.73 34.15
C HIS E 227 -32.28 19.92 32.80
N TYR E 228 -32.85 20.78 31.94
CA TYR E 228 -32.42 21.11 30.60
C TYR E 228 -31.02 21.71 30.55
N LEU E 229 -30.71 22.66 31.44
CA LEU E 229 -29.41 23.32 31.47
C LEU E 229 -28.27 22.41 31.89
N MSE E 230 -28.62 21.33 32.60
CA MSE E 230 -27.65 20.34 33.06
C MSE E 230 -27.81 18.99 32.34
O MSE E 230 -27.40 17.94 32.87
CB MSE E 230 -27.73 20.21 34.59
CG MSE E 230 -27.29 21.49 35.30
SE MSE E 230 -27.92 21.69 37.13
CE MSE E 230 -26.59 20.49 37.96
N LYS E 231 -28.36 19.03 31.11
CA LYS E 231 -28.63 17.87 30.24
C LYS E 231 -27.40 17.00 30.04
N LYS E 232 -26.23 17.64 29.79
CA LYS E 232 -24.89 17.06 29.57
C LYS E 232 -23.90 17.79 30.50
N PRO E 233 -22.63 17.33 30.73
CA PRO E 233 -21.72 18.14 31.56
C PRO E 233 -21.13 19.31 30.76
N GLY E 234 -20.91 20.42 31.44
CA GLY E 234 -20.39 21.63 30.80
C GLY E 234 -18.95 21.97 31.12
N TYR E 235 -18.39 21.43 32.23
CA TYR E 235 -17.02 21.71 32.68
C TYR E 235 -16.45 20.63 33.58
N TYR E 236 -15.08 20.55 33.66
CA TYR E 236 -14.38 19.59 34.51
C TYR E 236 -13.99 20.20 35.85
N LEU E 237 -13.64 19.30 36.79
CA LEU E 237 -13.16 19.56 38.14
C LEU E 237 -11.89 20.44 38.10
N SER E 238 -11.09 20.27 37.01
CA SER E 238 -9.86 20.99 36.71
C SER E 238 -10.15 22.45 36.37
N GLU E 239 -11.39 22.72 36.01
CA GLU E 239 -11.82 24.06 35.60
C GLU E 239 -12.70 24.77 36.64
N GLU E 240 -13.32 24.00 37.57
CA GLU E 240 -14.20 24.43 38.69
C GLU E 240 -13.81 25.80 39.26
N ALA E 241 -12.50 25.99 39.50
CA ALA E 241 -11.88 27.22 40.02
C ALA E 241 -12.12 28.40 39.05
N TYR E 242 -11.66 28.23 37.80
CA TYR E 242 -11.77 29.17 36.70
C TYR E 242 -13.25 29.43 36.31
N ILE E 243 -14.08 28.38 36.43
CA ILE E 243 -15.51 28.39 36.14
C ILE E 243 -16.24 29.29 37.12
N ALA E 244 -15.80 29.23 38.40
CA ALA E 244 -16.33 30.07 39.47
C ALA E 244 -16.00 31.52 39.11
N ARG E 245 -14.71 31.77 38.69
CA ARG E 245 -14.18 33.06 38.23
C ARG E 245 -15.06 33.58 37.09
N LEU E 246 -15.48 32.68 36.19
CA LEU E 246 -16.31 33.01 35.04
C LEU E 246 -17.72 33.44 35.40
N ARG E 247 -18.37 32.69 36.31
CA ARG E 247 -19.72 32.96 36.82
C ARG E 247 -19.78 34.38 37.41
N LYS E 248 -18.82 34.68 38.31
CA LYS E 248 -18.71 35.96 39.00
C LYS E 248 -18.49 37.11 38.05
N GLU E 249 -17.69 36.88 37.01
CA GLU E 249 -17.40 37.89 36.00
C GLU E 249 -18.59 38.17 35.09
N LEU E 250 -19.35 37.13 34.79
CA LEU E 250 -20.47 37.26 33.89
C LEU E 250 -21.81 37.39 34.57
N ASN E 251 -21.79 37.47 35.91
CA ASN E 251 -22.97 37.62 36.79
C ASN E 251 -23.94 36.47 36.57
N LEU E 252 -23.44 35.28 36.95
CA LEU E 252 -24.17 34.03 36.83
C LEU E 252 -24.22 33.31 38.16
N ALA E 253 -25.40 32.80 38.48
CA ALA E 253 -25.63 32.03 39.68
C ALA E 253 -25.11 30.63 39.40
N LEU E 254 -24.91 29.83 40.46
CA LEU E 254 -24.50 28.44 40.26
C LEU E 254 -25.55 27.77 39.37
N TYR E 255 -25.05 27.17 38.28
CA TYR E 255 -25.81 26.51 37.22
C TYR E 255 -26.63 27.49 36.38
N SER E 256 -26.12 28.72 36.19
CA SER E 256 -26.80 29.69 35.31
C SER E 256 -26.00 29.86 34.01
N ARG E 257 -26.72 29.87 32.85
CA ARG E 257 -26.11 29.99 31.52
C ARG E 257 -25.96 31.42 31.01
N PHE E 258 -24.91 31.62 30.19
CA PHE E 258 -24.61 32.90 29.56
C PHE E 258 -25.71 33.19 28.52
N PRO E 259 -26.37 34.38 28.63
CA PRO E 259 -27.50 34.70 27.74
C PRO E 259 -27.32 34.53 26.22
N LEU E 260 -26.10 34.62 25.74
CA LEU E 260 -25.91 34.49 24.30
C LEU E 260 -25.82 33.05 23.82
N THR E 261 -25.36 32.12 24.71
CA THR E 261 -25.15 30.69 24.43
C THR E 261 -26.34 30.06 23.71
N TRP E 262 -27.54 30.47 24.11
CA TRP E 262 -28.85 30.10 23.59
C TRP E 262 -29.00 30.35 22.08
N ILE E 263 -28.43 31.49 21.60
CA ILE E 263 -28.42 31.90 20.19
C ILE E 263 -27.54 30.95 19.39
N MSE E 264 -26.30 30.72 19.87
CA MSE E 264 -25.31 29.84 19.23
C MSE E 264 -25.87 28.42 19.13
O MSE E 264 -25.81 27.80 18.05
CB MSE E 264 -23.96 29.91 20.01
CG MSE E 264 -22.93 28.83 19.61
SE MSE E 264 -22.85 27.28 20.83
CE MSE E 264 -23.54 25.81 19.62
N GLU E 265 -26.44 27.94 20.24
CA GLU E 265 -27.07 26.63 20.39
C GLU E 265 -28.07 26.41 19.26
N ALA E 266 -29.02 27.36 19.14
CA ALA E 266 -30.10 27.39 18.18
C ALA E 266 -29.61 27.18 16.75
N ALA E 267 -28.57 27.93 16.34
CA ALA E 267 -27.92 27.87 15.02
C ALA E 267 -27.44 26.45 14.73
N ASP E 268 -26.89 25.79 15.76
CA ASP E 268 -26.39 24.42 15.70
C ASP E 268 -27.52 23.43 15.50
N ASP E 269 -28.65 23.61 16.22
CA ASP E 269 -29.84 22.75 16.12
C ASP E 269 -30.43 22.81 14.72
N ILE E 270 -30.34 23.99 14.08
CA ILE E 270 -30.85 24.20 12.74
C ILE E 270 -29.94 23.56 11.70
N SER E 271 -28.70 24.09 11.55
CA SER E 271 -27.68 23.64 10.58
C SER E 271 -27.48 22.12 10.63
N TYR E 272 -27.54 21.58 11.85
CA TYR E 272 -27.42 20.21 12.26
C TYR E 272 -27.64 19.17 11.16
N CYS E 273 -28.85 19.10 10.57
CA CYS E 273 -29.16 18.03 9.63
C CYS E 273 -29.09 18.36 8.16
N VAL E 274 -29.89 19.32 7.73
CA VAL E 274 -30.05 19.74 6.33
C VAL E 274 -28.75 19.61 5.48
N ALA E 275 -27.59 20.00 6.05
CA ALA E 275 -26.29 19.97 5.40
C ALA E 275 -25.85 18.52 5.08
N ASP E 276 -26.03 17.60 6.05
CA ASP E 276 -25.71 16.18 5.88
C ASP E 276 -26.67 15.56 4.89
N LEU E 277 -27.95 16.03 4.87
CA LEU E 277 -28.97 15.59 3.91
C LEU E 277 -28.58 15.98 2.48
N GLU E 278 -27.95 17.18 2.31
CA GLU E 278 -27.41 17.67 1.04
C GLU E 278 -26.29 16.75 0.59
N ASP E 279 -25.39 16.42 1.54
CA ASP E 279 -24.25 15.55 1.35
C ASP E 279 -24.67 14.14 1.06
N ALA E 280 -25.82 13.69 1.61
CA ALA E 280 -26.38 12.35 1.40
C ALA E 280 -26.70 12.08 -0.05
N VAL E 281 -27.35 13.07 -0.71
CA VAL E 281 -27.70 13.02 -2.13
C VAL E 281 -26.39 13.14 -2.96
N GLU E 282 -25.41 13.86 -2.41
CA GLU E 282 -24.10 14.03 -3.02
C GLU E 282 -23.31 12.70 -3.01
N LYS E 283 -23.44 11.93 -1.93
CA LYS E 283 -22.79 10.62 -1.81
C LYS E 283 -23.62 9.54 -2.51
N ARG E 284 -24.69 9.98 -3.22
CA ARG E 284 -25.62 9.22 -4.07
C ARG E 284 -26.49 8.22 -3.30
N ILE E 285 -26.58 8.33 -1.95
CA ILE E 285 -27.39 7.44 -1.08
C ILE E 285 -28.83 7.30 -1.62
N PHE E 286 -29.35 8.37 -2.24
CA PHE E 286 -30.65 8.47 -2.86
C PHE E 286 -30.71 9.74 -3.69
N THR E 287 -31.75 9.89 -4.54
CA THR E 287 -31.93 11.11 -5.32
C THR E 287 -32.59 12.16 -4.43
N VAL E 288 -32.57 13.39 -4.93
CA VAL E 288 -33.19 14.54 -4.34
C VAL E 288 -34.72 14.28 -4.35
N GLU E 289 -35.21 13.63 -5.44
CA GLU E 289 -36.60 13.24 -5.59
C GLU E 289 -36.94 12.19 -4.52
N GLN E 290 -36.10 11.15 -4.37
CA GLN E 290 -36.24 10.07 -3.39
C GLN E 290 -36.37 10.63 -1.97
N LEU E 291 -35.52 11.61 -1.66
CA LEU E 291 -35.49 12.30 -0.39
C LEU E 291 -36.80 13.04 -0.10
N TYR E 292 -37.31 13.79 -1.10
CA TYR E 292 -38.55 14.55 -1.00
C TYR E 292 -39.70 13.62 -0.59
N HIS E 293 -39.73 12.44 -1.20
CA HIS E 293 -40.72 11.42 -0.93
C HIS E 293 -40.55 10.87 0.46
N HIS E 294 -39.30 10.72 0.95
CA HIS E 294 -39.03 10.29 2.32
C HIS E 294 -39.52 11.31 3.33
N LEU E 295 -39.43 12.59 2.96
CA LEU E 295 -39.87 13.70 3.80
C LEU E 295 -41.41 13.79 3.85
N HIS E 296 -42.06 13.55 2.68
CA HIS E 296 -43.52 13.52 2.56
C HIS E 296 -44.07 12.41 3.47
N GLU E 297 -43.46 11.20 3.38
CA GLU E 297 -43.76 10.00 4.17
C GLU E 297 -43.67 10.30 5.66
N ALA E 298 -42.60 11.01 6.05
CA ALA E 298 -42.28 11.39 7.43
C ALA E 298 -43.24 12.40 8.07
N TRP E 299 -43.76 13.34 7.28
CA TRP E 299 -44.66 14.39 7.81
C TRP E 299 -46.02 13.82 8.26
N GLY E 300 -46.66 13.01 7.41
CA GLY E 300 -47.93 12.34 7.67
C GLY E 300 -49.15 13.24 7.80
N GLN E 301 -49.24 13.99 8.93
CA GLN E 301 -50.31 14.95 9.26
C GLN E 301 -50.18 16.18 8.33
N HIS E 302 -50.52 16.00 7.04
CA HIS E 302 -50.41 17.01 5.99
C HIS E 302 -51.58 17.96 5.90
N GLU E 303 -51.26 19.25 5.94
CA GLU E 303 -52.17 20.41 5.82
C GLU E 303 -51.51 21.29 4.74
N LYS E 304 -52.31 22.02 3.93
CA LYS E 304 -51.71 22.78 2.83
C LYS E 304 -51.25 24.23 3.20
N GLY E 305 -51.16 24.51 4.50
CA GLY E 305 -50.63 25.77 5.04
C GLY E 305 -49.54 25.58 6.08
N SER E 306 -49.16 24.31 6.38
CA SER E 306 -48.15 23.93 7.36
C SER E 306 -46.75 24.38 6.96
N LEU E 307 -45.79 24.32 7.90
CA LEU E 307 -44.42 24.72 7.64
C LEU E 307 -43.74 23.80 6.60
N PHE E 308 -44.26 22.56 6.44
CA PHE E 308 -43.77 21.60 5.45
C PHE E 308 -44.00 22.18 4.06
N SER E 309 -45.23 22.64 3.81
CA SER E 309 -45.64 23.25 2.55
C SER E 309 -44.85 24.52 2.29
N LEU E 310 -44.73 25.35 3.33
CA LEU E 310 -44.02 26.63 3.33
C LEU E 310 -42.52 26.51 3.10
N VAL E 311 -41.92 25.38 3.51
CA VAL E 311 -40.48 25.16 3.41
C VAL E 311 -40.13 24.09 2.39
N VAL E 312 -40.41 22.81 2.71
CA VAL E 312 -40.02 21.67 1.90
C VAL E 312 -40.82 21.63 0.58
N GLU E 313 -42.17 21.67 0.64
CA GLU E 313 -42.99 21.62 -0.57
C GLU E 313 -42.61 22.78 -1.48
N ASN E 314 -42.43 23.98 -0.87
CA ASN E 314 -42.02 25.23 -1.50
C ASN E 314 -40.70 25.06 -2.29
N ALA E 315 -39.65 24.54 -1.62
CA ALA E 315 -38.32 24.32 -2.17
C ALA E 315 -38.31 23.27 -3.26
N TRP E 316 -39.24 22.31 -3.16
CA TRP E 316 -39.38 21.25 -4.15
C TRP E 316 -39.90 21.80 -5.48
N GLU E 317 -40.86 22.72 -5.40
CA GLU E 317 -41.46 23.36 -6.56
C GLU E 317 -40.45 24.28 -7.23
N LYS E 318 -39.62 25.00 -6.43
CA LYS E 318 -38.58 25.92 -6.94
C LYS E 318 -37.54 25.16 -7.78
N SER E 319 -37.14 23.94 -7.32
CA SER E 319 -36.18 23.06 -7.98
C SER E 319 -36.63 22.61 -9.38
N ARG E 320 -37.92 22.30 -9.54
CA ARG E 320 -38.49 21.91 -10.84
C ARG E 320 -38.79 23.20 -11.63
N SER E 321 -38.06 23.41 -12.76
CA SER E 321 -38.16 24.61 -13.63
C SER E 321 -37.84 25.91 -12.87
N SER E 327 -28.61 23.80 -11.25
CA SER E 327 -28.87 22.39 -11.04
C SER E 327 -30.03 22.18 -10.10
N THR E 328 -30.78 21.09 -10.31
CA THR E 328 -31.99 20.73 -9.54
C THR E 328 -31.67 20.63 -8.06
N GLU E 329 -30.64 19.82 -7.73
CA GLU E 329 -30.14 19.54 -6.39
C GLU E 329 -29.69 20.82 -5.68
N ASP E 330 -28.84 21.60 -6.39
CA ASP E 330 -28.30 22.87 -5.91
C ASP E 330 -29.46 23.77 -5.48
N GLN E 331 -30.35 24.10 -6.45
CA GLN E 331 -31.53 24.94 -6.26
C GLN E 331 -32.39 24.42 -5.12
N PHE E 332 -32.63 23.10 -5.09
CA PHE E 332 -33.42 22.47 -4.05
C PHE E 332 -32.86 22.81 -2.66
N PHE E 333 -31.61 22.39 -2.38
CA PHE E 333 -30.97 22.58 -1.09
C PHE E 333 -30.82 24.04 -0.73
N MSE E 334 -30.41 24.85 -1.74
CA MSE E 334 -30.22 26.31 -1.66
C MSE E 334 -31.47 26.95 -1.09
O MSE E 334 -31.39 27.60 -0.06
CB MSE E 334 -29.88 26.88 -3.06
CG MSE E 334 -29.12 28.18 -3.01
SE MSE E 334 -30.01 29.59 -4.00
CE MSE E 334 -28.65 30.07 -5.18
N TYR E 335 -32.64 26.68 -1.72
CA TYR E 335 -33.89 27.26 -1.26
C TYR E 335 -34.46 26.57 -0.05
N LEU E 336 -34.24 25.26 0.11
CA LEU E 336 -34.69 24.56 1.30
C LEU E 336 -34.06 25.20 2.54
N ARG E 337 -32.72 25.49 2.49
CA ARG E 337 -31.91 26.13 3.53
C ARG E 337 -32.56 27.49 3.84
N VAL E 338 -32.69 28.32 2.77
CA VAL E 338 -33.31 29.64 2.76
C VAL E 338 -34.64 29.56 3.54
N ASN E 339 -35.61 28.81 2.97
CA ASN E 339 -36.94 28.53 3.47
C ASN E 339 -36.95 28.27 4.96
N THR E 340 -36.07 27.37 5.40
CA THR E 340 -35.93 27.00 6.81
C THR E 340 -35.56 28.22 7.68
N LEU E 341 -34.38 28.82 7.38
CA LEU E 341 -33.86 29.99 8.09
C LEU E 341 -34.87 31.15 8.13
N ASN E 342 -35.50 31.42 6.97
CA ASN E 342 -36.49 32.46 6.76
C ASN E 342 -37.72 32.34 7.65
N LYS E 343 -37.93 31.16 8.26
CA LYS E 343 -39.05 30.95 9.16
C LYS E 343 -38.57 30.67 10.60
N LEU E 344 -37.53 29.85 10.73
CA LEU E 344 -36.97 29.47 12.01
C LEU E 344 -36.19 30.56 12.73
N VAL E 345 -35.30 31.30 11.99
CA VAL E 345 -34.49 32.39 12.58
C VAL E 345 -35.41 33.42 13.25
N PRO E 346 -36.45 33.97 12.56
CA PRO E 346 -37.34 34.92 13.22
C PRO E 346 -37.93 34.36 14.49
N TYR E 347 -38.39 33.09 14.48
CA TYR E 347 -38.96 32.41 15.64
C TYR E 347 -38.02 32.47 16.84
N ALA E 348 -36.82 31.94 16.70
CA ALA E 348 -35.81 31.91 17.75
C ALA E 348 -35.41 33.32 18.16
N ALA E 349 -35.29 34.24 17.19
CA ALA E 349 -34.98 35.67 17.46
C ALA E 349 -36.04 36.25 18.38
N GLN E 350 -37.32 35.95 18.10
CA GLN E 350 -38.47 36.35 18.90
C GLN E 350 -38.43 35.70 20.25
N ARG E 351 -38.40 34.37 20.28
CA ARG E 351 -38.34 33.54 21.48
C ARG E 351 -37.36 34.12 22.49
N PHE E 352 -36.15 34.49 22.00
CA PHE E 352 -35.06 35.09 22.77
C PHE E 352 -35.55 36.35 23.48
N ILE E 353 -36.06 37.32 22.69
CA ILE E 353 -36.60 38.60 23.14
C ILE E 353 -37.78 38.40 24.11
N ASP E 354 -38.71 37.50 23.74
CA ASP E 354 -39.90 37.13 24.50
C ASP E 354 -39.55 36.63 25.90
N ASN E 355 -38.51 35.80 26.00
CA ASN E 355 -38.10 35.16 27.25
C ASN E 355 -36.77 35.70 27.76
N LEU E 356 -36.43 36.91 27.30
CA LEU E 356 -35.20 37.62 27.64
C LEU E 356 -34.88 37.72 29.13
N PRO E 357 -35.84 38.01 30.05
CA PRO E 357 -35.47 38.09 31.48
C PRO E 357 -34.82 36.82 32.03
N ALA E 358 -35.47 35.66 31.75
CA ALA E 358 -35.04 34.31 32.16
C ALA E 358 -33.75 33.88 31.44
N ILE E 359 -33.57 34.39 30.21
CA ILE E 359 -32.40 34.15 29.37
C ILE E 359 -31.23 34.98 29.89
N PHE E 360 -31.51 36.25 30.29
CA PHE E 360 -30.56 37.20 30.86
C PHE E 360 -30.06 36.65 32.18
N ALA E 361 -30.99 36.03 32.94
CA ALA E 361 -30.74 35.34 34.20
C ALA E 361 -29.94 34.05 33.91
N GLY E 362 -30.23 33.45 32.74
CA GLY E 362 -29.62 32.19 32.31
C GLY E 362 -30.19 31.02 33.10
N THR E 363 -31.46 31.15 33.46
CA THR E 363 -32.22 30.22 34.28
C THR E 363 -33.29 29.50 33.46
N PHE E 364 -33.68 30.11 32.33
CA PHE E 364 -34.69 29.62 31.39
C PHE E 364 -34.49 28.12 31.06
N ASN E 365 -35.32 27.22 31.63
CA ASN E 365 -35.12 25.77 31.45
C ASN E 365 -35.57 25.21 30.06
N HIS E 366 -35.49 26.03 28.99
CA HIS E 366 -35.87 25.59 27.64
C HIS E 366 -34.93 26.10 26.51
N ALA E 367 -35.13 25.57 25.30
CA ALA E 367 -34.43 25.87 24.05
C ALA E 367 -35.24 26.91 23.30
N LEU E 368 -34.58 27.67 22.40
CA LEU E 368 -35.25 28.69 21.60
C LEU E 368 -36.29 28.03 20.68
N LEU E 369 -35.91 26.88 20.06
CA LEU E 369 -36.79 26.05 19.25
C LEU E 369 -37.16 24.89 20.17
N GLU E 370 -38.22 25.05 20.98
CA GLU E 370 -38.66 24.02 21.94
C GLU E 370 -39.75 23.14 21.36
N ASP E 371 -39.61 21.86 21.68
CA ASP E 371 -40.36 20.64 21.38
C ASP E 371 -41.73 20.83 20.71
N ALA E 372 -42.62 21.59 21.34
CA ALA E 372 -43.98 21.83 20.83
C ALA E 372 -44.06 22.68 19.54
N SER E 373 -43.08 23.59 19.30
CA SER E 373 -43.06 24.49 18.13
C SER E 373 -43.02 23.75 16.82
N GLU E 374 -43.83 24.22 15.85
CA GLU E 374 -43.88 23.68 14.49
C GLU E 374 -42.45 23.64 13.91
N CYS E 375 -41.60 24.58 14.37
CA CYS E 375 -40.18 24.72 14.04
C CYS E 375 -39.40 23.49 14.48
N SER E 376 -39.53 23.12 15.79
CA SER E 376 -38.89 21.95 16.42
C SER E 376 -39.28 20.67 15.67
N ASP E 377 -40.54 20.61 15.22
CA ASP E 377 -41.15 19.52 14.46
C ASP E 377 -40.47 19.33 13.10
N LEU E 378 -40.26 20.45 12.35
CA LEU E 378 -39.60 20.49 11.04
C LEU E 378 -38.18 19.94 11.13
N LEU E 379 -37.47 20.35 12.19
CA LEU E 379 -36.11 19.95 12.46
C LEU E 379 -36.08 18.46 12.70
N LYS E 380 -36.95 18.00 13.62
CA LYS E 380 -37.11 16.59 13.98
C LYS E 380 -37.34 15.76 12.72
N LEU E 381 -38.15 16.28 11.78
CA LEU E 381 -38.45 15.65 10.50
C LEU E 381 -37.15 15.37 9.72
N TYR E 382 -36.27 16.40 9.60
CA TYR E 382 -34.99 16.26 8.93
C TYR E 382 -34.16 15.20 9.61
N LYS E 383 -34.11 15.26 10.96
CA LYS E 383 -33.37 14.35 11.83
C LYS E 383 -33.78 12.90 11.61
N ASN E 384 -35.10 12.64 11.61
CA ASN E 384 -35.67 11.31 11.44
C ASN E 384 -35.23 10.70 10.12
N VAL E 385 -35.34 11.48 9.04
CA VAL E 385 -34.97 11.09 7.68
C VAL E 385 -33.45 10.76 7.63
N ALA E 386 -32.65 11.63 8.26
CA ALA E 386 -31.20 11.48 8.38
C ALA E 386 -30.84 10.20 9.18
N VAL E 387 -31.54 9.97 10.30
CA VAL E 387 -31.34 8.78 11.12
C VAL E 387 -31.63 7.52 10.30
N LYS E 388 -32.89 7.40 9.82
CA LYS E 388 -33.41 6.26 9.04
C LYS E 388 -32.69 6.00 7.72
N HIS E 389 -31.96 6.98 7.14
CA HIS E 389 -31.36 6.74 5.84
C HIS E 389 -29.92 7.06 5.73
N VAL E 390 -29.48 8.14 6.38
CA VAL E 390 -28.11 8.61 6.25
C VAL E 390 -27.19 8.03 7.37
N PHE E 391 -27.50 8.33 8.65
CA PHE E 391 -26.75 7.86 9.81
C PHE E 391 -26.64 6.33 9.92
N SER E 392 -27.58 5.64 9.24
CA SER E 392 -27.71 4.18 9.16
C SER E 392 -26.84 3.53 8.08
N HIS E 393 -26.30 4.35 7.15
CA HIS E 393 -25.48 3.83 6.07
C HIS E 393 -24.21 3.09 6.59
N PRO E 394 -23.92 1.91 5.97
CA PRO E 394 -22.76 1.11 6.40
C PRO E 394 -21.42 1.79 6.45
N ASP E 395 -21.06 2.63 5.44
CA ASP E 395 -19.77 3.35 5.41
C ASP E 395 -19.57 4.28 6.59
N VAL E 396 -20.69 4.86 7.07
CA VAL E 396 -20.79 5.71 8.26
C VAL E 396 -20.46 4.83 9.46
N GLU E 397 -21.35 3.86 9.73
CA GLU E 397 -21.29 2.87 10.80
C GLU E 397 -19.94 2.17 10.93
N ARG E 398 -19.31 1.85 9.76
CA ARG E 398 -18.01 1.19 9.64
C ARG E 398 -16.96 2.06 10.33
N LEU E 399 -16.91 3.33 9.91
CA LEU E 399 -16.03 4.38 10.39
C LEU E 399 -16.27 4.66 11.89
N GLU E 400 -17.53 4.65 12.31
CA GLU E 400 -17.95 4.86 13.70
C GLU E 400 -17.27 3.79 14.62
N LEU E 401 -17.38 2.52 14.19
CA LEU E 401 -16.82 1.36 14.86
C LEU E 401 -15.32 1.41 14.83
N GLN E 402 -14.76 1.79 13.66
CA GLN E 402 -13.33 1.91 13.42
C GLN E 402 -12.72 2.87 14.45
N GLY E 403 -13.32 4.07 14.53
CA GLY E 403 -12.92 5.15 15.42
C GLY E 403 -12.78 4.68 16.84
N TYR E 404 -13.81 3.97 17.31
CA TYR E 404 -13.89 3.40 18.65
C TYR E 404 -12.62 2.61 19.01
N ARG E 405 -12.26 1.62 18.15
CA ARG E 405 -11.09 0.74 18.34
C ARG E 405 -9.77 1.56 18.36
N VAL E 406 -9.64 2.54 17.43
CA VAL E 406 -8.46 3.38 17.30
C VAL E 406 -8.13 4.06 18.63
N ILE E 407 -9.17 4.63 19.23
CA ILE E 407 -9.05 5.38 20.47
C ILE E 407 -8.81 4.46 21.65
N SER E 408 -9.64 3.40 21.74
CA SER E 408 -9.53 2.36 22.76
C SER E 408 -8.09 1.79 22.81
N GLY E 409 -7.61 1.37 21.61
CA GLY E 409 -6.28 0.82 21.38
C GLY E 409 -5.17 1.79 21.77
N LEU E 410 -5.34 3.06 21.39
CA LEU E 410 -4.42 4.16 21.69
C LEU E 410 -4.32 4.37 23.18
N LEU E 411 -5.49 4.36 23.87
CA LEU E 411 -5.63 4.49 25.31
C LEU E 411 -4.90 3.35 26.02
N GLU E 412 -5.00 2.14 25.44
CA GLU E 412 -4.31 0.96 25.96
C GLU E 412 -2.79 1.11 25.78
N ILE E 413 -2.35 1.68 24.64
CA ILE E 413 -0.93 1.93 24.35
C ILE E 413 -0.31 2.82 25.44
N TYR E 414 -1.13 3.71 25.99
CA TYR E 414 -0.69 4.65 26.99
C TYR E 414 -1.01 4.25 28.44
N ARG E 415 -1.68 3.05 28.61
CA ARG E 415 -1.99 2.46 29.92
C ARG E 415 -0.73 2.38 30.82
N PRO E 416 0.47 1.99 30.28
CA PRO E 416 1.68 1.91 31.11
C PRO E 416 2.05 3.15 31.92
N LEU E 417 1.71 4.34 31.40
CA LEU E 417 2.01 5.61 32.06
C LEU E 417 1.11 5.79 33.26
N LEU E 418 -0.13 5.33 33.14
CA LEU E 418 -1.11 5.38 34.20
C LEU E 418 -0.87 4.27 35.20
N SER E 419 -0.52 3.05 34.70
CA SER E 419 -0.22 1.86 35.51
C SER E 419 1.21 2.11 36.03
N LEU E 420 1.32 3.04 37.03
CA LEU E 420 2.56 3.52 37.63
C LEU E 420 2.34 4.17 39.00
N SER E 421 3.42 4.26 39.82
CA SER E 421 3.33 4.93 41.11
C SER E 421 3.67 6.38 40.91
N LEU E 422 3.19 7.26 41.83
CA LEU E 422 3.46 8.70 41.80
C LEU E 422 4.98 8.92 41.80
N SER E 423 5.66 8.36 42.84
CA SER E 423 7.12 8.40 43.07
C SER E 423 7.91 8.10 41.80
N ASP E 424 7.45 7.11 41.02
CA ASP E 424 8.03 6.70 39.74
C ASP E 424 7.68 7.72 38.67
N PHE E 425 6.37 8.06 38.52
CA PHE E 425 5.89 8.98 37.48
C PHE E 425 6.55 10.34 37.55
N THR E 426 6.63 10.90 38.78
CA THR E 426 7.25 12.17 39.10
C THR E 426 8.70 12.11 38.69
N GLU E 427 9.39 11.02 39.04
CA GLU E 427 10.79 10.77 38.66
C GLU E 427 10.99 11.01 37.15
N LEU E 428 10.06 10.48 36.32
CA LEU E 428 10.04 10.61 34.86
C LEU E 428 9.80 12.03 34.40
N VAL E 429 9.08 12.80 35.19
CA VAL E 429 8.80 14.18 34.87
C VAL E 429 10.09 15.03 35.02
N GLU E 430 10.89 14.81 36.11
CA GLU E 430 12.15 15.53 36.34
C GLU E 430 13.25 15.07 35.37
N LYS E 431 13.73 13.82 35.54
CA LYS E 431 14.74 13.26 34.64
C LYS E 431 14.00 12.80 33.40
N GLU E 432 14.43 13.25 32.21
CA GLU E 432 13.78 12.83 30.96
C GLU E 432 14.13 11.38 30.62
N ARG E 433 15.33 10.96 31.02
CA ARG E 433 15.88 9.62 30.84
C ARG E 433 15.87 8.85 32.17
N VAL E 434 15.00 7.84 32.24
CA VAL E 434 14.88 6.97 33.41
C VAL E 434 15.25 5.54 33.03
N LYS E 435 16.20 5.02 33.80
CA LYS E 435 16.82 3.71 33.76
C LYS E 435 15.83 2.57 33.46
N ARG E 436 15.13 2.14 34.53
CA ARG E 436 14.19 1.03 34.64
C ARG E 436 12.91 1.15 33.81
N PHE E 437 12.48 2.39 33.48
CA PHE E 437 11.25 2.58 32.70
C PHE E 437 11.57 3.25 31.36
N PRO E 438 12.03 2.46 30.36
CA PRO E 438 12.43 3.08 29.09
C PRO E 438 11.29 3.25 28.11
N ILE E 439 10.33 2.33 28.17
CA ILE E 439 9.15 2.32 27.32
C ILE E 439 8.30 3.54 27.69
N GLU E 440 8.09 3.68 29.02
CA GLU E 440 7.33 4.73 29.68
C GLU E 440 7.92 6.10 29.37
N SER E 441 9.26 6.16 29.36
CA SER E 441 10.05 7.33 29.00
C SER E 441 9.64 7.81 27.63
N ARG E 442 9.93 6.98 26.62
CA ARG E 442 9.64 7.18 25.20
C ARG E 442 8.15 7.53 24.93
N LEU E 443 7.25 6.85 25.64
CA LEU E 443 5.81 7.06 25.59
C LEU E 443 5.40 8.47 26.11
N PHE E 444 6.08 8.91 27.17
CA PHE E 444 5.86 10.21 27.77
C PHE E 444 6.40 11.31 26.86
N HIS E 445 7.43 10.99 26.06
CA HIS E 445 8.01 11.94 25.11
C HIS E 445 7.05 12.19 23.97
N LYS E 446 6.29 11.15 23.58
CA LYS E 446 5.28 11.18 22.52
C LYS E 446 4.17 12.22 22.79
N LEU E 447 3.94 12.52 24.08
CA LEU E 447 2.93 13.47 24.55
C LEU E 447 3.28 14.87 24.14
N SER E 448 2.25 15.68 23.78
CA SER E 448 2.45 17.04 23.32
C SER E 448 2.78 17.99 24.45
N THR E 449 3.89 18.69 24.22
CA THR E 449 4.55 19.70 25.03
C THR E 449 3.59 20.66 25.79
N ARG E 450 2.44 20.97 25.20
CA ARG E 450 1.45 21.86 25.80
C ARG E 450 0.67 21.18 26.93
N HIS E 451 0.15 19.95 26.69
CA HIS E 451 -0.59 19.16 27.68
C HIS E 451 0.34 18.73 28.80
N ARG E 452 1.61 18.51 28.42
CA ARG E 452 2.67 18.12 29.33
C ARG E 452 2.89 19.25 30.29
N LEU E 453 3.15 20.45 29.76
CA LEU E 453 3.36 21.71 30.47
C LEU E 453 2.23 21.95 31.47
N ALA E 454 0.98 21.88 30.97
CA ALA E 454 -0.26 22.11 31.72
C ALA E 454 -0.38 21.21 32.94
N TYR E 455 -0.01 19.91 32.78
CA TYR E 455 -0.04 18.93 33.85
C TYR E 455 0.85 19.41 35.02
N VAL E 456 2.12 19.68 34.72
CA VAL E 456 3.14 20.14 35.66
C VAL E 456 2.68 21.37 36.44
N GLU E 457 2.11 22.35 35.73
CA GLU E 457 1.61 23.60 36.27
C GLU E 457 0.50 23.38 37.30
N ALA E 458 -0.49 22.53 36.96
CA ALA E 458 -1.62 22.19 37.84
C ALA E 458 -1.09 21.49 39.10
N VAL E 459 -0.06 20.64 38.92
CA VAL E 459 0.62 19.84 39.95
C VAL E 459 1.44 20.74 40.91
N SER E 460 2.21 21.68 40.36
CA SER E 460 3.04 22.62 41.11
C SER E 460 2.22 23.58 41.97
N LYS E 461 0.93 23.78 41.63
CA LYS E 461 0.02 24.64 42.37
C LYS E 461 -0.59 23.93 43.61
N LEU E 462 -0.45 22.60 43.70
CA LEU E 462 -0.97 21.79 44.82
C LEU E 462 -0.02 21.78 46.03
N PRO E 463 -0.54 21.58 47.27
CA PRO E 463 0.38 21.52 48.44
C PRO E 463 0.96 20.09 48.61
N SER E 464 2.31 19.99 48.55
CA SER E 464 3.09 18.74 48.65
C SER E 464 2.67 17.85 49.85
N ASP E 465 2.48 18.50 51.00
CA ASP E 465 2.07 17.98 52.30
C ASP E 465 0.68 17.31 52.31
N SER E 466 -0.27 17.86 51.52
CA SER E 466 -1.66 17.43 51.45
C SER E 466 -1.89 15.92 51.23
N PRO E 467 -2.88 15.33 51.95
CA PRO E 467 -3.17 13.91 51.75
C PRO E 467 -3.92 13.66 50.44
N GLU E 468 -4.56 14.73 49.90
CA GLU E 468 -5.29 14.70 48.64
C GLU E 468 -4.36 14.83 47.46
N PHE E 469 -3.14 15.37 47.69
CA PHE E 469 -2.11 15.57 46.67
C PHE E 469 -1.93 14.35 45.73
N PRO E 470 -1.75 13.08 46.21
CA PRO E 470 -1.59 11.97 45.25
C PRO E 470 -2.80 11.69 44.34
N LEU E 471 -4.02 11.95 44.86
CA LEU E 471 -5.30 11.79 44.17
C LEU E 471 -5.38 12.80 43.03
N TRP E 472 -4.99 14.04 43.35
CA TRP E 472 -4.94 15.15 42.42
C TRP E 472 -4.00 14.85 41.27
N GLU E 473 -2.77 14.40 41.61
CA GLU E 473 -1.75 14.01 40.64
C GLU E 473 -2.35 13.05 39.63
N TYR E 474 -3.03 11.98 40.13
CA TYR E 474 -3.66 11.01 39.24
C TYR E 474 -4.73 11.64 38.39
N TYR E 475 -5.67 12.40 39.02
CA TYR E 475 -6.71 13.11 38.27
C TYR E 475 -6.09 13.84 37.09
N TYR E 476 -5.03 14.64 37.37
CA TYR E 476 -4.28 15.42 36.38
C TYR E 476 -3.57 14.55 35.34
N ARG E 477 -2.98 13.41 35.79
CA ARG E 477 -2.25 12.46 34.96
C ARG E 477 -3.17 11.96 33.85
N CYS E 478 -4.39 11.57 34.24
CA CYS E 478 -5.43 11.09 33.34
C CYS E 478 -5.88 12.17 32.43
N ARG E 479 -6.10 13.37 33.00
CA ARG E 479 -6.49 14.58 32.25
C ARG E 479 -5.46 14.77 31.14
N LEU E 480 -4.16 14.82 31.51
CA LEU E 480 -3.03 14.95 30.59
C LEU E 480 -3.13 14.00 29.38
N LEU E 481 -3.34 12.69 29.65
CA LEU E 481 -3.51 11.65 28.63
C LEU E 481 -4.72 11.97 27.73
N GLN E 482 -5.87 12.29 28.39
CA GLN E 482 -7.13 12.64 27.75
C GLN E 482 -6.92 13.84 26.77
N ASP E 483 -6.17 14.87 27.21
CA ASP E 483 -5.86 16.06 26.43
C ASP E 483 -5.14 15.70 25.16
N TYR E 484 -4.10 14.81 25.26
CA TYR E 484 -3.30 14.37 24.12
C TYR E 484 -4.19 13.81 22.99
N ILE E 485 -4.94 12.77 23.36
CA ILE E 485 -5.89 12.04 22.54
C ILE E 485 -6.96 12.96 21.92
N SER E 486 -7.78 13.64 22.77
CA SER E 486 -8.87 14.56 22.35
C SER E 486 -8.37 15.65 21.40
N GLY E 487 -7.11 16.05 21.62
CA GLY E 487 -6.40 17.04 20.81
C GLY E 487 -6.17 16.61 19.38
N MSE E 488 -6.05 15.29 19.14
CA MSE E 488 -5.77 14.69 17.83
C MSE E 488 -6.90 14.83 16.85
O MSE E 488 -8.05 14.94 17.26
CB MSE E 488 -5.42 13.21 17.96
CG MSE E 488 -4.11 12.91 18.70
SE MSE E 488 -4.06 11.05 19.20
CE MSE E 488 -2.32 10.63 18.74
N THR E 489 -6.54 14.79 15.53
CA THR E 489 -7.51 14.78 14.41
C THR E 489 -7.79 13.29 14.18
N ASP E 490 -8.89 12.98 13.46
CA ASP E 490 -9.28 11.61 13.13
C ASP E 490 -8.07 10.89 12.49
N LEU E 491 -7.38 11.59 11.57
CA LEU E 491 -6.22 11.12 10.82
C LEU E 491 -5.00 10.88 11.68
N TYR E 492 -4.58 11.86 12.49
CA TYR E 492 -3.41 11.72 13.35
C TYR E 492 -3.54 10.56 14.35
N ALA E 493 -4.72 10.43 14.97
CA ALA E 493 -5.07 9.36 15.92
C ALA E 493 -4.99 7.98 15.24
N TRP E 494 -5.49 7.88 14.00
CA TRP E 494 -5.48 6.65 13.22
C TRP E 494 -4.07 6.34 12.79
N ASP E 495 -3.35 7.34 12.30
CA ASP E 495 -1.97 7.21 11.86
C ASP E 495 -1.09 6.70 13.00
N GLU E 496 -1.22 7.34 14.17
CA GLU E 496 -0.50 6.96 15.38
C GLU E 496 -0.83 5.57 15.83
N TYR E 497 -2.13 5.18 15.78
CA TYR E 497 -2.61 3.84 16.15
C TYR E 497 -1.85 2.77 15.36
N ARG E 498 -1.77 2.94 14.02
CA ARG E 498 -1.05 2.06 13.10
C ARG E 498 0.44 2.07 13.40
N ARG E 499 1.03 3.28 13.55
CA ARG E 499 2.46 3.47 13.86
C ARG E 499 2.87 2.75 15.14
N LEU E 500 2.05 2.89 16.20
CA LEU E 500 2.26 2.26 17.51
C LEU E 500 1.80 0.83 17.57
N MSE E 501 1.09 0.37 16.53
CA MSE E 501 0.69 -1.02 16.42
C MSE E 501 1.70 -1.74 15.51
O MSE E 501 1.70 -2.97 15.44
CB MSE E 501 -0.74 -1.17 15.89
CG MSE E 501 -1.81 -1.02 16.98
SE MSE E 501 -1.33 -1.78 18.72
CE MSE E 501 -3.06 -1.54 19.65
N ALA E 502 2.58 -0.94 14.87
CA ALA E 502 3.69 -1.33 14.00
C ALA E 502 3.24 -1.96 12.69
N VAL E 503 2.69 -1.13 11.78
CA VAL E 503 2.22 -1.54 10.44
C VAL E 503 2.65 -0.52 9.32
N GLU E 504 3.57 0.41 9.66
CA GLU E 504 4.09 1.45 8.76
C GLU E 504 5.63 1.39 8.63
N GLN F 3 54.50 -16.42 32.90
CA GLN F 3 55.33 -16.09 31.71
C GLN F 3 54.48 -15.83 30.43
N ILE F 4 54.81 -14.73 29.66
CA ILE F 4 54.07 -14.33 28.45
C ILE F 4 54.59 -14.99 27.17
N ASP F 5 53.78 -15.93 26.66
CA ASP F 5 54.00 -16.68 25.42
C ASP F 5 52.69 -16.84 24.63
N PHE F 6 52.61 -16.11 23.53
CA PHE F 6 51.44 -16.09 22.68
C PHE F 6 51.26 -17.32 21.86
N ARG F 7 52.31 -18.15 21.75
CA ARG F 7 52.20 -19.43 21.06
C ARG F 7 51.05 -20.23 21.76
N LYS F 8 51.03 -20.15 23.11
CA LYS F 8 50.09 -20.79 24.04
C LYS F 8 48.67 -20.18 24.01
N LYS F 9 48.55 -18.92 23.54
CA LYS F 9 47.26 -18.23 23.45
C LYS F 9 46.64 -18.30 22.04
N ILE F 10 47.48 -18.28 21.00
CA ILE F 10 47.05 -18.34 19.60
C ILE F 10 46.86 -19.83 19.16
N ASN F 11 45.77 -20.43 19.68
CA ASN F 11 45.37 -21.80 19.42
C ASN F 11 44.72 -21.95 18.05
N TRP F 12 45.48 -22.55 17.11
CA TRP F 12 45.06 -22.79 15.73
C TRP F 12 44.24 -24.09 15.57
N HIS F 13 44.04 -24.85 16.66
CA HIS F 13 43.25 -26.09 16.66
C HIS F 13 41.74 -25.76 16.65
N ARG F 14 40.89 -26.73 16.28
CA ARG F 14 39.44 -26.54 16.22
C ARG F 14 38.70 -27.49 17.20
N ARG F 15 37.35 -27.39 17.29
CA ARG F 15 36.60 -28.27 18.21
C ARG F 15 36.40 -29.62 17.55
N TYR F 16 35.77 -29.63 16.37
CA TYR F 16 35.49 -30.81 15.57
C TYR F 16 36.47 -30.77 14.40
N ARG F 17 36.74 -31.96 13.78
CA ARG F 17 37.67 -32.20 12.65
C ARG F 17 39.02 -31.40 12.81
N SER F 18 39.42 -31.12 14.07
CA SER F 18 40.58 -30.31 14.46
C SER F 18 41.90 -30.72 13.81
N PRO F 19 42.72 -29.75 13.35
CA PRO F 19 44.03 -30.14 12.78
C PRO F 19 45.01 -30.34 13.93
N GLN F 20 46.04 -31.18 13.73
CA GLN F 20 47.05 -31.44 14.76
C GLN F 20 48.39 -31.82 14.11
N GLY F 21 49.47 -31.50 14.83
CA GLY F 21 50.82 -31.87 14.43
C GLY F 21 51.61 -30.87 13.63
N VAL F 22 52.55 -30.20 14.35
CA VAL F 22 53.55 -29.26 13.84
C VAL F 22 52.90 -28.00 13.11
N LYS F 23 52.83 -28.01 11.71
CA LYS F 23 52.36 -26.93 10.83
C LYS F 23 53.34 -25.73 10.78
N THR F 24 53.65 -25.26 9.59
CA THR F 24 54.52 -24.10 9.40
C THR F 24 53.80 -22.78 9.64
N GLU F 25 54.60 -21.68 9.79
CA GLU F 25 54.18 -20.29 9.96
C GLU F 25 53.06 -20.07 8.93
N HIS F 26 53.35 -20.47 7.66
CA HIS F 26 52.43 -20.39 6.52
C HIS F 26 51.17 -21.21 6.71
N GLU F 27 51.32 -22.49 7.07
CA GLU F 27 50.20 -23.40 7.32
C GLU F 27 49.24 -22.80 8.36
N ILE F 28 49.82 -22.22 9.43
CA ILE F 28 49.13 -21.61 10.55
C ILE F 28 48.35 -20.37 10.08
N LEU F 29 49.02 -19.52 9.29
CA LEU F 29 48.45 -18.32 8.70
C LEU F 29 47.18 -18.70 7.90
N ARG F 30 47.30 -19.78 7.12
CA ARG F 30 46.26 -20.33 6.27
C ARG F 30 45.03 -20.77 7.07
N ILE F 31 45.23 -21.36 8.27
CA ILE F 31 44.13 -21.77 9.17
C ILE F 31 43.40 -20.49 9.65
N PHE F 32 44.17 -19.45 10.04
CA PHE F 32 43.57 -18.19 10.48
C PHE F 32 42.91 -17.43 9.32
N GLU F 33 43.48 -17.59 8.12
CA GLU F 33 42.94 -17.01 6.91
C GLU F 33 41.68 -17.74 6.49
N SER F 34 41.63 -19.06 6.80
CA SER F 34 40.48 -19.94 6.54
C SER F 34 39.28 -19.41 7.32
N ASP F 35 39.52 -19.09 8.63
CA ASP F 35 38.55 -18.56 9.56
C ASP F 35 37.90 -17.27 9.01
N ARG F 36 38.73 -16.38 8.41
CA ARG F 36 38.28 -15.13 7.81
C ARG F 36 37.21 -15.42 6.77
N GLY F 37 37.54 -16.29 5.79
CA GLY F 37 36.67 -16.73 4.70
C GLY F 37 35.36 -17.30 5.20
N ARG F 38 35.43 -18.12 6.28
CA ARG F 38 34.31 -18.72 6.99
C ARG F 38 33.35 -17.62 7.45
N ILE F 39 33.88 -16.65 8.26
CA ILE F 39 33.19 -15.48 8.80
C ILE F 39 32.57 -14.60 7.66
N ILE F 40 33.41 -14.11 6.74
CA ILE F 40 33.03 -13.24 5.65
C ILE F 40 31.91 -13.86 4.73
N ASN F 41 31.89 -15.18 4.56
CA ASN F 41 30.87 -15.83 3.72
C ASN F 41 29.65 -16.25 4.51
N SER F 42 29.70 -16.08 5.84
CA SER F 42 28.60 -16.44 6.71
C SER F 42 27.37 -15.58 6.44
N PRO F 43 26.17 -16.22 6.40
CA PRO F 43 24.93 -15.43 6.23
C PRO F 43 24.70 -14.59 7.48
N ALA F 44 25.10 -15.10 8.66
CA ALA F 44 25.00 -14.41 9.95
C ALA F 44 25.69 -13.02 9.90
N ILE F 45 26.73 -12.90 9.04
CA ILE F 45 27.48 -11.68 8.83
C ILE F 45 26.74 -10.78 7.80
N ARG F 46 26.03 -11.41 6.84
CA ARG F 46 25.26 -10.70 5.81
C ARG F 46 24.00 -10.05 6.40
N ARG F 47 23.37 -10.74 7.37
CA ARG F 47 22.18 -10.30 8.10
C ARG F 47 22.28 -8.87 8.66
N LEU F 48 23.51 -8.47 9.01
CA LEU F 48 23.89 -7.19 9.62
C LEU F 48 23.63 -5.97 8.72
N GLN F 49 23.56 -6.16 7.39
CA GLN F 49 23.21 -5.07 6.47
C GLN F 49 21.71 -4.72 6.58
N GLN F 50 20.94 -5.60 7.26
CA GLN F 50 19.51 -5.43 7.48
C GLN F 50 19.13 -5.32 8.96
N LYS F 51 20.15 -5.17 9.83
CA LYS F 51 19.97 -4.92 11.25
C LYS F 51 20.32 -3.45 11.52
N THR F 52 19.38 -2.72 12.13
CA THR F 52 19.48 -1.27 12.36
C THR F 52 20.57 -0.91 13.38
N GLN F 53 21.24 0.20 13.08
CA GLN F 53 22.30 0.81 13.92
C GLN F 53 21.91 2.28 14.14
N VAL F 54 21.33 2.55 15.32
CA VAL F 54 20.84 3.88 15.76
C VAL F 54 19.62 4.35 14.93
N PHE F 55 19.84 4.76 13.66
CA PHE F 55 18.85 5.29 12.75
C PHE F 55 18.09 4.20 11.98
N PRO F 56 16.80 4.47 11.61
CA PRO F 56 16.02 3.48 10.84
C PRO F 56 16.54 3.28 9.45
N LEU F 57 16.34 2.05 8.91
CA LEU F 57 16.80 1.63 7.59
C LEU F 57 16.10 2.44 6.47
N GLU F 58 16.71 3.59 6.22
CA GLU F 58 16.27 4.60 5.26
C GLU F 58 16.47 4.15 3.81
N ARG F 59 15.67 4.75 2.89
CA ARG F 59 15.66 4.55 1.42
C ARG F 59 17.03 4.87 0.72
N ASN F 60 17.97 5.51 1.45
CA ASN F 60 19.32 5.82 1.00
C ASN F 60 20.35 5.36 2.04
N ALA F 61 21.29 4.49 1.60
CA ALA F 61 22.35 3.84 2.40
C ALA F 61 23.41 4.83 2.99
N ALA F 62 23.10 6.15 3.00
CA ALA F 62 23.93 7.24 3.54
C ALA F 62 24.25 7.01 5.00
N VAL F 63 23.33 6.33 5.68
CA VAL F 63 23.40 5.98 7.10
C VAL F 63 24.04 4.60 7.29
N ARG F 64 24.72 4.44 8.44
CA ARG F 64 25.36 3.20 8.79
C ARG F 64 24.35 2.16 9.32
N THR F 65 24.56 0.89 8.92
CA THR F 65 23.83 -0.28 9.37
C THR F 65 24.76 -0.98 10.34
N ARG F 66 24.29 -2.07 10.99
CA ARG F 66 25.11 -2.84 11.92
C ARG F 66 26.37 -3.32 11.23
N LEU F 67 26.27 -3.74 9.94
CA LEU F 67 27.39 -4.21 9.13
C LEU F 67 28.45 -3.15 8.89
N THR F 68 28.02 -2.01 8.29
CA THR F 68 28.92 -0.91 7.94
C THR F 68 29.65 -0.37 9.15
N HIS F 69 29.00 -0.38 10.33
CA HIS F 69 29.58 0.03 11.59
C HIS F 69 30.66 -0.99 12.02
N SER F 70 30.35 -2.30 11.94
CA SER F 70 31.27 -3.36 12.35
C SER F 70 32.55 -3.41 11.50
N MSE F 71 32.46 -2.97 10.21
CA MSE F 71 33.59 -2.87 9.29
C MSE F 71 34.49 -1.76 9.76
O MSE F 71 35.74 -1.88 9.70
CB MSE F 71 33.10 -2.56 7.90
CG MSE F 71 32.43 -3.74 7.25
SE MSE F 71 31.61 -3.30 5.55
CE MSE F 71 33.10 -2.06 4.84
N GLU F 72 33.85 -0.66 10.21
CA GLU F 72 34.53 0.51 10.74
C GLU F 72 35.26 0.11 12.02
N VAL F 73 34.56 -0.60 12.94
CA VAL F 73 35.12 -1.10 14.21
C VAL F 73 36.39 -1.92 13.91
N GLN F 74 36.29 -2.88 12.94
CA GLN F 74 37.34 -3.79 12.49
C GLN F 74 38.61 -3.05 12.03
N GLN F 75 38.46 -1.92 11.29
CA GLN F 75 39.60 -1.13 10.85
C GLN F 75 40.30 -0.45 12.04
N VAL F 76 39.51 -0.09 13.07
CA VAL F 76 40.01 0.53 14.31
C VAL F 76 40.85 -0.52 15.02
N GLY F 77 40.24 -1.69 15.20
CA GLY F 77 40.85 -2.87 15.81
C GLY F 77 42.16 -3.21 15.15
N ARG F 78 42.18 -3.18 13.81
CA ARG F 78 43.35 -3.43 12.96
C ARG F 78 44.51 -2.49 13.39
N TYR F 79 44.21 -1.16 13.42
CA TYR F 79 45.14 -0.12 13.84
C TYR F 79 45.70 -0.39 15.23
N ILE F 80 44.84 -0.64 16.23
CA ILE F 80 45.30 -0.92 17.58
C ILE F 80 46.24 -2.11 17.63
N ALA F 81 45.78 -3.27 17.09
CA ALA F 81 46.58 -4.49 17.03
C ALA F 81 47.95 -4.17 16.41
N LYS F 82 47.95 -3.57 15.17
CA LYS F 82 49.13 -3.14 14.39
C LYS F 82 50.06 -2.25 15.20
N GLU F 83 49.45 -1.36 16.02
CA GLU F 83 50.14 -0.44 16.92
C GLU F 83 50.89 -1.23 18.04
N ILE F 84 50.16 -2.09 18.76
CA ILE F 84 50.71 -2.97 19.81
C ILE F 84 51.98 -3.68 19.25
N LEU F 85 51.82 -4.32 18.09
CA LEU F 85 52.86 -5.05 17.37
C LEU F 85 54.11 -4.19 17.06
N SER F 86 53.92 -3.04 16.38
CA SER F 86 55.00 -2.11 15.98
C SER F 86 55.84 -1.60 17.17
N ARG F 87 55.12 -1.22 18.25
CA ARG F 87 55.67 -0.75 19.52
C ARG F 87 56.56 -1.85 20.14
N LEU F 88 56.03 -3.09 20.14
CA LEU F 88 56.67 -4.29 20.66
C LEU F 88 57.90 -4.73 19.87
N LYS F 89 57.88 -4.49 18.55
CA LYS F 89 59.01 -4.79 17.68
C LYS F 89 60.13 -3.77 17.98
N GLU F 90 59.71 -2.54 18.32
CA GLU F 90 60.62 -1.46 18.73
C GLU F 90 61.18 -1.75 20.16
N LEU F 91 60.44 -2.54 20.96
CA LEU F 91 60.87 -2.96 22.28
C LEU F 91 61.63 -4.29 22.19
N LYS F 92 61.57 -4.93 21.00
CA LYS F 92 62.21 -6.19 20.58
C LYS F 92 61.58 -7.46 21.23
N LEU F 93 60.59 -7.24 22.12
CA LEU F 93 59.82 -8.21 22.90
C LEU F 93 58.90 -9.14 22.09
N LEU F 94 58.81 -8.91 20.78
CA LEU F 94 57.98 -9.67 19.87
C LEU F 94 58.33 -11.17 19.86
N GLU F 95 59.64 -11.51 19.64
CA GLU F 95 60.14 -12.88 19.65
C GLU F 95 60.00 -13.44 21.05
N ALA F 96 60.30 -12.59 22.06
CA ALA F 96 60.23 -12.86 23.49
C ALA F 96 58.85 -13.25 23.98
N TYR F 97 57.79 -12.71 23.37
CA TYR F 97 56.43 -13.04 23.76
C TYR F 97 55.75 -14.04 22.84
N GLY F 98 56.57 -14.72 22.04
CA GLY F 98 56.15 -15.75 21.09
C GLY F 98 55.21 -15.23 20.00
N LEU F 99 55.55 -14.08 19.42
CA LEU F 99 54.73 -13.41 18.42
C LEU F 99 55.35 -13.23 17.05
N ASP F 100 56.69 -13.22 16.99
CA ASP F 100 57.48 -13.07 15.76
C ASP F 100 56.94 -13.89 14.52
N GLU F 101 56.22 -14.99 14.78
CA GLU F 101 55.66 -15.89 13.76
C GLU F 101 54.11 -15.88 13.72
N LEU F 102 53.47 -15.24 14.70
CA LEU F 102 52.01 -15.15 14.78
C LEU F 102 51.49 -13.72 14.55
N THR F 103 52.30 -12.90 13.88
CA THR F 103 52.05 -11.48 13.62
C THR F 103 50.72 -11.24 12.93
N GLY F 104 50.65 -11.72 11.66
CA GLY F 104 49.43 -11.70 10.86
C GLY F 104 48.24 -12.28 11.63
N PRO F 105 48.31 -13.59 12.11
CA PRO F 105 47.19 -14.18 12.87
C PRO F 105 46.60 -13.27 13.92
N PHE F 106 47.43 -12.78 14.85
CA PHE F 106 47.09 -11.85 15.92
C PHE F 106 46.10 -10.79 15.39
N GLU F 107 46.58 -10.03 14.41
CA GLU F 107 45.89 -8.95 13.73
C GLU F 107 44.51 -9.42 13.13
N SER F 108 44.52 -10.49 12.31
CA SER F 108 43.32 -11.11 11.69
C SER F 108 42.24 -11.43 12.74
N ILE F 109 42.67 -12.07 13.88
CA ILE F 109 41.81 -12.45 15.01
C ILE F 109 41.06 -11.23 15.49
N VAL F 110 41.80 -10.12 15.72
CA VAL F 110 41.24 -8.83 16.16
C VAL F 110 40.11 -8.41 15.20
N GLU F 111 40.46 -8.16 13.91
CA GLU F 111 39.59 -7.80 12.78
C GLU F 111 38.33 -8.67 12.73
N MSE F 112 38.53 -9.99 12.86
CA MSE F 112 37.47 -10.97 12.75
C MSE F 112 36.53 -10.97 13.91
O MSE F 112 35.34 -11.26 13.73
CB MSE F 112 38.02 -12.37 12.46
CG MSE F 112 38.49 -12.54 11.02
SE MSE F 112 37.21 -11.89 9.61
CE MSE F 112 37.86 -10.01 9.37
N SER F 113 37.06 -10.62 15.11
CA SER F 113 36.30 -10.55 16.35
C SER F 113 35.53 -9.24 16.34
N CYS F 114 36.18 -8.19 15.82
CA CYS F 114 35.63 -6.84 15.61
C CYS F 114 34.39 -6.97 14.75
N LEU F 115 34.56 -7.66 13.61
CA LEU F 115 33.51 -7.94 12.65
C LEU F 115 32.32 -8.64 13.35
N MSE F 116 32.62 -9.70 14.08
CA MSE F 116 31.66 -10.52 14.78
C MSE F 116 31.12 -9.94 16.10
O MSE F 116 30.30 -10.59 16.74
CB MSE F 116 32.24 -11.88 15.01
CG MSE F 116 32.36 -12.64 13.73
SE MSE F 116 32.63 -14.54 14.14
CE MSE F 116 34.55 -14.29 15.15
N HIS F 117 31.48 -8.70 16.49
CA HIS F 117 30.83 -8.10 17.66
C HIS F 117 29.42 -7.74 17.12
N ASP F 118 28.37 -7.80 18.00
CA ASP F 118 26.96 -7.61 17.62
C ASP F 118 26.42 -8.78 16.73
N ILE F 119 27.26 -9.73 16.26
CA ILE F 119 26.79 -10.83 15.40
C ILE F 119 25.64 -11.64 16.06
N GLY F 120 25.74 -11.80 17.39
CA GLY F 120 24.76 -12.50 18.21
C GLY F 120 23.62 -11.63 18.71
N ASN F 121 23.58 -10.35 18.29
CA ASN F 121 22.54 -9.41 18.70
C ASN F 121 21.18 -9.71 18.03
N PRO F 122 20.07 -9.47 18.75
CA PRO F 122 18.74 -9.79 18.19
C PRO F 122 18.30 -8.77 17.13
N PRO F 123 17.09 -8.90 16.51
CA PRO F 123 16.69 -7.91 15.51
C PRO F 123 16.78 -6.46 16.01
N PHE F 124 16.01 -6.12 17.05
CA PHE F 124 15.98 -4.73 17.50
C PHE F 124 16.98 -4.42 18.65
N GLY F 125 18.13 -5.08 18.61
CA GLY F 125 19.23 -4.90 19.54
C GLY F 125 18.85 -4.95 20.99
N HIS F 126 19.35 -3.97 21.77
CA HIS F 126 19.10 -3.83 23.21
C HIS F 126 17.62 -3.85 23.56
N PHE F 127 16.76 -3.34 22.65
CA PHE F 127 15.30 -3.33 22.80
C PHE F 127 14.73 -4.72 22.59
N GLY F 128 15.38 -5.48 21.71
CA GLY F 128 15.04 -6.86 21.42
C GLY F 128 15.30 -7.67 22.68
N GLU F 129 16.52 -7.53 23.24
CA GLU F 129 16.96 -8.16 24.48
C GLU F 129 15.89 -7.99 25.56
N ALA F 130 15.45 -6.72 25.77
CA ALA F 130 14.41 -6.32 26.71
C ALA F 130 13.15 -7.11 26.48
N ALA F 131 12.52 -6.96 25.29
CA ALA F 131 11.29 -7.66 24.91
C ALA F 131 11.35 -9.18 25.08
N ILE F 132 12.57 -9.78 24.94
CA ILE F 132 12.80 -11.22 25.10
C ILE F 132 12.77 -11.56 26.57
N ASN F 133 13.69 -10.94 27.33
CA ASN F 133 13.89 -11.10 28.76
C ASN F 133 12.65 -10.80 29.55
N ASP F 134 11.90 -9.76 29.14
CA ASP F 134 10.66 -9.35 29.76
C ASP F 134 9.58 -10.37 29.54
N TRP F 135 9.43 -10.86 28.28
CA TRP F 135 8.45 -11.89 27.90
C TRP F 135 8.69 -13.17 28.68
N PHE F 136 9.96 -13.52 28.89
CA PHE F 136 10.32 -14.69 29.64
C PHE F 136 10.11 -14.48 31.12
N ARG F 137 10.43 -13.28 31.63
CA ARG F 137 10.26 -12.93 33.04
C ARG F 137 8.82 -13.04 33.52
N GLN F 138 7.83 -12.54 32.75
CA GLN F 138 6.40 -12.62 33.10
C GLN F 138 5.89 -14.08 33.10
N ARG F 139 6.63 -14.98 32.44
CA ARG F 139 6.33 -16.40 32.29
C ARG F 139 7.17 -17.30 33.21
N LEU F 140 8.28 -16.78 33.77
CA LEU F 140 9.16 -17.59 34.63
C LEU F 140 9.38 -17.02 36.02
N HIS F 141 9.55 -15.69 36.13
CA HIS F 141 9.80 -14.94 37.36
C HIS F 141 11.02 -15.58 38.09
N PRO F 142 12.24 -15.37 37.57
CA PRO F 142 13.42 -15.99 38.19
C PRO F 142 13.74 -15.47 39.59
N GLU F 143 13.16 -14.30 39.97
CA GLU F 143 13.33 -13.71 41.30
C GLU F 143 12.70 -14.61 42.38
N ASP F 144 11.61 -15.33 42.01
CA ASP F 144 10.87 -16.27 42.85
C ASP F 144 11.65 -17.56 43.12
N ALA F 145 12.85 -17.70 42.54
CA ALA F 145 13.72 -18.87 42.69
C ALA F 145 14.94 -18.64 43.57
N GLU F 146 15.39 -17.36 43.68
CA GLU F 146 16.55 -16.86 44.44
C GLU F 146 16.82 -17.58 45.77
N SER F 147 15.80 -17.66 46.66
CA SER F 147 15.90 -18.27 47.98
C SER F 147 15.20 -19.66 48.10
N GLN F 148 14.33 -19.82 49.10
CA GLN F 148 13.58 -21.02 49.46
C GLN F 148 12.33 -21.22 48.56
N PRO F 149 11.82 -22.47 48.38
CA PRO F 149 10.62 -22.67 47.56
C PRO F 149 9.39 -21.89 48.07
N LEU F 150 8.96 -20.88 47.29
CA LEU F 150 7.82 -20.02 47.60
C LEU F 150 6.53 -20.82 47.45
N THR F 151 5.64 -20.70 48.44
CA THR F 151 4.33 -21.38 48.45
C THR F 151 3.43 -20.95 47.27
N ASP F 152 3.70 -19.73 46.76
CA ASP F 152 3.02 -19.09 45.63
C ASP F 152 4.08 -18.67 44.59
N ASP F 153 4.66 -19.67 43.89
CA ASP F 153 5.69 -19.43 42.87
C ASP F 153 5.03 -18.92 41.60
N ARG F 154 5.42 -17.71 41.16
CA ARG F 154 4.84 -17.03 39.99
C ARG F 154 5.18 -17.70 38.61
N CYS F 155 6.06 -18.73 38.60
CA CYS F 155 6.46 -19.48 37.41
C CYS F 155 5.25 -20.18 36.75
N SER F 156 5.07 -19.96 35.43
CA SER F 156 4.00 -20.55 34.62
C SER F 156 4.28 -22.03 34.25
N VAL F 157 5.53 -22.48 34.42
CA VAL F 157 5.94 -23.84 34.10
C VAL F 157 5.94 -24.75 35.34
N ALA F 158 5.20 -25.86 35.25
CA ALA F 158 5.07 -26.86 36.32
C ALA F 158 6.43 -27.41 36.77
N ALA F 159 7.25 -27.88 35.80
CA ALA F 159 8.56 -28.46 36.03
C ALA F 159 9.59 -27.49 36.62
N LEU F 160 9.51 -26.22 36.23
CA LEU F 160 10.47 -25.21 36.70
C LEU F 160 10.08 -24.57 38.03
N ARG F 161 8.80 -24.74 38.45
CA ARG F 161 8.32 -24.27 39.74
C ARG F 161 9.08 -25.06 40.81
N LEU F 162 9.69 -24.37 41.79
CA LEU F 162 10.48 -24.98 42.88
C LEU F 162 9.61 -25.91 43.71
N ARG F 163 9.82 -27.25 43.59
CA ARG F 163 9.04 -28.18 44.40
C ARG F 163 9.53 -28.12 45.86
N ASP F 164 8.54 -27.90 46.77
CA ASP F 164 8.51 -27.58 48.21
C ASP F 164 9.83 -27.85 49.01
N GLY F 165 9.78 -28.17 50.31
CA GLY F 165 10.99 -28.31 51.12
C GLY F 165 11.93 -29.48 50.84
N GLU F 166 12.33 -29.70 49.56
CA GLU F 166 13.23 -30.77 49.13
C GLU F 166 13.77 -30.53 47.69
N GLU F 167 14.82 -31.32 47.30
CA GLU F 167 15.50 -31.50 45.99
C GLU F 167 16.71 -30.59 45.67
N PRO F 168 17.80 -31.17 45.10
CA PRO F 168 18.90 -30.34 44.57
C PRO F 168 18.52 -29.88 43.15
N LEU F 169 17.41 -30.46 42.61
CA LEU F 169 16.75 -30.17 41.33
C LEU F 169 16.28 -28.73 41.36
N ASN F 170 16.04 -28.22 42.57
CA ASN F 170 15.66 -26.84 42.85
C ASN F 170 16.78 -25.90 42.37
N GLU F 171 18.05 -26.33 42.43
CA GLU F 171 19.18 -25.56 41.94
C GLU F 171 19.19 -25.53 40.40
N LEU F 172 18.80 -26.66 39.76
CA LEU F 172 18.72 -26.76 38.29
C LEU F 172 17.64 -25.81 37.75
N ARG F 173 16.48 -25.73 38.45
CA ARG F 173 15.36 -24.86 38.12
C ARG F 173 15.81 -23.38 38.19
N ARG F 174 16.59 -23.03 39.24
CA ARG F 174 17.14 -21.70 39.51
C ARG F 174 18.00 -21.23 38.34
N LYS F 175 18.95 -22.09 37.93
CA LYS F 175 19.88 -21.85 36.85
C LYS F 175 19.15 -21.67 35.51
N ILE F 176 18.17 -22.54 35.20
CA ILE F 176 17.40 -22.48 33.95
C ILE F 176 16.63 -21.16 33.84
N ARG F 177 15.90 -20.80 34.92
CA ARG F 177 15.13 -19.57 35.00
C ARG F 177 15.98 -18.31 34.80
N GLN F 178 17.19 -18.25 35.42
CA GLN F 178 18.08 -17.11 35.27
C GLN F 178 18.72 -17.05 33.87
N ASP F 179 19.15 -18.21 33.32
CA ASP F 179 19.76 -18.32 32.00
C ASP F 179 18.83 -17.85 30.87
N LEU F 180 17.57 -18.35 30.88
CA LEU F 180 16.60 -18.01 29.86
C LEU F 180 16.12 -16.56 29.94
N CYS F 181 16.00 -16.02 31.16
CA CYS F 181 15.57 -14.64 31.41
C CYS F 181 16.69 -13.61 31.28
N HIS F 182 17.94 -14.07 31.09
CA HIS F 182 19.09 -13.18 30.93
C HIS F 182 19.79 -13.40 29.59
N PHE F 183 19.02 -13.22 28.51
CA PHE F 183 19.52 -13.28 27.13
C PHE F 183 20.42 -12.02 26.89
N GLU F 184 21.61 -12.24 26.32
CA GLU F 184 22.58 -11.19 25.97
C GLU F 184 23.19 -11.55 24.62
N GLY F 185 23.28 -10.55 23.73
CA GLY F 185 23.82 -10.66 22.38
C GLY F 185 25.16 -11.34 22.28
N ASN F 186 26.10 -10.96 23.18
CA ASN F 186 27.46 -11.53 23.25
C ASN F 186 27.39 -13.05 23.52
N ALA F 187 26.57 -13.44 24.52
CA ALA F 187 26.33 -14.83 24.93
C ALA F 187 25.70 -15.65 23.79
N GLN F 188 24.77 -14.98 23.05
CA GLN F 188 24.07 -15.52 21.90
C GLN F 188 25.06 -15.66 20.74
N GLY F 189 26.02 -14.74 20.66
CA GLY F 189 27.07 -14.75 19.64
C GLY F 189 27.90 -16.01 19.73
N ILE F 190 28.28 -16.39 20.96
CA ILE F 190 29.06 -17.61 21.21
C ILE F 190 28.24 -18.83 20.80
N ARG F 191 26.98 -18.87 21.27
CA ARG F 191 25.97 -19.89 20.97
C ARG F 191 25.85 -20.08 19.44
N LEU F 192 25.76 -18.94 18.72
CA LEU F 192 25.62 -18.82 17.28
C LEU F 192 26.77 -19.44 16.50
N VAL F 193 28.01 -18.96 16.66
CA VAL F 193 29.17 -19.44 15.89
C VAL F 193 29.42 -20.94 16.04
N HIS F 194 29.09 -21.49 17.21
CA HIS F 194 29.32 -22.89 17.46
C HIS F 194 28.10 -23.76 17.21
N THR F 195 27.14 -23.76 18.13
CA THR F 195 25.95 -24.62 18.11
C THR F 195 24.99 -24.30 16.96
N LEU F 196 24.91 -23.03 16.53
CA LEU F 196 23.93 -22.66 15.51
C LEU F 196 24.49 -22.61 14.09
N MSE F 197 25.46 -21.76 13.85
CA MSE F 197 26.08 -21.58 12.55
C MSE F 197 27.00 -22.74 12.18
O MSE F 197 27.28 -22.94 11.00
CB MSE F 197 26.80 -20.23 12.47
CG MSE F 197 25.89 -19.04 12.25
SE MSE F 197 24.57 -19.25 10.81
CE MSE F 197 23.03 -19.19 11.90
N ARG F 198 27.44 -23.53 13.20
CA ARG F 198 28.31 -24.70 13.04
C ARG F 198 29.50 -24.40 12.11
N MSE F 199 30.19 -23.28 12.42
CA MSE F 199 31.32 -22.72 11.69
C MSE F 199 32.58 -23.48 11.88
O MSE F 199 33.32 -23.62 10.91
CB MSE F 199 31.56 -21.27 12.13
CG MSE F 199 30.39 -20.35 11.87
SE MSE F 199 30.95 -18.48 11.80
CE MSE F 199 29.24 -17.68 11.96
N ASN F 200 32.84 -23.98 13.13
CA ASN F 200 34.05 -24.68 13.56
C ASN F 200 35.25 -23.78 13.34
N LEU F 201 35.36 -22.78 14.20
CA LEU F 201 36.43 -21.81 14.12
C LEU F 201 37.55 -22.18 15.07
N THR F 202 38.74 -21.61 14.84
CA THR F 202 39.90 -21.80 15.68
C THR F 202 39.53 -21.29 17.07
N TRP F 203 39.97 -22.04 18.12
CA TRP F 203 39.70 -21.70 19.52
C TRP F 203 39.99 -20.21 19.77
N ALA F 204 41.18 -19.75 19.34
CA ALA F 204 41.68 -18.38 19.44
C ALA F 204 40.63 -17.35 18.99
N GLN F 205 39.95 -17.60 17.84
CA GLN F 205 38.92 -16.72 17.30
C GLN F 205 37.71 -16.57 18.23
N VAL F 206 37.22 -17.70 18.69
CA VAL F 206 36.07 -17.81 19.58
C VAL F 206 36.39 -17.16 20.92
N GLY F 207 37.67 -17.16 21.29
CA GLY F 207 38.19 -16.51 22.48
C GLY F 207 37.98 -15.01 22.39
N GLY F 208 38.35 -14.46 21.21
CA GLY F 208 38.23 -13.05 20.88
C GLY F 208 36.82 -12.49 20.89
N ILE F 209 35.81 -13.37 20.75
CA ILE F 209 34.43 -12.89 20.75
C ILE F 209 33.78 -13.16 22.13
N LEU F 210 34.53 -13.80 23.06
CA LEU F 210 34.06 -14.01 24.43
C LEU F 210 34.40 -12.77 25.27
N LYS F 211 33.45 -11.79 25.25
CA LYS F 211 33.56 -10.47 25.88
C LYS F 211 33.42 -10.51 27.42
N TYR F 212 32.50 -11.33 27.93
CA TYR F 212 32.27 -11.41 29.37
C TYR F 212 32.45 -12.81 29.91
N THR F 213 32.81 -12.91 31.19
CA THR F 213 33.11 -14.18 31.83
C THR F 213 31.97 -14.63 32.75
N ARG F 214 30.91 -13.78 32.87
CA ARG F 214 29.74 -14.09 33.68
C ARG F 214 28.83 -15.12 33.02
N PRO F 215 28.45 -16.18 33.75
CA PRO F 215 27.48 -17.13 33.20
C PRO F 215 26.09 -16.49 33.23
N ALA F 216 25.23 -16.77 32.21
CA ALA F 216 23.89 -16.19 32.15
C ALA F 216 23.01 -16.52 33.38
N TRP F 217 23.23 -17.70 33.95
CA TRP F 217 22.53 -18.22 35.10
C TRP F 217 22.94 -17.58 36.45
N TRP F 218 24.01 -16.77 36.47
CA TRP F 218 24.50 -16.10 37.67
C TRP F 218 23.40 -15.25 38.30
N ARG F 219 23.26 -15.33 39.64
CA ARG F 219 22.21 -14.60 40.39
C ARG F 219 22.70 -13.60 41.46
N GLY F 220 23.80 -13.93 42.14
CA GLY F 220 24.34 -13.15 43.23
C GLY F 220 25.15 -11.93 42.84
N GLU F 221 25.81 -11.37 43.86
CA GLU F 221 26.73 -10.25 43.79
C GLU F 221 27.98 -10.74 43.03
N THR F 222 28.57 -9.87 42.20
CA THR F 222 29.72 -10.18 41.37
C THR F 222 31.05 -10.13 42.16
N PRO F 223 31.96 -11.11 41.96
CA PRO F 223 33.30 -11.07 42.60
C PRO F 223 33.92 -9.69 42.48
N GLU F 224 34.36 -9.12 43.61
CA GLU F 224 34.94 -7.78 43.75
C GLU F 224 36.15 -7.59 42.83
N THR F 225 36.97 -8.66 42.76
CA THR F 225 38.20 -8.79 41.99
C THR F 225 37.93 -9.04 40.51
N HIS F 226 36.73 -9.55 40.15
CA HIS F 226 36.34 -9.82 38.76
C HIS F 226 35.05 -9.08 38.37
N HIS F 227 34.77 -7.95 39.05
CA HIS F 227 33.58 -7.14 38.84
C HIS F 227 33.35 -6.76 37.36
N TYR F 228 34.34 -6.07 36.79
CA TYR F 228 34.36 -5.58 35.41
C TYR F 228 34.22 -6.67 34.37
N LEU F 229 34.95 -7.78 34.53
CA LEU F 229 34.93 -8.89 33.57
C LEU F 229 33.60 -9.61 33.53
N MSE F 230 32.82 -9.48 34.61
CA MSE F 230 31.51 -10.11 34.70
C MSE F 230 30.38 -9.07 34.71
O MSE F 230 29.29 -9.35 35.22
CB MSE F 230 31.48 -11.02 35.93
CG MSE F 230 32.39 -12.22 35.79
SE MSE F 230 32.88 -13.06 37.46
CE MSE F 230 31.26 -14.13 37.69
N LYS F 231 30.65 -7.88 34.10
CA LYS F 231 29.73 -6.74 33.99
C LYS F 231 28.34 -7.14 33.42
N LYS F 232 28.37 -7.94 32.34
CA LYS F 232 27.22 -8.48 31.59
C LYS F 232 27.43 -10.03 31.48
N PRO F 233 26.43 -10.86 31.06
CA PRO F 233 26.72 -12.29 30.89
C PRO F 233 27.47 -12.54 29.57
N GLY F 234 28.37 -13.51 29.58
CA GLY F 234 29.18 -13.84 28.42
C GLY F 234 28.85 -15.12 27.70
N TYR F 235 28.14 -16.03 28.38
CA TYR F 235 27.74 -17.34 27.83
C TYR F 235 26.52 -17.97 28.52
N TYR F 236 25.82 -18.87 27.80
CA TYR F 236 24.65 -19.58 28.34
C TYR F 236 25.02 -20.94 28.91
N LEU F 237 24.09 -21.51 29.69
CA LEU F 237 24.12 -22.83 30.33
C LEU F 237 24.30 -23.92 29.25
N SER F 238 23.75 -23.66 28.05
CA SER F 238 23.83 -24.50 26.87
C SER F 238 25.26 -24.56 26.31
N GLU F 239 26.08 -23.59 26.68
CA GLU F 239 27.44 -23.48 26.19
C GLU F 239 28.50 -23.82 27.23
N GLU F 240 28.13 -23.81 28.54
CA GLU F 240 28.94 -24.11 29.73
C GLU F 240 30.00 -25.20 29.47
N ALA F 241 29.58 -26.29 28.80
CA ALA F 241 30.37 -27.46 28.42
C ALA F 241 31.50 -27.05 27.48
N TYR F 242 31.12 -26.44 26.34
CA TYR F 242 31.97 -25.95 25.27
C TYR F 242 32.90 -24.82 25.76
N ILE F 243 32.38 -24.01 26.68
CA ILE F 243 33.05 -22.88 27.30
C ILE F 243 34.21 -23.35 28.15
N ALA F 244 33.99 -24.47 28.87
CA ALA F 244 35.00 -25.14 29.67
C ALA F 244 36.12 -25.59 28.73
N ARG F 245 35.72 -26.25 27.59
CA ARG F 245 36.58 -26.73 26.51
C ARG F 245 37.45 -25.56 25.99
N LEU F 246 36.83 -24.37 25.86
CA LEU F 246 37.48 -23.14 25.38
C LEU F 246 38.55 -22.61 26.34
N ARG F 247 38.21 -22.57 27.64
CA ARG F 247 39.09 -22.09 28.70
C ARG F 247 40.37 -22.91 28.68
N LYS F 248 40.22 -24.26 28.70
CA LYS F 248 41.32 -25.23 28.71
C LYS F 248 42.22 -25.11 27.51
N GLU F 249 41.62 -24.89 26.33
CA GLU F 249 42.35 -24.73 25.09
C GLU F 249 43.12 -23.42 25.02
N LEU F 250 42.54 -22.35 25.59
CA LEU F 250 43.16 -21.04 25.53
C LEU F 250 43.92 -20.65 26.78
N ASN F 251 44.02 -21.59 27.75
CA ASN F 251 44.70 -21.44 29.05
C ASN F 251 44.13 -20.27 29.84
N LEU F 252 42.86 -20.44 30.20
CA LEU F 252 42.09 -19.47 30.96
C LEU F 252 41.51 -20.07 32.20
N ALA F 253 41.62 -19.32 33.30
CA ALA F 253 41.08 -19.68 34.60
C ALA F 253 39.59 -19.41 34.54
N LEU F 254 38.81 -19.98 35.47
CA LEU F 254 37.39 -19.68 35.53
C LEU F 254 37.25 -18.17 35.69
N TYR F 255 36.46 -17.58 34.80
CA TYR F 255 36.21 -16.15 34.69
C TYR F 255 37.46 -15.37 34.21
N SER F 256 38.29 -15.98 33.35
CA SER F 256 39.45 -15.26 32.78
C SER F 256 39.21 -14.99 31.30
N ARG F 257 39.55 -13.76 30.86
CA ARG F 257 39.34 -13.30 29.48
C ARG F 257 40.54 -13.54 28.54
N PHE F 258 40.21 -13.78 27.25
CA PHE F 258 41.17 -13.96 26.19
C PHE F 258 41.91 -12.62 25.96
N PRO F 259 43.27 -12.64 26.02
CA PRO F 259 44.05 -11.40 25.91
C PRO F 259 43.76 -10.46 24.74
N LEU F 260 43.24 -10.98 23.64
CA LEU F 260 43.00 -10.10 22.52
C LEU F 260 41.65 -9.36 22.57
N THR F 261 40.66 -9.95 23.29
CA THR F 261 39.29 -9.44 23.43
C THR F 261 39.26 -7.95 23.80
N TRP F 262 40.19 -7.56 24.65
CA TRP F 262 40.45 -6.22 25.17
C TRP F 262 40.70 -5.20 24.04
N ILE F 263 41.45 -5.63 22.98
CA ILE F 263 41.77 -4.83 21.78
C ILE F 263 40.49 -4.56 20.99
N MSE F 264 39.72 -5.64 20.68
CA MSE F 264 38.47 -5.58 19.94
C MSE F 264 37.46 -4.67 20.65
O MSE F 264 36.86 -3.78 20.02
CB MSE F 264 37.91 -7.00 19.72
CG MSE F 264 36.48 -7.05 19.16
SE MSE F 264 35.16 -7.39 20.59
CE MSE F 264 34.42 -9.11 20.00
N GLU F 265 37.33 -4.86 21.98
CA GLU F 265 36.47 -4.09 22.88
C GLU F 265 36.74 -2.60 22.69
N ALA F 266 38.01 -2.22 22.85
CA ALA F 266 38.50 -0.86 22.73
C ALA F 266 38.04 -0.17 21.44
N ALA F 267 38.22 -0.87 20.30
CA ALA F 267 37.85 -0.40 18.95
C ALA F 267 36.36 -0.05 18.90
N ASP F 268 35.57 -0.89 19.53
CA ASP F 268 34.09 -0.73 19.56
C ASP F 268 33.71 0.38 20.54
N ASP F 269 34.61 0.77 21.44
CA ASP F 269 34.32 1.84 22.44
C ASP F 269 34.56 3.20 21.79
N ILE F 270 35.30 3.20 20.68
CA ILE F 270 35.71 4.41 19.91
C ILE F 270 34.75 4.63 18.75
N SER F 271 34.63 3.64 17.88
CA SER F 271 33.74 3.70 16.68
C SER F 271 32.31 3.99 17.15
N TYR F 272 32.01 3.55 18.36
CA TYR F 272 30.73 3.68 19.04
C TYR F 272 29.90 4.92 18.69
N CYS F 273 30.41 6.14 18.98
CA CYS F 273 29.58 7.31 18.80
C CYS F 273 29.79 8.14 17.55
N VAL F 274 31.02 8.62 17.36
CA VAL F 274 31.42 9.51 16.27
C VAL F 274 30.66 9.28 14.95
N ALA F 275 30.46 7.99 14.59
CA ALA F 275 29.78 7.57 13.36
C ALA F 275 28.31 8.02 13.32
N ASP F 276 27.62 7.83 14.45
CA ASP F 276 26.22 8.19 14.61
C ASP F 276 26.09 9.70 14.64
N LEU F 277 27.12 10.38 15.21
CA LEU F 277 27.19 11.85 15.24
C LEU F 277 27.31 12.42 13.80
N GLU F 278 28.07 11.70 12.93
CA GLU F 278 28.24 12.04 11.52
C GLU F 278 26.90 11.94 10.81
N ASP F 279 26.23 10.82 11.08
CA ASP F 279 24.93 10.49 10.55
C ASP F 279 23.86 11.46 11.04
N ALA F 280 24.03 11.98 12.26
CA ALA F 280 23.07 12.93 12.87
C ALA F 280 22.96 14.22 12.04
N VAL F 281 24.12 14.74 11.62
CA VAL F 281 24.23 15.95 10.82
C VAL F 281 23.73 15.62 9.40
N GLU F 282 23.91 14.36 8.98
CA GLU F 282 23.47 13.86 7.69
C GLU F 282 21.91 13.79 7.63
N LYS F 283 21.28 13.39 8.76
CA LYS F 283 19.83 13.32 8.88
C LYS F 283 19.25 14.72 9.20
N ARG F 284 20.13 15.76 9.16
CA ARG F 284 19.89 17.19 9.37
C ARG F 284 19.44 17.58 10.80
N ILE F 285 19.60 16.66 11.79
CA ILE F 285 19.20 16.90 13.19
C ILE F 285 19.72 18.27 13.71
N PHE F 286 20.91 18.68 13.23
CA PHE F 286 21.59 19.94 13.53
C PHE F 286 22.71 20.11 12.53
N THR F 287 23.30 21.33 12.46
CA THR F 287 24.44 21.56 11.59
C THR F 287 25.71 21.05 12.26
N VAL F 288 26.77 20.96 11.46
CA VAL F 288 28.10 20.59 11.90
C VAL F 288 28.58 21.69 12.86
N GLU F 289 28.20 22.97 12.56
CA GLU F 289 28.50 24.13 13.40
C GLU F 289 27.78 23.99 14.74
N GLN F 290 26.46 23.67 14.70
CA GLN F 290 25.59 23.46 15.87
C GLN F 290 26.19 22.40 16.79
N LEU F 291 26.67 21.30 16.19
CA LEU F 291 27.30 20.18 16.87
C LEU F 291 28.54 20.61 17.61
N TYR F 292 29.44 21.37 16.92
CA TYR F 292 30.68 21.88 17.50
C TYR F 292 30.39 22.66 18.78
N HIS F 293 29.36 23.49 18.73
CA HIS F 293 28.93 24.29 19.85
C HIS F 293 28.35 23.41 20.96
N HIS F 294 27.65 22.30 20.62
CA HIS F 294 27.16 21.36 21.64
C HIS F 294 28.33 20.66 22.33
N LEU F 295 29.42 20.43 21.59
CA LEU F 295 30.64 19.79 22.09
C LEU F 295 31.43 20.75 22.99
N HIS F 296 31.49 22.04 22.60
CA HIS F 296 32.15 23.10 23.37
C HIS F 296 31.44 23.23 24.74
N GLU F 297 30.08 23.29 24.70
CA GLU F 297 29.18 23.35 25.85
C GLU F 297 29.45 22.19 26.80
N ALA F 298 29.61 20.97 26.23
CA ALA F 298 29.81 19.72 26.95
C ALA F 298 31.17 19.60 27.63
N TRP F 299 32.23 20.18 27.06
CA TRP F 299 33.57 20.09 27.64
C TRP F 299 33.72 20.88 28.95
N GLY F 300 33.25 22.15 28.95
CA GLY F 300 33.26 23.06 30.09
C GLY F 300 34.62 23.49 30.62
N GLN F 301 35.33 22.56 31.28
CA GLN F 301 36.66 22.77 31.85
C GLN F 301 37.70 22.83 30.69
N HIS F 302 37.69 23.98 29.98
CA HIS F 302 38.52 24.25 28.81
C HIS F 302 39.93 24.76 29.10
N GLU F 303 40.92 24.07 28.52
CA GLU F 303 42.35 24.36 28.57
C GLU F 303 42.81 24.35 27.10
N LYS F 304 43.82 25.18 26.77
CA LYS F 304 44.31 25.36 25.39
C LYS F 304 45.22 24.21 24.83
N GLY F 305 45.50 23.19 25.66
CA GLY F 305 46.34 22.06 25.28
C GLY F 305 45.71 20.69 25.51
N SER F 306 44.43 20.68 25.93
CA SER F 306 43.65 19.46 26.21
C SER F 306 43.40 18.65 24.95
N LEU F 307 42.93 17.40 25.11
CA LEU F 307 42.65 16.56 23.95
C LEU F 307 41.45 17.12 23.12
N PHE F 308 40.59 17.99 23.72
CA PHE F 308 39.48 18.64 23.02
C PHE F 308 40.06 19.54 21.93
N SER F 309 41.03 20.38 22.31
CA SER F 309 41.73 21.29 21.42
C SER F 309 42.47 20.53 20.33
N LEU F 310 43.18 19.48 20.75
CA LEU F 310 43.97 18.60 19.90
C LEU F 310 43.14 17.76 18.91
N VAL F 311 41.87 17.47 19.25
CA VAL F 311 41.00 16.65 18.43
C VAL F 311 39.88 17.45 17.83
N VAL F 312 38.89 17.85 18.66
CA VAL F 312 37.68 18.52 18.19
C VAL F 312 37.98 19.94 17.68
N GLU F 313 38.66 20.79 18.49
CA GLU F 313 39.00 22.16 18.07
C GLU F 313 39.82 22.10 16.79
N ASN F 314 40.79 21.19 16.74
CA ASN F 314 41.69 20.91 15.62
C ASN F 314 40.90 20.61 14.34
N ALA F 315 39.97 19.62 14.40
CA ALA F 315 39.12 19.19 13.29
C ALA F 315 38.16 20.29 12.83
N TRP F 316 37.75 21.16 13.75
CA TRP F 316 36.85 22.28 13.46
C TRP F 316 37.55 23.33 12.60
N GLU F 317 38.82 23.60 12.90
CA GLU F 317 39.64 24.57 12.18
C GLU F 317 39.95 24.05 10.78
N LYS F 318 40.22 22.73 10.64
CA LYS F 318 40.54 22.09 9.35
C LYS F 318 39.36 22.24 8.38
N SER F 319 38.11 22.05 8.89
CA SER F 319 36.84 22.16 8.15
C SER F 319 36.61 23.56 7.56
N ARG F 320 36.94 24.62 8.32
CA ARG F 320 36.82 26.00 7.87
C ARG F 320 38.05 26.34 7.03
N SER F 321 37.81 26.75 5.77
CA SER F 321 38.82 27.09 4.75
C SER F 321 39.53 25.78 4.42
N ASN F 322 38.66 24.77 4.25
CA ASN F 322 39.04 23.44 3.86
C ASN F 322 39.12 23.48 2.35
N SER F 323 40.30 23.17 1.84
CA SER F 323 40.49 23.16 0.40
C SER F 323 40.07 21.76 -0.06
N LEU F 324 40.87 21.11 -0.95
CA LEU F 324 40.63 19.77 -1.48
C LEU F 324 39.22 19.67 -2.09
N SER F 325 38.56 20.86 -2.31
CA SER F 325 37.20 21.05 -2.82
C SER F 325 36.18 20.20 -2.06
N ARG F 326 36.64 19.66 -0.90
CA ARG F 326 35.90 18.77 -0.02
C ARG F 326 34.90 19.56 0.79
N SER F 327 33.76 18.93 1.06
CA SER F 327 32.66 19.45 1.85
C SER F 327 33.13 19.68 3.28
N THR F 328 32.55 20.72 3.91
CA THR F 328 32.83 21.14 5.28
C THR F 328 32.62 19.98 6.23
N GLU F 329 31.43 19.34 6.16
CA GLU F 329 31.00 18.21 6.99
C GLU F 329 31.91 17.02 6.82
N ASP F 330 32.20 16.65 5.56
CA ASP F 330 33.08 15.55 5.20
C ASP F 330 34.41 15.74 5.86
N GLN F 331 35.12 16.86 5.53
CA GLN F 331 36.41 17.24 6.10
C GLN F 331 36.39 17.23 7.64
N PHE F 332 35.34 17.80 8.22
CA PHE F 332 35.17 17.83 9.66
C PHE F 332 35.23 16.43 10.26
N PHE F 333 34.27 15.55 9.88
CA PHE F 333 34.20 14.20 10.41
C PHE F 333 35.42 13.38 10.10
N MSE F 334 35.92 13.52 8.85
CA MSE F 334 37.08 12.83 8.33
C MSE F 334 38.25 13.06 9.28
O MSE F 334 38.81 12.09 9.79
CB MSE F 334 37.42 13.35 6.91
CG MSE F 334 38.23 12.38 6.08
SE MSE F 334 39.81 13.26 5.34
CE MSE F 334 40.07 12.07 3.89
N TYR F 335 38.56 14.35 9.57
CA TYR F 335 39.68 14.67 10.45
C TYR F 335 39.37 14.46 11.89
N LEU F 336 38.11 14.65 12.32
CA LEU F 336 37.71 14.37 13.70
C LEU F 336 38.01 12.89 14.04
N ARG F 337 37.64 11.95 13.12
CA ARG F 337 37.87 10.51 13.21
C ARG F 337 39.38 10.25 13.36
N VAL F 338 40.15 10.78 12.38
CA VAL F 338 41.61 10.75 12.33
C VAL F 338 42.17 11.17 13.70
N ASN F 339 41.93 12.43 14.08
CA ASN F 339 42.33 13.09 15.33
C ASN F 339 42.13 12.19 16.54
N THR F 340 40.95 11.59 16.64
CA THR F 340 40.58 10.69 17.73
C THR F 340 41.50 9.47 17.76
N LEU F 341 41.51 8.70 16.67
CA LEU F 341 42.34 7.51 16.53
C LEU F 341 43.82 7.78 16.80
N ASN F 342 44.32 8.90 16.21
CA ASN F 342 45.70 9.38 16.30
C ASN F 342 46.16 9.63 17.73
N LYS F 343 45.21 9.74 18.68
CA LYS F 343 45.53 9.97 20.08
C LYS F 343 45.10 8.79 20.97
N LEU F 344 43.91 8.26 20.68
CA LEU F 344 43.35 7.15 21.44
C LEU F 344 44.01 5.81 21.18
N VAL F 345 44.24 5.45 19.88
CA VAL F 345 44.87 4.16 19.50
C VAL F 345 46.23 4.01 20.22
N PRO F 346 47.15 5.01 20.15
CA PRO F 346 48.42 4.85 20.86
C PRO F 346 48.24 4.56 22.34
N TYR F 347 47.31 5.28 22.99
CA TYR F 347 47.00 5.12 24.41
C TYR F 347 46.66 3.67 24.73
N ALA F 348 45.61 3.13 24.08
CA ALA F 348 45.15 1.76 24.26
C ALA F 348 46.22 0.74 23.89
N ALA F 349 46.98 1.01 22.80
CA ALA F 349 48.10 0.17 22.38
C ALA F 349 49.10 0.06 23.51
N GLN F 350 49.44 1.21 24.14
CA GLN F 350 50.36 1.29 25.27
C GLN F 350 49.79 0.59 26.46
N ARG F 351 48.58 0.99 26.89
CA ARG F 351 47.84 0.42 28.00
C ARG F 351 47.92 -1.11 28.00
N PHE F 352 47.67 -1.72 26.82
CA PHE F 352 47.74 -3.15 26.57
C PHE F 352 49.10 -3.71 26.96
N ILE F 353 50.17 -3.16 26.37
CA ILE F 353 51.56 -3.53 26.58
C ILE F 353 51.96 -3.32 28.06
N ASP F 354 51.59 -2.16 28.62
CA ASP F 354 51.83 -1.76 30.00
C ASP F 354 51.27 -2.77 31.00
N ASN F 355 50.05 -3.26 30.73
CA ASN F 355 49.34 -4.16 31.62
C ASN F 355 49.24 -5.57 31.07
N LEU F 356 50.14 -5.90 30.13
CA LEU F 356 50.20 -7.16 29.42
C LEU F 356 50.18 -8.41 30.31
N PRO F 357 50.91 -8.50 31.47
CA PRO F 357 50.85 -9.76 32.26
C PRO F 357 49.44 -10.12 32.74
N ALA F 358 48.71 -9.11 33.28
CA ALA F 358 47.34 -9.24 33.77
C ALA F 358 46.34 -9.48 32.62
N ILE F 359 46.66 -8.94 31.43
CA ILE F 359 45.88 -9.05 30.20
C ILE F 359 46.07 -10.46 29.63
N PHE F 360 47.33 -10.96 29.68
CA PHE F 360 47.75 -12.29 29.25
C PHE F 360 47.05 -13.32 30.11
N ALA F 361 46.95 -13.00 31.42
CA ALA F 361 46.25 -13.79 32.41
C ALA F 361 44.73 -13.69 32.15
N GLY F 362 44.32 -12.53 31.65
CA GLY F 362 42.91 -12.24 31.39
C GLY F 362 42.16 -12.00 32.69
N THR F 363 42.90 -11.44 33.65
CA THR F 363 42.45 -11.18 35.02
C THR F 363 42.29 -9.68 35.27
N PHE F 364 42.99 -8.85 34.45
CA PHE F 364 42.99 -7.39 34.49
C PHE F 364 41.55 -6.82 34.61
N ASN F 365 41.15 -6.35 35.80
CA ASN F 365 39.76 -5.91 36.02
C ASN F 365 39.42 -4.51 35.44
N HIS F 366 40.09 -4.10 34.32
CA HIS F 366 39.83 -2.80 33.69
C HIS F 366 39.81 -2.83 32.14
N ALA F 367 39.39 -1.70 31.52
CA ALA F 367 39.30 -1.44 30.07
C ALA F 367 40.58 -0.76 29.63
N LEU F 368 40.90 -0.82 28.34
CA LEU F 368 42.11 -0.17 27.82
C LEU F 368 41.97 1.35 27.97
N LEU F 369 40.76 1.88 27.65
CA LEU F 369 40.38 3.29 27.81
C LEU F 369 39.54 3.29 29.06
N GLU F 370 40.19 3.41 30.23
CA GLU F 370 39.49 3.41 31.52
C GLU F 370 39.14 4.82 31.99
N ASP F 371 37.97 4.90 32.57
CA ASP F 371 37.20 6.00 33.17
C ASP F 371 37.99 7.30 33.45
N ALA F 372 39.11 7.19 34.18
CA ALA F 372 39.96 8.31 34.55
C ALA F 372 40.69 9.00 33.38
N SER F 373 41.06 8.23 32.33
CA SER F 373 41.82 8.71 31.16
C SER F 373 41.15 9.82 30.38
N GLU F 374 41.93 10.84 29.98
CA GLU F 374 41.49 11.96 29.15
C GLU F 374 40.76 11.42 27.90
N CYS F 375 41.19 10.22 27.45
CA CYS F 375 40.66 9.45 26.33
C CYS F 375 39.21 9.04 26.59
N SER F 376 38.95 8.40 27.74
CA SER F 376 37.63 7.96 28.21
C SER F 376 36.67 9.17 28.31
N ASP F 377 37.22 10.31 28.72
CA ASP F 377 36.54 11.59 28.86
C ASP F 377 36.03 12.10 27.50
N LEU F 378 36.91 12.07 26.47
CA LEU F 378 36.63 12.49 25.09
C LEU F 378 35.47 11.66 24.49
N LEU F 379 35.50 10.35 24.75
CA LEU F 379 34.50 9.39 24.30
C LEU F 379 33.20 9.73 24.94
N LYS F 380 33.21 9.87 26.28
CA LYS F 380 32.06 10.24 27.11
C LYS F 380 31.41 11.51 26.56
N LEU F 381 32.25 12.49 26.14
CA LEU F 381 31.82 13.76 25.54
C LEU F 381 30.96 13.49 24.30
N TYR F 382 31.45 12.64 23.41
CA TYR F 382 30.71 12.27 22.21
C TYR F 382 29.38 11.63 22.59
N LYS F 383 29.43 10.69 23.56
CA LYS F 383 28.30 9.93 24.08
C LYS F 383 27.23 10.85 24.63
N ASN F 384 27.63 11.81 25.48
CA ASN F 384 26.71 12.77 26.10
C ASN F 384 25.93 13.56 25.06
N VAL F 385 26.65 14.07 24.05
CA VAL F 385 26.10 14.86 22.95
C VAL F 385 25.11 13.98 22.19
N ALA F 386 25.51 12.73 21.89
CA ALA F 386 24.70 11.74 21.20
C ALA F 386 23.43 11.41 21.99
N VAL F 387 23.56 11.22 23.31
CA VAL F 387 22.43 10.92 24.20
C VAL F 387 21.44 12.08 24.17
N LYS F 388 21.91 13.26 24.58
CA LYS F 388 21.13 14.49 24.69
C LYS F 388 20.56 15.00 23.37
N HIS F 389 21.09 14.58 22.21
CA HIS F 389 20.58 15.15 20.95
C HIS F 389 20.19 14.17 19.90
N VAL F 390 20.95 13.08 19.78
CA VAL F 390 20.72 12.11 18.73
C VAL F 390 19.79 10.94 19.19
N PHE F 391 20.22 10.20 20.22
CA PHE F 391 19.46 9.08 20.79
C PHE F 391 18.05 9.47 21.31
N SER F 392 17.87 10.77 21.53
CA SER F 392 16.65 11.40 22.03
C SER F 392 15.66 11.77 20.89
N HIS F 393 16.13 11.73 19.62
CA HIS F 393 15.27 12.08 18.50
C HIS F 393 14.04 11.16 18.37
N PRO F 394 12.84 11.77 18.11
CA PRO F 394 11.60 10.98 18.03
C PRO F 394 11.57 9.80 17.07
N ASP F 395 12.14 9.94 15.85
CA ASP F 395 12.16 8.84 14.86
C ASP F 395 12.90 7.61 15.37
N VAL F 396 13.94 7.86 16.19
CA VAL F 396 14.76 6.85 16.85
C VAL F 396 13.82 6.14 17.83
N GLU F 397 13.41 6.89 18.86
CA GLU F 397 12.54 6.48 19.94
C GLU F 397 11.26 5.72 19.48
N ARG F 398 10.69 6.17 18.34
CA ARG F 398 9.47 5.62 17.72
C ARG F 398 9.77 4.17 17.37
N LEU F 399 10.86 3.98 16.62
CA LEU F 399 11.38 2.71 16.16
C LEU F 399 11.76 1.78 17.31
N GLU F 400 12.35 2.37 18.39
CA GLU F 400 12.77 1.65 19.60
C GLU F 400 11.53 0.97 20.23
N LEU F 401 10.42 1.77 20.37
CA LEU F 401 9.13 1.33 20.92
C LEU F 401 8.49 0.32 20.02
N GLN F 402 8.57 0.59 18.70
CA GLN F 402 8.04 -0.26 17.65
C GLN F 402 8.63 -1.67 17.76
N GLY F 403 9.97 -1.72 17.77
CA GLY F 403 10.74 -2.94 17.87
C GLY F 403 10.30 -3.83 19.00
N TYR F 404 10.16 -3.21 20.20
CA TYR F 404 9.73 -3.85 21.43
C TYR F 404 8.46 -4.66 21.22
N ARG F 405 7.40 -4.02 20.68
CA ARG F 405 6.09 -4.65 20.40
C ARG F 405 6.19 -5.79 19.40
N VAL F 406 6.97 -5.58 18.32
CA VAL F 406 7.19 -6.58 17.26
C VAL F 406 7.67 -7.91 17.85
N ILE F 407 8.68 -7.81 18.71
CA ILE F 407 9.32 -8.96 19.35
C ILE F 407 8.40 -9.59 20.37
N SER F 408 7.84 -8.77 21.26
CA SER F 408 6.90 -9.17 22.29
C SER F 408 5.71 -9.97 21.65
N GLY F 409 5.11 -9.38 20.62
CA GLY F 409 3.99 -9.92 19.87
C GLY F 409 4.36 -11.23 19.20
N LEU F 410 5.56 -11.26 18.60
CA LEU F 410 6.11 -12.44 17.92
C LEU F 410 6.31 -13.61 18.90
N LEU F 411 6.84 -13.27 20.11
CA LEU F 411 7.07 -14.19 21.22
C LEU F 411 5.73 -14.77 21.70
N GLU F 412 4.69 -13.92 21.71
CA GLU F 412 3.34 -14.34 22.07
C GLU F 412 2.76 -15.27 20.99
N ILE F 413 3.04 -14.99 19.68
CA ILE F 413 2.59 -15.83 18.56
C ILE F 413 3.12 -17.26 18.70
N TYR F 414 4.32 -17.38 19.32
CA TYR F 414 4.99 -18.65 19.52
C TYR F 414 4.79 -19.26 20.92
N ARG F 415 4.06 -18.53 21.81
CA ARG F 415 3.67 -18.99 23.17
C ARG F 415 2.99 -20.40 23.11
N PRO F 416 2.06 -20.68 22.15
CA PRO F 416 1.46 -22.03 22.07
C PRO F 416 2.41 -23.23 22.07
N LEU F 417 3.61 -23.07 21.49
CA LEU F 417 4.62 -24.14 21.42
C LEU F 417 5.21 -24.37 22.80
N LEU F 418 5.37 -23.31 23.58
CA LEU F 418 5.88 -23.38 24.93
C LEU F 418 4.80 -23.83 25.90
N SER F 419 3.57 -23.30 25.71
CA SER F 419 2.38 -23.65 26.52
C SER F 419 1.93 -25.02 26.00
N LEU F 420 2.71 -26.07 26.38
CA LEU F 420 2.53 -27.46 25.94
C LEU F 420 3.21 -28.45 26.87
N SER F 421 2.81 -29.74 26.78
CA SER F 421 3.42 -30.80 27.58
C SER F 421 4.58 -31.37 26.77
N LEU F 422 5.58 -31.94 27.46
CA LEU F 422 6.74 -32.57 26.83
C LEU F 422 6.24 -33.65 25.87
N SER F 423 5.43 -34.62 26.40
CA SER F 423 4.81 -35.75 25.70
C SER F 423 4.18 -35.32 24.37
N ASP F 424 3.50 -34.16 24.37
CA ASP F 424 2.87 -33.55 23.20
C ASP F 424 3.93 -32.94 22.30
N PHE F 425 4.81 -32.09 22.86
CA PHE F 425 5.85 -31.38 22.10
C PHE F 425 6.78 -32.34 21.34
N THR F 426 7.24 -33.39 22.05
CA THR F 426 8.10 -34.43 21.53
C THR F 426 7.39 -35.11 20.39
N GLU F 427 6.09 -35.44 20.56
CA GLU F 427 5.23 -36.04 19.55
C GLU F 427 5.36 -35.26 18.23
N LEU F 428 5.30 -33.90 18.31
CA LEU F 428 5.42 -32.97 17.19
C LEU F 428 6.80 -32.98 16.55
N VAL F 429 7.82 -33.29 17.35
CA VAL F 429 9.17 -33.36 16.84
C VAL F 429 9.33 -34.61 15.93
N GLU F 430 8.78 -35.79 16.34
CA GLU F 430 8.85 -37.03 15.55
C GLU F 430 7.93 -36.96 14.33
N LYS F 431 6.61 -36.98 14.56
CA LYS F 431 5.63 -36.85 13.46
C LYS F 431 5.56 -35.38 13.10
N GLU F 432 5.78 -35.03 11.82
CA GLU F 432 5.71 -33.63 11.41
C GLU F 432 4.27 -33.14 11.35
N ARG F 433 3.34 -34.08 11.07
CA ARG F 433 1.90 -33.83 10.98
C ARG F 433 1.21 -34.43 12.21
N VAL F 434 0.73 -33.55 13.10
CA VAL F 434 0.00 -33.96 14.30
C VAL F 434 -1.43 -33.45 14.23
N LYS F 435 -2.34 -34.41 14.37
CA LYS F 435 -3.79 -34.33 14.34
C LYS F 435 -4.35 -33.11 15.09
N ARG F 436 -4.41 -33.23 16.42
CA ARG F 436 -4.97 -32.31 17.42
C ARG F 436 -4.26 -30.95 17.52
N PHE F 437 -2.97 -30.86 17.15
CA PHE F 437 -2.22 -29.60 17.25
C PHE F 437 -1.79 -29.13 15.88
N PRO F 438 -2.70 -28.49 15.10
CA PRO F 438 -2.33 -28.13 13.72
C PRO F 438 -1.65 -26.77 13.61
N ILE F 439 -2.03 -25.86 14.51
CA ILE F 439 -1.50 -24.51 14.58
C ILE F 439 -0.04 -24.63 15.02
N GLU F 440 0.17 -25.42 16.08
CA GLU F 440 1.45 -25.71 16.70
C GLU F 440 2.38 -26.36 15.69
N SER F 441 1.82 -27.25 14.85
CA SER F 441 2.51 -27.96 13.76
C SER F 441 3.13 -26.93 12.85
N ARG F 442 2.25 -26.16 12.18
CA ARG F 442 2.59 -25.11 11.23
C ARG F 442 3.57 -24.08 11.82
N LEU F 443 3.39 -23.72 13.11
CA LEU F 443 4.22 -22.79 13.86
C LEU F 443 5.61 -23.33 14.05
N PHE F 444 5.71 -24.64 14.29
CA PHE F 444 6.96 -25.34 14.46
C PHE F 444 7.69 -25.46 13.12
N HIS F 445 6.93 -25.52 12.02
CA HIS F 445 7.51 -25.58 10.68
C HIS F 445 8.13 -24.25 10.30
N LYS F 446 7.54 -23.14 10.80
CA LYS F 446 7.99 -21.76 10.60
C LYS F 446 9.41 -21.56 11.13
N LEU F 447 9.81 -22.36 12.13
CA LEU F 447 11.13 -22.33 12.76
C LEU F 447 12.21 -22.76 11.79
N SER F 448 13.37 -22.10 11.87
CA SER F 448 14.47 -22.39 10.95
C SER F 448 15.18 -23.69 11.30
N THR F 449 15.29 -24.53 10.27
CA THR F 449 15.89 -25.86 10.15
C THR F 449 17.19 -26.04 10.97
N ARG F 450 17.99 -24.97 11.10
CA ARG F 450 19.24 -25.01 11.85
C ARG F 450 19.01 -25.04 13.37
N HIS F 451 18.18 -24.10 13.89
CA HIS F 451 17.84 -24.01 15.34
C HIS F 451 17.02 -25.22 15.75
N ARG F 452 16.25 -25.75 14.78
CA ARG F 452 15.41 -26.91 14.99
C ARG F 452 16.30 -28.09 15.22
N LEU F 453 17.25 -28.31 14.29
CA LEU F 453 18.27 -29.35 14.31
C LEU F 453 19.02 -29.33 15.64
N ALA F 454 19.52 -28.15 16.03
CA ALA F 454 20.30 -27.91 17.23
C ALA F 454 19.58 -28.33 18.50
N TYR F 455 18.25 -28.06 18.57
CA TYR F 455 17.39 -28.42 19.70
C TYR F 455 17.42 -29.93 19.91
N VAL F 456 17.07 -30.67 18.85
CA VAL F 456 17.01 -32.13 18.79
C VAL F 456 18.32 -32.76 19.24
N GLU F 457 19.46 -32.24 18.74
CA GLU F 457 20.81 -32.68 19.04
C GLU F 457 21.14 -32.56 20.53
N ALA F 458 20.82 -31.41 21.14
CA ALA F 458 21.06 -31.15 22.55
C ALA F 458 20.21 -32.11 23.41
N VAL F 459 18.99 -32.38 22.92
CA VAL F 459 17.98 -33.25 23.54
C VAL F 459 18.41 -34.72 23.49
N SER F 460 18.87 -35.19 22.31
CA SER F 460 19.32 -36.56 22.08
C SER F 460 20.56 -36.92 22.91
N LYS F 461 21.33 -35.90 23.35
CA LYS F 461 22.53 -36.09 24.17
C LYS F 461 22.20 -36.29 25.68
N LEU F 462 20.95 -35.99 26.08
CA LEU F 462 20.47 -36.13 27.47
C LEU F 462 20.03 -37.56 27.81
N PRO F 463 20.10 -38.00 29.08
CA PRO F 463 19.62 -39.34 29.42
C PRO F 463 18.11 -39.34 29.68
N SER F 464 17.35 -40.15 28.89
CA SER F 464 15.88 -40.30 28.91
C SER F 464 15.31 -40.51 30.33
N ASP F 465 15.98 -41.38 31.08
CA ASP F 465 15.71 -41.80 32.46
C ASP F 465 15.78 -40.66 33.48
N SER F 466 16.73 -39.70 33.29
CA SER F 466 17.04 -38.59 34.19
C SER F 466 15.82 -37.78 34.66
N PRO F 467 15.77 -37.40 35.98
CA PRO F 467 14.66 -36.57 36.47
C PRO F 467 14.78 -35.12 36.00
N GLU F 468 16.00 -34.70 35.63
CA GLU F 468 16.31 -33.37 35.13
C GLU F 468 15.96 -33.23 33.67
N PHE F 469 15.89 -34.38 32.96
CA PHE F 469 15.56 -34.45 31.53
C PHE F 469 14.38 -33.52 31.13
N PRO F 470 13.18 -33.53 31.78
CA PRO F 470 12.10 -32.62 31.35
C PRO F 470 12.41 -31.12 31.47
N LEU F 471 13.19 -30.75 32.49
CA LEU F 471 13.65 -29.38 32.77
C LEU F 471 14.56 -28.91 31.64
N TRP F 472 15.49 -29.79 31.26
CA TRP F 472 16.43 -29.58 30.17
C TRP F 472 15.71 -29.33 28.86
N GLU F 473 14.73 -30.21 28.54
CA GLU F 473 13.89 -30.15 27.34
C GLU F 473 13.33 -28.75 27.26
N TYR F 474 12.71 -28.27 28.36
CA TYR F 474 12.12 -26.94 28.37
C TYR F 474 13.17 -25.86 28.16
N TYR F 475 14.30 -25.91 28.93
CA TYR F 475 15.41 -24.97 28.76
C TYR F 475 15.75 -24.85 27.26
N TYR F 476 15.97 -26.00 26.60
CA TYR F 476 16.30 -26.11 25.19
C TYR F 476 15.20 -25.61 24.28
N ARG F 477 13.91 -25.91 24.63
CA ARG F 477 12.71 -25.51 23.89
C ARG F 477 12.68 -23.99 23.75
N CYS F 478 12.92 -23.31 24.87
CA CYS F 478 12.96 -21.87 24.97
C CYS F 478 14.10 -21.34 24.19
N ARG F 479 15.29 -21.99 24.36
CA ARG F 479 16.51 -21.64 23.66
C ARG F 479 16.22 -21.64 22.16
N LEU F 480 15.65 -22.75 21.65
CA LEU F 480 15.24 -22.93 20.27
C LEU F 480 14.43 -21.74 19.74
N LEU F 481 13.36 -21.34 20.49
CA LEU F 481 12.49 -20.20 20.15
C LEU F 481 13.32 -18.91 20.09
N GLN F 482 14.16 -18.70 21.16
CA GLN F 482 15.04 -17.55 21.30
C GLN F 482 15.98 -17.41 20.08
N ASP F 483 16.53 -18.54 19.64
CA ASP F 483 17.44 -18.64 18.51
C ASP F 483 16.79 -18.17 17.24
N TYR F 484 15.53 -18.61 17.00
CA TYR F 484 14.76 -18.24 15.81
C TYR F 484 14.64 -16.73 15.68
N ILE F 485 14.07 -16.12 16.73
CA ILE F 485 13.84 -14.69 16.88
C ILE F 485 15.16 -13.89 16.74
N SER F 486 16.14 -14.14 17.65
CA SER F 486 17.43 -13.43 17.68
C SER F 486 18.16 -13.50 16.33
N GLY F 487 17.93 -14.62 15.63
CA GLY F 487 18.48 -14.87 14.30
C GLY F 487 17.94 -13.95 13.22
N MSE F 488 16.70 -13.45 13.37
CA MSE F 488 16.03 -12.56 12.42
C MSE F 488 16.66 -11.16 12.31
O MSE F 488 17.32 -10.69 13.25
CB MSE F 488 14.56 -12.37 12.80
CG MSE F 488 13.72 -13.61 12.67
SE MSE F 488 12.06 -13.33 13.65
CE MSE F 488 10.85 -14.03 12.37
N THR F 489 16.41 -10.50 11.16
CA THR F 489 16.81 -9.12 10.89
C THR F 489 15.63 -8.27 11.36
N ASP F 490 15.84 -6.97 11.54
CA ASP F 490 14.80 -6.01 11.96
C ASP F 490 13.61 -6.14 11.02
N LEU F 491 13.90 -6.21 9.70
CA LEU F 491 12.93 -6.33 8.62
C LEU F 491 12.15 -7.63 8.64
N TYR F 492 12.85 -8.78 8.70
CA TYR F 492 12.19 -10.08 8.71
C TYR F 492 11.26 -10.27 9.88
N ALA F 493 11.72 -9.85 11.08
CA ALA F 493 10.94 -9.90 12.32
C ALA F 493 9.67 -9.03 12.22
N TRP F 494 9.79 -7.83 11.63
CA TRP F 494 8.67 -6.92 11.45
C TRP F 494 7.72 -7.46 10.41
N ASP F 495 8.27 -7.94 9.28
CA ASP F 495 7.50 -8.52 8.19
C ASP F 495 6.68 -9.68 8.69
N GLU F 496 7.32 -10.59 9.44
CA GLU F 496 6.69 -11.77 10.03
C GLU F 496 5.62 -11.38 11.00
N TYR F 497 5.86 -10.35 11.84
CA TYR F 497 4.89 -9.85 12.82
C TYR F 497 3.59 -9.48 12.14
N ARG F 498 3.67 -8.69 11.05
CA ARG F 498 2.53 -8.26 10.23
C ARG F 498 1.87 -9.47 9.55
N ARG F 499 2.69 -10.35 8.93
CA ARG F 499 2.23 -11.56 8.25
C ARG F 499 1.43 -12.47 9.19
N LEU F 500 1.95 -12.68 10.42
CA LEU F 500 1.32 -13.49 11.46
C LEU F 500 0.23 -12.76 12.23
N MSE F 501 0.12 -11.45 12.02
CA MSE F 501 -0.95 -10.65 12.61
C MSE F 501 -2.07 -10.52 11.57
O MSE F 501 -3.16 -10.07 11.90
CB MSE F 501 -0.45 -9.30 13.12
CG MSE F 501 0.21 -9.36 14.52
SE MSE F 501 -0.64 -10.59 15.79
CE MSE F 501 0.37 -10.14 17.43
N ALA F 502 -1.77 -10.96 10.33
CA ALA F 502 -2.62 -11.01 9.13
C ALA F 502 -3.01 -9.62 8.59
N VAL F 503 -2.03 -8.93 7.98
CA VAL F 503 -2.20 -7.60 7.37
C VAL F 503 -1.52 -7.49 5.97
N GLU F 504 -1.10 -8.66 5.38
CA GLU F 504 -0.41 -8.72 4.08
C GLU F 504 -1.10 -9.73 3.14
MN MN G . 31.96 -8.10 -9.63
S SO4 H . 34.66 -5.86 -15.74
O1 SO4 H . 35.75 -6.79 -16.09
O2 SO4 H . 34.99 -4.49 -16.13
O3 SO4 H . 33.43 -6.22 -16.44
O4 SO4 H . 34.38 -5.91 -14.29
MN MN I . -21.51 -13.49 -23.02
S SO4 J . -20.78 -12.26 -29.64
O1 SO4 J . -19.34 -12.10 -29.83
O2 SO4 J . -21.47 -12.20 -30.94
O3 SO4 J . -21.28 -11.20 -28.77
O4 SO4 J . -21.02 -13.56 -29.02
MN MN K . -3.21 34.33 -1.31
S SO4 L . -34.83 53.24 4.64
O1 SO4 L . -34.08 52.44 3.66
O2 SO4 L . -34.41 54.65 4.41
O3 SO4 L . -36.26 53.09 4.41
O4 SO4 L . -34.54 52.77 6.01
S SO4 M . -23.81 36.34 -19.95
O1 SO4 M . -23.44 37.50 -20.79
O2 SO4 M . -22.65 35.45 -19.88
O3 SO4 M . -24.97 35.62 -20.45
O4 SO4 M . -24.12 36.85 -18.62
S SO4 N . -31.50 33.00 -7.08
O1 SO4 N . -30.18 33.10 -7.71
O2 SO4 N . -31.33 32.97 -5.65
O3 SO4 N . -32.15 31.74 -7.51
O4 SO4 N . -32.31 34.18 -7.41
S SO4 O . -2.82 37.30 -7.53
O1 SO4 O . -2.03 36.28 -8.23
O2 SO4 O . -1.97 38.20 -6.70
O3 SO4 O . -3.48 38.08 -8.54
O4 SO4 O . -3.82 36.59 -6.69
MN MN P . -13.59 -31.93 -2.48
S SO4 Q . -15.25 -34.27 4.10
O1 SO4 Q . -14.10 -34.08 3.27
O2 SO4 Q . -14.87 -34.85 5.35
O3 SO4 Q . -16.16 -35.13 3.43
O4 SO4 Q . -15.87 -33.03 4.35
MN MN R . -22.99 20.49 15.03
S SO4 S . -24.93 18.94 21.72
O1 SO4 S . -24.08 17.78 21.44
O2 SO4 S . -24.95 19.83 20.55
O3 SO4 S . -24.37 19.67 22.86
O4 SO4 S . -26.29 18.49 22.04
MN MN T . 29.66 -0.90 18.32
S SO4 U . 28.44 -4.29 24.75
O1 SO4 U . 28.69 -5.10 23.55
O2 SO4 U . 29.66 -3.56 25.14
O3 SO4 U . 28.03 -5.17 25.84
O4 SO4 U . 27.37 -3.34 24.47
#